data_8DR4
#
_entry.id   8DR4
#
_cell.length_a   1.00
_cell.length_b   1.00
_cell.length_c   1.00
_cell.angle_alpha   90.00
_cell.angle_beta   90.00
_cell.angle_gamma   90.00
#
_symmetry.space_group_name_H-M   'P 1'
#
loop_
_entity.id
_entity.type
_entity.pdbx_description
1 polymer 'Replication factor C subunit 1'
2 polymer 'Replication factor C subunit 4'
3 polymer 'Replication factor C subunit 3'
4 polymer 'Replication factor C subunit 2'
5 polymer 'Replication factor C subunit 5'
6 polymer 'Proliferating cell nuclear antigen'
7 polymer "DNA (5'-D(P*TP*TP*TP*CP*GP*GP*GP*GP*GP*GP*GP*CP*CP*GP*GP*GP*GP*GP*G)-3')"
8 polymer "DNA (5'-D(P*CP*CP*CP*CP*CP*CP*GP*GP*CP*CP*CP*CP*CP*CP*CP*GP*GP*C)-3')"
9 polymer "DNA (5'-D(P*AP*AP*GP*GP*GP*GP*GP*GP*GP*GP*GP*G)-3')"
10 polymer "DNA (5'-D(P*CP*CP*CP*CP*CP*CP*CP*CP*CP*CP*TP*TP*T)-3')"
11 non-polymer 'PHOSPHOTHIOPHOSPHORIC ACID-ADENYLATE ESTER'
12 non-polymer 'MAGNESIUM ION'
13 non-polymer "GUANOSINE-5'-DIPHOSPHATE"
#
loop_
_entity_poly.entity_id
_entity_poly.type
_entity_poly.pdbx_seq_one_letter_code
_entity_poly.pdbx_strand_id
1 'polypeptide(L)'
;MVNISDFFGKNKKSVRSSTSRPTRQVGSSKPEVIDLDTESDQESTNKTPKKMPVSNVIDVSETPEGEKKLPLPAKRKASS
PTVKPASSKKTKPSSKSSDSASNITAQDVLDKIPSLDLSNVHVKENAKFDFKSANSNADPDEIVSEIGSFPEGKPNCLLG
LTIVFTGVLPTLERGASEALAKRYGARVTKSISSKTSVVVLGDEAGPKKLEKIKQLKIKAIDEEGFKQLIAGMPAEGGDG
EAAEKARRKLEEQHNIATKEAELLVKKEEERSKKLAATRVSGGHLERDNVVREEDKLWTVKYAPTNLQQVCGNKGSVMKL
KNWLANWENSKKNSFKHAGKDGSGVFRAAMLYGPPGIGKTTAAHLVAQELGYDILEQNASDVRSKTLLNAGVKNALDNMS
VVGYFKHNEEAQNLNGKHFVIIMDEVDGMSGGDRGGVGQLAQFCRKTSTPLILICNERNLPKMRPFDRVCLDIQFRRPDA
NSIKSRLMTIAIREKFKLDPNVIDRLIQTTRGDIRQVINLLSTISTTTKTINHENINEISKAWEKNIALKPFDIAHKMLD
GQIYSDIGSRNFTLNDKIALYFDDFDFTPLMIQENYLSTRPSVLKPGQSHLEAVAEAANCISLGDIVEKKIRSSEQLWSL
LPLHAVLSSVYPASKVAGHMAGRINFTAWLGQNSKSAKYYRLLQEIHYHTRLGTSTDKIGLRLDYLPTFRKRLLDPFLKQ
GADAISSVIEVMDDYYLTKEDWDSIMEFFVGPDVTTAIIKKIPATVKSGFTRKYNSMTHPVAIYRTGSTIGGGGVGTSTS
TPDFEDVVDADDNPVPADDEETQDSSTDLKKDKLIKQKAKPTKRKTATSKPGGSKKRKTKAGLNENLYFQGGGDYKDDDD
KDYKDDDDKDYKDDDDKGGKDHLIHNVHKEEHAHAHNK
;
A
2 'polypeptide(L)'
;MSKTLSLQLPWVEKYRPQVLSDIVGNKETIDRLQQIAKDGNMPHMIISGMPGIGKTTSVHCLAHELLGRSYADGVLELNA
SDDRGIDVVRNQIKHFAQKKLHLPPGKHKIVILDEADSMTAGAQQALRRTMELYSNSTRFAFACNQSNKIIEPLQSRCAI
LRYSKLSDEDVLKRLLQIIKLEDVKYTNDGLEAIIFTAEGDMRQAINNLQSTVAGHGLVNADNVFKIVDSPHPLIVKKML
LASNLEDSIQILRTDLWKKGYSSIDIVTTSFRVTKNLAQVKESVRLEMIKEIGLTHMRILEGVGTYLQLASMLAKIHKLN
NKA
;
B
3 'polypeptide(L)'
;MSTSTEKRSKENLPWVEKYRPETLDEVYGQNEVITTVRKFVDEGKLPHLLFYGPPGTGKTSTIVALAREIYGKNYSNMVL
ELNASDDRGIDVVRNQIKDFASTRQIFSKGFKLIILDEADAMTNAAQNALRRVIERYTKNTRFCVLANYAHKLTPALLSR
CTRFRFQPLPQEAIERRIANVLVHEKLKLSPNAEKALIELSNGDMRRVLNVLQSCKATLDNPDEDEISDDVIYECCGAPR
PSDLKAVLKSILEDDWGTAHYTLNKVRSAKGLALIDLIEGIVKILEDYELQNEETRVHLLTKLADIEYSISKGGNDQIQG
SAVIGAIKASFENETVKANV
;
C
4 'polypeptide(L)'
;MFEGFGPNKKRKISKLAAEQSLAQQPWVEKYRPKNLDEVTAQDHAVTVLKKTLKSANLPHMLFYGPPGTGKTSTILALTK
ELYGPDLMKSRILELNASDERGISIVREKVKNFARLTVSKPSKHDLENYPCPPYKIIILDEADSMTADAQSALRRTMETY
SGVTRFCLICNYVTRIIDPLASRCSKFRFKALDASNAIDRLRFISEQENVKCDDGVLERILDISAGDLRRGITLLQSASK
GAQYLGDGKNITSTQVEELAGVVPHDILIEIVEKVKSGDFDEIKKYVNTFMKSGWSAASVVNQLHEYYITNDNFDTNFKN
QISWLLFTTDSRLNNGTNEHIQLLNLLVKISQL
;
D
5 'polypeptide(L)'
;MSLWVDKYRPKSLNALSHNEELTNFLKSLSDQPRDLPHLLLYGPNGTGKKTRCMALLESIFGPGVYRLKIDVRQFVTASN
RKLELNVVSSPYHLEITPSDMGNNDRIVIQELLKEVAQMEQVDFQDSKDGLAHRYKCVIINEANSLTKDAQAALRRTMEK
YSKNIRLIMVCDSMSPIIAPIKSRCLLIRCPAPSDSEISTILSDVVTNERIQLETKDILKRIAQASNGNLRVSLLMLESM
ALNNELALKSSSPIIKPDWIIVIHKLTRKIVKERSVNSLIECRAVLYDLLAHCIPANIILKELTFSLLDVETLNTTNKSS
IIEYSSVFDERLSLGNKAIFHLEGFIAKVMCCLD
;
E
6 'polypeptide(L)'
;MGSSHHHHHHSSGLVPRASMLEAKFEEASLFKRIIDGFKDCVQLVNFQCKEDGIIAQAVDDSRVLLVSLEIGVEAFQEYR
CDHPVTLGMDLTSLSKILRCGNNTDTLTLIADNTPDSIILLFEDTKKDRIAEYSLKLMDIDADFLKIEELQYDSTLSLPS
SEFSKIVRDLSQLSDSINIMITKETIKFVADGDIGSGSVIIKPFVDMEHPETSIKLEMDQPVDLTFGAKYLLDIIKGSSL
SDRVGIRLSSEAPALFQFDLKSGFLQFFLAPKFNDEE
;
F,G,H
7 'polydeoxyribonucleotide' (DT)(DT)(DT)(DC)(DG)(DG)(DG)(DG)(DG)(DG)(DG)(DC)(DC)(DG)(DG)(DG)(DG)(DG)(DG) I
8 'polydeoxyribonucleotide' (DC)(DC)(DC)(DC)(DC)(DC)(DG)(DG)(DC)(DC)(DC)(DC)(DC)(DC)(DC)(DG)(DG)(DC) J
9 'polydeoxyribonucleotide' (DA)(DA)(DG)(DG)(DG)(DG)(DG)(DG)(DG)(DG)(DG)(DG) K
10 'polydeoxyribonucleotide' (DC)(DC)(DC)(DC)(DC)(DC)(DC)(DC)(DC)(DC)(DT)(DT)(DT) L
#
loop_
_chem_comp.id
_chem_comp.type
_chem_comp.name
_chem_comp.formula
AGS non-polymer 'PHOSPHOTHIOPHOSPHORIC ACID-ADENYLATE ESTER' 'C10 H16 N5 O12 P3 S'
DA DNA linking 2'-DEOXYADENOSINE-5'-MONOPHOSPHATE 'C10 H14 N5 O6 P'
DC DNA linking 2'-DEOXYCYTIDINE-5'-MONOPHOSPHATE 'C9 H14 N3 O7 P'
DG DNA linking 2'-DEOXYGUANOSINE-5'-MONOPHOSPHATE 'C10 H14 N5 O7 P'
DT DNA linking THYMIDINE-5'-MONOPHOSPHATE 'C10 H15 N2 O8 P'
GDP RNA linking GUANOSINE-5'-DIPHOSPHATE 'C10 H15 N5 O11 P2'
MG non-polymer 'MAGNESIUM ION' 'Mg 2'
#
# COMPACT_ATOMS: atom_id res chain seq x y z
N VAL A 290 24.26 46.34 17.28
CA VAL A 290 25.46 45.53 17.19
C VAL A 290 25.59 44.90 15.81
N VAL A 291 24.46 44.82 15.09
CA VAL A 291 24.44 44.25 13.75
C VAL A 291 24.72 45.37 12.75
N ARG A 292 25.80 45.23 12.00
CA ARG A 292 26.17 46.24 11.02
C ARG A 292 25.12 46.33 9.93
N GLU A 293 24.89 47.55 9.43
CA GLU A 293 23.85 47.76 8.43
C GLU A 293 24.13 46.99 7.16
N GLU A 294 25.38 46.97 6.72
CA GLU A 294 25.77 46.31 5.48
C GLU A 294 25.89 44.79 5.61
N ASP A 295 25.37 44.22 6.70
CA ASP A 295 25.36 42.78 6.90
C ASP A 295 23.95 42.22 7.00
N LYS A 296 22.95 43.00 6.60
CA LYS A 296 21.56 42.57 6.61
C LYS A 296 21.08 42.39 5.18
N LEU A 297 20.16 41.45 4.99
CA LEU A 297 19.54 41.28 3.68
C LEU A 297 18.79 42.55 3.29
N TRP A 298 18.81 42.87 2.00
CA TRP A 298 18.17 44.10 1.54
C TRP A 298 16.69 44.11 1.90
N THR A 299 16.05 42.93 1.94
CA THR A 299 14.66 42.87 2.34
C THR A 299 14.46 43.29 3.79
N VAL A 300 15.51 43.26 4.60
CA VAL A 300 15.43 43.72 5.98
C VAL A 300 15.82 45.18 6.10
N LYS A 301 16.87 45.60 5.38
CA LYS A 301 17.28 47.00 5.44
C LYS A 301 16.19 47.93 4.92
N TYR A 302 15.52 47.53 3.85
CA TYR A 302 14.51 48.35 3.20
C TYR A 302 13.09 47.86 3.47
N ALA A 303 12.89 47.14 4.56
CA ALA A 303 11.53 46.73 4.91
C ALA A 303 10.71 47.95 5.31
N PRO A 304 9.42 47.99 4.95
CA PRO A 304 8.61 49.14 5.32
C PRO A 304 8.61 49.37 6.82
N THR A 305 8.72 50.65 7.21
CA THR A 305 8.67 51.05 8.61
C THR A 305 7.32 51.62 9.00
N ASN A 306 6.62 52.24 8.05
CA ASN A 306 5.28 52.79 8.28
C ASN A 306 4.33 52.17 7.27
N LEU A 307 3.03 52.22 7.61
CA LEU A 307 2.03 51.68 6.70
C LEU A 307 2.00 52.43 5.37
N GLN A 308 2.46 53.70 5.36
CA GLN A 308 2.56 54.42 4.09
C GLN A 308 3.70 53.90 3.24
N GLN A 309 4.78 53.45 3.86
CA GLN A 309 5.91 52.91 3.11
C GLN A 309 5.54 51.63 2.36
N VAL A 310 4.45 50.97 2.75
CA VAL A 310 3.99 49.79 2.01
C VAL A 310 3.59 50.20 0.61
N CYS A 311 3.89 49.35 -0.36
CA CYS A 311 3.64 49.62 -1.76
C CYS A 311 2.47 48.77 -2.24
N GLY A 312 1.45 49.42 -2.80
CA GLY A 312 0.32 48.72 -3.37
C GLY A 312 -0.66 48.25 -2.31
N ASN A 313 -1.80 47.74 -2.79
CA ASN A 313 -2.85 47.19 -1.93
C ASN A 313 -3.24 48.19 -0.85
N LYS A 314 -3.38 49.47 -1.26
CA LYS A 314 -3.75 50.50 -0.31
C LYS A 314 -5.14 50.25 0.26
N GLY A 315 -6.08 49.82 -0.57
CA GLY A 315 -7.43 49.58 -0.08
C GLY A 315 -7.48 48.51 0.99
N SER A 316 -6.74 47.42 0.79
CA SER A 316 -6.71 46.35 1.79
C SER A 316 -6.10 46.84 3.10
N VAL A 317 -5.02 47.60 3.00
CA VAL A 317 -4.37 48.13 4.20
C VAL A 317 -5.33 49.03 4.96
N MET A 318 -6.02 49.93 4.25
CA MET A 318 -7.00 50.80 4.91
C MET A 318 -8.12 50.00 5.53
N LYS A 319 -8.60 48.96 4.83
CA LYS A 319 -9.66 48.13 5.40
C LYS A 319 -9.22 47.47 6.70
N LEU A 320 -8.01 46.91 6.70
CA LEU A 320 -7.50 46.26 7.92
C LEU A 320 -7.33 47.26 9.04
N LYS A 321 -6.78 48.44 8.73
CA LYS A 321 -6.59 49.46 9.76
C LYS A 321 -7.93 49.89 10.36
N ASN A 322 -8.93 50.12 9.50
CA ASN A 322 -10.25 50.49 10.01
C ASN A 322 -10.86 49.38 10.85
N TRP A 323 -10.70 48.13 10.41
CA TRP A 323 -11.25 47.02 11.17
C TRP A 323 -10.63 46.94 12.56
N LEU A 324 -9.31 47.08 12.65
CA LEU A 324 -8.66 46.95 13.95
C LEU A 324 -8.93 48.17 14.83
N ALA A 325 -9.00 49.36 14.23
CA ALA A 325 -9.23 50.57 15.01
C ALA A 325 -10.60 50.53 15.69
N ASN A 326 -11.62 50.04 14.99
CA ASN A 326 -12.97 49.99 15.50
C ASN A 326 -13.30 48.68 16.19
N TRP A 327 -12.31 47.82 16.43
CA TRP A 327 -12.58 46.53 17.04
C TRP A 327 -13.14 46.70 18.45
N GLU A 328 -12.62 47.68 19.20
CA GLU A 328 -13.11 47.90 20.56
C GLU A 328 -14.58 48.31 20.54
N ASN A 329 -14.97 49.18 19.61
CA ASN A 329 -16.36 49.59 19.53
C ASN A 329 -17.25 48.41 19.19
N SER A 330 -16.83 47.57 18.24
CA SER A 330 -17.61 46.38 17.89
C SER A 330 -17.75 45.44 19.09
N LYS A 331 -16.67 45.31 19.88
CA LYS A 331 -16.76 44.51 21.09
C LYS A 331 -17.77 45.10 22.07
N LYS A 332 -17.76 46.43 22.21
CA LYS A 332 -18.75 47.08 23.06
C LYS A 332 -20.17 46.82 22.57
N ASN A 333 -20.36 46.72 21.26
CA ASN A 333 -21.65 46.42 20.66
C ASN A 333 -21.86 44.93 20.44
N SER A 334 -20.93 44.09 20.88
CA SER A 334 -21.02 42.63 20.73
C SER A 334 -20.97 42.20 19.27
N PHE A 335 -20.39 43.02 18.41
CA PHE A 335 -20.24 42.70 16.99
C PHE A 335 -21.60 42.40 16.34
N LYS A 336 -22.63 43.13 16.76
CA LYS A 336 -23.97 42.95 16.22
C LYS A 336 -24.34 44.05 15.22
N HIS A 337 -23.97 45.29 15.48
CA HIS A 337 -24.30 46.42 14.61
C HIS A 337 -23.14 46.62 13.64
N ALA A 338 -23.26 46.03 12.45
CA ALA A 338 -22.24 46.22 11.43
C ALA A 338 -22.28 47.64 10.89
N GLY A 339 -21.10 48.19 10.61
CA GLY A 339 -20.98 49.53 10.10
C GLY A 339 -21.18 49.59 8.60
N LYS A 340 -20.88 50.76 8.04
CA LYS A 340 -21.00 50.95 6.60
C LYS A 340 -20.05 50.02 5.85
N ASP A 341 -18.83 49.87 6.34
CA ASP A 341 -17.87 48.97 5.71
C ASP A 341 -18.25 47.51 5.88
N GLY A 342 -19.06 47.19 6.89
CA GLY A 342 -19.45 45.81 7.13
C GLY A 342 -18.43 44.99 7.88
N SER A 343 -17.35 45.59 8.36
CA SER A 343 -16.31 44.88 9.09
C SER A 343 -16.59 44.78 10.58
N GLY A 344 -17.65 45.40 11.07
CA GLY A 344 -17.97 45.37 12.49
C GLY A 344 -18.57 44.08 12.99
N VAL A 345 -18.96 43.17 12.08
CA VAL A 345 -19.56 41.91 12.49
C VAL A 345 -18.52 40.81 12.70
N PHE A 346 -17.33 40.95 12.13
CA PHE A 346 -16.28 39.94 12.22
C PHE A 346 -15.32 40.32 13.33
N ARG A 347 -15.03 39.37 14.22
CA ARG A 347 -14.06 39.58 15.29
C ARG A 347 -12.65 39.16 14.89
N ALA A 348 -12.46 38.70 13.66
CA ALA A 348 -11.16 38.25 13.18
C ALA A 348 -11.06 38.54 11.69
N ALA A 349 -9.81 38.64 11.21
CA ALA A 349 -9.52 38.96 9.83
C ALA A 349 -8.63 37.89 9.22
N MET A 350 -8.82 37.63 7.93
CA MET A 350 -8.07 36.62 7.18
C MET A 350 -7.44 37.30 5.98
N LEU A 351 -6.14 37.54 6.04
CA LEU A 351 -5.40 38.14 4.95
C LEU A 351 -4.91 37.05 4.00
N TYR A 352 -5.21 37.20 2.70
CA TYR A 352 -4.76 36.21 1.73
C TYR A 352 -4.27 36.89 0.46
N GLY A 353 -3.24 36.31 -0.16
CA GLY A 353 -2.68 36.83 -1.38
C GLY A 353 -1.47 36.03 -1.81
N PRO A 354 -0.92 36.33 -2.99
CA PRO A 354 0.26 35.61 -3.48
C PRO A 354 1.49 35.92 -2.65
N PRO A 355 2.58 35.17 -2.84
CA PRO A 355 3.76 35.37 -1.99
C PRO A 355 4.43 36.72 -2.21
N GLY A 356 5.09 37.19 -1.16
CA GLY A 356 5.96 38.35 -1.23
C GLY A 356 5.29 39.65 -1.66
N ILE A 357 4.15 39.98 -1.05
CA ILE A 357 3.43 41.21 -1.40
C ILE A 357 3.21 42.13 -0.20
N GLY A 358 3.55 41.70 1.01
CA GLY A 358 3.46 42.55 2.18
C GLY A 358 2.37 42.19 3.18
N LYS A 359 1.82 40.98 3.12
CA LYS A 359 0.76 40.60 4.07
C LYS A 359 1.29 40.59 5.51
N THR A 360 2.39 39.89 5.75
CA THR A 360 2.95 39.84 7.10
C THR A 360 3.40 41.21 7.55
N THR A 361 4.07 41.96 6.67
CA THR A 361 4.50 43.31 7.02
C THR A 361 3.30 44.19 7.33
N ALA A 362 2.25 44.11 6.51
CA ALA A 362 1.07 44.93 6.74
C ALA A 362 0.43 44.60 8.08
N ALA A 363 0.29 43.31 8.38
CA ALA A 363 -0.34 42.92 9.65
C ALA A 363 0.48 43.39 10.84
N HIS A 364 1.80 43.21 10.79
CA HIS A 364 2.65 43.64 11.89
C HIS A 364 2.61 45.15 12.06
N LEU A 365 2.64 45.89 10.95
CA LEU A 365 2.61 47.34 11.04
C LEU A 365 1.27 47.84 11.59
N VAL A 366 0.17 47.20 11.18
CA VAL A 366 -1.14 47.57 11.73
C VAL A 366 -1.18 47.29 13.22
N ALA A 367 -0.67 46.14 13.66
CA ALA A 367 -0.66 45.81 15.07
C ALA A 367 0.16 46.82 15.86
N GLN A 368 1.34 47.19 15.37
CA GLN A 368 2.21 48.12 16.09
C GLN A 368 1.73 49.56 16.03
N GLU A 369 0.99 49.94 14.99
CA GLU A 369 0.54 51.32 14.85
C GLU A 369 -0.58 51.68 15.83
N LEU A 370 -1.41 50.70 16.21
CA LEU A 370 -2.48 50.92 17.16
C LEU A 370 -2.06 50.57 18.58
N GLY A 371 -0.77 50.43 18.83
CA GLY A 371 -0.28 50.19 20.18
C GLY A 371 -0.79 48.91 20.81
N TYR A 372 -0.82 47.82 20.05
CA TYR A 372 -1.18 46.52 20.57
C TYR A 372 0.07 45.67 20.81
N ASP A 373 -0.10 44.61 21.59
CA ASP A 373 0.95 43.63 21.83
C ASP A 373 0.71 42.43 20.92
N ILE A 374 1.76 41.98 20.25
CA ILE A 374 1.66 40.96 19.21
C ILE A 374 2.02 39.60 19.80
N LEU A 375 1.17 38.61 19.56
CA LEU A 375 1.44 37.21 19.89
C LEU A 375 1.38 36.43 18.58
N GLU A 376 2.54 36.07 18.04
CA GLU A 376 2.64 35.48 16.71
C GLU A 376 2.95 34.00 16.79
N GLN A 377 2.30 33.22 15.93
CA GLN A 377 2.63 31.82 15.71
C GLN A 377 2.71 31.57 14.21
N ASN A 378 3.49 30.56 13.83
CA ASN A 378 3.76 30.29 12.44
C ASN A 378 3.85 28.78 12.22
N ALA A 379 4.17 28.39 10.99
CA ALA A 379 4.27 26.97 10.65
C ALA A 379 5.47 26.31 11.34
N SER A 380 6.39 27.10 11.90
CA SER A 380 7.52 26.54 12.63
C SER A 380 7.15 26.10 14.04
N ASP A 381 5.92 26.38 14.48
CA ASP A 381 5.43 25.98 15.80
C ASP A 381 4.32 24.96 15.64
N VAL A 382 4.38 23.90 16.45
CA VAL A 382 3.33 22.89 16.41
C VAL A 382 2.01 23.54 16.83
N ARG A 383 1.00 23.42 15.97
CA ARG A 383 -0.29 24.06 16.17
C ARG A 383 -1.41 23.04 16.04
N SER A 384 -1.25 21.91 16.71
CA SER A 384 -2.29 20.89 16.73
C SER A 384 -3.42 21.29 17.67
N LYS A 385 -4.46 20.46 17.72
CA LYS A 385 -5.61 20.75 18.57
C LYS A 385 -5.19 20.86 20.03
N THR A 386 -4.43 19.88 20.51
CA THR A 386 -4.04 19.87 21.92
C THR A 386 -3.21 21.09 22.28
N LEU A 387 -2.19 21.40 21.48
CA LEU A 387 -1.32 22.53 21.78
C LEU A 387 -2.09 23.84 21.72
N LEU A 388 -2.94 24.01 20.70
CA LEU A 388 -3.73 25.23 20.60
C LEU A 388 -4.64 25.40 21.82
N ASN A 389 -5.28 24.31 22.25
CA ASN A 389 -6.12 24.39 23.44
C ASN A 389 -5.29 24.74 24.68
N ALA A 390 -4.09 24.17 24.79
CA ALA A 390 -3.24 24.42 25.94
C ALA A 390 -2.40 25.69 25.81
N GLY A 391 -2.41 26.34 24.65
CA GLY A 391 -1.56 27.49 24.41
C GLY A 391 -2.33 28.80 24.26
N VAL A 392 -2.51 29.24 23.02
CA VAL A 392 -3.10 30.55 22.74
C VAL A 392 -4.48 30.70 23.35
N LYS A 393 -5.14 29.59 23.69
CA LYS A 393 -6.49 29.67 24.24
C LYS A 393 -6.51 30.48 25.53
N ASN A 394 -5.54 30.27 26.41
CA ASN A 394 -5.48 31.02 27.65
C ASN A 394 -5.29 32.51 27.38
N ALA A 395 -4.44 32.85 26.41
CA ALA A 395 -4.18 34.24 26.08
C ALA A 395 -5.33 34.88 25.30
N LEU A 396 -6.28 34.09 24.79
CA LEU A 396 -7.39 34.67 24.05
C LEU A 396 -8.18 35.69 24.86
N ASP A 397 -8.19 35.57 26.19
CA ASP A 397 -8.91 36.49 27.05
C ASP A 397 -8.08 36.86 28.27
N ASN A 398 -6.81 37.16 28.05
CA ASN A 398 -5.89 37.49 29.13
C ASN A 398 -5.13 38.77 28.78
N MET A 399 -4.63 39.44 29.82
CA MET A 399 -3.81 40.62 29.64
C MET A 399 -2.39 40.23 29.28
N SER A 400 -1.58 41.23 28.94
CA SER A 400 -0.19 41.03 28.54
C SER A 400 0.72 41.57 29.64
N VAL A 401 1.46 40.67 30.29
CA VAL A 401 2.39 41.09 31.33
C VAL A 401 3.48 41.96 30.74
N VAL A 402 4.02 41.57 29.58
CA VAL A 402 5.05 42.37 28.92
C VAL A 402 4.49 43.74 28.56
N GLY A 403 3.27 43.79 28.04
CA GLY A 403 2.66 45.07 27.72
C GLY A 403 2.49 45.95 28.94
N TYR A 404 2.03 45.36 30.05
CA TYR A 404 1.85 46.14 31.27
C TYR A 404 3.18 46.70 31.76
N PHE A 405 4.22 45.88 31.76
CA PHE A 405 5.51 46.30 32.29
C PHE A 405 6.28 47.19 31.32
N LYS A 406 5.88 47.24 30.05
CA LYS A 406 6.53 48.11 29.08
C LYS A 406 5.82 49.45 28.90
N HIS A 407 4.50 49.48 29.06
CA HIS A 407 3.72 50.71 28.90
C HIS A 407 3.15 51.20 30.23
N ASN A 408 3.77 50.83 31.35
CA ASN A 408 3.30 51.31 32.64
C ASN A 408 3.41 52.82 32.75
N GLU A 409 4.53 53.38 32.30
CA GLU A 409 4.72 54.82 32.33
C GLU A 409 4.07 55.52 31.14
N GLU A 410 3.72 54.79 30.09
CA GLU A 410 3.10 55.40 28.92
C GLU A 410 1.67 55.82 29.23
N ALA A 411 1.32 57.02 28.78
CA ALA A 411 -0.01 57.58 28.99
C ALA A 411 -0.84 57.47 27.72
N GLN A 412 -2.14 57.26 27.89
CA GLN A 412 -3.12 57.13 26.81
C GLN A 412 -2.85 55.92 25.93
N ASN A 413 -2.15 54.91 26.43
CA ASN A 413 -1.93 53.66 25.68
C ASN A 413 -2.87 52.60 26.23
N LEU A 414 -4.13 52.67 25.77
CA LEU A 414 -5.15 51.75 26.25
C LEU A 414 -5.00 50.36 25.62
N ASN A 415 -4.47 50.30 24.41
CA ASN A 415 -4.31 49.03 23.70
C ASN A 415 -2.99 48.34 24.02
N GLY A 416 -2.08 49.00 24.72
CA GLY A 416 -0.79 48.42 25.02
C GLY A 416 -0.87 47.15 25.85
N LYS A 417 -1.95 46.97 26.60
CA LYS A 417 -2.14 45.78 27.43
C LYS A 417 -2.97 44.72 26.75
N HIS A 418 -3.37 44.93 25.50
CA HIS A 418 -4.17 43.98 24.74
C HIS A 418 -3.27 43.13 23.85
N PHE A 419 -3.79 41.95 23.48
CA PHE A 419 -3.09 41.02 22.61
C PHE A 419 -3.68 41.06 21.21
N VAL A 420 -2.81 41.05 20.21
CA VAL A 420 -3.19 40.89 18.81
C VAL A 420 -2.57 39.59 18.34
N ILE A 421 -3.38 38.54 18.23
CA ILE A 421 -2.89 37.23 17.84
C ILE A 421 -2.81 37.17 16.32
N ILE A 422 -1.60 36.92 15.80
CA ILE A 422 -1.36 36.80 14.37
C ILE A 422 -1.03 35.34 14.09
N MET A 423 -1.87 34.68 13.30
CA MET A 423 -1.69 33.28 12.92
C MET A 423 -1.20 33.27 11.47
N ASP A 424 0.12 33.27 11.31
CA ASP A 424 0.73 33.28 9.98
C ASP A 424 0.83 31.86 9.43
N GLU A 425 0.81 31.76 8.10
CA GLU A 425 1.03 30.49 7.41
C GLU A 425 0.02 29.44 7.84
N VAL A 426 -1.25 29.84 7.92
CA VAL A 426 -2.30 28.89 8.28
C VAL A 426 -2.44 27.82 7.21
N ASP A 427 -2.26 28.20 5.94
CA ASP A 427 -2.34 27.22 4.86
C ASP A 427 -1.22 26.20 4.93
N GLY A 428 -0.11 26.51 5.61
CA GLY A 428 1.01 25.61 5.70
C GLY A 428 0.90 24.64 6.87
N MET A 429 -0.32 24.30 7.26
CA MET A 429 -0.57 23.36 8.35
C MET A 429 -0.59 21.96 7.77
N SER A 430 0.56 21.28 7.84
CA SER A 430 0.70 19.92 7.33
C SER A 430 0.11 18.94 8.34
N GLY A 431 0.39 17.64 8.15
CA GLY A 431 -0.10 16.63 9.07
C GLY A 431 0.39 16.81 10.49
N GLY A 432 1.43 17.61 10.70
CA GLY A 432 1.94 17.84 12.04
C GLY A 432 1.05 18.69 12.92
N ASP A 433 -0.05 19.23 12.37
CA ASP A 433 -1.01 20.02 13.13
C ASP A 433 -2.39 19.40 12.90
N ARG A 434 -2.75 18.43 13.74
CA ARG A 434 -4.01 17.72 13.61
C ARG A 434 -5.11 18.51 14.31
N GLY A 435 -6.15 18.86 13.57
CA GLY A 435 -7.26 19.62 14.13
C GLY A 435 -7.01 21.10 14.26
N GLY A 436 -5.85 21.59 13.81
CA GLY A 436 -5.55 23.00 13.99
C GLY A 436 -6.52 23.92 13.27
N VAL A 437 -6.94 23.53 12.06
CA VAL A 437 -7.83 24.38 11.28
C VAL A 437 -9.16 24.57 12.00
N GLY A 438 -9.75 23.47 12.48
CA GLY A 438 -11.02 23.57 13.18
C GLY A 438 -10.91 24.37 14.47
N GLN A 439 -9.85 24.13 15.25
CA GLN A 439 -9.68 24.86 16.49
C GLN A 439 -9.50 26.35 16.24
N LEU A 440 -8.73 26.70 15.20
CA LEU A 440 -8.57 28.10 14.84
C LEU A 440 -9.89 28.71 14.37
N ALA A 441 -10.70 27.92 13.66
CA ALA A 441 -12.02 28.42 13.27
C ALA A 441 -12.88 28.72 14.49
N GLN A 442 -12.86 27.83 15.48
CA GLN A 442 -13.60 28.09 16.72
C GLN A 442 -13.06 29.33 17.42
N PHE A 443 -11.74 29.49 17.44
CA PHE A 443 -11.15 30.69 18.03
C PHE A 443 -11.65 31.95 17.32
N CYS A 444 -11.67 31.91 15.98
CA CYS A 444 -12.19 33.04 15.23
C CYS A 444 -13.64 33.33 15.61
N ARG A 445 -14.45 32.28 15.73
CA ARG A 445 -15.85 32.44 16.11
C ARG A 445 -16.01 32.77 17.60
N LYS A 446 -14.96 32.62 18.40
CA LYS A 446 -15.03 32.87 19.84
C LYS A 446 -13.69 33.42 20.29
N THR A 447 -13.60 34.75 20.41
CA THR A 447 -12.37 35.40 20.83
C THR A 447 -12.71 36.70 21.55
N SER A 448 -11.75 37.18 22.35
CA SER A 448 -11.91 38.41 23.10
C SER A 448 -10.94 39.50 22.68
N THR A 449 -9.96 39.20 21.84
CA THR A 449 -9.01 40.17 21.32
C THR A 449 -8.92 40.01 19.81
N PRO A 450 -8.45 41.04 19.11
CA PRO A 450 -8.34 40.93 17.65
C PRO A 450 -7.43 39.77 17.25
N LEU A 451 -7.82 39.08 16.17
CA LEU A 451 -7.06 37.95 15.67
C LEU A 451 -6.95 38.07 14.15
N ILE A 452 -5.73 37.94 13.64
CA ILE A 452 -5.45 38.06 12.22
C ILE A 452 -4.84 36.74 11.74
N LEU A 453 -5.36 36.21 10.64
CA LEU A 453 -4.86 35.00 10.02
C LEU A 453 -4.33 35.33 8.63
N ILE A 454 -3.26 34.65 8.24
CA ILE A 454 -2.60 34.89 6.95
C ILE A 454 -2.44 33.57 6.23
N CYS A 455 -2.76 33.56 4.93
CA CYS A 455 -2.62 32.38 4.10
C CYS A 455 -2.28 32.82 2.68
N ASN A 456 -1.81 31.87 1.88
CA ASN A 456 -1.45 32.15 0.50
C ASN A 456 -2.49 31.66 -0.50
N GLU A 457 -3.23 30.60 -0.17
CA GLU A 457 -4.23 30.00 -1.06
C GLU A 457 -5.56 29.96 -0.33
N ARG A 458 -6.37 31.00 -0.53
CA ARG A 458 -7.67 31.09 0.12
C ARG A 458 -8.71 30.15 -0.48
N ASN A 459 -8.49 29.65 -1.69
CA ASN A 459 -9.48 28.85 -2.40
C ASN A 459 -9.30 27.35 -2.18
N LEU A 460 -8.30 26.93 -1.41
CA LEU A 460 -8.12 25.52 -1.15
C LEU A 460 -9.25 24.99 -0.27
N PRO A 461 -9.64 23.72 -0.45
CA PRO A 461 -10.72 23.17 0.40
C PRO A 461 -10.36 23.17 1.88
N LYS A 462 -9.08 23.01 2.21
CA LYS A 462 -8.68 22.98 3.61
C LYS A 462 -9.09 24.24 4.36
N MET A 463 -9.21 25.35 3.65
CA MET A 463 -9.57 26.64 4.26
C MET A 463 -11.07 26.87 4.29
N ARG A 464 -11.88 25.89 3.89
CA ARG A 464 -13.32 26.05 3.92
C ARG A 464 -13.87 26.48 5.27
N PRO A 465 -13.40 25.95 6.40
CA PRO A 465 -13.98 26.35 7.69
C PRO A 465 -13.94 27.84 7.95
N PHE A 466 -12.97 28.56 7.38
CA PHE A 466 -12.87 30.00 7.55
C PHE A 466 -13.75 30.77 6.58
N ASP A 467 -14.78 30.12 6.02
CA ASP A 467 -15.59 30.76 4.98
C ASP A 467 -16.19 32.07 5.46
N ARG A 468 -17.05 32.01 6.47
CA ARG A 468 -17.82 33.16 6.93
C ARG A 468 -17.67 33.33 8.44
N VAL A 469 -16.42 33.27 8.92
CA VAL A 469 -16.13 33.49 10.34
C VAL A 469 -15.01 34.52 10.47
N CYS A 470 -14.65 35.17 9.37
CA CYS A 470 -13.62 36.19 9.39
C CYS A 470 -13.84 37.16 8.23
N LEU A 471 -13.26 38.34 8.37
CA LEU A 471 -13.29 39.33 7.30
C LEU A 471 -12.15 39.05 6.33
N ASP A 472 -12.49 38.70 5.09
CA ASP A 472 -11.49 38.34 4.10
C ASP A 472 -10.87 39.60 3.51
N ILE A 473 -9.55 39.72 3.60
CA ILE A 473 -8.81 40.84 3.04
C ILE A 473 -7.87 40.29 1.98
N GLN A 474 -8.08 40.73 0.74
CA GLN A 474 -7.35 40.20 -0.41
C GLN A 474 -6.22 41.17 -0.78
N PHE A 475 -5.04 40.62 -0.99
CA PHE A 475 -3.89 41.36 -1.47
C PHE A 475 -3.56 40.92 -2.89
N ARG A 476 -3.55 41.87 -3.82
CA ARG A 476 -3.26 41.60 -5.22
C ARG A 476 -1.82 41.97 -5.54
N ARG A 477 -1.28 41.33 -6.57
CA ARG A 477 0.07 41.61 -7.03
C ARG A 477 0.22 43.11 -7.30
N PRO A 478 1.02 43.83 -6.52
CA PRO A 478 1.19 45.27 -6.79
C PRO A 478 1.78 45.52 -8.17
N ASP A 479 1.31 46.58 -8.81
CA ASP A 479 1.81 46.95 -10.12
C ASP A 479 3.19 47.59 -10.01
N ALA A 480 3.86 47.73 -11.15
CA ALA A 480 5.21 48.28 -11.17
C ALA A 480 5.23 49.74 -10.73
N ASN A 481 4.19 50.50 -11.08
CA ASN A 481 4.16 51.92 -10.73
C ASN A 481 4.13 52.12 -9.21
N SER A 482 3.55 51.18 -8.47
CA SER A 482 3.44 51.30 -7.03
C SER A 482 4.74 50.98 -6.30
N ILE A 483 5.75 50.47 -7.01
CA ILE A 483 7.02 50.10 -6.39
C ILE A 483 8.22 50.71 -7.09
N LYS A 484 8.01 51.48 -8.17
CA LYS A 484 9.14 52.02 -8.91
C LYS A 484 9.95 52.98 -8.05
N SER A 485 9.29 53.80 -7.25
CA SER A 485 10.01 54.73 -6.39
C SER A 485 10.88 53.99 -5.37
N ARG A 486 10.36 52.90 -4.81
CA ARG A 486 11.15 52.11 -3.87
C ARG A 486 12.40 51.56 -4.54
N LEU A 487 12.26 51.04 -5.77
CA LEU A 487 13.41 50.51 -6.48
C LEU A 487 14.42 51.61 -6.79
N MET A 488 13.94 52.80 -7.18
CA MET A 488 14.84 53.92 -7.41
C MET A 488 15.60 54.28 -6.15
N THR A 489 14.90 54.34 -5.01
CA THR A 489 15.56 54.67 -3.75
C THR A 489 16.62 53.62 -3.41
N ILE A 490 16.28 52.34 -3.58
CA ILE A 490 17.24 51.28 -3.26
C ILE A 490 18.47 51.39 -4.18
N ALA A 491 18.25 51.61 -5.47
CA ALA A 491 19.36 51.73 -6.40
C ALA A 491 20.25 52.91 -6.06
N ILE A 492 19.65 54.06 -5.71
CA ILE A 492 20.43 55.23 -5.35
C ILE A 492 21.24 54.97 -4.09
N ARG A 493 20.62 54.34 -3.09
CA ARG A 493 21.31 54.10 -1.83
C ARG A 493 22.42 53.08 -1.98
N GLU A 494 22.26 52.08 -2.85
CA GLU A 494 23.24 51.02 -2.99
C GLU A 494 24.23 51.26 -4.12
N LYS A 495 24.16 52.41 -4.79
CA LYS A 495 25.17 52.83 -5.76
C LYS A 495 25.26 51.84 -6.93
N PHE A 496 24.13 51.69 -7.63
CA PHE A 496 24.13 50.95 -8.89
C PHE A 496 23.02 51.51 -9.77
N LYS A 497 23.30 51.63 -11.07
CA LYS A 497 22.38 52.24 -11.99
C LYS A 497 21.24 51.27 -12.33
N LEU A 498 20.01 51.77 -12.22
CA LEU A 498 18.82 50.99 -12.56
C LEU A 498 17.96 51.83 -13.49
N ASP A 499 17.83 51.40 -14.74
CA ASP A 499 17.01 52.13 -15.70
C ASP A 499 15.54 51.97 -15.33
N PRO A 500 14.78 53.07 -15.20
CA PRO A 500 13.36 52.92 -14.88
C PRO A 500 12.58 52.11 -15.91
N ASN A 501 13.01 52.10 -17.17
CA ASN A 501 12.25 51.42 -18.21
C ASN A 501 12.16 49.92 -17.95
N VAL A 502 13.27 49.29 -17.51
CA VAL A 502 13.31 47.84 -17.35
C VAL A 502 12.67 47.36 -16.06
N ILE A 503 12.17 48.27 -15.23
CA ILE A 503 11.59 47.85 -13.95
C ILE A 503 10.37 46.96 -14.17
N ASP A 504 9.50 47.34 -15.11
CA ASP A 504 8.31 46.54 -15.37
C ASP A 504 8.67 45.13 -15.80
N ARG A 505 9.73 44.99 -16.60
CA ARG A 505 10.18 43.67 -16.99
C ARG A 505 10.62 42.86 -15.77
N LEU A 506 11.33 43.51 -14.84
CA LEU A 506 11.75 42.82 -13.63
C LEU A 506 10.53 42.36 -12.81
N ILE A 507 9.52 43.22 -12.71
CA ILE A 507 8.32 42.85 -11.97
C ILE A 507 7.62 41.67 -12.64
N GLN A 508 7.54 41.70 -13.97
CA GLN A 508 6.95 40.57 -14.69
C GLN A 508 7.74 39.29 -14.45
N THR A 509 9.07 39.41 -14.33
CA THR A 509 9.90 38.23 -14.09
C THR A 509 9.53 37.56 -12.77
N THR A 510 9.35 38.34 -11.71
CA THR A 510 9.02 37.80 -10.39
C THR A 510 7.52 37.71 -10.14
N ARG A 511 6.69 38.13 -11.10
CA ARG A 511 5.24 38.04 -10.98
C ARG A 511 4.74 38.80 -9.74
N GLY A 512 5.25 40.01 -9.56
CA GLY A 512 4.77 40.88 -8.50
C GLY A 512 5.24 40.52 -7.10
N ASP A 513 6.41 39.91 -6.98
CA ASP A 513 7.00 39.55 -5.70
C ASP A 513 8.10 40.55 -5.38
N ILE A 514 7.82 41.48 -4.46
CA ILE A 514 8.81 42.50 -4.11
C ILE A 514 10.01 41.89 -3.42
N ARG A 515 9.78 40.89 -2.56
CA ARG A 515 10.92 40.19 -1.96
C ARG A 515 11.82 39.62 -3.04
N GLN A 516 11.24 38.96 -4.04
CA GLN A 516 12.03 38.35 -5.10
C GLN A 516 12.78 39.41 -5.91
N VAL A 517 12.14 40.53 -6.22
CA VAL A 517 12.80 41.54 -7.06
C VAL A 517 13.93 42.20 -6.29
N ILE A 518 13.73 42.47 -4.99
CA ILE A 518 14.80 43.01 -4.17
C ILE A 518 15.97 42.02 -4.09
N ASN A 519 15.66 40.74 -3.91
CA ASN A 519 16.72 39.73 -3.90
C ASN A 519 17.45 39.68 -5.23
N LEU A 520 16.72 39.79 -6.33
CA LEU A 520 17.34 39.82 -7.65
C LEU A 520 18.29 41.00 -7.79
N LEU A 521 17.83 42.18 -7.37
CA LEU A 521 18.69 43.36 -7.43
C LEU A 521 19.95 43.16 -6.59
N SER A 522 19.79 42.64 -5.37
CA SER A 522 20.94 42.42 -4.51
C SER A 522 21.93 41.44 -5.14
N THR A 523 21.42 40.36 -5.73
CA THR A 523 22.30 39.34 -6.29
C THR A 523 23.00 39.85 -7.55
N ILE A 524 22.31 40.63 -8.37
CA ILE A 524 22.88 41.07 -9.63
C ILE A 524 23.84 42.24 -9.42
N SER A 525 23.60 43.07 -8.39
CA SER A 525 24.43 44.24 -8.17
C SER A 525 25.82 43.89 -7.66
N THR A 526 26.05 42.65 -7.23
CA THR A 526 27.37 42.28 -6.72
C THR A 526 28.44 42.41 -7.80
N THR A 527 28.12 41.98 -9.02
CA THR A 527 29.06 42.02 -10.13
C THR A 527 28.65 42.98 -11.24
N THR A 528 27.37 43.21 -11.44
CA THR A 528 26.86 44.11 -12.48
C THR A 528 26.43 45.42 -11.84
N LYS A 529 26.97 46.53 -12.34
CA LYS A 529 26.70 47.85 -11.77
C LYS A 529 25.72 48.66 -12.60
N THR A 530 25.06 48.05 -13.58
CA THR A 530 24.11 48.76 -14.42
C THR A 530 23.09 47.78 -14.97
N ILE A 531 21.84 47.93 -14.55
CA ILE A 531 20.73 47.13 -15.07
C ILE A 531 20.06 47.98 -16.14
N ASN A 532 20.53 47.85 -17.37
CA ASN A 532 20.02 48.61 -18.50
C ASN A 532 19.26 47.70 -19.45
N HIS A 533 18.82 48.26 -20.57
CA HIS A 533 18.04 47.50 -21.55
C HIS A 533 18.87 46.40 -22.20
N GLU A 534 20.20 46.49 -22.16
CA GLU A 534 21.03 45.50 -22.82
C GLU A 534 20.96 44.15 -22.10
N ASN A 535 21.10 44.15 -20.77
CA ASN A 535 21.19 42.93 -19.99
C ASN A 535 19.85 42.51 -19.38
N ILE A 536 18.77 43.23 -19.66
CA ILE A 536 17.49 42.92 -19.02
C ILE A 536 17.00 41.54 -19.47
N ASN A 537 17.15 41.22 -20.75
CA ASN A 537 16.60 39.96 -21.26
C ASN A 537 17.24 38.76 -20.56
N GLU A 538 18.57 38.75 -20.46
CA GLU A 538 19.24 37.62 -19.84
C GLU A 538 18.86 37.48 -18.38
N ILE A 539 18.83 38.60 -17.64
CA ILE A 539 18.49 38.55 -16.23
C ILE A 539 17.06 38.04 -16.05
N SER A 540 16.13 38.53 -16.87
CA SER A 540 14.75 38.09 -16.75
C SER A 540 14.62 36.59 -17.07
N LYS A 541 15.30 36.13 -18.11
CA LYS A 541 15.22 34.72 -18.46
C LYS A 541 15.84 33.84 -17.39
N ALA A 542 16.87 34.33 -16.70
CA ALA A 542 17.51 33.53 -15.66
C ALA A 542 16.65 33.43 -14.42
N TRP A 543 15.98 34.53 -14.05
CA TRP A 543 15.23 34.61 -12.79
C TRP A 543 13.73 34.40 -12.96
N GLU A 544 13.26 34.11 -14.17
CA GLU A 544 11.83 33.98 -14.38
C GLU A 544 11.26 32.82 -13.58
N LYS A 545 10.08 33.05 -12.98
CA LYS A 545 9.45 32.08 -12.11
C LYS A 545 8.75 30.99 -12.91
N ASN A 546 8.45 29.88 -12.22
CA ASN A 546 7.74 28.73 -12.80
C ASN A 546 6.57 28.41 -11.87
N ILE A 547 5.44 29.06 -12.08
CA ILE A 547 4.24 28.83 -11.28
C ILE A 547 3.37 27.81 -11.98
N ALA A 548 3.01 26.75 -11.27
CA ALA A 548 2.15 25.71 -11.84
C ALA A 548 0.77 26.28 -12.10
N LEU A 549 0.33 26.20 -13.36
CA LEU A 549 -0.99 26.69 -13.72
C LEU A 549 -2.08 25.87 -13.05
N LYS A 550 -3.21 26.52 -12.79
CA LYS A 550 -4.37 25.86 -12.20
C LYS A 550 -5.22 25.23 -13.29
N PRO A 551 -6.18 24.39 -12.92
CA PRO A 551 -6.92 23.63 -13.93
C PRO A 551 -7.56 24.50 -15.01
N PHE A 552 -8.15 25.64 -14.63
CA PHE A 552 -8.77 26.51 -15.63
C PHE A 552 -7.72 27.07 -16.57
N ASP A 553 -6.59 27.52 -16.03
CA ASP A 553 -5.51 28.04 -16.88
C ASP A 553 -4.94 26.95 -17.78
N ILE A 554 -4.80 25.73 -17.24
CA ILE A 554 -4.30 24.62 -18.04
C ILE A 554 -5.25 24.35 -19.21
N ALA A 555 -6.56 24.32 -18.92
CA ALA A 555 -7.53 24.09 -19.98
C ALA A 555 -7.50 25.19 -21.03
N HIS A 556 -7.41 26.45 -20.58
CA HIS A 556 -7.39 27.56 -21.52
C HIS A 556 -6.16 27.53 -22.41
N LYS A 557 -5.00 27.21 -21.83
CA LYS A 557 -3.76 27.21 -22.61
C LYS A 557 -3.70 26.01 -23.55
N MET A 558 -4.12 24.84 -23.06
CA MET A 558 -4.02 23.63 -23.89
C MET A 558 -4.91 23.71 -25.12
N LEU A 559 -6.07 24.38 -25.01
CA LEU A 559 -6.99 24.49 -26.13
C LEU A 559 -6.68 25.68 -27.03
N ASP A 560 -5.63 26.45 -26.73
CA ASP A 560 -5.26 27.56 -27.59
C ASP A 560 -4.68 27.04 -28.90
N GLY A 561 -5.19 27.56 -30.02
CA GLY A 561 -4.74 27.09 -31.32
C GLY A 561 -3.38 27.59 -31.74
N GLN A 562 -2.90 28.67 -31.12
CA GLN A 562 -1.62 29.26 -31.54
C GLN A 562 -0.46 28.29 -31.29
N ILE A 563 -0.45 27.64 -30.12
CA ILE A 563 0.70 26.81 -29.75
C ILE A 563 0.84 25.60 -30.66
N TYR A 564 -0.22 25.18 -31.34
CA TYR A 564 -0.17 24.00 -32.20
C TYR A 564 0.24 24.33 -33.63
N SER A 565 0.41 25.61 -33.97
CA SER A 565 0.94 25.97 -35.27
C SER A 565 2.44 25.67 -35.33
N ASP A 566 2.98 25.68 -36.55
CA ASP A 566 4.40 25.40 -36.73
C ASP A 566 5.25 26.30 -35.83
N ILE A 567 5.13 27.61 -35.99
CA ILE A 567 5.89 28.53 -35.17
C ILE A 567 5.57 28.33 -33.69
N GLY A 568 4.27 28.30 -33.37
CA GLY A 568 3.88 28.10 -31.98
C GLY A 568 4.39 26.79 -31.42
N SER A 569 4.45 25.76 -32.26
CA SER A 569 5.07 24.50 -31.83
C SER A 569 6.55 24.70 -31.53
N ARG A 570 7.23 25.51 -32.35
CA ARG A 570 8.64 25.79 -32.09
C ARG A 570 8.84 26.49 -30.75
N ASN A 571 8.00 27.49 -30.45
CA ASN A 571 8.11 28.14 -29.15
C ASN A 571 7.62 27.23 -28.03
N PHE A 572 6.35 26.83 -28.08
CA PHE A 572 5.79 25.91 -27.09
C PHE A 572 5.91 24.49 -27.64
N THR A 573 6.77 23.69 -27.03
CA THR A 573 7.10 22.37 -27.54
C THR A 573 6.22 21.30 -26.91
N LEU A 574 6.32 20.08 -27.46
CA LEU A 574 5.56 18.96 -26.94
C LEU A 574 5.92 18.66 -25.49
N ASN A 575 7.22 18.76 -25.17
CA ASN A 575 7.65 18.60 -23.79
C ASN A 575 6.97 19.63 -22.89
N ASP A 576 6.84 20.87 -23.36
CA ASP A 576 6.15 21.89 -22.58
C ASP A 576 4.69 21.52 -22.36
N LYS A 577 4.03 20.97 -23.38
CA LYS A 577 2.64 20.57 -23.23
C LYS A 577 2.50 19.43 -22.22
N ILE A 578 3.41 18.46 -22.25
CA ILE A 578 3.35 17.36 -21.30
C ILE A 578 3.59 17.88 -19.88
N ALA A 579 4.53 18.81 -19.72
CA ALA A 579 4.75 19.41 -18.41
C ALA A 579 3.53 20.19 -17.95
N LEU A 580 2.85 20.87 -18.87
CA LEU A 580 1.63 21.58 -18.53
C LEU A 580 0.56 20.61 -18.04
N TYR A 581 0.45 19.45 -18.68
CA TYR A 581 -0.46 18.43 -18.18
C TYR A 581 -0.06 17.98 -16.79
N PHE A 582 1.24 17.73 -16.58
CA PHE A 582 1.70 17.23 -15.29
C PHE A 582 1.57 18.26 -14.18
N ASP A 583 1.42 19.54 -14.53
CA ASP A 583 1.16 20.54 -13.51
C ASP A 583 -0.01 20.15 -12.63
N ASP A 584 -1.02 19.49 -13.21
CA ASP A 584 -2.10 18.88 -12.43
C ASP A 584 -2.61 17.69 -13.24
N PHE A 585 -2.10 16.50 -12.92
CA PHE A 585 -2.37 15.31 -13.72
C PHE A 585 -3.64 14.59 -13.29
N ASP A 586 -4.35 15.09 -12.27
CA ASP A 586 -5.60 14.49 -11.84
C ASP A 586 -6.83 15.26 -12.32
N PHE A 587 -6.65 16.50 -12.77
CA PHE A 587 -7.76 17.32 -13.25
C PHE A 587 -7.63 17.71 -14.72
N THR A 588 -6.42 17.74 -15.27
CA THR A 588 -6.25 18.14 -16.67
C THR A 588 -7.08 17.28 -17.63
N PRO A 589 -7.02 15.94 -17.58
CA PRO A 589 -7.85 15.15 -18.50
C PRO A 589 -9.32 15.43 -18.35
N LEU A 590 -9.80 15.62 -17.12
CA LEU A 590 -11.21 15.93 -16.91
C LEU A 590 -11.57 17.26 -17.54
N MET A 591 -10.72 18.28 -17.36
CA MET A 591 -10.99 19.58 -17.97
C MET A 591 -11.02 19.49 -19.49
N ILE A 592 -10.06 18.77 -20.07
CA ILE A 592 -10.04 18.63 -21.53
C ILE A 592 -11.30 17.93 -22.02
N GLN A 593 -11.67 16.84 -21.35
CA GLN A 593 -12.89 16.13 -21.76
C GLN A 593 -14.12 17.01 -21.61
N GLU A 594 -14.11 17.92 -20.63
CA GLU A 594 -15.26 18.77 -20.40
C GLU A 594 -15.36 19.89 -21.43
N ASN A 595 -14.22 20.45 -21.87
CA ASN A 595 -14.22 21.68 -22.64
C ASN A 595 -13.84 21.49 -24.11
N TYR A 596 -13.54 20.27 -24.55
CA TYR A 596 -13.10 20.07 -25.92
C TYR A 596 -14.24 20.17 -26.94
N LEU A 597 -15.49 20.24 -26.49
CA LEU A 597 -16.64 20.39 -27.38
C LEU A 597 -17.10 21.84 -27.52
N SER A 598 -16.42 22.79 -26.89
CA SER A 598 -16.87 24.17 -26.81
C SER A 598 -15.79 25.13 -27.30
N THR A 599 -15.25 24.87 -28.49
CA THR A 599 -14.24 25.72 -29.11
C THR A 599 -14.59 25.97 -30.56
N ARG A 600 -13.83 26.87 -31.18
CA ARG A 600 -13.92 27.15 -32.62
C ARG A 600 -12.56 26.80 -33.21
N PRO A 601 -12.39 25.57 -33.70
CA PRO A 601 -11.06 25.12 -34.09
C PRO A 601 -10.43 26.01 -35.16
N SER A 602 -9.13 26.26 -35.02
CA SER A 602 -8.35 26.96 -36.03
C SER A 602 -7.28 26.06 -36.63
N VAL A 603 -7.34 24.75 -36.40
CA VAL A 603 -6.37 23.80 -36.88
C VAL A 603 -7.00 22.75 -37.79
N LEU A 604 -8.21 23.01 -38.29
CA LEU A 604 -8.90 22.03 -39.12
C LEU A 604 -8.11 21.76 -40.40
N LYS A 605 -7.97 20.47 -40.74
CA LYS A 605 -7.27 20.08 -41.94
C LYS A 605 -8.13 20.38 -43.17
N PRO A 606 -7.50 20.50 -44.35
CA PRO A 606 -8.28 20.78 -45.57
C PRO A 606 -9.43 19.79 -45.76
N GLY A 607 -10.65 20.31 -45.74
CA GLY A 607 -11.84 19.50 -45.91
C GLY A 607 -12.38 18.88 -44.63
N GLN A 608 -11.61 18.88 -43.55
CA GLN A 608 -12.09 18.32 -42.30
C GLN A 608 -13.07 19.27 -41.63
N SER A 609 -14.18 18.72 -41.16
CA SER A 609 -15.20 19.48 -40.46
C SER A 609 -14.97 19.42 -38.95
N HIS A 610 -15.66 20.31 -38.23
CA HIS A 610 -15.54 20.33 -36.79
C HIS A 610 -15.95 18.99 -36.17
N LEU A 611 -17.01 18.37 -36.71
CA LEU A 611 -17.52 17.13 -36.13
C LEU A 611 -16.51 15.99 -36.26
N GLU A 612 -15.80 15.91 -37.39
CA GLU A 612 -14.81 14.86 -37.56
C GLU A 612 -13.67 15.00 -36.55
N ALA A 613 -13.19 16.23 -36.35
CA ALA A 613 -12.14 16.45 -35.36
C ALA A 613 -12.64 16.11 -33.97
N VAL A 614 -13.88 16.47 -33.65
CA VAL A 614 -14.45 16.13 -32.35
C VAL A 614 -14.50 14.62 -32.17
N ALA A 615 -14.89 13.90 -33.21
CA ALA A 615 -14.96 12.44 -33.12
C ALA A 615 -13.59 11.83 -32.89
N GLU A 616 -12.57 12.33 -33.60
CA GLU A 616 -11.21 11.83 -33.39
C GLU A 616 -10.73 12.11 -31.97
N ALA A 617 -11.02 13.30 -31.46
CA ALA A 617 -10.65 13.63 -30.09
C ALA A 617 -11.34 12.71 -29.10
N ALA A 618 -12.63 12.41 -29.34
CA ALA A 618 -13.35 11.52 -28.44
C ALA A 618 -12.76 10.11 -28.47
N ASN A 619 -12.37 9.64 -29.65
CA ASN A 619 -11.75 8.32 -29.75
C ASN A 619 -10.46 8.28 -28.95
N CYS A 620 -9.63 9.31 -29.08
CA CYS A 620 -8.39 9.35 -28.31
C CYS A 620 -8.67 9.46 -26.81
N ILE A 621 -9.72 10.18 -26.41
CA ILE A 621 -10.06 10.27 -25.00
C ILE A 621 -10.46 8.91 -24.45
N SER A 622 -11.20 8.13 -25.26
CA SER A 622 -11.55 6.77 -24.84
C SER A 622 -10.29 5.91 -24.67
N LEU A 623 -9.36 6.01 -25.62
CA LEU A 623 -8.10 5.27 -25.47
C LEU A 623 -7.35 5.70 -24.22
N GLY A 624 -7.32 6.99 -23.94
CA GLY A 624 -6.67 7.47 -22.73
C GLY A 624 -7.35 6.97 -21.48
N ASP A 625 -8.67 6.84 -21.51
CA ASP A 625 -9.38 6.25 -20.37
C ASP A 625 -8.97 4.81 -20.15
N ILE A 626 -8.81 4.04 -21.23
CA ILE A 626 -8.32 2.68 -21.10
C ILE A 626 -6.93 2.67 -20.47
N VAL A 627 -6.06 3.55 -20.94
CA VAL A 627 -4.70 3.62 -20.38
C VAL A 627 -4.76 3.96 -18.90
N GLU A 628 -5.64 4.90 -18.51
CA GLU A 628 -5.78 5.27 -17.11
C GLU A 628 -6.25 4.09 -16.28
N LYS A 629 -7.21 3.32 -16.80
CA LYS A 629 -7.62 2.10 -16.10
C LYS A 629 -6.44 1.17 -15.89
N LYS A 630 -5.58 1.05 -16.90
CA LYS A 630 -4.38 0.23 -16.75
C LYS A 630 -3.46 0.78 -15.67
N ILE A 631 -3.32 2.11 -15.60
CA ILE A 631 -2.35 2.70 -14.68
C ILE A 631 -2.75 2.42 -13.24
N ARG A 632 -4.01 2.61 -12.90
CA ARG A 632 -4.49 2.49 -11.53
C ARG A 632 -4.97 1.09 -11.18
N SER A 633 -4.49 0.08 -11.90
CA SER A 633 -4.85 -1.30 -11.62
C SER A 633 -3.96 -1.85 -10.51
N SER A 634 -4.06 -3.16 -10.25
CA SER A 634 -3.20 -3.77 -9.25
C SER A 634 -1.73 -3.74 -9.64
N GLU A 635 -1.44 -3.58 -10.94
CA GLU A 635 -0.05 -3.52 -11.39
C GLU A 635 0.61 -2.19 -11.05
N GLN A 636 -0.16 -1.13 -10.86
CA GLN A 636 0.37 0.19 -10.52
C GLN A 636 1.41 0.64 -11.54
N LEU A 637 0.97 0.70 -12.80
CA LEU A 637 1.85 1.04 -13.92
C LEU A 637 1.88 2.56 -14.09
N TRP A 638 2.50 3.23 -13.11
CA TRP A 638 2.60 4.68 -13.16
C TRP A 638 3.58 5.16 -14.20
N SER A 639 4.45 4.28 -14.71
CA SER A 639 5.36 4.65 -15.77
C SER A 639 4.62 5.01 -17.06
N LEU A 640 3.35 4.67 -17.16
CA LEU A 640 2.52 5.04 -18.31
C LEU A 640 1.88 6.42 -18.15
N LEU A 641 2.20 7.14 -17.07
CA LEU A 641 1.64 8.47 -16.88
C LEU A 641 1.93 9.39 -18.06
N PRO A 642 3.15 9.47 -18.60
CA PRO A 642 3.37 10.32 -19.78
C PRO A 642 2.47 9.96 -20.95
N LEU A 643 2.39 8.67 -21.32
CA LEU A 643 1.54 8.26 -22.42
C LEU A 643 0.11 8.74 -22.21
N HIS A 644 -0.42 8.53 -21.00
CA HIS A 644 -1.77 8.99 -20.69
C HIS A 644 -1.90 10.47 -21.00
N ALA A 645 -0.91 11.27 -20.60
CA ALA A 645 -0.95 12.70 -20.87
C ALA A 645 -1.20 12.98 -22.35
N VAL A 646 -0.55 12.22 -23.23
CA VAL A 646 -0.74 12.44 -24.66
C VAL A 646 -2.15 12.03 -25.09
N LEU A 647 -2.63 10.89 -24.59
CA LEU A 647 -3.89 10.35 -25.09
C LEU A 647 -5.10 11.09 -24.54
N SER A 648 -5.01 11.63 -23.32
CA SER A 648 -6.15 12.26 -22.69
C SER A 648 -6.20 13.77 -22.87
N SER A 649 -5.06 14.44 -22.96
CA SER A 649 -5.03 15.90 -23.00
C SER A 649 -4.46 16.46 -24.29
N VAL A 650 -3.24 16.08 -24.67
CA VAL A 650 -2.52 16.81 -25.72
C VAL A 650 -3.12 16.53 -27.10
N TYR A 651 -3.31 15.26 -27.44
CA TYR A 651 -3.76 14.92 -28.78
C TYR A 651 -5.17 15.44 -29.08
N PRO A 652 -6.19 15.19 -28.25
CA PRO A 652 -7.52 15.76 -28.54
C PRO A 652 -7.51 17.27 -28.60
N ALA A 653 -6.77 17.93 -27.70
CA ALA A 653 -6.69 19.39 -27.74
C ALA A 653 -6.09 19.86 -29.05
N SER A 654 -5.00 19.22 -29.49
CA SER A 654 -4.42 19.54 -30.78
C SER A 654 -5.43 19.34 -31.91
N LYS A 655 -6.31 18.34 -31.76
CA LYS A 655 -7.31 18.11 -32.79
C LYS A 655 -8.39 19.19 -32.81
N VAL A 656 -8.73 19.76 -31.65
CA VAL A 656 -9.78 20.77 -31.59
C VAL A 656 -9.27 22.08 -31.01
N ALA A 657 -7.98 22.35 -31.17
CA ALA A 657 -7.40 23.57 -30.63
C ALA A 657 -7.93 24.79 -31.37
N GLY A 658 -8.12 25.89 -30.63
CA GLY A 658 -8.59 27.12 -31.21
C GLY A 658 -8.93 28.16 -30.16
N HIS A 659 -10.04 28.88 -30.36
CA HIS A 659 -10.52 29.88 -29.41
C HIS A 659 -11.77 29.35 -28.72
N MET A 660 -11.84 29.55 -27.40
CA MET A 660 -12.99 29.07 -26.65
C MET A 660 -14.25 29.81 -27.09
N ALA A 661 -15.30 29.04 -27.38
CA ALA A 661 -16.56 29.63 -27.80
C ALA A 661 -17.33 30.25 -26.64
N GLY A 662 -17.04 29.85 -25.41
CA GLY A 662 -17.72 30.39 -24.26
C GLY A 662 -16.88 30.25 -23.01
N ARG A 663 -17.52 30.44 -21.87
CA ARG A 663 -16.82 30.30 -20.60
C ARG A 663 -16.32 28.88 -20.40
N ILE A 664 -15.10 28.76 -19.90
CA ILE A 664 -14.57 27.45 -19.55
C ILE A 664 -15.29 26.94 -18.32
N ASN A 665 -15.72 25.68 -18.37
CA ASN A 665 -16.51 25.07 -17.31
C ASN A 665 -15.70 23.99 -16.61
N PHE A 666 -15.87 23.90 -15.30
CA PHE A 666 -15.26 22.82 -14.55
C PHE A 666 -15.93 21.49 -14.89
N THR A 667 -15.19 20.40 -14.71
CA THR A 667 -15.70 19.09 -15.04
C THR A 667 -16.99 18.80 -14.28
N ALA A 668 -17.98 18.27 -14.99
CA ALA A 668 -19.23 17.82 -14.38
C ALA A 668 -19.21 16.34 -14.04
N TRP A 669 -18.09 15.65 -14.30
CA TRP A 669 -18.05 14.20 -14.09
C TRP A 669 -18.04 13.83 -12.61
N LEU A 670 -17.43 14.65 -11.76
CA LEU A 670 -17.31 14.29 -10.34
C LEU A 670 -18.67 14.30 -9.65
N GLY A 671 -19.44 15.37 -9.86
CA GLY A 671 -20.78 15.43 -9.26
C GLY A 671 -21.67 14.32 -9.78
N GLN A 672 -21.63 14.05 -11.08
CA GLN A 672 -22.45 12.98 -11.65
C GLN A 672 -22.02 11.63 -11.08
N ASN A 673 -20.72 11.42 -10.91
CA ASN A 673 -20.23 10.17 -10.34
C ASN A 673 -20.71 10.00 -8.89
N SER A 674 -20.65 11.06 -8.10
CA SER A 674 -21.13 10.97 -6.71
C SER A 674 -22.63 10.71 -6.67
N LYS A 675 -23.39 11.36 -7.55
CA LYS A 675 -24.82 11.13 -7.61
C LYS A 675 -25.13 9.69 -8.01
N SER A 676 -24.38 9.17 -8.98
CA SER A 676 -24.57 7.78 -9.40
C SER A 676 -24.24 6.81 -8.28
N ALA A 677 -23.17 7.09 -7.53
CA ALA A 677 -22.84 6.22 -6.39
C ALA A 677 -23.95 6.25 -5.34
N LYS A 678 -24.48 7.43 -5.05
CA LYS A 678 -25.57 7.53 -4.08
C LYS A 678 -26.80 6.74 -4.55
N TYR A 679 -27.16 6.89 -5.83
CA TYR A 679 -28.32 6.18 -6.33
C TYR A 679 -28.09 4.67 -6.36
N TYR A 680 -26.87 4.23 -6.66
CA TYR A 680 -26.56 2.80 -6.62
C TYR A 680 -26.66 2.26 -5.21
N ARG A 681 -26.21 3.04 -4.22
CA ARG A 681 -26.37 2.61 -2.83
C ARG A 681 -27.84 2.47 -2.47
N LEU A 682 -28.65 3.45 -2.85
CA LEU A 682 -30.09 3.37 -2.57
C LEU A 682 -30.70 2.15 -3.25
N LEU A 683 -30.30 1.89 -4.50
CA LEU A 683 -30.81 0.72 -5.22
C LEU A 683 -30.42 -0.57 -4.52
N GLN A 684 -29.19 -0.65 -4.02
CA GLN A 684 -28.76 -1.85 -3.31
C GLN A 684 -29.59 -2.07 -2.05
N GLU A 685 -29.83 -0.99 -1.28
CA GLU A 685 -30.66 -1.14 -0.08
C GLU A 685 -32.06 -1.60 -0.44
N ILE A 686 -32.66 -1.01 -1.48
CA ILE A 686 -34.01 -1.40 -1.87
C ILE A 686 -34.03 -2.85 -2.32
N HIS A 687 -33.04 -3.25 -3.11
CA HIS A 687 -32.99 -4.62 -3.61
C HIS A 687 -32.87 -5.62 -2.46
N TYR A 688 -32.00 -5.34 -1.50
CA TYR A 688 -31.82 -6.28 -0.40
C TYR A 688 -32.96 -6.23 0.62
N HIS A 689 -33.76 -5.16 0.60
CA HIS A 689 -34.98 -5.16 1.39
C HIS A 689 -36.06 -6.04 0.75
N THR A 690 -36.12 -6.07 -0.58
CA THR A 690 -37.10 -6.86 -1.31
C THR A 690 -36.53 -8.16 -1.84
N ARG A 691 -35.33 -8.55 -1.41
CA ARG A 691 -34.67 -9.71 -2.00
C ARG A 691 -35.44 -10.99 -1.71
N LEU A 692 -36.19 -11.04 -0.62
CA LEU A 692 -36.89 -12.25 -0.23
C LEU A 692 -38.21 -12.46 -0.98
N GLY A 693 -38.62 -11.50 -1.80
CA GLY A 693 -39.87 -11.63 -2.53
C GLY A 693 -39.69 -11.69 -4.03
N THR A 694 -38.62 -11.08 -4.54
CA THR A 694 -38.38 -11.00 -5.97
C THR A 694 -37.37 -12.05 -6.41
N SER A 695 -37.21 -12.17 -7.72
CA SER A 695 -36.24 -13.08 -8.34
C SER A 695 -35.52 -12.31 -9.44
N THR A 696 -34.44 -11.62 -9.10
CA THR A 696 -33.69 -10.82 -10.05
C THR A 696 -32.47 -10.25 -9.34
N ASP A 697 -31.61 -9.59 -10.12
CA ASP A 697 -30.50 -8.83 -9.58
C ASP A 697 -30.93 -7.37 -9.43
N LYS A 698 -30.03 -6.51 -8.94
CA LYS A 698 -30.38 -5.11 -8.75
C LYS A 698 -30.67 -4.41 -10.08
N ILE A 699 -29.95 -4.77 -11.14
CA ILE A 699 -30.18 -4.15 -12.44
C ILE A 699 -31.57 -4.51 -12.95
N GLY A 700 -31.95 -5.78 -12.86
CA GLY A 700 -33.28 -6.17 -13.26
C GLY A 700 -34.35 -5.50 -12.43
N LEU A 701 -34.10 -5.31 -11.14
CA LEU A 701 -35.03 -4.58 -10.30
C LEU A 701 -35.20 -3.15 -10.78
N ARG A 702 -34.10 -2.49 -11.13
CA ARG A 702 -34.18 -1.11 -11.62
C ARG A 702 -34.92 -1.05 -12.95
N LEU A 703 -34.65 -1.98 -13.86
CA LEU A 703 -35.15 -1.88 -15.23
C LEU A 703 -36.55 -2.47 -15.41
N ASP A 704 -36.95 -3.42 -14.58
CA ASP A 704 -38.21 -4.14 -14.78
C ASP A 704 -39.20 -3.95 -13.65
N TYR A 705 -38.75 -4.14 -12.39
CA TYR A 705 -39.69 -4.16 -11.28
C TYR A 705 -40.19 -2.76 -10.93
N LEU A 706 -39.31 -1.78 -10.92
CA LEU A 706 -39.67 -0.46 -10.40
C LEU A 706 -40.85 0.17 -11.12
N PRO A 707 -41.00 0.07 -12.45
CA PRO A 707 -42.22 0.62 -13.07
C PRO A 707 -43.51 0.04 -12.50
N THR A 708 -43.58 -1.29 -12.35
CA THR A 708 -44.77 -1.90 -11.77
C THR A 708 -44.93 -1.51 -10.30
N PHE A 709 -43.82 -1.40 -9.57
CA PHE A 709 -43.90 -0.96 -8.19
C PHE A 709 -44.49 0.44 -8.10
N ARG A 710 -44.09 1.33 -9.01
CA ARG A 710 -44.69 2.66 -9.05
C ARG A 710 -46.17 2.57 -9.36
N LYS A 711 -46.54 1.78 -10.36
CA LYS A 711 -47.96 1.65 -10.69
C LYS A 711 -48.76 1.12 -9.52
N ARG A 712 -48.13 0.38 -8.62
CA ARG A 712 -48.80 -0.14 -7.44
C ARG A 712 -48.56 0.68 -6.18
N LEU A 713 -47.78 1.76 -6.27
CA LEU A 713 -47.42 2.53 -5.08
C LEU A 713 -47.71 4.02 -5.22
N LEU A 714 -47.65 4.54 -6.45
CA LEU A 714 -47.87 5.97 -6.70
C LEU A 714 -49.21 6.24 -7.38
N ASP A 715 -49.52 5.51 -8.46
CA ASP A 715 -50.77 5.75 -9.16
C ASP A 715 -51.99 5.64 -8.25
N PRO A 716 -52.09 4.68 -7.33
CA PRO A 716 -53.30 4.61 -6.49
C PRO A 716 -53.59 5.91 -5.74
N PHE A 717 -52.56 6.60 -5.27
CA PHE A 717 -52.77 7.86 -4.55
C PHE A 717 -53.33 8.94 -5.46
N LEU A 718 -53.13 8.85 -6.76
CA LEU A 718 -53.60 9.86 -7.71
C LEU A 718 -54.98 9.57 -8.26
N LYS A 719 -55.59 8.43 -7.91
CA LYS A 719 -56.91 8.07 -8.40
C LYS A 719 -57.95 8.06 -7.30
N GLN A 720 -57.74 7.31 -6.23
CA GLN A 720 -58.68 7.20 -5.13
C GLN A 720 -58.26 8.01 -3.92
N GLY A 721 -57.23 8.84 -4.04
CA GLY A 721 -56.86 9.72 -2.95
C GLY A 721 -56.43 8.94 -1.72
N ALA A 722 -57.10 9.21 -0.60
CA ALA A 722 -56.73 8.62 0.69
C ALA A 722 -57.28 7.22 0.89
N ASP A 723 -58.05 6.69 -0.07
CA ASP A 723 -58.56 5.32 0.05
C ASP A 723 -57.53 4.28 -0.34
N ALA A 724 -56.43 4.67 -0.99
CA ALA A 724 -55.40 3.72 -1.37
C ALA A 724 -54.44 3.40 -0.24
N ILE A 725 -54.43 4.20 0.82
CA ILE A 725 -53.39 4.10 1.85
C ILE A 725 -53.18 2.64 2.24
N SER A 726 -54.22 2.01 2.79
CA SER A 726 -54.09 0.64 3.26
C SER A 726 -53.49 -0.25 2.18
N SER A 727 -54.09 -0.20 0.97
CA SER A 727 -53.59 -1.03 -0.11
C SER A 727 -52.10 -0.81 -0.30
N VAL A 728 -51.68 0.46 -0.42
CA VAL A 728 -50.26 0.75 -0.61
C VAL A 728 -49.46 0.13 0.52
N ILE A 729 -49.90 0.34 1.76
CA ILE A 729 -49.17 -0.23 2.89
C ILE A 729 -49.06 -1.73 2.72
N GLU A 730 -50.15 -2.38 2.34
CA GLU A 730 -50.11 -3.83 2.14
C GLU A 730 -48.99 -4.20 1.18
N VAL A 731 -48.92 -3.51 0.04
CA VAL A 731 -47.87 -3.80 -0.93
C VAL A 731 -46.51 -3.69 -0.27
N MET A 732 -46.30 -2.61 0.48
CA MET A 732 -45.03 -2.44 1.18
C MET A 732 -44.78 -3.61 2.12
N ASP A 733 -45.80 -4.00 2.88
CA ASP A 733 -45.63 -5.11 3.81
C ASP A 733 -45.32 -6.40 3.07
N ASP A 734 -45.77 -6.52 1.82
CA ASP A 734 -45.48 -7.72 1.05
C ASP A 734 -44.03 -7.79 0.60
N TYR A 735 -43.30 -6.67 0.64
CA TYR A 735 -41.93 -6.63 0.14
C TYR A 735 -40.97 -6.02 1.16
N TYR A 736 -41.39 -5.90 2.42
CA TYR A 736 -40.53 -5.42 3.50
C TYR A 736 -40.01 -4.02 3.19
N LEU A 737 -40.83 -3.22 2.52
CA LEU A 737 -40.46 -1.86 2.15
C LEU A 737 -40.79 -0.89 3.28
N THR A 738 -40.19 0.29 3.20
CA THR A 738 -40.38 1.35 4.19
C THR A 738 -40.67 2.67 3.48
N LYS A 739 -40.95 3.71 4.28
CA LYS A 739 -41.21 5.02 3.71
C LYS A 739 -39.99 5.57 2.99
N GLU A 740 -38.80 5.37 3.57
CA GLU A 740 -37.58 5.84 2.92
C GLU A 740 -37.36 5.10 1.61
N ASP A 741 -37.63 3.78 1.59
CA ASP A 741 -37.58 3.04 0.34
C ASP A 741 -38.61 3.57 -0.65
N TRP A 742 -39.79 3.96 -0.15
CA TRP A 742 -40.80 4.55 -1.01
C TRP A 742 -40.25 5.78 -1.72
N ASP A 743 -39.67 6.71 -0.96
CA ASP A 743 -39.13 7.92 -1.56
C ASP A 743 -37.99 7.60 -2.52
N SER A 744 -37.09 6.71 -2.11
CA SER A 744 -35.96 6.36 -2.97
C SER A 744 -36.43 5.77 -4.29
N ILE A 745 -37.39 4.86 -4.24
CA ILE A 745 -37.95 4.29 -5.46
C ILE A 745 -38.56 5.37 -6.32
N MET A 746 -39.30 6.30 -5.70
CA MET A 746 -39.92 7.37 -6.46
C MET A 746 -38.89 8.32 -7.06
N GLU A 747 -37.66 8.30 -6.56
CA GLU A 747 -36.62 9.21 -7.03
C GLU A 747 -35.80 8.65 -8.20
N PHE A 748 -36.07 7.44 -8.66
CA PHE A 748 -35.25 6.82 -9.70
C PHE A 748 -35.73 7.13 -11.12
N PHE A 749 -37.03 7.30 -11.32
CA PHE A 749 -37.58 7.40 -12.66
C PHE A 749 -37.12 8.68 -13.36
N VAL A 750 -36.98 8.58 -14.68
CA VAL A 750 -36.48 9.66 -15.52
C VAL A 750 -37.41 9.81 -16.73
N GLY A 751 -37.07 10.74 -17.62
CA GLY A 751 -37.82 10.97 -18.82
C GLY A 751 -39.24 11.41 -18.54
N PRO A 752 -40.23 10.75 -19.17
CA PRO A 752 -41.63 11.13 -18.94
C PRO A 752 -42.22 10.59 -17.65
N ASP A 753 -41.42 9.94 -16.80
CA ASP A 753 -41.91 9.32 -15.57
C ASP A 753 -41.34 10.00 -14.33
N VAL A 754 -41.00 11.29 -14.42
CA VAL A 754 -40.48 12.00 -13.26
C VAL A 754 -41.62 12.31 -12.30
N THR A 755 -41.45 11.93 -11.04
CA THR A 755 -42.51 12.01 -10.05
C THR A 755 -42.46 13.30 -9.22
N THR A 756 -41.42 14.11 -9.37
CA THR A 756 -41.27 15.27 -8.48
C THR A 756 -42.52 16.13 -8.48
N ALA A 757 -42.97 16.54 -9.67
CA ALA A 757 -44.20 17.32 -9.75
C ALA A 757 -45.40 16.51 -9.28
N ILE A 758 -45.45 15.21 -9.61
CA ILE A 758 -46.57 14.38 -9.23
C ILE A 758 -46.67 14.29 -7.71
N ILE A 759 -45.53 14.02 -7.05
CA ILE A 759 -45.54 13.95 -5.59
C ILE A 759 -45.89 15.30 -4.99
N LYS A 760 -45.34 16.39 -5.55
CA LYS A 760 -45.63 17.72 -5.00
C LYS A 760 -47.12 18.04 -5.10
N LYS A 761 -47.77 17.62 -6.18
CA LYS A 761 -49.17 17.95 -6.39
C LYS A 761 -50.12 17.13 -5.54
N ILE A 762 -49.64 16.08 -4.88
CA ILE A 762 -50.53 15.27 -4.02
C ILE A 762 -51.00 16.13 -2.85
N PRO A 763 -52.26 16.06 -2.45
CA PRO A 763 -52.71 16.88 -1.31
C PRO A 763 -51.92 16.56 -0.06
N ALA A 764 -51.64 17.60 0.73
CA ALA A 764 -50.88 17.40 1.96
C ALA A 764 -51.62 16.49 2.94
N THR A 765 -52.96 16.54 2.93
CA THR A 765 -53.73 15.70 3.84
C THR A 765 -53.50 14.22 3.53
N VAL A 766 -53.44 13.86 2.25
CA VAL A 766 -53.24 12.47 1.89
C VAL A 766 -51.88 11.97 2.38
N LYS A 767 -50.83 12.78 2.17
CA LYS A 767 -49.50 12.39 2.61
C LYS A 767 -49.44 12.29 4.13
N SER A 768 -50.07 13.23 4.83
CA SER A 768 -50.09 13.17 6.29
C SER A 768 -50.80 11.91 6.77
N GLY A 769 -51.94 11.57 6.16
CA GLY A 769 -52.64 10.35 6.53
C GLY A 769 -51.80 9.11 6.26
N PHE A 770 -51.11 9.08 5.12
CA PHE A 770 -50.23 7.96 4.82
C PHE A 770 -49.15 7.83 5.89
N THR A 771 -48.52 8.93 6.27
CA THR A 771 -47.48 8.89 7.29
C THR A 771 -48.03 8.41 8.63
N ARG A 772 -49.20 8.93 9.03
CA ARG A 772 -49.78 8.51 10.30
C ARG A 772 -50.14 7.03 10.28
N LYS A 773 -50.73 6.55 9.19
CA LYS A 773 -51.10 5.15 9.11
C LYS A 773 -49.87 4.26 9.17
N TYR A 774 -48.80 4.64 8.46
CA TYR A 774 -47.57 3.84 8.51
C TYR A 774 -46.98 3.85 9.92
N ASN A 775 -46.95 5.01 10.57
CA ASN A 775 -46.34 5.12 11.88
C ASN A 775 -47.19 4.52 13.00
N SER A 776 -48.46 4.20 12.74
CA SER A 776 -49.36 3.63 13.73
C SER A 776 -49.55 2.14 13.57
N MET A 777 -48.70 1.47 12.79
CA MET A 777 -48.82 0.04 12.56
C MET A 777 -47.43 -0.59 12.57
N THR A 778 -47.38 -1.86 12.94
CA THR A 778 -46.15 -2.62 12.95
C THR A 778 -45.88 -3.20 11.57
N HIS A 779 -44.61 -3.26 11.21
CA HIS A 779 -44.19 -3.76 9.90
C HIS A 779 -43.08 -4.79 10.08
N PRO A 780 -42.98 -5.74 9.15
CA PRO A 780 -41.91 -6.74 9.25
C PRO A 780 -40.55 -6.17 8.90
N VAL A 781 -39.51 -6.86 9.37
CA VAL A 781 -38.13 -6.47 9.11
C VAL A 781 -37.46 -7.59 8.33
N ALA A 782 -36.93 -7.25 7.16
CA ALA A 782 -36.24 -8.24 6.33
C ALA A 782 -34.82 -8.50 6.85
N ILE A 783 -34.08 -7.43 7.12
CA ILE A 783 -32.71 -7.52 7.60
C ILE A 783 -32.64 -6.86 8.96
N TYR A 784 -32.09 -7.56 9.93
CA TYR A 784 -31.96 -7.05 11.30
C TYR A 784 -30.56 -6.47 11.48
N ARG A 785 -30.50 -5.23 11.97
CA ARG A 785 -29.23 -4.54 12.19
C ARG A 785 -28.48 -4.35 10.88
N THR A 786 -29.16 -3.70 9.93
CA THR A 786 -28.60 -3.43 8.62
C THR A 786 -27.26 -2.70 8.74
N THR B 4 46.13 -4.58 -2.12
CA THR B 4 44.92 -5.23 -2.60
C THR B 4 43.71 -4.85 -1.75
N LEU B 5 43.95 -4.73 -0.44
CA LEU B 5 42.91 -4.34 0.51
C LEU B 5 42.96 -2.86 0.85
N SER B 6 43.75 -2.08 0.14
CA SER B 6 43.87 -0.63 0.36
C SER B 6 43.33 0.07 -0.87
N LEU B 7 42.19 0.74 -0.71
CA LEU B 7 41.58 1.46 -1.82
C LEU B 7 42.31 2.76 -2.09
N GLN B 8 42.24 3.21 -3.34
CA GLN B 8 42.78 4.50 -3.77
C GLN B 8 41.63 5.46 -4.05
N LEU B 9 41.80 6.71 -3.67
CA LEU B 9 40.73 7.69 -3.82
C LEU B 9 40.42 7.88 -5.30
N PRO B 10 39.16 7.80 -5.72
CA PRO B 10 38.82 8.11 -7.12
C PRO B 10 39.13 9.56 -7.45
N TRP B 11 39.42 9.80 -8.73
CA TRP B 11 39.80 11.15 -9.15
C TRP B 11 38.65 12.14 -8.93
N VAL B 12 37.41 11.68 -8.96
CA VAL B 12 36.28 12.59 -8.73
C VAL B 12 36.37 13.20 -7.34
N GLU B 13 36.72 12.39 -6.34
CA GLU B 13 36.90 12.90 -4.98
C GLU B 13 38.30 13.48 -4.77
N LYS B 14 39.33 12.85 -5.35
CA LYS B 14 40.68 13.34 -5.18
C LYS B 14 40.85 14.73 -5.75
N TYR B 15 40.25 14.99 -6.91
CA TYR B 15 40.35 16.29 -7.58
C TYR B 15 39.05 17.08 -7.50
N ARG B 16 38.30 16.90 -6.42
CA ARG B 16 37.13 17.74 -6.18
C ARG B 16 37.61 19.17 -5.90
N PRO B 17 37.14 20.18 -6.64
CA PRO B 17 37.59 21.55 -6.37
C PRO B 17 37.39 21.95 -4.91
N GLN B 18 38.45 22.47 -4.28
CA GLN B 18 38.38 22.94 -2.90
C GLN B 18 38.27 24.46 -2.81
N VAL B 19 38.44 25.18 -3.92
CA VAL B 19 38.31 26.62 -3.95
C VAL B 19 37.38 27.00 -5.11
N LEU B 20 36.70 28.14 -4.97
CA LEU B 20 35.74 28.56 -5.97
C LEU B 20 36.40 28.85 -7.32
N SER B 21 37.72 29.03 -7.34
CA SER B 21 38.43 29.32 -8.59
C SER B 21 38.74 28.07 -9.39
N ASP B 22 38.51 26.88 -8.85
CA ASP B 22 38.78 25.62 -9.53
C ASP B 22 37.54 25.01 -10.15
N ILE B 23 36.41 25.73 -10.16
CA ILE B 23 35.15 25.22 -10.70
C ILE B 23 34.98 25.80 -12.10
N VAL B 24 34.71 24.93 -13.08
CA VAL B 24 34.55 25.32 -14.47
C VAL B 24 33.06 25.40 -14.79
N GLY B 25 32.71 26.32 -15.67
CA GLY B 25 31.34 26.49 -16.11
C GLY B 25 30.59 27.52 -15.28
N ASN B 26 29.49 28.00 -15.85
CA ASN B 26 28.66 29.01 -15.21
C ASN B 26 29.52 30.15 -14.67
N LYS B 27 30.22 30.82 -15.59
CA LYS B 27 31.21 31.81 -15.20
C LYS B 27 30.58 32.95 -14.40
N GLU B 28 29.43 33.46 -14.85
CA GLU B 28 28.81 34.58 -14.17
C GLU B 28 28.42 34.22 -12.74
N THR B 29 27.76 33.08 -12.56
CA THR B 29 27.34 32.67 -11.22
C THR B 29 28.54 32.37 -10.33
N ILE B 30 29.58 31.74 -10.88
CA ILE B 30 30.76 31.44 -10.09
C ILE B 30 31.44 32.72 -9.63
N ASP B 31 31.55 33.70 -10.54
CA ASP B 31 32.14 34.99 -10.17
C ASP B 31 31.29 35.70 -9.13
N ARG B 32 29.96 35.59 -9.24
CA ARG B 32 29.08 36.18 -8.24
C ARG B 32 29.32 35.54 -6.87
N LEU B 33 29.48 34.21 -6.85
CA LEU B 33 29.77 33.54 -5.58
C LEU B 33 31.12 33.97 -5.02
N GLN B 34 32.12 34.14 -5.89
CA GLN B 34 33.43 34.62 -5.43
C GLN B 34 33.32 36.03 -4.84
N GLN B 35 32.55 36.90 -5.49
CA GLN B 35 32.34 38.24 -4.94
C GLN B 35 31.63 38.19 -3.60
N ILE B 36 30.62 37.32 -3.46
CA ILE B 36 29.93 37.17 -2.19
C ILE B 36 30.90 36.71 -1.12
N ALA B 37 31.75 35.73 -1.45
CA ALA B 37 32.74 35.24 -0.49
C ALA B 37 33.69 36.35 -0.07
N LYS B 38 34.16 37.14 -1.03
CA LYS B 38 35.08 38.22 -0.71
C LYS B 38 34.43 39.26 0.18
N ASP B 39 33.19 39.64 -0.12
CA ASP B 39 32.48 40.69 0.61
C ASP B 39 31.49 40.14 1.63
N GLY B 40 31.34 38.82 1.74
CA GLY B 40 30.42 38.28 2.72
C GLY B 40 28.98 38.61 2.40
N ASN B 41 28.16 38.65 3.45
CA ASN B 41 26.73 38.94 3.33
C ASN B 41 26.05 37.98 2.36
N MET B 42 26.30 36.69 2.54
CA MET B 42 25.70 35.68 1.69
C MET B 42 24.18 35.70 1.86
N PRO B 43 23.40 35.72 0.78
CA PRO B 43 21.95 35.65 0.90
C PRO B 43 21.45 34.21 0.87
N HIS B 44 20.16 34.05 1.20
CA HIS B 44 19.51 32.77 0.99
C HIS B 44 19.53 32.46 -0.51
N MET B 45 19.93 31.24 -0.86
CA MET B 45 20.13 30.90 -2.26
C MET B 45 19.64 29.50 -2.55
N ILE B 46 19.21 29.29 -3.80
CA ILE B 46 18.82 27.98 -4.31
C ILE B 46 19.59 27.75 -5.60
N ILE B 47 20.44 26.73 -5.62
CA ILE B 47 21.23 26.35 -6.78
C ILE B 47 20.59 25.12 -7.41
N SER B 48 20.27 25.23 -8.70
CA SER B 48 19.55 24.18 -9.41
C SER B 48 20.29 23.83 -10.70
N GLY B 49 20.07 22.60 -11.15
CA GLY B 49 20.72 22.12 -12.37
C GLY B 49 20.50 20.63 -12.52
N MET B 50 21.27 20.03 -13.41
CA MET B 50 21.22 18.60 -13.67
C MET B 50 22.48 17.92 -13.17
N PRO B 51 22.47 16.58 -13.08
CA PRO B 51 23.51 15.89 -12.30
C PRO B 51 24.93 16.22 -12.76
N GLY B 52 25.83 16.29 -11.77
CA GLY B 52 27.26 16.36 -12.01
C GLY B 52 27.76 17.59 -12.72
N ILE B 53 27.33 18.77 -12.29
CA ILE B 53 27.79 20.03 -12.87
C ILE B 53 28.51 20.92 -11.87
N GLY B 54 28.46 20.63 -10.57
CA GLY B 54 29.25 21.36 -9.60
C GLY B 54 28.43 22.17 -8.61
N LYS B 55 27.24 21.69 -8.27
CA LYS B 55 26.39 22.42 -7.32
C LYS B 55 26.85 22.19 -5.88
N THR B 56 26.95 20.93 -5.47
CA THR B 56 27.43 20.63 -4.11
C THR B 56 28.84 21.15 -3.91
N THR B 57 29.71 20.98 -4.90
CA THR B 57 31.07 21.49 -4.81
C THR B 57 31.08 23.00 -4.60
N SER B 58 30.26 23.71 -5.37
CA SER B 58 30.22 25.17 -5.26
C SER B 58 29.74 25.59 -3.88
N VAL B 59 28.67 24.95 -3.38
CA VAL B 59 28.14 25.33 -2.07
C VAL B 59 29.17 25.07 -0.98
N HIS B 60 29.82 23.90 -1.03
CA HIS B 60 30.81 23.58 0.00
C HIS B 60 31.99 24.52 -0.06
N CYS B 61 32.47 24.84 -1.27
CA CYS B 61 33.59 25.77 -1.39
C CYS B 61 33.24 27.14 -0.85
N LEU B 62 32.04 27.63 -1.19
CA LEU B 62 31.61 28.93 -0.68
C LEU B 62 31.56 28.93 0.83
N ALA B 63 30.98 27.89 1.42
CA ALA B 63 30.86 27.83 2.89
C ALA B 63 32.24 27.79 3.53
N HIS B 64 33.14 26.95 2.99
CA HIS B 64 34.48 26.85 3.57
C HIS B 64 35.21 28.18 3.50
N GLU B 65 35.19 28.82 2.32
CA GLU B 65 35.91 30.08 2.17
C GLU B 65 35.32 31.14 3.09
N LEU B 66 34.00 31.19 3.21
CA LEU B 66 33.37 32.21 4.05
C LEU B 66 33.71 32.00 5.51
N LEU B 67 33.62 30.78 6.01
CA LEU B 67 33.68 30.53 7.44
C LEU B 67 35.06 30.14 7.95
N GLY B 68 36.05 29.94 7.07
CA GLY B 68 37.40 29.71 7.55
C GLY B 68 37.46 28.53 8.51
N ARG B 69 38.04 28.76 9.69
CA ARG B 69 38.16 27.72 10.70
C ARG B 69 36.86 27.51 11.48
N SER B 70 35.89 28.41 11.36
CA SER B 70 34.60 28.25 12.03
C SER B 70 33.64 27.36 11.26
N TYR B 71 34.14 26.60 10.28
CA TYR B 71 33.28 25.73 9.49
C TYR B 71 32.59 24.69 10.36
N ALA B 72 33.32 24.12 11.33
CA ALA B 72 32.77 23.03 12.12
C ALA B 72 31.52 23.45 12.88
N ASP B 73 31.54 24.65 13.47
CA ASP B 73 30.41 25.11 14.29
C ASP B 73 29.38 25.91 13.51
N GLY B 74 29.80 26.61 12.46
CA GLY B 74 28.91 27.49 11.72
C GLY B 74 28.11 26.86 10.60
N VAL B 75 28.37 25.60 10.26
CA VAL B 75 27.72 24.94 9.13
C VAL B 75 26.89 23.78 9.65
N LEU B 76 25.63 23.72 9.21
CA LEU B 76 24.74 22.59 9.50
C LEU B 76 24.34 21.97 8.16
N GLU B 77 24.86 20.78 7.89
CA GLU B 77 24.64 20.10 6.61
C GLU B 77 23.64 18.97 6.79
N LEU B 78 22.60 18.98 5.95
CA LEU B 78 21.62 17.91 5.92
C LEU B 78 21.31 17.56 4.47
N ASN B 79 21.12 16.27 4.21
CA ASN B 79 20.87 15.79 2.85
C ASN B 79 19.83 14.68 2.92
N ALA B 80 19.56 14.05 1.77
CA ALA B 80 18.54 13.01 1.72
C ALA B 80 18.90 11.82 2.58
N SER B 81 20.20 11.55 2.77
CA SER B 81 20.62 10.44 3.61
C SER B 81 20.33 10.68 5.08
N ASP B 82 19.99 11.90 5.47
CA ASP B 82 19.66 12.23 6.85
C ASP B 82 18.16 12.47 6.98
N ASP B 83 17.63 12.22 8.17
CA ASP B 83 16.22 12.48 8.42
C ASP B 83 15.97 13.98 8.43
N ARG B 84 14.98 14.41 7.64
CA ARG B 84 14.69 15.83 7.45
C ARG B 84 13.20 16.08 7.52
N GLY B 85 12.53 15.44 8.48
CA GLY B 85 11.10 15.58 8.65
C GLY B 85 10.73 16.90 9.30
N ILE B 86 9.42 17.07 9.47
CA ILE B 86 8.91 18.32 10.05
C ILE B 86 9.44 18.52 11.46
N ASP B 87 9.51 17.45 12.24
CA ASP B 87 10.03 17.56 13.60
C ASP B 87 11.50 18.00 13.59
N VAL B 88 12.29 17.46 12.67
CA VAL B 88 13.70 17.86 12.58
C VAL B 88 13.81 19.34 12.27
N VAL B 89 13.04 19.81 11.28
CA VAL B 89 13.08 21.22 10.91
C VAL B 89 12.68 22.09 12.09
N ARG B 90 11.62 21.68 12.80
CA ARG B 90 11.12 22.52 13.90
C ARG B 90 12.08 22.55 15.08
N ASN B 91 12.76 21.44 15.37
CA ASN B 91 13.63 21.37 16.55
C ASN B 91 15.10 21.67 16.24
N GLN B 92 15.74 20.83 15.42
CA GLN B 92 17.19 20.92 15.27
C GLN B 92 17.58 22.15 14.46
N ILE B 93 16.91 22.37 13.33
CA ILE B 93 17.24 23.53 12.50
C ILE B 93 16.92 24.82 13.24
N LYS B 94 15.79 24.86 13.95
CA LYS B 94 15.45 26.05 14.73
C LYS B 94 16.48 26.31 15.81
N HIS B 95 16.93 25.26 16.51
CA HIS B 95 17.95 25.43 17.53
C HIS B 95 19.25 25.95 16.92
N PHE B 96 19.64 25.41 15.77
CA PHE B 96 20.87 25.87 15.12
C PHE B 96 20.75 27.34 14.72
N ALA B 97 19.60 27.74 14.17
CA ALA B 97 19.40 29.13 13.80
C ALA B 97 19.43 30.04 15.02
N GLN B 98 18.80 29.61 16.12
CA GLN B 98 18.77 30.39 17.35
C GLN B 98 20.10 30.37 18.09
N LYS B 99 21.02 29.48 17.71
CA LYS B 99 22.30 29.39 18.39
C LYS B 99 23.05 30.72 18.32
N LYS B 100 23.93 30.93 19.29
CA LYS B 100 24.75 32.13 19.37
C LYS B 100 26.18 31.74 19.06
N LEU B 101 26.75 32.33 18.02
CA LEU B 101 28.10 32.02 17.59
C LEU B 101 28.81 33.32 17.21
N HIS B 102 30.09 33.42 17.57
CA HIS B 102 30.88 34.61 17.30
C HIS B 102 31.67 34.42 16.02
N LEU B 103 31.41 35.28 15.04
CA LEU B 103 32.05 35.23 13.73
C LEU B 103 32.50 36.63 13.34
N PRO B 104 33.41 36.75 12.38
CA PRO B 104 33.82 38.07 11.90
C PRO B 104 32.61 38.91 11.51
N PRO B 105 32.80 40.21 11.30
CA PRO B 105 31.63 41.08 11.04
C PRO B 105 30.81 40.68 9.83
N GLY B 106 31.44 40.12 8.80
CA GLY B 106 30.74 39.88 7.54
C GLY B 106 30.28 38.46 7.30
N LYS B 107 30.22 37.64 8.35
CA LYS B 107 29.93 36.21 8.22
C LYS B 107 28.67 35.85 8.97
N HIS B 108 28.07 34.73 8.56
CA HIS B 108 26.86 34.19 9.18
C HIS B 108 26.96 32.68 9.21
N LYS B 109 26.15 32.07 10.08
CA LYS B 109 25.98 30.63 10.06
C LYS B 109 25.27 30.20 8.79
N ILE B 110 25.59 28.99 8.31
CA ILE B 110 25.09 28.49 7.04
C ILE B 110 24.42 27.14 7.27
N VAL B 111 23.22 26.99 6.71
CA VAL B 111 22.50 25.72 6.69
C VAL B 111 22.46 25.24 5.25
N ILE B 112 23.04 24.07 4.99
CA ILE B 112 23.15 23.51 3.65
C ILE B 112 22.21 22.33 3.58
N LEU B 113 21.08 22.51 2.89
CA LEU B 113 20.09 21.45 2.66
C LEU B 113 20.31 20.92 1.25
N ASP B 114 21.21 19.94 1.14
CA ASP B 114 21.50 19.32 -0.15
C ASP B 114 20.34 18.41 -0.55
N GLU B 115 20.07 18.37 -1.86
CA GLU B 115 18.95 17.58 -2.40
C GLU B 115 17.64 17.99 -1.73
N ALA B 116 17.41 19.30 -1.65
CA ALA B 116 16.24 19.82 -0.95
C ALA B 116 14.94 19.46 -1.65
N ASP B 117 14.99 19.04 -2.92
CA ASP B 117 13.78 18.67 -3.63
C ASP B 117 13.09 17.47 -2.98
N SER B 118 13.82 16.65 -2.25
CA SER B 118 13.23 15.48 -1.59
C SER B 118 12.45 15.84 -0.34
N MET B 119 12.62 17.04 0.20
CA MET B 119 11.91 17.43 1.41
C MET B 119 10.41 17.56 1.13
N THR B 120 9.62 17.23 2.15
CA THR B 120 8.17 17.31 2.02
C THR B 120 7.69 18.76 2.15
N ALA B 121 6.43 18.97 1.77
CA ALA B 121 5.88 20.32 1.77
C ALA B 121 5.80 20.90 3.18
N GLY B 122 5.49 20.06 4.17
CA GLY B 122 5.36 20.56 5.53
C GLY B 122 6.66 21.12 6.08
N ALA B 123 7.77 20.42 5.84
CA ALA B 123 9.06 20.92 6.30
C ALA B 123 9.43 22.23 5.62
N GLN B 124 9.16 22.33 4.32
CA GLN B 124 9.41 23.58 3.60
C GLN B 124 8.58 24.71 4.19
N GLN B 125 7.31 24.44 4.49
CA GLN B 125 6.47 25.45 5.14
C GLN B 125 7.05 25.87 6.47
N ALA B 126 7.50 24.91 7.28
CA ALA B 126 8.05 25.22 8.59
C ALA B 126 9.34 26.03 8.49
N LEU B 127 10.08 25.88 7.39
CA LEU B 127 11.35 26.60 7.25
C LEU B 127 11.17 28.10 7.02
N ARG B 128 9.97 28.55 6.64
CA ARG B 128 9.81 29.92 6.16
C ARG B 128 10.13 30.95 7.24
N ARG B 129 9.38 30.94 8.33
CA ARG B 129 9.58 31.94 9.37
C ARG B 129 10.91 31.76 10.07
N THR B 130 11.44 30.54 10.12
CA THR B 130 12.77 30.34 10.65
C THR B 130 13.80 31.07 9.80
N MET B 131 13.67 30.99 8.47
CA MET B 131 14.55 31.75 7.60
C MET B 131 14.38 33.25 7.80
N GLU B 132 13.13 33.70 7.94
CA GLU B 132 12.87 35.14 7.98
C GLU B 132 13.36 35.76 9.29
N LEU B 133 13.09 35.11 10.43
CA LEU B 133 13.34 35.75 11.71
C LEU B 133 14.81 35.78 12.08
N TYR B 134 15.58 34.79 11.64
CA TYR B 134 16.97 34.64 12.07
C TYR B 134 17.97 34.93 10.95
N SER B 135 17.56 35.70 9.94
CA SER B 135 18.47 36.02 8.84
C SER B 135 19.67 36.84 9.31
N ASN B 136 19.56 37.54 10.44
CA ASN B 136 20.66 38.35 10.93
C ASN B 136 21.85 37.52 11.40
N SER B 137 21.68 36.21 11.58
CA SER B 137 22.76 35.33 11.99
C SER B 137 22.85 34.03 11.21
N THR B 138 21.83 33.65 10.44
CA THR B 138 21.81 32.38 9.73
C THR B 138 21.37 32.61 8.29
N ARG B 139 21.97 31.85 7.38
CA ARG B 139 21.65 31.91 5.96
C ARG B 139 21.47 30.49 5.43
N PHE B 140 20.63 30.35 4.42
CA PHE B 140 20.21 29.05 3.92
C PHE B 140 20.62 28.88 2.47
N ALA B 141 21.19 27.71 2.16
CA ALA B 141 21.62 27.37 0.81
C ALA B 141 21.02 26.02 0.44
N PHE B 142 20.11 26.02 -0.52
CA PHE B 142 19.51 24.80 -1.04
C PHE B 142 20.18 24.41 -2.34
N ALA B 143 20.38 23.11 -2.53
CA ALA B 143 20.88 22.56 -3.79
C ALA B 143 19.92 21.49 -4.25
N CYS B 144 19.44 21.61 -5.48
CA CYS B 144 18.39 20.72 -5.97
C CYS B 144 18.59 20.43 -7.45
N ASN B 145 17.96 19.35 -7.90
CA ASN B 145 17.95 18.99 -9.32
C ASN B 145 16.71 19.50 -10.04
N GLN B 146 15.61 19.67 -9.32
CA GLN B 146 14.34 20.13 -9.91
C GLN B 146 13.80 21.25 -9.05
N SER B 147 13.84 22.48 -9.56
CA SER B 147 13.45 23.64 -8.76
C SER B 147 11.96 23.63 -8.43
N ASN B 148 11.13 23.06 -9.31
CA ASN B 148 9.69 23.09 -9.09
C ASN B 148 9.29 22.33 -7.83
N LYS B 149 10.13 21.44 -7.32
CA LYS B 149 9.81 20.73 -6.09
C LYS B 149 9.82 21.65 -4.88
N ILE B 150 10.61 22.72 -4.93
CA ILE B 150 10.66 23.68 -3.84
C ILE B 150 9.45 24.60 -3.92
N ILE B 151 8.75 24.78 -2.80
CA ILE B 151 7.52 25.56 -2.80
C ILE B 151 7.82 27.02 -3.10
N GLU B 152 6.82 27.71 -3.65
CA GLU B 152 7.00 29.11 -4.04
C GLU B 152 7.41 30.01 -2.88
N PRO B 153 6.84 29.88 -1.68
CA PRO B 153 7.29 30.77 -0.59
C PRO B 153 8.78 30.68 -0.31
N LEU B 154 9.37 29.48 -0.38
CA LEU B 154 10.81 29.35 -0.17
C LEU B 154 11.59 29.98 -1.31
N GLN B 155 11.11 29.81 -2.54
CA GLN B 155 11.80 30.42 -3.68
C GLN B 155 11.77 31.94 -3.60
N SER B 156 10.68 32.50 -3.09
CA SER B 156 10.59 33.95 -2.95
C SER B 156 11.65 34.48 -1.98
N ARG B 157 12.02 33.69 -0.99
CA ARG B 157 12.97 34.13 0.03
C ARG B 157 14.42 33.94 -0.38
N CYS B 158 14.68 33.27 -1.51
CA CYS B 158 16.03 32.90 -1.91
C CYS B 158 16.40 33.58 -3.22
N ALA B 159 17.69 33.52 -3.54
CA ALA B 159 18.21 33.96 -4.82
C ALA B 159 18.36 32.75 -5.72
N ILE B 160 17.85 32.85 -6.94
CA ILE B 160 17.81 31.73 -7.87
C ILE B 160 19.12 31.69 -8.65
N LEU B 161 19.79 30.53 -8.63
CA LEU B 161 20.99 30.29 -9.42
C LEU B 161 20.79 28.99 -10.19
N ARG B 162 20.41 29.10 -11.46
CA ARG B 162 20.12 27.94 -12.30
C ARG B 162 21.37 27.64 -13.12
N TYR B 163 22.11 26.63 -12.69
CA TYR B 163 23.34 26.24 -13.38
C TYR B 163 23.00 25.64 -14.74
N SER B 164 23.81 25.99 -15.74
CA SER B 164 23.70 25.43 -17.08
C SER B 164 24.74 24.34 -17.27
N LYS B 165 24.52 23.50 -18.27
CA LYS B 165 25.44 22.40 -18.55
C LYS B 165 26.80 22.92 -18.99
N LEU B 166 27.83 22.18 -18.59
CA LEU B 166 29.20 22.53 -18.94
C LEU B 166 29.42 22.35 -20.44
N SER B 167 30.04 23.34 -21.08
CA SER B 167 30.34 23.24 -22.49
C SER B 167 31.46 22.23 -22.72
N ASP B 168 31.62 21.83 -23.98
CA ASP B 168 32.70 20.91 -24.31
C ASP B 168 34.05 21.50 -23.94
N GLU B 169 34.20 22.83 -24.08
CA GLU B 169 35.47 23.47 -23.77
C GLU B 169 35.82 23.35 -22.29
N ASP B 170 34.84 23.56 -21.41
CA ASP B 170 35.10 23.47 -19.98
C ASP B 170 35.47 22.05 -19.59
N VAL B 171 34.76 21.05 -20.12
CA VAL B 171 35.07 19.66 -19.84
C VAL B 171 36.48 19.34 -20.30
N LEU B 172 36.85 19.78 -21.51
CA LEU B 172 38.19 19.55 -22.01
C LEU B 172 39.23 20.21 -21.12
N LYS B 173 38.97 21.44 -20.67
CA LYS B 173 39.91 22.15 -19.81
C LYS B 173 40.15 21.37 -18.52
N ARG B 174 39.08 20.97 -17.84
CA ARG B 174 39.24 20.25 -16.59
C ARG B 174 39.92 18.90 -16.81
N LEU B 175 39.54 18.19 -17.89
CA LEU B 175 40.16 16.90 -18.16
C LEU B 175 41.65 17.06 -18.42
N LEU B 176 42.03 18.10 -19.15
CA LEU B 176 43.46 18.33 -19.42
C LEU B 176 44.20 18.67 -18.13
N GLN B 177 43.59 19.46 -17.26
CA GLN B 177 44.23 19.75 -15.97
C GLN B 177 44.46 18.47 -15.17
N ILE B 178 43.43 17.61 -15.12
CA ILE B 178 43.56 16.35 -14.39
C ILE B 178 44.63 15.49 -15.02
N ILE B 179 44.66 15.43 -16.36
CA ILE B 179 45.66 14.62 -17.05
C ILE B 179 47.07 15.10 -16.70
N LYS B 180 47.27 16.42 -16.72
CA LYS B 180 48.58 16.97 -16.39
C LYS B 180 48.96 16.62 -14.96
N LEU B 181 48.00 16.76 -14.02
CA LEU B 181 48.30 16.43 -12.63
C LEU B 181 48.51 14.94 -12.41
N GLU B 182 48.04 14.10 -13.33
CA GLU B 182 48.20 12.66 -13.23
C GLU B 182 49.20 12.07 -14.21
N ASP B 183 49.68 12.86 -15.17
CA ASP B 183 50.63 12.37 -16.18
C ASP B 183 50.03 11.19 -16.94
N VAL B 184 48.94 11.47 -17.66
CA VAL B 184 48.19 10.46 -18.39
C VAL B 184 48.48 10.59 -19.87
N LYS B 185 48.89 9.49 -20.50
CA LYS B 185 49.09 9.46 -21.93
C LYS B 185 47.73 9.42 -22.63
N TYR B 186 47.56 10.27 -23.64
CA TYR B 186 46.26 10.44 -24.27
C TYR B 186 46.44 10.93 -25.69
N THR B 187 45.38 10.81 -26.48
CA THR B 187 45.31 11.36 -27.82
C THR B 187 44.06 12.22 -27.93
N ASN B 188 44.07 13.14 -28.90
CA ASN B 188 42.95 14.07 -29.04
C ASN B 188 41.64 13.33 -29.27
N ASP B 189 41.67 12.26 -30.07
CA ASP B 189 40.46 11.50 -30.33
C ASP B 189 39.92 10.85 -29.07
N GLY B 190 40.82 10.41 -28.18
CA GLY B 190 40.36 9.84 -26.92
C GLY B 190 39.60 10.84 -26.07
N LEU B 191 40.15 12.05 -25.96
CA LEU B 191 39.45 13.11 -25.22
C LEU B 191 38.12 13.45 -25.89
N GLU B 192 38.11 13.49 -27.23
CA GLU B 192 36.86 13.76 -27.94
C GLU B 192 35.82 12.72 -27.59
N ALA B 193 36.21 11.44 -27.60
CA ALA B 193 35.26 10.38 -27.26
C ALA B 193 34.78 10.49 -25.82
N ILE B 194 35.71 10.80 -24.89
CA ILE B 194 35.32 10.93 -23.49
C ILE B 194 34.30 12.03 -23.32
N ILE B 195 34.55 13.19 -23.92
CA ILE B 195 33.62 14.31 -23.79
C ILE B 195 32.29 13.99 -24.48
N PHE B 196 32.35 13.31 -25.63
CA PHE B 196 31.13 12.97 -26.35
C PHE B 196 30.25 12.03 -25.53
N THR B 197 30.85 11.04 -24.87
CA THR B 197 30.08 10.13 -24.04
C THR B 197 29.66 10.77 -22.72
N ALA B 198 30.39 11.79 -22.25
CA ALA B 198 30.05 12.40 -20.97
C ALA B 198 28.69 13.09 -21.01
N GLU B 199 28.36 13.71 -22.15
CA GLU B 199 27.11 14.45 -22.30
C GLU B 199 27.00 15.58 -21.27
N GLY B 200 28.12 16.27 -21.04
CA GLY B 200 28.14 17.40 -20.15
C GLY B 200 28.22 17.07 -18.68
N ASP B 201 28.38 15.80 -18.32
CA ASP B 201 28.46 15.39 -16.92
C ASP B 201 29.94 15.25 -16.55
N MET B 202 30.41 16.14 -15.67
CA MET B 202 31.81 16.12 -15.28
C MET B 202 32.16 14.82 -14.55
N ARG B 203 31.27 14.36 -13.67
CA ARG B 203 31.53 13.15 -12.90
C ARG B 203 31.72 11.94 -13.81
N GLN B 204 30.82 11.77 -14.79
CA GLN B 204 30.96 10.65 -15.71
C GLN B 204 32.22 10.79 -16.55
N ALA B 205 32.55 12.00 -16.98
CA ALA B 205 33.77 12.21 -17.76
C ALA B 205 35.00 11.75 -16.99
N ILE B 206 35.12 12.21 -15.73
CA ILE B 206 36.29 11.83 -14.94
C ILE B 206 36.28 10.34 -14.65
N ASN B 207 35.11 9.77 -14.38
CA ASN B 207 35.05 8.34 -14.10
C ASN B 207 35.51 7.53 -15.31
N ASN B 208 35.05 7.90 -16.50
CA ASN B 208 35.47 7.17 -17.70
C ASN B 208 36.94 7.39 -17.99
N LEU B 209 37.45 8.60 -17.75
CA LEU B 209 38.87 8.85 -17.96
C LEU B 209 39.72 7.99 -17.03
N GLN B 210 39.28 7.81 -15.79
CA GLN B 210 40.02 6.95 -14.88
C GLN B 210 39.89 5.48 -15.27
N SER B 211 38.68 5.05 -15.62
CA SER B 211 38.47 3.67 -16.07
C SER B 211 39.43 3.33 -17.21
N THR B 212 39.46 4.18 -18.24
CA THR B 212 40.58 4.17 -19.16
C THR B 212 41.83 4.60 -18.40
N VAL B 213 42.99 4.11 -18.85
CA VAL B 213 44.24 4.28 -18.13
C VAL B 213 44.29 3.25 -17.01
N ALA B 214 43.24 3.20 -16.17
CA ALA B 214 43.18 2.14 -15.18
C ALA B 214 43.02 0.76 -15.81
N GLY B 215 42.59 0.70 -17.06
CA GLY B 215 42.37 -0.57 -17.73
C GLY B 215 43.15 -0.76 -19.01
N HIS B 216 43.52 0.34 -19.68
CA HIS B 216 44.16 0.26 -20.98
C HIS B 216 45.32 1.21 -21.17
N GLY B 217 45.65 2.05 -20.20
CA GLY B 217 46.81 2.92 -20.29
C GLY B 217 46.62 4.12 -21.18
N LEU B 218 46.49 3.90 -22.49
CA LEU B 218 46.42 4.98 -23.46
C LEU B 218 44.97 5.34 -23.73
N VAL B 219 44.65 6.63 -23.62
CA VAL B 219 43.28 7.12 -23.82
C VAL B 219 43.16 7.52 -25.28
N ASN B 220 42.77 6.58 -26.12
CA ASN B 220 42.40 6.82 -27.51
C ASN B 220 40.93 6.51 -27.69
N ALA B 221 40.40 6.88 -28.86
CA ALA B 221 38.99 6.65 -29.12
C ALA B 221 38.65 5.17 -29.03
N ASP B 222 39.48 4.31 -29.62
CA ASP B 222 39.24 2.88 -29.55
C ASP B 222 39.14 2.42 -28.11
N ASN B 223 40.23 2.57 -27.33
CA ASN B 223 40.23 2.08 -25.95
C ASN B 223 39.05 2.63 -25.16
N VAL B 224 38.70 3.90 -25.39
CA VAL B 224 37.55 4.47 -24.69
C VAL B 224 36.28 3.71 -25.07
N PHE B 225 36.12 3.38 -26.35
CA PHE B 225 34.89 2.73 -26.80
C PHE B 225 34.85 1.24 -26.53
N LYS B 226 35.96 0.63 -26.11
CA LYS B 226 35.91 -0.77 -25.69
C LYS B 226 35.31 -0.96 -24.31
N ILE B 227 35.13 0.12 -23.54
CA ILE B 227 34.51 0.07 -22.23
C ILE B 227 33.28 0.98 -22.17
N VAL B 228 33.41 2.21 -22.64
CA VAL B 228 32.31 3.16 -22.67
C VAL B 228 31.49 2.91 -23.93
N ASP B 229 30.19 2.68 -23.77
CA ASP B 229 29.29 2.50 -24.90
C ASP B 229 28.70 3.84 -25.30
N SER B 230 28.56 4.04 -26.61
CA SER B 230 27.93 5.25 -27.09
C SER B 230 26.50 5.34 -26.54
N PRO B 231 26.04 6.52 -26.13
CA PRO B 231 24.71 6.61 -25.51
C PRO B 231 23.64 6.02 -26.42
N HIS B 232 22.83 5.14 -25.84
CA HIS B 232 21.78 4.45 -26.60
C HIS B 232 20.68 5.40 -27.06
N PRO B 233 20.45 6.54 -26.39
CA PRO B 233 19.48 7.50 -26.96
C PRO B 233 19.83 7.93 -28.38
N LEU B 234 21.12 8.14 -28.66
CA LEU B 234 21.51 8.52 -30.02
C LEU B 234 21.26 7.40 -31.02
N ILE B 235 21.51 6.16 -30.61
CA ILE B 235 21.25 5.03 -31.49
C ILE B 235 19.76 4.90 -31.75
N VAL B 236 18.93 5.10 -30.73
CA VAL B 236 17.49 5.05 -30.90
C VAL B 236 17.03 6.17 -31.83
N LYS B 237 17.61 7.35 -31.68
CA LYS B 237 17.28 8.45 -32.58
C LYS B 237 17.63 8.11 -34.02
N LYS B 238 18.80 7.52 -34.24
CA LYS B 238 19.18 7.10 -35.59
C LYS B 238 18.20 6.06 -36.12
N MET B 239 17.77 5.13 -35.27
CA MET B 239 16.81 4.11 -35.69
C MET B 239 15.49 4.75 -36.09
N LEU B 240 15.02 5.74 -35.33
CA LEU B 240 13.73 6.35 -35.61
C LEU B 240 13.77 7.20 -36.88
N LEU B 241 14.91 7.79 -37.21
CA LEU B 241 15.04 8.68 -38.35
C LEU B 241 15.56 7.98 -39.61
N ALA B 242 15.75 6.67 -39.56
CA ALA B 242 16.25 5.95 -40.74
C ALA B 242 15.24 6.06 -41.88
N SER B 243 15.76 6.14 -43.11
CA SER B 243 14.90 6.38 -44.26
C SER B 243 14.07 5.15 -44.60
N ASN B 244 14.69 3.97 -44.60
CA ASN B 244 14.03 2.73 -44.96
C ASN B 244 13.77 1.87 -43.73
N LEU B 245 12.70 1.08 -43.80
CA LEU B 245 12.37 0.17 -42.71
C LEU B 245 13.46 -0.86 -42.50
N GLU B 246 14.10 -1.31 -43.58
CA GLU B 246 15.17 -2.29 -43.46
C GLU B 246 16.32 -1.73 -42.61
N ASP B 247 16.67 -0.47 -42.84
CA ASP B 247 17.73 0.15 -42.04
C ASP B 247 17.34 0.26 -40.58
N SER B 248 16.08 0.63 -40.31
CA SER B 248 15.61 0.71 -38.93
C SER B 248 15.73 -0.64 -38.24
N ILE B 249 15.28 -1.70 -38.93
CA ILE B 249 15.32 -3.03 -38.33
C ILE B 249 16.76 -3.48 -38.13
N GLN B 250 17.64 -3.16 -39.08
CA GLN B 250 19.05 -3.53 -38.95
C GLN B 250 19.67 -2.84 -37.74
N ILE B 251 19.38 -1.55 -37.56
CA ILE B 251 19.90 -0.83 -36.40
C ILE B 251 19.36 -1.45 -35.12
N LEU B 252 18.05 -1.74 -35.09
CA LEU B 252 17.46 -2.34 -33.89
C LEU B 252 18.12 -3.67 -33.55
N ARG B 253 18.35 -4.51 -34.56
CA ARG B 253 18.90 -5.83 -34.32
C ARG B 253 20.36 -5.75 -33.88
N THR B 254 21.17 -4.96 -34.60
CA THR B 254 22.61 -5.00 -34.37
C THR B 254 23.04 -4.13 -33.19
N ASP B 255 22.53 -2.90 -33.11
CA ASP B 255 23.02 -1.95 -32.14
C ASP B 255 22.28 -1.98 -30.80
N LEU B 256 21.08 -2.55 -30.77
CA LEU B 256 20.27 -2.56 -29.54
C LEU B 256 19.97 -3.97 -29.03
N TRP B 257 19.39 -4.83 -29.87
CA TRP B 257 18.96 -6.15 -29.39
C TRP B 257 20.15 -7.06 -29.13
N LYS B 258 21.10 -7.11 -30.07
CA LYS B 258 22.25 -8.00 -29.92
C LYS B 258 23.23 -7.50 -28.86
N LYS B 259 23.09 -6.27 -28.39
CA LYS B 259 23.97 -5.74 -27.35
C LYS B 259 23.46 -5.99 -25.94
N GLY B 260 22.26 -6.56 -25.79
CA GLY B 260 21.72 -6.89 -24.49
C GLY B 260 20.72 -5.88 -23.93
N TYR B 261 20.45 -4.80 -24.66
CA TYR B 261 19.47 -3.82 -24.18
C TYR B 261 18.08 -4.44 -24.12
N SER B 262 17.38 -4.18 -23.01
CA SER B 262 16.06 -4.74 -22.81
C SER B 262 15.02 -4.00 -23.64
N SER B 263 13.91 -4.68 -23.93
CA SER B 263 12.87 -4.10 -24.76
C SER B 263 12.21 -2.90 -24.06
N ILE B 264 12.01 -3.00 -22.74
CA ILE B 264 11.41 -1.90 -22.00
C ILE B 264 12.29 -0.66 -22.08
N ASP B 265 13.61 -0.84 -21.92
CA ASP B 265 14.52 0.29 -22.05
C ASP B 265 14.44 0.91 -23.44
N ILE B 266 14.39 0.06 -24.48
CA ILE B 266 14.35 0.56 -25.84
C ILE B 266 13.08 1.36 -26.08
N VAL B 267 11.94 0.86 -25.61
CA VAL B 267 10.67 1.53 -25.87
C VAL B 267 10.60 2.84 -25.09
N THR B 268 11.09 2.87 -23.85
CA THR B 268 11.11 4.11 -23.09
C THR B 268 12.01 5.15 -23.77
N THR B 269 13.19 4.72 -24.22
CA THR B 269 14.07 5.65 -24.92
C THR B 269 13.44 6.15 -26.21
N SER B 270 12.73 5.27 -26.92
CA SER B 270 12.02 5.70 -28.12
C SER B 270 10.97 6.76 -27.78
N PHE B 271 10.22 6.56 -26.70
CA PHE B 271 9.26 7.56 -26.27
C PHE B 271 9.93 8.91 -26.04
N ARG B 272 11.02 8.92 -25.25
CA ARG B 272 11.70 10.17 -24.96
C ARG B 272 12.20 10.84 -26.24
N VAL B 273 12.87 10.06 -27.10
CA VAL B 273 13.48 10.65 -28.30
C VAL B 273 12.41 11.22 -29.20
N THR B 274 11.30 10.49 -29.39
CA THR B 274 10.20 11.02 -30.19
C THR B 274 9.64 12.28 -29.57
N LYS B 275 9.55 12.33 -28.24
CA LYS B 275 9.09 13.55 -27.57
C LYS B 275 10.03 14.71 -27.86
N ASN B 276 11.32 14.43 -28.05
CA ASN B 276 12.31 15.47 -28.28
C ASN B 276 12.88 15.46 -29.70
N LEU B 277 12.03 15.26 -30.71
CA LEU B 277 12.45 15.30 -32.11
C LEU B 277 11.90 16.59 -32.72
N ALA B 278 12.69 17.65 -32.64
CA ALA B 278 12.22 18.96 -33.09
C ALA B 278 12.11 19.04 -34.62
N GLN B 279 12.87 18.21 -35.34
CA GLN B 279 12.88 18.28 -36.80
C GLN B 279 11.66 17.62 -37.44
N VAL B 280 10.83 16.94 -36.65
CA VAL B 280 9.65 16.26 -37.17
C VAL B 280 8.41 17.03 -36.72
N LYS B 281 7.39 17.03 -37.58
CA LYS B 281 6.17 17.76 -37.28
C LYS B 281 5.49 17.20 -36.03
N GLU B 282 4.82 18.08 -35.29
CA GLU B 282 4.26 17.69 -34.00
C GLU B 282 3.19 16.60 -34.15
N SER B 283 2.35 16.71 -35.17
CA SER B 283 1.29 15.72 -35.36
C SER B 283 1.88 14.34 -35.67
N VAL B 284 2.90 14.30 -36.52
CA VAL B 284 3.57 13.04 -36.82
C VAL B 284 4.18 12.45 -35.56
N ARG B 285 4.81 13.30 -34.76
CA ARG B 285 5.38 12.84 -33.49
C ARG B 285 4.30 12.28 -32.57
N LEU B 286 3.13 12.92 -32.55
CA LEU B 286 2.04 12.43 -31.71
C LEU B 286 1.56 11.06 -32.17
N GLU B 287 1.44 10.86 -33.49
CA GLU B 287 1.04 9.55 -33.99
C GLU B 287 2.09 8.48 -33.65
N MET B 288 3.37 8.80 -33.83
CA MET B 288 4.42 7.86 -33.47
C MET B 288 4.40 7.56 -31.98
N ILE B 289 4.10 8.58 -31.16
CA ILE B 289 4.03 8.38 -29.72
C ILE B 289 2.86 7.45 -29.37
N LYS B 290 1.74 7.58 -30.08
CA LYS B 290 0.62 6.67 -29.86
C LYS B 290 1.02 5.23 -30.17
N GLU B 291 1.71 5.02 -31.29
CA GLU B 291 2.15 3.68 -31.63
C GLU B 291 3.13 3.15 -30.60
N ILE B 292 4.07 3.99 -30.16
CA ILE B 292 5.05 3.56 -29.18
C ILE B 292 4.38 3.23 -27.86
N GLY B 293 3.34 3.98 -27.51
CA GLY B 293 2.59 3.68 -26.29
C GLY B 293 1.86 2.36 -26.37
N LEU B 294 1.29 2.06 -27.54
CA LEU B 294 0.70 0.73 -27.74
C LEU B 294 1.74 -0.35 -27.51
N THR B 295 2.92 -0.19 -28.11
CA THR B 295 3.97 -1.20 -27.95
C THR B 295 4.42 -1.31 -26.49
N HIS B 296 4.54 -0.17 -25.80
CA HIS B 296 4.95 -0.17 -24.41
C HIS B 296 3.91 -0.88 -23.54
N MET B 297 2.63 -0.63 -23.78
CA MET B 297 1.59 -1.33 -23.03
C MET B 297 1.65 -2.83 -23.28
N ARG B 298 1.89 -3.24 -24.52
CA ARG B 298 2.05 -4.67 -24.80
C ARG B 298 3.25 -5.24 -24.04
N ILE B 299 4.37 -4.51 -24.02
CA ILE B 299 5.57 -5.00 -23.36
C ILE B 299 5.34 -5.15 -21.87
N LEU B 300 4.70 -4.17 -21.25
CA LEU B 300 4.47 -4.23 -19.81
C LEU B 300 3.62 -5.43 -19.42
N GLU B 301 2.76 -5.89 -20.33
CA GLU B 301 1.95 -7.08 -20.05
C GLU B 301 2.77 -8.36 -20.04
N GLY B 302 3.94 -8.35 -20.68
CA GLY B 302 4.81 -9.51 -20.66
C GLY B 302 5.33 -9.93 -22.02
N VAL B 303 4.79 -9.33 -23.09
CA VAL B 303 5.20 -9.69 -24.46
C VAL B 303 6.34 -8.75 -24.81
N GLY B 304 7.52 -9.04 -24.25
CA GLY B 304 8.73 -8.30 -24.53
C GLY B 304 9.58 -8.94 -25.60
N THR B 305 9.06 -9.06 -26.82
CA THR B 305 9.73 -9.78 -27.89
C THR B 305 10.24 -8.82 -28.95
N TYR B 306 11.26 -9.28 -29.68
CA TYR B 306 11.80 -8.50 -30.80
C TYR B 306 10.74 -8.26 -31.86
N LEU B 307 9.79 -9.18 -32.02
CA LEU B 307 8.73 -9.01 -33.02
C LEU B 307 7.89 -7.78 -32.73
N GLN B 308 7.60 -7.52 -31.45
CA GLN B 308 6.80 -6.35 -31.10
C GLN B 308 7.52 -5.06 -31.47
N LEU B 309 8.83 -4.98 -31.19
CA LEU B 309 9.59 -3.80 -31.55
C LEU B 309 9.67 -3.64 -33.07
N ALA B 310 9.84 -4.74 -33.80
CA ALA B 310 9.85 -4.67 -35.26
C ALA B 310 8.52 -4.15 -35.79
N SER B 311 7.41 -4.63 -35.21
CA SER B 311 6.10 -4.15 -35.62
C SER B 311 5.94 -2.66 -35.30
N MET B 312 6.45 -2.23 -34.16
CA MET B 312 6.39 -0.81 -33.80
C MET B 312 7.14 0.02 -34.84
N LEU B 313 8.33 -0.42 -35.23
CA LEU B 313 9.09 0.29 -36.25
C LEU B 313 8.34 0.31 -37.58
N ALA B 314 7.72 -0.82 -37.95
CA ALA B 314 6.97 -0.87 -39.20
C ALA B 314 5.81 0.12 -39.18
N LYS B 315 5.08 0.19 -38.07
CA LYS B 315 3.97 1.14 -37.96
C LYS B 315 4.48 2.58 -38.01
N ILE B 316 5.62 2.85 -37.37
CA ILE B 316 6.19 4.20 -37.42
C ILE B 316 6.54 4.57 -38.85
N HIS B 317 7.16 3.64 -39.58
CA HIS B 317 7.50 3.91 -40.97
C HIS B 317 6.24 4.11 -41.82
N LYS B 318 5.20 3.34 -41.54
CA LYS B 318 3.92 3.54 -42.22
C LYS B 318 3.40 4.95 -41.97
N LEU B 319 3.51 5.42 -40.73
CA LEU B 319 3.07 6.78 -40.42
C LEU B 319 3.88 7.81 -41.20
N ASN B 320 5.19 7.63 -41.28
CA ASN B 320 6.08 8.58 -41.95
C ASN B 320 6.22 8.26 -43.44
N ASN B 321 5.09 8.13 -44.12
CA ASN B 321 5.09 7.84 -45.55
C ASN B 321 3.75 8.26 -46.17
N GLU C 6 23.13 -26.00 2.12
CA GLU C 6 22.61 -27.04 1.24
C GLU C 6 22.50 -28.36 2.00
N LYS C 7 22.23 -29.44 1.26
CA LYS C 7 22.10 -30.76 1.85
C LYS C 7 22.85 -31.76 0.99
N ARG C 8 23.28 -32.86 1.63
CA ARG C 8 24.05 -33.92 0.96
C ARG C 8 25.29 -33.34 0.30
N SER C 9 25.25 -33.15 -1.02
CA SER C 9 26.43 -32.74 -1.77
C SER C 9 26.01 -31.90 -2.96
N LYS C 10 27.02 -31.37 -3.67
CA LYS C 10 26.76 -30.55 -4.85
C LYS C 10 26.09 -31.35 -5.96
N GLU C 11 26.26 -32.68 -5.97
CA GLU C 11 25.63 -33.49 -7.00
C GLU C 11 24.11 -33.44 -6.93
N ASN C 12 23.55 -33.03 -5.79
CA ASN C 12 22.11 -32.89 -5.66
C ASN C 12 21.60 -31.54 -6.16
N LEU C 13 22.49 -30.62 -6.53
CA LEU C 13 22.07 -29.30 -6.95
C LEU C 13 21.65 -29.31 -8.42
N PRO C 14 20.78 -28.38 -8.83
CA PRO C 14 20.50 -28.21 -10.26
C PRO C 14 21.74 -27.72 -10.98
N TRP C 15 21.86 -28.10 -12.26
CA TRP C 15 23.07 -27.77 -13.01
C TRP C 15 23.29 -26.27 -13.09
N VAL C 16 22.22 -25.47 -13.13
CA VAL C 16 22.38 -24.03 -13.16
C VAL C 16 23.12 -23.53 -11.93
N GLU C 17 22.95 -24.23 -10.80
CA GLU C 17 23.63 -23.87 -9.55
C GLU C 17 24.91 -24.67 -9.34
N LYS C 18 24.96 -25.92 -9.78
CA LYS C 18 26.16 -26.72 -9.58
C LYS C 18 27.36 -26.14 -10.33
N TYR C 19 27.13 -25.49 -11.47
CA TYR C 19 28.20 -24.96 -12.30
C TYR C 19 28.36 -23.45 -12.13
N ARG C 20 27.94 -22.89 -11.01
CA ARG C 20 28.11 -21.47 -10.77
C ARG C 20 29.59 -21.14 -10.68
N PRO C 21 30.11 -20.19 -11.45
CA PRO C 21 31.54 -19.87 -11.36
C PRO C 21 31.93 -19.46 -9.96
N GLU C 22 33.10 -19.95 -9.52
CA GLU C 22 33.67 -19.60 -8.23
C GLU C 22 34.84 -18.63 -8.34
N THR C 23 35.45 -18.52 -9.50
CA THR C 23 36.57 -17.60 -9.74
C THR C 23 36.33 -16.85 -11.03
N LEU C 24 37.02 -15.72 -11.17
CA LEU C 24 36.86 -14.91 -12.37
C LEU C 24 37.37 -15.61 -13.62
N ASP C 25 38.16 -16.68 -13.46
CA ASP C 25 38.63 -17.46 -14.60
C ASP C 25 37.57 -18.41 -15.15
N GLU C 26 36.47 -18.61 -14.42
CA GLU C 26 35.39 -19.47 -14.86
C GLU C 26 34.23 -18.69 -15.47
N VAL C 27 34.37 -17.38 -15.64
CA VAL C 27 33.35 -16.55 -16.27
C VAL C 27 33.71 -16.41 -17.74
N TYR C 28 32.82 -16.87 -18.61
CA TYR C 28 33.07 -16.94 -20.04
C TYR C 28 32.23 -15.89 -20.78
N GLY C 29 32.76 -15.40 -21.89
CA GLY C 29 32.01 -14.52 -22.76
C GLY C 29 31.98 -13.06 -22.39
N GLN C 30 32.72 -12.65 -21.35
CA GLN C 30 32.78 -11.27 -20.91
C GLN C 30 34.22 -10.84 -20.69
N ASN C 31 35.07 -11.12 -21.68
CA ASN C 31 36.51 -10.98 -21.49
C ASN C 31 36.89 -9.55 -21.15
N GLU C 32 36.29 -8.56 -21.82
CA GLU C 32 36.67 -7.17 -21.58
C GLU C 32 36.35 -6.76 -20.14
N VAL C 33 35.13 -7.04 -19.69
CA VAL C 33 34.73 -6.66 -18.34
C VAL C 33 35.59 -7.38 -17.31
N ILE C 34 35.80 -8.69 -17.50
CA ILE C 34 36.58 -9.46 -16.53
C ILE C 34 38.00 -8.92 -16.46
N THR C 35 38.61 -8.66 -17.62
CA THR C 35 39.97 -8.12 -17.62
C THR C 35 40.04 -6.77 -16.92
N THR C 36 39.07 -5.89 -17.20
CA THR C 36 39.09 -4.56 -16.59
C THR C 36 38.95 -4.66 -15.07
N VAL C 37 38.01 -5.48 -14.59
CA VAL C 37 37.79 -5.58 -13.15
C VAL C 37 39.00 -6.23 -12.48
N ARG C 38 39.57 -7.26 -13.11
CA ARG C 38 40.76 -7.89 -12.56
C ARG C 38 41.90 -6.90 -12.44
N LYS C 39 42.10 -6.07 -13.47
CA LYS C 39 43.14 -5.04 -13.40
C LYS C 39 42.84 -4.04 -12.29
N PHE C 40 41.56 -3.68 -12.13
CA PHE C 40 41.20 -2.74 -11.07
C PHE C 40 41.54 -3.29 -9.69
N VAL C 41 41.17 -4.55 -9.43
CA VAL C 41 41.40 -5.12 -8.10
C VAL C 41 42.88 -5.36 -7.87
N ASP C 42 43.60 -5.84 -8.89
CA ASP C 42 45.01 -6.15 -8.73
C ASP C 42 45.86 -4.91 -8.50
N GLU C 43 45.32 -3.72 -8.72
CA GLU C 43 46.05 -2.47 -8.53
C GLU C 43 45.40 -1.56 -7.52
N GLY C 44 44.38 -2.03 -6.81
CA GLY C 44 43.77 -1.25 -5.74
C GLY C 44 43.09 0.02 -6.21
N LYS C 45 42.39 -0.05 -7.34
CA LYS C 45 41.68 1.10 -7.92
C LYS C 45 40.27 0.70 -8.32
N LEU C 46 39.56 0.03 -7.41
CA LEU C 46 38.20 -0.41 -7.70
C LEU C 46 37.23 0.75 -7.54
N PRO C 47 36.52 1.16 -8.59
CA PRO C 47 35.51 2.21 -8.43
C PRO C 47 34.14 1.65 -8.09
N HIS C 48 33.14 2.52 -7.96
CA HIS C 48 31.76 2.05 -7.85
C HIS C 48 31.33 1.46 -9.18
N LEU C 49 30.72 0.27 -9.13
CA LEU C 49 30.42 -0.51 -10.31
C LEU C 49 28.91 -0.59 -10.54
N LEU C 50 28.53 -0.55 -11.82
CA LEU C 50 27.14 -0.77 -12.23
C LEU C 50 27.17 -1.82 -13.35
N PHE C 51 26.81 -3.06 -13.01
CA PHE C 51 26.77 -4.15 -13.96
C PHE C 51 25.37 -4.22 -14.56
N TYR C 52 25.23 -3.81 -15.81
CA TYR C 52 23.95 -3.81 -16.51
C TYR C 52 23.95 -4.90 -17.56
N GLY C 53 22.92 -5.74 -17.56
CA GLY C 53 22.85 -6.80 -18.54
C GLY C 53 21.57 -7.60 -18.53
N PRO C 54 21.42 -8.48 -19.53
CA PRO C 54 20.21 -9.30 -19.61
C PRO C 54 20.33 -10.54 -18.74
N PRO C 55 19.24 -11.30 -18.58
CA PRO C 55 19.26 -12.43 -17.65
C PRO C 55 20.31 -13.48 -18.02
N GLY C 56 20.90 -14.07 -16.99
CA GLY C 56 21.79 -15.21 -17.17
C GLY C 56 23.04 -14.92 -17.97
N THR C 57 23.67 -13.77 -17.73
CA THR C 57 24.89 -13.40 -18.44
C THR C 57 26.13 -13.44 -17.56
N GLY C 58 25.99 -13.50 -16.24
CA GLY C 58 27.13 -13.68 -15.36
C GLY C 58 27.43 -12.49 -14.48
N LYS C 59 26.42 -11.67 -14.19
CA LYS C 59 26.63 -10.48 -13.37
C LYS C 59 26.77 -10.84 -11.90
N THR C 60 25.78 -11.56 -11.35
CA THR C 60 25.87 -11.99 -9.96
C THR C 60 27.08 -12.89 -9.74
N SER C 61 27.32 -13.83 -10.66
CA SER C 61 28.50 -14.68 -10.55
C SER C 61 29.78 -13.87 -10.58
N THR C 62 29.85 -12.88 -11.47
CA THR C 62 31.07 -12.07 -11.58
C THR C 62 31.32 -11.29 -10.29
N ILE C 63 30.27 -10.67 -9.74
CA ILE C 63 30.47 -9.85 -8.54
C ILE C 63 30.81 -10.74 -7.34
N VAL C 64 30.18 -11.91 -7.23
CA VAL C 64 30.50 -12.81 -6.13
C VAL C 64 31.94 -13.30 -6.26
N ALA C 65 32.37 -13.64 -7.47
CA ALA C 65 33.75 -14.08 -7.67
C ALA C 65 34.73 -12.97 -7.34
N LEU C 66 34.41 -11.73 -7.72
CA LEU C 66 35.28 -10.60 -7.39
C LEU C 66 35.39 -10.43 -5.88
N ALA C 67 34.26 -10.51 -5.17
CA ALA C 67 34.29 -10.39 -3.72
C ALA C 67 35.11 -11.52 -3.09
N ARG C 68 34.94 -12.75 -3.60
CA ARG C 68 35.71 -13.87 -3.08
C ARG C 68 37.21 -13.64 -3.30
N GLU C 69 37.58 -13.16 -4.49
CA GLU C 69 38.98 -12.90 -4.77
C GLU C 69 39.54 -11.81 -3.84
N ILE C 70 38.76 -10.76 -3.60
CA ILE C 70 39.24 -9.66 -2.77
C ILE C 70 39.40 -10.12 -1.31
N TYR C 71 38.40 -10.84 -0.80
CA TYR C 71 38.33 -11.17 0.62
C TYR C 71 38.59 -12.63 0.93
N GLY C 72 38.66 -13.50 -0.08
CA GLY C 72 38.85 -14.91 0.18
C GLY C 72 37.55 -15.61 0.53
N LYS C 73 37.69 -16.75 1.22
CA LYS C 73 36.53 -17.56 1.56
C LYS C 73 35.58 -16.85 2.51
N ASN C 74 36.12 -16.06 3.44
CA ASN C 74 35.30 -15.35 4.42
C ASN C 74 34.61 -14.11 3.85
N TYR C 75 34.60 -13.96 2.52
CA TYR C 75 33.98 -12.77 1.91
C TYR C 75 32.56 -12.58 2.38
N SER C 76 31.83 -13.67 2.64
CA SER C 76 30.43 -13.55 3.05
C SER C 76 30.27 -12.73 4.31
N ASN C 77 31.28 -12.73 5.18
CA ASN C 77 31.24 -11.97 6.43
C ASN C 77 31.91 -10.62 6.33
N MET C 78 32.41 -10.24 5.15
CA MET C 78 33.08 -8.96 4.95
C MET C 78 32.38 -8.07 3.94
N VAL C 79 31.21 -8.47 3.43
CA VAL C 79 30.47 -7.69 2.45
C VAL C 79 29.02 -7.59 2.92
N LEU C 80 28.33 -6.58 2.39
CA LEU C 80 26.92 -6.36 2.68
C LEU C 80 26.15 -6.54 1.37
N GLU C 81 25.48 -7.69 1.23
CA GLU C 81 24.75 -8.03 0.02
C GLU C 81 23.26 -7.87 0.28
N LEU C 82 22.59 -7.07 -0.55
CA LEU C 82 21.16 -6.88 -0.47
C LEU C 82 20.55 -7.05 -1.86
N ASN C 83 19.41 -7.75 -1.93
CA ASN C 83 18.73 -8.02 -3.17
C ASN C 83 17.24 -7.74 -3.01
N ALA C 84 16.48 -7.97 -4.08
CA ALA C 84 15.05 -7.68 -4.06
C ALA C 84 14.30 -8.49 -3.02
N SER C 85 14.87 -9.62 -2.57
CA SER C 85 14.20 -10.44 -1.57
C SER C 85 14.25 -9.82 -0.17
N ASP C 86 15.12 -8.85 0.05
CA ASP C 86 15.22 -8.15 1.32
C ASP C 86 14.58 -6.77 1.22
N ASP C 87 14.22 -6.23 2.39
CA ASP C 87 13.68 -4.88 2.45
C ASP C 87 14.80 -3.86 2.29
N ARG C 88 14.63 -2.93 1.35
CA ARG C 88 15.62 -1.91 1.05
C ARG C 88 14.94 -0.55 0.93
N GLY C 89 14.11 -0.22 1.92
CA GLY C 89 13.44 1.07 1.95
C GLY C 89 14.38 2.19 2.36
N ILE C 90 13.80 3.38 2.47
CA ILE C 90 14.60 4.55 2.83
C ILE C 90 15.19 4.41 4.22
N ASP C 91 14.43 3.81 5.15
CA ASP C 91 14.94 3.59 6.50
C ASP C 91 16.12 2.63 6.48
N VAL C 92 16.06 1.59 5.65
CA VAL C 92 17.18 0.65 5.55
C VAL C 92 18.43 1.38 5.07
N VAL C 93 18.30 2.19 4.02
CA VAL C 93 19.44 2.95 3.52
C VAL C 93 19.96 3.88 4.60
N ARG C 94 19.06 4.54 5.33
CA ARG C 94 19.48 5.52 6.32
C ARG C 94 20.22 4.88 7.47
N ASN C 95 19.79 3.68 7.91
CA ASN C 95 20.38 3.07 9.09
C ASN C 95 21.41 1.99 8.76
N GLN C 96 20.99 0.91 8.10
CA GLN C 96 21.86 -0.27 7.98
C GLN C 96 23.02 0.00 7.03
N ILE C 97 22.71 0.52 5.84
CA ILE C 97 23.75 0.76 4.84
C ILE C 97 24.71 1.83 5.32
N LYS C 98 24.18 2.91 5.92
CA LYS C 98 25.04 3.96 6.43
C LYS C 98 25.95 3.45 7.54
N ASP C 99 25.40 2.66 8.47
CA ASP C 99 26.24 2.11 9.54
C ASP C 99 27.32 1.20 8.97
N PHE C 100 26.97 0.36 8.00
CA PHE C 100 27.98 -0.52 7.42
C PHE C 100 29.07 0.28 6.70
N ALA C 101 28.68 1.33 5.99
CA ALA C 101 29.66 2.10 5.22
C ALA C 101 30.52 2.98 6.12
N SER C 102 30.02 3.35 7.31
CA SER C 102 30.71 4.27 8.19
C SER C 102 31.47 3.57 9.31
N THR C 103 31.54 2.24 9.31
CA THR C 103 32.18 1.48 10.37
C THR C 103 33.27 0.59 9.79
N ARG C 104 34.25 0.27 10.63
CA ARG C 104 35.36 -0.59 10.23
C ARG C 104 34.93 -2.06 10.23
N GLN C 105 35.77 -2.90 9.63
CA GLN C 105 35.51 -4.32 9.57
C GLN C 105 35.65 -4.96 10.95
N ILE C 106 35.04 -6.14 11.10
CA ILE C 106 35.09 -6.88 12.36
C ILE C 106 36.15 -7.96 12.27
N PHE C 107 35.97 -8.89 11.32
CA PHE C 107 36.79 -10.09 11.29
C PHE C 107 38.23 -9.79 10.90
N SER C 108 38.44 -8.92 9.92
CA SER C 108 39.80 -8.57 9.50
C SER C 108 39.78 -7.22 8.82
N LYS C 109 40.96 -6.58 8.80
CA LYS C 109 41.09 -5.25 8.26
C LYS C 109 40.87 -5.23 6.75
N GLY C 110 40.32 -4.12 6.27
CA GLY C 110 40.08 -3.96 4.85
C GLY C 110 38.99 -2.94 4.62
N PHE C 111 38.66 -2.77 3.34
CA PHE C 111 37.61 -1.86 2.93
C PHE C 111 36.27 -2.58 2.84
N LYS C 112 35.20 -1.81 2.87
CA LYS C 112 33.84 -2.33 2.88
C LYS C 112 33.29 -2.41 1.47
N LEU C 113 32.65 -3.53 1.14
CA LEU C 113 32.00 -3.75 -0.14
C LEU C 113 30.50 -3.95 0.08
N ILE C 114 29.70 -3.18 -0.67
CA ILE C 114 28.25 -3.27 -0.60
C ILE C 114 27.75 -3.64 -1.99
N ILE C 115 26.98 -4.72 -2.08
CA ILE C 115 26.46 -5.24 -3.34
C ILE C 115 24.95 -5.09 -3.31
N LEU C 116 24.44 -4.13 -4.08
CA LEU C 116 22.99 -3.91 -4.21
C LEU C 116 22.52 -4.64 -5.47
N ASP C 117 22.41 -5.96 -5.34
CA ASP C 117 21.94 -6.77 -6.46
C ASP C 117 20.48 -6.45 -6.78
N GLU C 118 20.16 -6.43 -8.08
CA GLU C 118 18.81 -6.13 -8.54
C GLU C 118 18.36 -4.75 -8.06
N ALA C 119 19.25 -3.77 -8.21
CA ALA C 119 18.97 -2.42 -7.74
C ALA C 119 17.85 -1.73 -8.52
N ASP C 120 17.44 -2.29 -9.66
CA ASP C 120 16.35 -1.71 -10.43
C ASP C 120 15.00 -1.90 -9.76
N ALA C 121 14.93 -2.69 -8.69
CA ALA C 121 13.70 -2.91 -7.95
C ALA C 121 13.60 -2.02 -6.71
N MET C 122 14.48 -1.04 -6.57
CA MET C 122 14.51 -0.18 -5.40
C MET C 122 13.73 1.11 -5.68
N THR C 123 13.10 1.63 -4.64
CA THR C 123 12.31 2.84 -4.77
C THR C 123 13.20 4.05 -5.05
N ASN C 124 12.60 5.08 -5.64
CA ASN C 124 13.34 6.28 -5.99
C ASN C 124 13.85 7.00 -4.75
N ALA C 125 13.06 7.00 -3.67
CA ALA C 125 13.48 7.68 -2.45
C ALA C 125 14.75 7.04 -1.88
N ALA C 126 14.81 5.71 -1.84
CA ALA C 126 16.01 5.04 -1.35
C ALA C 126 17.20 5.34 -2.25
N GLN C 127 16.99 5.36 -3.57
CA GLN C 127 18.08 5.69 -4.49
C GLN C 127 18.60 7.09 -4.24
N ASN C 128 17.70 8.06 -4.03
CA ASN C 128 18.12 9.42 -3.73
C ASN C 128 18.89 9.47 -2.42
N ALA C 129 18.41 8.75 -1.38
CA ALA C 129 19.12 8.73 -0.11
C ALA C 129 20.52 8.11 -0.26
N LEU C 130 20.68 7.19 -1.21
CA LEU C 130 21.96 6.52 -1.38
C LEU C 130 23.05 7.42 -1.95
N ARG C 131 22.68 8.57 -2.53
CA ARG C 131 23.67 9.38 -3.26
C ARG C 131 24.75 9.89 -2.32
N ARG C 132 24.35 10.54 -1.22
CA ARG C 132 25.35 11.10 -0.32
C ARG C 132 26.02 10.02 0.51
N VAL C 133 25.36 8.89 0.73
CA VAL C 133 26.03 7.75 1.35
C VAL C 133 27.18 7.28 0.48
N ILE C 134 26.95 7.18 -0.83
CA ILE C 134 28.01 6.78 -1.75
C ILE C 134 29.12 7.81 -1.78
N GLU C 135 28.74 9.10 -1.85
CA GLU C 135 29.74 10.14 -2.04
C GLU C 135 30.60 10.34 -0.79
N ARG C 136 29.99 10.29 0.40
CA ARG C 136 30.70 10.68 1.62
C ARG C 136 31.68 9.61 2.07
N TYR C 137 31.34 8.34 1.93
CA TYR C 137 32.16 7.24 2.43
C TYR C 137 32.94 6.54 1.32
N THR C 138 33.33 7.28 0.28
CA THR C 138 34.08 6.68 -0.81
C THR C 138 35.48 6.25 -0.38
N LYS C 139 36.00 6.85 0.69
CA LYS C 139 37.36 6.55 1.11
C LYS C 139 37.50 5.09 1.55
N ASN C 140 36.50 4.57 2.26
CA ASN C 140 36.59 3.24 2.84
C ASN C 140 35.55 2.26 2.31
N THR C 141 34.59 2.72 1.50
CA THR C 141 33.52 1.87 1.00
C THR C 141 33.34 2.07 -0.50
N ARG C 142 32.95 0.99 -1.17
CA ARG C 142 32.61 1.02 -2.59
C ARG C 142 31.31 0.27 -2.80
N PHE C 143 30.54 0.73 -3.78
CA PHE C 143 29.22 0.20 -4.07
C PHE C 143 29.21 -0.49 -5.43
N CYS C 144 28.55 -1.64 -5.49
CA CYS C 144 28.32 -2.35 -6.75
C CYS C 144 26.82 -2.61 -6.87
N VAL C 145 26.23 -2.21 -7.99
CA VAL C 145 24.81 -2.35 -8.23
C VAL C 145 24.61 -3.12 -9.53
N LEU C 146 23.70 -4.09 -9.52
CA LEU C 146 23.43 -4.96 -10.65
C LEU C 146 22.03 -4.68 -11.17
N ALA C 147 21.89 -4.57 -12.49
CA ALA C 147 20.63 -4.17 -13.09
C ALA C 147 20.37 -4.91 -14.40
N ASN C 148 19.09 -5.12 -14.68
CA ASN C 148 18.61 -5.59 -15.97
C ASN C 148 17.90 -4.50 -16.76
N TYR C 149 17.39 -3.47 -16.10
CA TYR C 149 16.67 -2.38 -16.75
C TYR C 149 17.25 -1.06 -16.26
N ALA C 150 17.85 -0.30 -17.18
CA ALA C 150 18.50 0.95 -16.79
C ALA C 150 17.47 2.06 -16.56
N HIS C 151 16.29 1.95 -17.16
CA HIS C 151 15.29 3.00 -17.01
C HIS C 151 14.75 3.11 -15.59
N LYS C 152 14.96 2.10 -14.76
CA LYS C 152 14.49 2.11 -13.38
C LYS C 152 15.49 2.74 -12.42
N LEU C 153 16.70 3.06 -12.88
CA LEU C 153 17.72 3.67 -12.04
C LEU C 153 17.73 5.18 -12.25
N THR C 154 17.78 5.92 -11.15
CA THR C 154 17.74 7.37 -11.24
C THR C 154 19.01 7.89 -11.91
N PRO C 155 18.92 9.01 -12.64
CA PRO C 155 20.13 9.55 -13.28
C PRO C 155 21.24 9.88 -12.29
N ALA C 156 20.90 10.34 -11.08
CA ALA C 156 21.93 10.67 -10.11
C ALA C 156 22.75 9.44 -9.72
N LEU C 157 22.08 8.31 -9.50
CA LEU C 157 22.81 7.09 -9.16
C LEU C 157 23.66 6.61 -10.32
N LEU C 158 23.13 6.71 -11.54
CA LEU C 158 23.91 6.30 -12.71
C LEU C 158 25.14 7.18 -12.90
N SER C 159 25.04 8.47 -12.54
CA SER C 159 26.18 9.37 -12.70
C SER C 159 27.34 8.97 -11.80
N ARG C 160 27.06 8.29 -10.69
CA ARG C 160 28.07 7.99 -9.68
C ARG C 160 28.75 6.64 -9.89
N CYS C 161 28.33 5.86 -10.88
CA CYS C 161 28.81 4.49 -11.06
C CYS C 161 29.45 4.33 -12.43
N THR C 162 30.54 3.56 -12.47
CA THR C 162 31.16 3.17 -13.73
C THR C 162 30.39 2.00 -14.32
N ARG C 163 29.98 2.12 -15.58
CA ARG C 163 29.05 1.19 -16.20
C ARG C 163 29.80 0.08 -16.93
N PHE C 164 29.40 -1.16 -16.68
CA PHE C 164 29.87 -2.32 -17.43
C PHE C 164 28.67 -3.07 -17.98
N ARG C 165 28.65 -3.24 -19.30
CA ARG C 165 27.55 -3.91 -19.99
C ARG C 165 27.91 -5.37 -20.24
N PHE C 166 27.02 -6.26 -19.81
CA PHE C 166 27.19 -7.70 -20.03
C PHE C 166 26.42 -8.09 -21.28
N GLN C 167 27.15 -8.37 -22.36
CA GLN C 167 26.51 -8.72 -23.62
C GLN C 167 25.91 -10.12 -23.54
N PRO C 168 24.97 -10.43 -24.43
CA PRO C 168 24.52 -11.82 -24.56
C PRO C 168 25.71 -12.72 -24.87
N LEU C 169 25.71 -13.91 -24.28
CA LEU C 169 26.88 -14.76 -24.33
C LEU C 169 27.20 -15.14 -25.78
N PRO C 170 28.43 -14.90 -26.26
CA PRO C 170 28.78 -15.35 -27.61
C PRO C 170 28.77 -16.86 -27.71
N GLN C 171 28.66 -17.35 -28.95
CA GLN C 171 28.48 -18.77 -29.17
C GLN C 171 29.70 -19.57 -28.71
N GLU C 172 30.91 -19.03 -28.89
CA GLU C 172 32.11 -19.79 -28.53
C GLU C 172 32.19 -20.01 -27.03
N ALA C 173 31.78 -19.01 -26.24
CA ALA C 173 31.75 -19.19 -24.79
C ALA C 173 30.78 -20.30 -24.40
N ILE C 174 29.62 -20.35 -25.06
CA ILE C 174 28.65 -21.39 -24.77
C ILE C 174 29.22 -22.76 -25.13
N GLU C 175 29.91 -22.86 -26.27
CA GLU C 175 30.53 -24.14 -26.62
C GLU C 175 31.57 -24.54 -25.59
N ARG C 176 32.38 -23.59 -25.12
CA ARG C 176 33.40 -23.93 -24.13
C ARG C 176 32.76 -24.43 -22.83
N ARG C 177 31.70 -23.74 -22.38
CA ARG C 177 31.00 -24.18 -21.17
C ARG C 177 30.38 -25.56 -21.36
N ILE C 178 29.79 -25.80 -22.54
CA ILE C 178 29.19 -27.11 -22.82
C ILE C 178 30.26 -28.19 -22.81
N ALA C 179 31.44 -27.88 -23.37
CA ALA C 179 32.54 -28.84 -23.35
C ALA C 179 32.96 -29.16 -21.93
N ASN C 180 33.06 -28.14 -21.08
CA ASN C 180 33.42 -28.39 -19.69
C ASN C 180 32.36 -29.27 -19.00
N VAL C 181 31.09 -28.98 -19.24
CA VAL C 181 30.02 -29.77 -18.62
C VAL C 181 30.07 -31.20 -19.10
N LEU C 182 30.27 -31.41 -20.40
CA LEU C 182 30.35 -32.77 -20.95
C LEU C 182 31.58 -33.50 -20.45
N VAL C 183 32.64 -32.76 -20.11
CA VAL C 183 33.80 -33.40 -19.49
C VAL C 183 33.47 -33.84 -18.07
N HIS C 184 32.75 -33.00 -17.33
CA HIS C 184 32.36 -33.37 -15.97
C HIS C 184 31.31 -34.47 -16.00
N GLU C 185 30.15 -34.20 -16.60
CA GLU C 185 29.12 -35.21 -16.79
C GLU C 185 29.50 -36.08 -17.98
N LYS C 186 29.56 -37.39 -17.79
CA LYS C 186 30.01 -38.28 -18.85
C LYS C 186 28.92 -38.35 -19.93
N LEU C 187 28.96 -37.42 -20.88
CA LEU C 187 27.91 -37.27 -21.87
C LEU C 187 28.53 -37.08 -23.24
N LYS C 188 27.77 -37.45 -24.27
CA LYS C 188 28.17 -37.29 -25.66
C LYS C 188 27.14 -36.44 -26.38
N LEU C 189 27.60 -35.38 -27.05
CA LEU C 189 26.71 -34.45 -27.73
C LEU C 189 27.17 -34.30 -29.18
N SER C 190 26.22 -34.41 -30.10
CA SER C 190 26.51 -34.31 -31.52
C SER C 190 26.59 -32.84 -31.94
N PRO C 191 27.29 -32.55 -33.05
CA PRO C 191 27.40 -31.15 -33.48
C PRO C 191 26.06 -30.51 -33.80
N ASN C 192 25.13 -31.26 -34.39
CA ASN C 192 23.81 -30.70 -34.67
C ASN C 192 23.06 -30.40 -33.38
N ALA C 193 23.18 -31.27 -32.38
CA ALA C 193 22.56 -31.02 -31.09
C ALA C 193 23.11 -29.74 -30.46
N GLU C 194 24.43 -29.56 -30.52
CA GLU C 194 25.02 -28.34 -29.98
C GLU C 194 24.55 -27.11 -30.74
N LYS C 195 24.45 -27.22 -32.07
CA LYS C 195 23.99 -26.08 -32.86
C LYS C 195 22.56 -25.71 -32.47
N ALA C 196 21.68 -26.70 -32.34
CA ALA C 196 20.30 -26.43 -31.94
C ALA C 196 20.25 -25.83 -30.54
N LEU C 197 21.04 -26.36 -29.61
CA LEU C 197 21.05 -25.85 -28.25
C LEU C 197 21.48 -24.38 -28.23
N ILE C 198 22.55 -24.05 -28.96
CA ILE C 198 23.01 -22.66 -29.01
C ILE C 198 21.96 -21.78 -29.65
N GLU C 199 21.32 -22.25 -30.72
CA GLU C 199 20.30 -21.45 -31.38
C GLU C 199 19.14 -21.15 -30.44
N LEU C 200 18.67 -22.15 -29.69
CA LEU C 200 17.53 -21.94 -28.82
C LEU C 200 17.88 -21.25 -27.51
N SER C 201 19.17 -21.20 -27.15
CA SER C 201 19.55 -20.62 -25.87
C SER C 201 19.38 -19.10 -25.87
N ASN C 202 19.59 -18.45 -27.01
CA ASN C 202 19.46 -16.99 -27.13
C ASN C 202 20.43 -16.27 -26.20
N GLY C 203 21.61 -16.84 -25.99
CA GLY C 203 22.63 -16.19 -25.19
C GLY C 203 22.46 -16.32 -23.70
N ASP C 204 21.62 -17.22 -23.23
CA ASP C 204 21.39 -17.45 -21.80
C ASP C 204 22.03 -18.77 -21.41
N MET C 205 22.93 -18.73 -20.41
CA MET C 205 23.57 -19.95 -19.95
C MET C 205 22.62 -20.81 -19.13
N ARG C 206 21.67 -20.19 -18.42
CA ARG C 206 20.70 -20.96 -17.67
C ARG C 206 19.92 -21.89 -18.59
N ARG C 207 19.49 -21.39 -19.75
CA ARG C 207 18.77 -22.22 -20.69
C ARG C 207 19.63 -23.38 -21.17
N VAL C 208 20.90 -23.09 -21.48
CA VAL C 208 21.81 -24.15 -21.92
C VAL C 208 21.87 -25.25 -20.88
N LEU C 209 22.13 -24.88 -19.63
CA LEU C 209 22.33 -25.88 -18.59
C LEU C 209 21.05 -26.66 -18.31
N ASN C 210 19.91 -25.96 -18.23
CA ASN C 210 18.65 -26.66 -17.97
C ASN C 210 18.30 -27.63 -19.08
N VAL C 211 18.46 -27.21 -20.34
CA VAL C 211 18.14 -28.08 -21.46
C VAL C 211 19.09 -29.26 -21.50
N LEU C 212 20.37 -29.04 -21.19
CA LEU C 212 21.31 -30.16 -21.15
C LEU C 212 20.95 -31.15 -20.05
N GLN C 213 20.55 -30.67 -18.88
CA GLN C 213 20.16 -31.57 -17.80
C GLN C 213 18.92 -32.38 -18.21
N SER C 214 17.93 -31.72 -18.81
CA SER C 214 16.75 -32.45 -19.28
C SER C 214 17.12 -33.47 -20.35
N CYS C 215 18.01 -33.10 -21.27
CA CYS C 215 18.43 -34.03 -22.31
C CYS C 215 19.10 -35.26 -21.71
N LYS C 216 19.98 -35.06 -20.73
CA LYS C 216 20.62 -36.19 -20.08
C LYS C 216 19.59 -37.07 -19.38
N ALA C 217 18.61 -36.44 -18.70
CA ALA C 217 17.57 -37.21 -18.05
C ALA C 217 16.75 -38.00 -19.07
N THR C 218 16.63 -37.49 -20.30
CA THR C 218 15.83 -38.17 -21.31
C THR C 218 16.52 -39.42 -21.85
N LEU C 219 17.84 -39.43 -21.89
CA LEU C 219 18.56 -40.57 -22.44
C LEU C 219 18.29 -41.82 -21.63
N ASP C 220 18.14 -42.95 -22.34
CA ASP C 220 17.93 -44.23 -21.66
C ASP C 220 19.19 -44.70 -20.96
N ASN C 221 20.33 -44.63 -21.65
CA ASN C 221 21.62 -45.06 -21.12
C ASN C 221 22.62 -43.94 -21.33
N PRO C 222 22.64 -42.95 -20.43
CA PRO C 222 23.51 -41.78 -20.67
C PRO C 222 24.98 -42.14 -20.82
N ASP C 223 25.42 -43.25 -20.24
CA ASP C 223 26.83 -43.62 -20.34
C ASP C 223 27.23 -43.89 -21.80
N GLU C 224 26.37 -44.57 -22.56
CA GLU C 224 26.68 -44.93 -23.94
C GLU C 224 25.64 -44.42 -24.93
N ASP C 225 24.84 -43.42 -24.53
CA ASP C 225 23.87 -42.80 -25.43
C ASP C 225 24.25 -41.35 -25.66
N GLU C 226 24.27 -40.95 -26.92
CA GLU C 226 24.66 -39.60 -27.32
C GLU C 226 23.41 -38.75 -27.52
N ILE C 227 23.46 -37.53 -27.00
CA ILE C 227 22.36 -36.59 -27.21
C ILE C 227 22.40 -36.10 -28.64
N SER C 228 21.27 -36.24 -29.34
CA SER C 228 21.12 -35.78 -30.71
C SER C 228 20.12 -34.63 -30.77
N ASP C 229 20.04 -34.00 -31.94
CA ASP C 229 19.06 -32.93 -32.11
C ASP C 229 17.65 -33.43 -31.85
N ASP C 230 17.37 -34.69 -32.19
CA ASP C 230 16.05 -35.24 -31.92
C ASP C 230 15.75 -35.23 -30.43
N VAL C 231 16.73 -35.58 -29.60
CA VAL C 231 16.53 -35.57 -28.16
C VAL C 231 16.24 -34.16 -27.68
N ILE C 232 16.97 -33.17 -28.18
CA ILE C 232 16.75 -31.79 -27.76
C ILE C 232 15.35 -31.34 -28.14
N TYR C 233 14.93 -31.61 -29.38
CA TYR C 233 13.60 -31.18 -29.81
C TYR C 233 12.50 -31.92 -29.06
N GLU C 234 12.75 -33.17 -28.68
CA GLU C 234 11.75 -33.92 -27.92
C GLU C 234 11.62 -33.37 -26.50
N CYS C 235 12.74 -33.15 -25.82
CA CYS C 235 12.67 -32.66 -24.45
C CYS C 235 12.11 -31.24 -24.40
N CYS C 236 12.58 -30.37 -25.30
CA CYS C 236 12.10 -28.99 -25.33
C CYS C 236 10.75 -28.85 -26.01
N GLY C 237 10.29 -29.86 -26.75
CA GLY C 237 9.03 -29.76 -27.46
C GLY C 237 9.01 -28.64 -28.47
N ALA C 238 10.15 -28.40 -29.15
CA ALA C 238 10.26 -27.31 -30.11
C ALA C 238 10.17 -27.84 -31.54
N PRO C 239 9.63 -27.04 -32.47
CA PRO C 239 9.54 -27.50 -33.86
C PRO C 239 10.92 -27.76 -34.44
N ARG C 240 11.01 -28.80 -35.26
CA ARG C 240 12.24 -29.04 -36.00
C ARG C 240 12.33 -28.08 -37.19
N PRO C 241 13.54 -27.71 -37.61
CA PRO C 241 13.66 -26.81 -38.76
C PRO C 241 12.94 -27.31 -39.99
N SER C 242 12.98 -28.63 -40.24
CA SER C 242 12.29 -29.17 -41.40
C SER C 242 10.79 -28.92 -41.33
N ASP C 243 10.20 -29.05 -40.13
CA ASP C 243 8.77 -28.78 -39.99
C ASP C 243 8.45 -27.33 -40.33
N LEU C 244 9.25 -26.39 -39.82
CA LEU C 244 9.01 -24.98 -40.12
C LEU C 244 9.14 -24.70 -41.61
N LYS C 245 10.17 -25.26 -42.25
CA LYS C 245 10.34 -25.06 -43.68
C LYS C 245 9.16 -25.63 -44.45
N ALA C 246 8.69 -26.82 -44.08
CA ALA C 246 7.56 -27.42 -44.78
C ALA C 246 6.31 -26.58 -44.61
N VAL C 247 6.05 -26.09 -43.39
CA VAL C 247 4.87 -25.27 -43.15
C VAL C 247 4.94 -24.00 -43.99
N LEU C 248 6.10 -23.34 -44.00
CA LEU C 248 6.23 -22.10 -44.76
C LEU C 248 6.07 -22.35 -46.26
N LYS C 249 6.67 -23.43 -46.77
CA LYS C 249 6.55 -23.74 -48.19
C LYS C 249 5.10 -24.03 -48.56
N SER C 250 4.39 -24.79 -47.73
CA SER C 250 2.99 -25.07 -48.01
C SER C 250 2.16 -23.79 -47.98
N ILE C 251 2.43 -22.91 -47.01
CA ILE C 251 1.67 -21.67 -46.91
C ILE C 251 1.89 -20.81 -48.15
N LEU C 252 3.13 -20.73 -48.60
CA LEU C 252 3.48 -19.83 -49.70
C LEU C 252 3.32 -20.44 -51.08
N GLU C 253 3.03 -21.74 -51.19
CA GLU C 253 3.00 -22.38 -52.50
C GLU C 253 1.84 -23.35 -52.71
N ASP C 254 0.87 -23.40 -51.80
CA ASP C 254 -0.24 -24.34 -51.91
C ASP C 254 -1.55 -23.60 -51.70
N ASP C 255 -2.66 -24.31 -51.94
CA ASP C 255 -3.97 -23.75 -51.75
C ASP C 255 -4.34 -23.71 -50.26
N TRP C 256 -5.46 -23.05 -49.96
CA TRP C 256 -5.84 -22.86 -48.57
C TRP C 256 -6.10 -24.19 -47.88
N GLY C 257 -6.82 -25.10 -48.54
CA GLY C 257 -7.09 -26.39 -47.93
C GLY C 257 -5.82 -27.18 -47.67
N THR C 258 -4.91 -27.20 -48.64
CA THR C 258 -3.65 -27.91 -48.46
C THR C 258 -2.82 -27.29 -47.35
N ALA C 259 -2.78 -25.96 -47.26
CA ALA C 259 -2.03 -25.31 -46.20
C ALA C 259 -2.61 -25.63 -44.83
N HIS C 260 -3.94 -25.59 -44.72
CA HIS C 260 -4.59 -25.93 -43.46
C HIS C 260 -4.28 -27.36 -43.05
N TYR C 261 -4.39 -28.29 -44.01
CA TYR C 261 -4.10 -29.69 -43.72
C TYR C 261 -2.65 -29.87 -43.29
N THR C 262 -1.71 -29.24 -43.99
CA THR C 262 -0.30 -29.39 -43.66
C THR C 262 -0.01 -28.83 -42.27
N LEU C 263 -0.55 -27.66 -41.96
CA LEU C 263 -0.32 -27.08 -40.64
C LEU C 263 -0.88 -27.98 -39.54
N ASN C 264 -2.11 -28.47 -39.74
CA ASN C 264 -2.71 -29.34 -38.73
C ASN C 264 -1.90 -30.61 -38.55
N LYS C 265 -1.46 -31.23 -39.65
CA LYS C 265 -0.70 -32.47 -39.56
C LYS C 265 0.64 -32.24 -38.87
N VAL C 266 1.36 -31.18 -39.23
CA VAL C 266 2.66 -30.92 -38.63
C VAL C 266 2.51 -30.64 -37.14
N ARG C 267 1.46 -29.91 -36.76
CA ARG C 267 1.26 -29.62 -35.34
C ARG C 267 0.86 -30.86 -34.56
N SER C 268 0.03 -31.72 -35.16
CA SER C 268 -0.46 -32.91 -34.46
C SER C 268 0.60 -34.00 -34.36
N ALA C 269 1.53 -34.07 -35.31
CA ALA C 269 2.52 -35.14 -35.30
C ALA C 269 3.35 -35.11 -34.01
N LYS C 270 3.76 -33.93 -33.59
CA LYS C 270 4.59 -33.79 -32.39
C LYS C 270 3.92 -32.98 -31.28
N GLY C 271 2.69 -32.50 -31.50
CA GLY C 271 2.03 -31.67 -30.51
C GLY C 271 2.71 -30.33 -30.29
N LEU C 272 3.10 -29.66 -31.37
CA LEU C 272 3.79 -28.39 -31.25
C LEU C 272 2.79 -27.26 -30.96
N ALA C 273 3.30 -26.21 -30.34
CA ALA C 273 2.52 -25.01 -30.05
C ALA C 273 2.65 -24.01 -31.19
N LEU C 274 1.56 -23.28 -31.44
CA LEU C 274 1.53 -22.34 -32.56
C LEU C 274 2.54 -21.21 -32.36
N ILE C 275 2.80 -20.82 -31.11
CA ILE C 275 3.70 -19.69 -30.86
C ILE C 275 5.12 -20.01 -31.32
N ASP C 276 5.58 -21.23 -31.06
CA ASP C 276 6.91 -21.62 -31.53
C ASP C 276 6.99 -21.62 -33.05
N LEU C 277 5.94 -22.10 -33.71
CA LEU C 277 5.91 -22.07 -35.17
C LEU C 277 5.98 -20.63 -35.67
N ILE C 278 5.24 -19.72 -35.03
CA ILE C 278 5.27 -18.32 -35.44
C ILE C 278 6.67 -17.75 -35.27
N GLU C 279 7.32 -18.05 -34.14
CA GLU C 279 8.68 -17.54 -33.92
C GLU C 279 9.63 -18.05 -34.98
N GLY C 280 9.56 -19.36 -35.28
CA GLY C 280 10.44 -19.92 -36.29
C GLY C 280 10.20 -19.34 -37.66
N ILE C 281 8.93 -19.16 -38.03
CA ILE C 281 8.62 -18.58 -39.34
C ILE C 281 9.10 -17.14 -39.42
N VAL C 282 8.96 -16.38 -38.33
CA VAL C 282 9.46 -15.02 -38.30
C VAL C 282 10.96 -15.00 -38.50
N LYS C 283 11.68 -15.89 -37.80
CA LYS C 283 13.12 -15.96 -37.96
C LYS C 283 13.50 -16.29 -39.41
N ILE C 284 12.79 -17.24 -40.02
CA ILE C 284 13.08 -17.61 -41.40
C ILE C 284 12.84 -16.43 -42.33
N LEU C 285 11.69 -15.75 -42.17
CA LEU C 285 11.34 -14.65 -43.06
C LEU C 285 12.24 -13.44 -42.86
N GLU C 286 12.86 -13.30 -41.69
CA GLU C 286 13.76 -12.18 -41.48
C GLU C 286 14.86 -12.13 -42.52
N ASP C 287 15.34 -13.31 -42.94
CA ASP C 287 16.40 -13.39 -43.94
C ASP C 287 15.90 -13.27 -45.36
N TYR C 288 14.58 -13.32 -45.58
CA TYR C 288 14.04 -13.19 -46.93
C TYR C 288 14.25 -11.78 -47.46
N GLU C 289 14.48 -11.69 -48.77
CA GLU C 289 14.71 -10.41 -49.45
C GLU C 289 13.44 -10.08 -50.23
N LEU C 290 12.56 -9.29 -49.61
CA LEU C 290 11.31 -8.90 -50.24
C LEU C 290 11.52 -7.68 -51.12
N GLN C 291 10.77 -7.63 -52.23
CA GLN C 291 10.88 -6.54 -53.17
C GLN C 291 10.04 -5.33 -52.80
N ASN C 292 9.15 -5.46 -51.81
CA ASN C 292 8.26 -4.37 -51.41
C ASN C 292 8.24 -4.27 -49.90
N GLU C 293 8.35 -3.03 -49.39
CA GLU C 293 8.34 -2.82 -47.95
C GLU C 293 6.96 -3.11 -47.36
N GLU C 294 5.90 -2.99 -48.16
CA GLU C 294 4.56 -3.23 -47.65
C GLU C 294 4.41 -4.68 -47.19
N THR C 295 5.02 -5.62 -47.91
CA THR C 295 4.95 -7.02 -47.49
C THR C 295 5.53 -7.21 -46.10
N ARG C 296 6.73 -6.67 -45.86
CA ARG C 296 7.34 -6.78 -44.54
C ARG C 296 6.51 -6.09 -43.48
N VAL C 297 5.97 -4.91 -43.80
CA VAL C 297 5.17 -4.17 -42.83
C VAL C 297 3.95 -4.99 -42.41
N HIS C 298 3.23 -5.52 -43.40
CA HIS C 298 2.04 -6.31 -43.09
C HIS C 298 2.39 -7.56 -42.31
N LEU C 299 3.45 -8.26 -42.73
CA LEU C 299 3.89 -9.45 -42.00
C LEU C 299 4.14 -9.12 -40.54
N LEU C 300 4.96 -8.10 -40.29
CA LEU C 300 5.33 -7.76 -38.93
C LEU C 300 4.10 -7.38 -38.10
N THR C 301 3.27 -6.49 -38.63
CA THR C 301 2.13 -6.01 -37.86
C THR C 301 1.16 -7.15 -37.53
N LYS C 302 0.79 -7.94 -38.54
CA LYS C 302 -0.19 -9.00 -38.32
C LYS C 302 0.37 -10.09 -37.41
N LEU C 303 1.64 -10.45 -37.58
CA LEU C 303 2.22 -11.49 -36.73
C LEU C 303 2.34 -11.02 -35.29
N ALA C 304 2.68 -9.74 -35.09
CA ALA C 304 2.72 -9.20 -33.74
C ALA C 304 1.33 -9.21 -33.11
N ASP C 305 0.31 -8.85 -33.89
CA ASP C 305 -1.07 -8.92 -33.37
C ASP C 305 -1.44 -10.33 -32.98
N ILE C 306 -1.08 -11.31 -33.82
CA ILE C 306 -1.42 -12.70 -33.52
C ILE C 306 -0.69 -13.17 -32.27
N GLU C 307 0.59 -12.80 -32.12
CA GLU C 307 1.33 -13.20 -30.93
C GLU C 307 0.71 -12.59 -29.67
N TYR C 308 0.33 -11.31 -29.73
CA TYR C 308 -0.30 -10.68 -28.59
C TYR C 308 -1.63 -11.35 -28.25
N SER C 309 -2.41 -11.71 -29.27
CA SER C 309 -3.67 -12.42 -29.02
C SER C 309 -3.41 -13.77 -28.38
N ILE C 310 -2.41 -14.50 -28.86
CA ILE C 310 -2.09 -15.81 -28.28
C ILE C 310 -1.67 -15.65 -26.82
N SER C 311 -0.96 -14.57 -26.50
CA SER C 311 -0.50 -14.37 -25.13
C SER C 311 -1.66 -14.35 -24.15
N LYS C 312 -2.85 -13.97 -24.60
CA LYS C 312 -4.04 -13.92 -23.75
C LYS C 312 -4.92 -15.15 -23.88
N GLY C 313 -4.49 -16.15 -24.65
CA GLY C 313 -5.28 -17.36 -24.84
C GLY C 313 -5.99 -17.35 -26.19
N GLY C 314 -7.28 -17.70 -26.18
CA GLY C 314 -8.08 -17.68 -27.39
C GLY C 314 -8.12 -19.00 -28.11
N ASN C 315 -8.85 -19.00 -29.22
CA ASN C 315 -9.00 -20.19 -30.05
C ASN C 315 -7.73 -20.44 -30.85
N ASP C 316 -7.20 -21.66 -30.75
CA ASP C 316 -5.93 -21.98 -31.40
C ASP C 316 -6.11 -22.16 -32.91
N GLN C 317 -7.19 -22.84 -33.33
CA GLN C 317 -7.41 -23.06 -34.75
C GLN C 317 -7.62 -21.75 -35.49
N ILE C 318 -8.40 -20.84 -34.91
CA ILE C 318 -8.62 -19.54 -35.52
C ILE C 318 -7.30 -18.79 -35.64
N GLN C 319 -6.44 -18.89 -34.63
CA GLN C 319 -5.15 -18.22 -34.68
C GLN C 319 -4.26 -18.80 -35.77
N GLY C 320 -4.26 -20.12 -35.94
CA GLY C 320 -3.49 -20.72 -37.01
C GLY C 320 -3.98 -20.29 -38.39
N SER C 321 -5.30 -20.29 -38.58
CA SER C 321 -5.86 -19.81 -39.84
C SER C 321 -5.51 -18.35 -40.06
N ALA C 322 -5.51 -17.56 -39.00
CA ALA C 322 -5.12 -16.15 -39.12
C ALA C 322 -3.67 -16.01 -39.56
N VAL C 323 -2.78 -16.86 -39.01
CA VAL C 323 -1.38 -16.81 -39.43
C VAL C 323 -1.27 -17.14 -40.91
N ILE C 324 -1.97 -18.19 -41.35
CA ILE C 324 -1.91 -18.58 -42.76
C ILE C 324 -2.40 -17.44 -43.63
N GLY C 325 -3.55 -16.87 -43.30
CA GLY C 325 -4.11 -15.80 -44.10
C GLY C 325 -3.24 -14.57 -44.12
N ALA C 326 -2.64 -14.23 -42.98
CA ALA C 326 -1.77 -13.06 -42.91
C ALA C 326 -0.56 -13.24 -43.81
N ILE C 327 0.07 -14.42 -43.76
CA ILE C 327 1.23 -14.66 -44.61
C ILE C 327 0.82 -14.58 -46.09
N LYS C 328 -0.30 -15.21 -46.45
CA LYS C 328 -0.73 -15.20 -47.83
C LYS C 328 -1.01 -13.78 -48.32
N ALA C 329 -1.75 -13.01 -47.52
CA ALA C 329 -2.10 -11.65 -47.92
C ALA C 329 -0.86 -10.77 -48.04
N SER C 330 0.07 -10.91 -47.09
CA SER C 330 1.28 -10.10 -47.15
C SER C 330 2.11 -10.44 -48.38
N PHE C 331 2.22 -11.73 -48.71
CA PHE C 331 3.03 -12.11 -49.86
C PHE C 331 2.32 -11.86 -51.19
N GLU C 332 1.00 -11.66 -51.18
CA GLU C 332 0.32 -11.28 -52.41
C GLU C 332 0.73 -9.91 -52.90
N ASN C 333 1.38 -9.10 -52.06
CA ASN C 333 1.82 -7.76 -52.45
C ASN C 333 3.09 -7.77 -53.29
N GLU C 334 3.82 -8.90 -53.33
CA GLU C 334 5.03 -8.96 -54.14
C GLU C 334 4.72 -8.89 -55.62
N THR C 335 3.63 -9.52 -56.06
CA THR C 335 3.23 -9.52 -57.47
C THR C 335 4.37 -9.97 -58.36
N LEU D 22 -14.61 -42.27 -5.08
CA LEU D 22 -15.81 -42.78 -4.44
C LEU D 22 -17.06 -42.29 -5.17
N ALA D 23 -18.23 -42.67 -4.65
CA ALA D 23 -19.49 -42.28 -5.26
C ALA D 23 -19.90 -40.85 -4.91
N GLN D 24 -19.18 -40.20 -4.00
CA GLN D 24 -19.47 -38.83 -3.60
C GLN D 24 -18.50 -37.83 -4.20
N GLN D 25 -17.79 -38.19 -5.27
CA GLN D 25 -16.82 -37.32 -5.89
C GLN D 25 -17.08 -37.23 -7.39
N PRO D 26 -16.98 -36.04 -7.98
CA PRO D 26 -17.08 -35.94 -9.44
C PRO D 26 -15.95 -36.70 -10.12
N TRP D 27 -16.23 -37.17 -11.34
CA TRP D 27 -15.28 -38.03 -12.05
C TRP D 27 -13.93 -37.34 -12.25
N VAL D 28 -13.93 -36.02 -12.43
CA VAL D 28 -12.67 -35.32 -12.66
C VAL D 28 -11.75 -35.46 -11.46
N GLU D 29 -12.29 -35.27 -10.25
CA GLU D 29 -11.51 -35.47 -9.04
C GLU D 29 -11.33 -36.95 -8.71
N LYS D 30 -12.35 -37.77 -8.99
CA LYS D 30 -12.26 -39.19 -8.67
C LYS D 30 -11.13 -39.86 -9.44
N TYR D 31 -10.97 -39.51 -10.71
CA TYR D 31 -9.98 -40.14 -11.59
C TYR D 31 -8.74 -39.29 -11.76
N ARG D 32 -8.46 -38.38 -10.83
CA ARG D 32 -7.21 -37.63 -10.89
C ARG D 32 -6.03 -38.58 -10.76
N PRO D 33 -4.97 -38.40 -11.55
CA PRO D 33 -3.84 -39.33 -11.47
C PRO D 33 -3.27 -39.40 -10.05
N LYS D 34 -2.96 -40.62 -9.62
CA LYS D 34 -2.36 -40.86 -8.31
C LYS D 34 -0.85 -41.01 -8.38
N ASN D 35 -0.29 -41.38 -9.53
CA ASN D 35 1.14 -41.53 -9.70
C ASN D 35 1.52 -41.05 -11.10
N LEU D 36 2.82 -40.81 -11.29
CA LEU D 36 3.29 -40.28 -12.57
C LEU D 36 2.95 -41.19 -13.74
N ASP D 37 2.79 -42.50 -13.49
CA ASP D 37 2.43 -43.40 -14.58
C ASP D 37 1.00 -43.21 -15.04
N GLU D 38 0.17 -42.52 -14.25
CA GLU D 38 -1.22 -42.28 -14.62
C GLU D 38 -1.39 -41.03 -15.48
N VAL D 39 -0.33 -40.25 -15.70
CA VAL D 39 -0.39 -39.15 -16.64
C VAL D 39 -0.39 -39.71 -18.07
N THR D 40 -1.25 -39.17 -18.91
CA THR D 40 -1.58 -39.83 -20.17
C THR D 40 -0.62 -39.49 -21.30
N ALA D 41 -0.44 -38.21 -21.61
CA ALA D 41 0.26 -37.81 -22.83
C ALA D 41 1.24 -36.68 -22.57
N GLN D 42 1.97 -36.76 -21.46
CA GLN D 42 3.00 -35.78 -21.12
C GLN D 42 4.32 -36.48 -20.87
N ASP D 43 4.67 -37.44 -21.72
CA ASP D 43 5.86 -38.26 -21.49
C ASP D 43 7.14 -37.44 -21.59
N HIS D 44 7.19 -36.47 -22.49
CA HIS D 44 8.42 -35.72 -22.70
C HIS D 44 8.92 -35.04 -21.42
N ALA D 45 8.03 -34.76 -20.47
CA ALA D 45 8.40 -34.20 -19.18
C ALA D 45 8.30 -35.21 -18.04
N VAL D 46 7.32 -36.11 -18.10
CA VAL D 46 7.15 -37.10 -17.05
C VAL D 46 8.34 -38.04 -17.01
N THR D 47 8.96 -38.32 -18.15
CA THR D 47 10.15 -39.17 -18.17
C THR D 47 11.29 -38.52 -17.38
N VAL D 48 11.51 -37.23 -17.58
CA VAL D 48 12.56 -36.52 -16.84
C VAL D 48 12.22 -36.48 -15.36
N LEU D 49 10.94 -36.24 -15.04
CA LEU D 49 10.54 -36.21 -13.63
C LEU D 49 10.76 -37.57 -12.97
N LYS D 50 10.46 -38.66 -13.67
CA LYS D 50 10.71 -39.98 -13.12
C LYS D 50 12.20 -40.25 -12.98
N LYS D 51 13.00 -39.75 -13.93
CA LYS D 51 14.44 -39.91 -13.83
C LYS D 51 14.98 -39.22 -12.58
N THR D 52 14.42 -38.06 -12.25
CA THR D 52 14.90 -37.32 -11.08
C THR D 52 14.76 -38.13 -9.79
N LEU D 53 13.88 -39.13 -9.77
CA LEU D 53 13.71 -39.94 -8.56
C LEU D 53 15.02 -40.61 -8.18
N LYS D 54 15.73 -41.18 -9.17
CA LYS D 54 17.04 -41.76 -8.93
C LYS D 54 18.15 -40.70 -9.00
N SER D 55 18.00 -39.73 -9.90
CA SER D 55 19.02 -38.68 -10.00
C SER D 55 19.10 -37.84 -8.74
N ALA D 56 17.94 -37.52 -8.15
CA ALA D 56 17.88 -36.76 -6.89
C ALA D 56 18.52 -35.39 -7.04
N ASN D 57 18.35 -34.78 -8.21
CA ASN D 57 18.82 -33.41 -8.48
C ASN D 57 17.73 -32.62 -9.19
N LEU D 58 16.52 -32.67 -8.64
CA LEU D 58 15.38 -32.02 -9.27
C LEU D 58 15.66 -30.52 -9.43
N PRO D 59 15.51 -29.95 -10.64
CA PRO D 59 15.72 -28.51 -10.80
C PRO D 59 14.48 -27.70 -10.53
N HIS D 60 14.59 -26.37 -10.62
CA HIS D 60 13.40 -25.52 -10.51
C HIS D 60 12.55 -25.68 -11.77
N MET D 61 11.25 -25.89 -11.57
CA MET D 61 10.34 -26.26 -12.65
C MET D 61 9.35 -25.15 -12.94
N LEU D 62 9.03 -24.98 -14.22
CA LEU D 62 8.00 -24.04 -14.67
C LEU D 62 7.09 -24.81 -15.62
N PHE D 63 5.95 -25.27 -15.10
CA PHE D 63 4.94 -25.95 -15.89
C PHE D 63 4.01 -24.92 -16.53
N TYR D 64 3.82 -25.04 -17.85
CA TYR D 64 2.88 -24.15 -18.52
C TYR D 64 2.18 -24.90 -19.65
N GLY D 65 0.91 -24.57 -19.86
CA GLY D 65 0.11 -25.20 -20.88
C GLY D 65 -1.34 -24.77 -20.81
N PRO D 66 -2.16 -25.25 -21.74
CA PRO D 66 -3.58 -24.85 -21.77
C PRO D 66 -4.35 -25.50 -20.64
N PRO D 67 -5.58 -25.06 -20.38
CA PRO D 67 -6.34 -25.58 -19.24
C PRO D 67 -6.57 -27.09 -19.33
N GLY D 68 -6.56 -27.74 -18.18
CA GLY D 68 -6.91 -29.14 -18.07
C GLY D 68 -5.95 -30.08 -18.79
N THR D 69 -4.65 -29.87 -18.62
CA THR D 69 -3.65 -30.73 -19.25
C THR D 69 -2.90 -31.62 -18.27
N GLY D 70 -2.99 -31.37 -16.97
CA GLY D 70 -2.41 -32.22 -15.96
C GLY D 70 -1.22 -31.65 -15.20
N LYS D 71 -1.02 -30.34 -15.20
CA LYS D 71 0.13 -29.77 -14.50
C LYS D 71 0.03 -29.96 -12.99
N THR D 72 -1.11 -29.58 -12.41
CA THR D 72 -1.30 -29.75 -10.96
C THR D 72 -1.27 -31.22 -10.58
N SER D 73 -1.93 -32.06 -11.37
CA SER D 73 -1.89 -33.50 -11.10
C SER D 73 -0.47 -34.02 -11.16
N THR D 74 0.31 -33.56 -12.15
CA THR D 74 1.67 -34.04 -12.29
C THR D 74 2.53 -33.66 -11.09
N ILE D 75 2.42 -32.41 -10.63
CA ILE D 75 3.24 -32.00 -9.48
C ILE D 75 2.80 -32.74 -8.22
N LEU D 76 1.50 -32.91 -8.03
CA LEU D 76 1.02 -33.64 -6.85
C LEU D 76 1.51 -35.08 -6.87
N ALA D 77 1.45 -35.73 -8.03
CA ALA D 77 1.93 -37.11 -8.13
C ALA D 77 3.43 -37.17 -7.89
N LEU D 78 4.19 -36.19 -8.40
CA LEU D 78 5.62 -36.17 -8.17
C LEU D 78 5.93 -36.07 -6.69
N THR D 79 5.24 -35.19 -5.97
CA THR D 79 5.46 -35.10 -4.53
C THR D 79 5.07 -36.40 -3.83
N LYS D 80 3.94 -36.99 -4.22
CA LYS D 80 3.51 -38.26 -3.65
C LYS D 80 4.60 -39.32 -3.79
N GLU D 81 5.17 -39.44 -4.99
CA GLU D 81 6.20 -40.45 -5.24
C GLU D 81 7.54 -40.08 -4.63
N LEU D 82 7.77 -38.80 -4.33
CA LEU D 82 9.05 -38.38 -3.80
C LEU D 82 9.12 -38.59 -2.29
N TYR D 83 8.09 -38.18 -1.56
CA TYR D 83 8.14 -38.21 -0.10
C TYR D 83 7.19 -39.20 0.54
N GLY D 84 6.21 -39.73 -0.19
CA GLY D 84 5.27 -40.66 0.37
C GLY D 84 4.15 -39.95 1.11
N PRO D 85 3.13 -40.71 1.51
CA PRO D 85 1.94 -40.07 2.11
C PRO D 85 2.23 -39.30 3.39
N ASP D 86 3.17 -39.76 4.21
CA ASP D 86 3.40 -39.16 5.52
C ASP D 86 4.32 -37.94 5.46
N LEU D 87 5.52 -38.11 4.90
CA LEU D 87 6.51 -37.04 4.90
C LEU D 87 6.13 -35.88 3.98
N MET D 88 5.12 -36.04 3.13
CA MET D 88 4.80 -35.00 2.16
C MET D 88 4.36 -33.71 2.83
N LYS D 89 3.55 -33.81 3.88
CA LYS D 89 2.96 -32.62 4.47
C LYS D 89 4.04 -31.65 4.97
N SER D 90 5.08 -32.19 5.59
CA SER D 90 6.14 -31.35 6.14
C SER D 90 7.20 -30.96 5.11
N ARG D 91 7.09 -31.46 3.87
CA ARG D 91 8.06 -31.14 2.83
C ARG D 91 7.51 -30.26 1.72
N ILE D 92 6.20 -30.00 1.71
CA ILE D 92 5.55 -29.26 0.64
C ILE D 92 4.96 -27.98 1.21
N LEU D 93 5.14 -26.88 0.49
CA LEU D 93 4.46 -25.61 0.78
C LEU D 93 3.73 -25.18 -0.48
N GLU D 94 2.40 -25.22 -0.43
CA GLU D 94 1.56 -24.92 -1.59
C GLU D 94 0.91 -23.56 -1.42
N LEU D 95 1.05 -22.70 -2.43
CA LEU D 95 0.39 -21.40 -2.47
C LEU D 95 -0.24 -21.22 -3.84
N ASN D 96 -1.52 -20.85 -3.87
CA ASN D 96 -2.23 -20.65 -5.12
C ASN D 96 -2.94 -19.29 -5.12
N ALA D 97 -3.76 -19.05 -6.15
CA ALA D 97 -4.43 -17.76 -6.28
C ALA D 97 -5.42 -17.49 -5.15
N SER D 98 -5.85 -18.53 -4.43
CA SER D 98 -6.77 -18.33 -3.31
C SER D 98 -6.06 -17.78 -2.08
N ASP D 99 -4.74 -17.69 -2.10
CA ASP D 99 -3.95 -17.19 -0.98
C ASP D 99 -3.30 -15.87 -1.37
N GLU D 100 -3.18 -14.98 -0.38
CA GLU D 100 -2.48 -13.73 -0.60
C GLU D 100 -1.00 -13.99 -0.85
N ARG D 101 -0.46 -13.38 -1.90
CA ARG D 101 0.93 -13.60 -2.31
C ARG D 101 1.59 -12.28 -2.67
N GLY D 102 1.37 -11.27 -1.83
CA GLY D 102 1.98 -9.98 -2.04
C GLY D 102 3.48 -10.02 -1.81
N ILE D 103 4.11 -8.87 -2.06
CA ILE D 103 5.56 -8.79 -1.95
C ILE D 103 6.01 -9.09 -0.52
N SER D 104 5.24 -8.63 0.47
CA SER D 104 5.58 -8.91 1.86
C SER D 104 5.49 -10.40 2.16
N ILE D 105 4.45 -11.07 1.64
CA ILE D 105 4.31 -12.50 1.85
C ILE D 105 5.50 -13.23 1.26
N VAL D 106 5.89 -12.88 0.04
CA VAL D 106 7.02 -13.53 -0.60
C VAL D 106 8.30 -13.27 0.19
N ARG D 107 8.46 -12.04 0.69
CA ARG D 107 9.69 -11.66 1.38
C ARG D 107 9.80 -12.29 2.76
N GLU D 108 8.69 -12.65 3.40
CA GLU D 108 8.74 -13.22 4.75
C GLU D 108 8.40 -14.69 4.79
N LYS D 109 7.18 -15.09 4.38
CA LYS D 109 6.75 -16.47 4.58
C LYS D 109 7.51 -17.43 3.68
N VAL D 110 7.58 -17.12 2.39
CA VAL D 110 8.27 -17.98 1.44
C VAL D 110 9.75 -18.07 1.79
N LYS D 111 10.36 -16.93 2.11
CA LYS D 111 11.77 -16.94 2.49
C LYS D 111 12.01 -17.79 3.73
N ASN D 112 11.15 -17.64 4.75
CA ASN D 112 11.32 -18.40 5.97
C ASN D 112 11.19 -19.89 5.72
N PHE D 113 10.20 -20.29 4.92
CA PHE D 113 10.05 -21.71 4.62
C PHE D 113 11.24 -22.24 3.84
N ALA D 114 11.75 -21.44 2.89
CA ALA D 114 12.89 -21.87 2.09
C ALA D 114 14.16 -21.96 2.93
N ARG D 115 14.26 -21.16 4.00
CA ARG D 115 15.46 -21.18 4.84
C ARG D 115 15.48 -22.35 5.82
N LEU D 116 14.35 -23.01 6.04
CA LEU D 116 14.29 -24.07 7.04
C LEU D 116 15.03 -25.31 6.56
N THR D 117 15.52 -26.07 7.54
CA THR D 117 16.12 -27.37 7.23
C THR D 117 15.02 -28.39 6.92
N VAL D 118 15.36 -29.36 6.07
CA VAL D 118 14.38 -30.36 5.66
C VAL D 118 14.00 -31.21 6.87
N SER D 119 12.72 -31.55 6.95
CA SER D 119 12.24 -32.40 8.04
C SER D 119 12.92 -33.76 8.00
N LYS D 120 13.17 -34.31 9.17
CA LYS D 120 13.90 -35.57 9.27
C LYS D 120 13.02 -36.72 8.81
N PRO D 121 13.41 -37.48 7.79
CA PRO D 121 12.62 -38.66 7.41
C PRO D 121 12.69 -39.74 8.48
N SER D 122 11.63 -40.54 8.53
CA SER D 122 11.61 -41.69 9.42
C SER D 122 12.23 -42.90 8.71
N LYS D 123 12.46 -43.97 9.49
CA LYS D 123 13.04 -45.17 8.91
C LYS D 123 12.14 -45.75 7.83
N HIS D 124 10.83 -45.80 8.10
CA HIS D 124 9.87 -46.25 7.10
C HIS D 124 10.03 -45.46 5.79
N ASP D 125 10.06 -44.13 5.90
CA ASP D 125 10.18 -43.30 4.71
C ASP D 125 11.49 -43.56 3.98
N LEU D 126 12.59 -43.66 4.72
CA LEU D 126 13.90 -43.86 4.07
C LEU D 126 13.95 -45.20 3.34
N GLU D 127 13.44 -46.26 3.97
CA GLU D 127 13.49 -47.58 3.35
C GLU D 127 12.45 -47.77 2.25
N ASN D 128 11.41 -46.93 2.20
CA ASN D 128 10.33 -47.12 1.23
C ASN D 128 10.21 -46.01 0.20
N TYR D 129 10.85 -44.86 0.40
CA TYR D 129 10.76 -43.76 -0.54
C TYR D 129 12.14 -43.13 -0.75
N PRO D 130 12.39 -42.55 -1.92
CA PRO D 130 13.72 -41.96 -2.18
C PRO D 130 14.11 -40.88 -1.20
N CYS D 131 13.15 -40.06 -0.75
CA CYS D 131 13.41 -39.03 0.25
C CYS D 131 14.55 -38.12 -0.19
N PRO D 132 14.35 -37.29 -1.21
CA PRO D 132 15.41 -36.38 -1.62
C PRO D 132 15.69 -35.35 -0.53
N PRO D 133 16.91 -34.82 -0.46
CA PRO D 133 17.31 -33.91 0.63
C PRO D 133 16.90 -32.46 0.41
N TYR D 134 15.64 -32.24 0.02
CA TYR D 134 15.15 -30.88 -0.16
C TYR D 134 13.63 -30.89 -0.10
N LYS D 135 13.07 -29.70 0.11
CA LYS D 135 11.63 -29.48 0.14
C LYS D 135 11.19 -28.77 -1.14
N ILE D 136 9.88 -28.71 -1.34
CA ILE D 136 9.30 -28.16 -2.56
C ILE D 136 8.27 -27.08 -2.20
N ILE D 137 8.39 -25.94 -2.86
CA ILE D 137 7.39 -24.88 -2.79
C ILE D 137 6.70 -24.82 -4.15
N ILE D 138 5.38 -25.00 -4.15
CA ILE D 138 4.58 -25.01 -5.35
C ILE D 138 3.75 -23.73 -5.37
N LEU D 139 4.08 -22.84 -6.29
CA LEU D 139 3.31 -21.61 -6.51
C LEU D 139 2.40 -21.86 -7.71
N ASP D 140 1.24 -22.44 -7.44
CA ASP D 140 0.27 -22.72 -8.50
C ASP D 140 -0.38 -21.42 -8.97
N GLU D 141 -0.68 -21.36 -10.26
CA GLU D 141 -1.28 -20.17 -10.86
C GLU D 141 -0.38 -18.94 -10.64
N ALA D 142 0.92 -19.13 -10.85
CA ALA D 142 1.88 -18.06 -10.61
C ALA D 142 1.69 -16.87 -11.54
N ASP D 143 1.01 -17.06 -12.67
CA ASP D 143 0.80 -15.95 -13.60
C ASP D 143 -0.03 -14.83 -12.98
N SER D 144 -0.74 -15.12 -11.88
CA SER D 144 -1.53 -14.10 -11.20
C SER D 144 -0.70 -13.26 -10.24
N MET D 145 0.58 -13.59 -10.03
CA MET D 145 1.42 -12.84 -9.11
C MET D 145 1.99 -11.60 -9.80
N THR D 146 2.17 -10.54 -9.01
CA THR D 146 2.72 -9.31 -9.53
C THR D 146 4.21 -9.46 -9.82
N ALA D 147 4.74 -8.54 -10.64
CA ALA D 147 6.14 -8.61 -11.02
C ALA D 147 7.07 -8.39 -9.83
N ASP D 148 6.66 -7.54 -8.87
CA ASP D 148 7.51 -7.29 -7.71
C ASP D 148 7.71 -8.55 -6.89
N ALA D 149 6.65 -9.34 -6.72
CA ALA D 149 6.77 -10.60 -5.96
C ALA D 149 7.73 -11.56 -6.66
N GLN D 150 7.65 -11.65 -7.98
CA GLN D 150 8.59 -12.51 -8.72
C GLN D 150 10.01 -12.02 -8.58
N SER D 151 10.22 -10.70 -8.65
CA SER D 151 11.56 -10.16 -8.44
C SER D 151 12.09 -10.51 -7.06
N ALA D 152 11.22 -10.43 -6.05
CA ALA D 152 11.62 -10.86 -4.71
C ALA D 152 11.96 -12.34 -4.66
N LEU D 153 11.23 -13.16 -5.42
CA LEU D 153 11.48 -14.59 -5.43
C LEU D 153 12.81 -14.95 -6.09
N ARG D 154 13.29 -14.13 -7.02
CA ARG D 154 14.48 -14.49 -7.78
C ARG D 154 15.61 -15.00 -6.90
N ARG D 155 16.13 -14.13 -6.01
CA ARG D 155 17.28 -14.52 -5.21
C ARG D 155 16.92 -15.48 -4.10
N THR D 156 15.66 -15.52 -3.67
CA THR D 156 15.26 -16.53 -2.69
C THR D 156 15.40 -17.92 -3.28
N MET D 157 14.95 -18.11 -4.53
CA MET D 157 15.17 -19.40 -5.18
C MET D 157 16.64 -19.66 -5.42
N GLU D 158 17.38 -18.64 -5.87
CA GLU D 158 18.79 -18.88 -6.20
C GLU D 158 19.61 -19.27 -4.98
N THR D 159 19.39 -18.59 -3.84
CA THR D 159 20.27 -18.75 -2.69
C THR D 159 20.10 -20.12 -2.03
N TYR D 160 18.84 -20.52 -1.78
CA TYR D 160 18.55 -21.72 -1.01
C TYR D 160 18.18 -22.91 -1.88
N SER D 161 18.80 -23.03 -3.06
CA SER D 161 18.53 -24.17 -3.91
C SER D 161 18.96 -25.48 -3.27
N GLY D 162 19.92 -25.42 -2.34
CA GLY D 162 20.42 -26.63 -1.72
C GLY D 162 19.37 -27.37 -0.91
N VAL D 163 18.44 -26.63 -0.30
CA VAL D 163 17.43 -27.23 0.57
C VAL D 163 16.02 -27.04 0.05
N THR D 164 15.81 -26.26 -1.02
CA THR D 164 14.47 -25.98 -1.52
C THR D 164 14.48 -25.96 -3.04
N ARG D 165 13.36 -26.39 -3.62
CA ARG D 165 13.13 -26.30 -5.05
C ARG D 165 11.75 -25.72 -5.30
N PHE D 166 11.63 -24.97 -6.39
CA PHE D 166 10.42 -24.21 -6.70
C PHE D 166 9.73 -24.78 -7.92
N CYS D 167 8.40 -24.80 -7.88
CA CYS D 167 7.58 -25.20 -9.02
C CYS D 167 6.55 -24.11 -9.28
N LEU D 168 6.65 -23.47 -10.45
CA LEU D 168 5.71 -22.43 -10.86
C LEU D 168 4.81 -23.01 -11.94
N ILE D 169 3.51 -22.99 -11.70
CA ILE D 169 2.52 -23.52 -12.64
C ILE D 169 1.69 -22.36 -13.16
N CYS D 170 1.57 -22.26 -14.48
CA CYS D 170 0.84 -21.15 -15.08
C CYS D 170 0.19 -21.60 -16.37
N ASN D 171 -0.78 -20.80 -16.82
CA ASN D 171 -1.42 -20.99 -18.12
C ASN D 171 -0.82 -20.11 -19.20
N TYR D 172 -0.43 -18.89 -18.86
CA TYR D 172 0.18 -17.94 -19.80
C TYR D 172 1.61 -17.70 -19.34
N VAL D 173 2.58 -18.30 -20.05
CA VAL D 173 3.97 -18.21 -19.65
C VAL D 173 4.48 -16.78 -19.77
N THR D 174 3.90 -15.98 -20.67
CA THR D 174 4.36 -14.60 -20.85
C THR D 174 4.16 -13.76 -19.60
N ARG D 175 3.28 -14.17 -18.69
CA ARG D 175 3.05 -13.43 -17.46
C ARG D 175 4.15 -13.63 -16.42
N ILE D 176 5.07 -14.57 -16.65
CA ILE D 176 6.19 -14.79 -15.76
C ILE D 176 7.35 -13.91 -16.22
N ILE D 177 7.94 -13.17 -15.29
CA ILE D 177 9.04 -12.27 -15.66
C ILE D 177 10.21 -13.08 -16.20
N ASP D 178 10.98 -12.46 -17.10
CA ASP D 178 12.05 -13.17 -17.76
C ASP D 178 13.07 -13.78 -16.80
N PRO D 179 13.52 -13.08 -15.75
CA PRO D 179 14.48 -13.71 -14.83
C PRO D 179 13.98 -15.01 -14.23
N LEU D 180 12.71 -15.08 -13.84
CA LEU D 180 12.18 -16.31 -13.26
C LEU D 180 12.13 -17.43 -14.30
N ALA D 181 11.71 -17.12 -15.52
CA ALA D 181 11.71 -18.13 -16.57
C ALA D 181 13.12 -18.64 -16.84
N SER D 182 14.11 -17.74 -16.80
CA SER D 182 15.49 -18.16 -16.96
C SER D 182 15.92 -19.09 -15.84
N ARG D 183 15.55 -18.76 -14.60
CA ARG D 183 15.97 -19.59 -13.46
C ARG D 183 15.33 -20.96 -13.49
N CYS D 184 14.16 -21.10 -14.09
CA CYS D 184 13.40 -22.34 -14.04
C CYS D 184 13.61 -23.15 -15.32
N SER D 185 13.51 -24.47 -15.17
CA SER D 185 13.47 -25.36 -16.32
C SER D 185 12.03 -25.49 -16.81
N LYS D 186 11.82 -25.24 -18.09
CA LYS D 186 10.48 -25.12 -18.64
C LYS D 186 9.93 -26.48 -19.06
N PHE D 187 8.64 -26.69 -18.79
CA PHE D 187 7.92 -27.89 -19.22
C PHE D 187 6.59 -27.45 -19.82
N ARG D 188 6.43 -27.66 -21.12
CA ARG D 188 5.20 -27.33 -21.82
C ARG D 188 4.31 -28.57 -21.86
N PHE D 189 3.11 -28.44 -21.34
CA PHE D 189 2.13 -29.53 -21.34
C PHE D 189 1.30 -29.44 -22.62
N LYS D 190 1.38 -30.47 -23.44
CA LYS D 190 0.70 -30.45 -24.73
C LYS D 190 -0.81 -30.60 -24.57
N ALA D 191 -1.54 -30.08 -25.56
CA ALA D 191 -2.99 -30.24 -25.56
C ALA D 191 -3.36 -31.70 -25.73
N LEU D 192 -4.46 -32.10 -25.08
CA LEU D 192 -4.91 -33.48 -25.09
C LEU D 192 -6.06 -33.62 -26.09
N ASP D 193 -5.86 -34.47 -27.10
CA ASP D 193 -6.85 -34.64 -28.17
C ASP D 193 -7.21 -36.11 -28.34
N ALA D 194 -7.98 -36.41 -29.39
CA ALA D 194 -8.43 -37.78 -29.61
C ALA D 194 -7.29 -38.74 -29.93
N SER D 195 -6.12 -38.23 -30.28
CA SER D 195 -5.01 -39.10 -30.67
C SER D 195 -4.15 -39.54 -29.50
N ASN D 196 -3.98 -38.69 -28.49
CA ASN D 196 -3.08 -38.97 -27.39
C ASN D 196 -3.78 -39.18 -26.05
N ALA D 197 -5.07 -38.91 -25.95
CA ALA D 197 -5.80 -39.03 -24.69
C ALA D 197 -6.99 -39.98 -24.80
N ILE D 198 -7.16 -40.68 -25.92
CA ILE D 198 -8.32 -41.57 -26.08
C ILE D 198 -8.23 -42.72 -25.08
N ASP D 199 -7.02 -43.20 -24.80
CA ASP D 199 -6.87 -44.36 -23.92
C ASP D 199 -7.40 -44.07 -22.51
N ARG D 200 -7.06 -42.92 -21.96
CA ARG D 200 -7.51 -42.59 -20.61
C ARG D 200 -9.02 -42.45 -20.55
N LEU D 201 -9.62 -41.79 -21.54
CA LEU D 201 -11.07 -41.63 -21.56
C LEU D 201 -11.76 -42.98 -21.71
N ARG D 202 -11.22 -43.86 -22.56
CA ARG D 202 -11.80 -45.19 -22.71
C ARG D 202 -11.69 -45.99 -21.43
N PHE D 203 -10.54 -45.88 -20.73
CA PHE D 203 -10.39 -46.56 -19.46
C PHE D 203 -11.42 -46.06 -18.44
N ILE D 204 -11.62 -44.74 -18.37
CA ILE D 204 -12.59 -44.19 -17.44
C ILE D 204 -13.99 -44.68 -17.78
N SER D 205 -14.34 -44.68 -19.07
CA SER D 205 -15.66 -45.13 -19.47
C SER D 205 -15.86 -46.60 -19.13
N GLU D 206 -14.85 -47.44 -19.37
CA GLU D 206 -14.96 -48.85 -19.04
C GLU D 206 -15.13 -49.06 -17.55
N GLN D 207 -14.34 -48.36 -16.73
CA GLN D 207 -14.46 -48.50 -15.29
C GLN D 207 -15.82 -48.03 -14.78
N GLU D 208 -16.45 -47.10 -15.49
CA GLU D 208 -17.77 -46.59 -15.13
C GLU D 208 -18.90 -47.35 -15.82
N ASN D 209 -18.57 -48.32 -16.66
CA ASN D 209 -19.59 -49.12 -17.37
C ASN D 209 -20.49 -48.23 -18.22
N VAL D 210 -19.87 -47.31 -18.95
CA VAL D 210 -20.59 -46.41 -19.85
C VAL D 210 -20.63 -47.03 -21.24
N LYS D 211 -21.82 -47.17 -21.79
CA LYS D 211 -22.02 -47.72 -23.12
C LYS D 211 -22.11 -46.58 -24.12
N CYS D 212 -21.19 -46.55 -25.08
CA CYS D 212 -21.13 -45.49 -26.08
C CYS D 212 -20.96 -46.10 -27.47
N ASP D 213 -21.52 -45.41 -28.46
CA ASP D 213 -21.35 -45.82 -29.84
C ASP D 213 -19.93 -45.52 -30.32
N ASP D 214 -19.55 -46.17 -31.42
CA ASP D 214 -18.23 -45.95 -31.98
C ASP D 214 -18.04 -44.50 -32.37
N GLY D 215 -16.89 -43.93 -32.02
CA GLY D 215 -16.58 -42.55 -32.32
C GLY D 215 -17.12 -41.54 -31.34
N VAL D 216 -17.88 -41.98 -30.33
CA VAL D 216 -18.43 -41.05 -29.36
C VAL D 216 -17.30 -40.42 -28.52
N LEU D 217 -16.37 -41.25 -28.05
CA LEU D 217 -15.25 -40.73 -27.27
C LEU D 217 -14.38 -39.81 -28.11
N GLU D 218 -14.13 -40.18 -29.37
CA GLU D 218 -13.36 -39.32 -30.25
C GLU D 218 -14.07 -37.99 -30.45
N ARG D 219 -15.39 -38.01 -30.62
CA ARG D 219 -16.14 -36.76 -30.77
C ARG D 219 -16.05 -35.92 -29.50
N ILE D 220 -16.12 -36.55 -28.33
CA ILE D 220 -16.01 -35.82 -27.07
C ILE D 220 -14.66 -35.13 -27.00
N LEU D 221 -13.59 -35.87 -27.32
CA LEU D 221 -12.25 -35.28 -27.25
C LEU D 221 -12.06 -34.19 -28.29
N ASP D 222 -12.69 -34.32 -29.47
CA ASP D 222 -12.63 -33.24 -30.45
C ASP D 222 -13.35 -32.00 -29.95
N ILE D 223 -14.50 -32.17 -29.30
CA ILE D 223 -15.26 -31.04 -28.81
C ILE D 223 -14.52 -30.35 -27.67
N SER D 224 -13.88 -31.12 -26.79
CA SER D 224 -13.20 -30.54 -25.65
C SER D 224 -12.08 -29.61 -26.07
N ALA D 225 -11.41 -29.91 -27.18
CA ALA D 225 -10.38 -29.05 -27.76
C ALA D 225 -9.22 -28.85 -26.78
N GLY D 226 -8.57 -29.96 -26.43
CA GLY D 226 -7.35 -29.93 -25.64
C GLY D 226 -7.54 -30.06 -24.15
N ASP D 227 -8.77 -30.01 -23.65
CA ASP D 227 -9.06 -30.03 -22.22
C ASP D 227 -9.67 -31.39 -21.86
N LEU D 228 -8.89 -32.21 -21.15
CA LEU D 228 -9.39 -33.52 -20.75
C LEU D 228 -10.41 -33.41 -19.61
N ARG D 229 -10.29 -32.39 -18.77
CA ARG D 229 -11.28 -32.19 -17.71
C ARG D 229 -12.67 -31.95 -18.30
N ARG D 230 -12.75 -31.12 -19.34
CA ARG D 230 -14.04 -30.89 -20.00
C ARG D 230 -14.58 -32.17 -20.61
N GLY D 231 -13.71 -32.98 -21.23
CA GLY D 231 -14.15 -34.23 -21.80
C GLY D 231 -14.69 -35.19 -20.76
N ILE D 232 -14.01 -35.29 -19.62
CA ILE D 232 -14.48 -36.18 -18.56
C ILE D 232 -15.81 -35.68 -18.00
N THR D 233 -15.96 -34.36 -17.82
CA THR D 233 -17.22 -33.84 -17.34
C THR D 233 -18.36 -34.11 -18.32
N LEU D 234 -18.09 -33.96 -19.62
CA LEU D 234 -19.11 -34.24 -20.62
C LEU D 234 -19.48 -35.73 -20.61
N LEU D 235 -18.48 -36.60 -20.47
CA LEU D 235 -18.77 -38.03 -20.39
C LEU D 235 -19.62 -38.35 -19.18
N GLN D 236 -19.32 -37.72 -18.03
CA GLN D 236 -20.14 -37.96 -16.85
C GLN D 236 -21.56 -37.48 -17.05
N SER D 237 -21.74 -36.32 -17.68
CA SER D 237 -23.08 -35.81 -17.95
C SER D 237 -23.84 -36.76 -18.86
N ALA D 238 -23.19 -37.25 -19.91
CA ALA D 238 -23.85 -38.19 -20.82
C ALA D 238 -24.22 -39.48 -20.09
N SER D 239 -23.33 -39.97 -19.22
CA SER D 239 -23.63 -41.17 -18.46
C SER D 239 -24.82 -40.96 -17.54
N LYS D 240 -24.88 -39.80 -16.88
CA LYS D 240 -26.02 -39.49 -16.02
C LYS D 240 -27.32 -39.46 -16.83
N GLY D 241 -27.29 -38.83 -17.99
CA GLY D 241 -28.48 -38.80 -18.83
C GLY D 241 -28.91 -40.18 -19.25
N ALA D 242 -27.96 -41.02 -19.67
CA ALA D 242 -28.29 -42.38 -20.09
C ALA D 242 -28.87 -43.18 -18.93
N GLN D 243 -28.27 -43.05 -17.74
CA GLN D 243 -28.77 -43.78 -16.58
C GLN D 243 -30.18 -43.33 -16.23
N TYR D 244 -30.45 -42.03 -16.29
CA TYR D 244 -31.80 -41.55 -16.00
C TYR D 244 -32.80 -42.06 -17.02
N LEU D 245 -32.40 -42.09 -18.30
CA LEU D 245 -33.30 -42.61 -19.33
C LEU D 245 -33.64 -44.07 -19.07
N GLY D 246 -32.64 -44.86 -18.66
CA GLY D 246 -32.89 -46.25 -18.33
C GLY D 246 -33.38 -47.09 -19.49
N ASP D 247 -32.88 -46.81 -20.69
CA ASP D 247 -33.28 -47.55 -21.89
C ASP D 247 -32.27 -48.61 -22.31
N GLY D 248 -31.12 -48.67 -21.66
CA GLY D 248 -30.11 -49.66 -22.02
C GLY D 248 -29.63 -49.51 -23.44
N LYS D 249 -29.37 -48.29 -23.88
CA LYS D 249 -28.93 -48.01 -25.24
C LYS D 249 -27.62 -47.23 -25.21
N ASN D 250 -26.80 -47.45 -26.22
CA ASN D 250 -25.52 -46.77 -26.30
C ASN D 250 -25.71 -45.27 -26.47
N ILE D 251 -24.87 -44.49 -25.80
CA ILE D 251 -24.90 -43.04 -25.94
C ILE D 251 -24.48 -42.67 -27.36
N THR D 252 -25.24 -41.79 -27.98
CA THR D 252 -24.98 -41.37 -29.36
C THR D 252 -24.27 -40.02 -29.38
N SER D 253 -23.72 -39.69 -30.55
CA SER D 253 -23.01 -38.43 -30.69
C SER D 253 -23.96 -37.23 -30.68
N THR D 254 -25.24 -37.43 -31.02
CA THR D 254 -26.17 -36.31 -31.06
C THR D 254 -26.35 -35.70 -29.67
N GLN D 255 -26.65 -36.53 -28.67
CA GLN D 255 -26.82 -36.00 -27.32
C GLN D 255 -25.50 -35.49 -26.75
N VAL D 256 -24.38 -36.07 -27.16
CA VAL D 256 -23.08 -35.56 -26.74
C VAL D 256 -22.88 -34.14 -27.25
N GLU D 257 -23.21 -33.89 -28.53
CA GLU D 257 -23.11 -32.55 -29.08
C GLU D 257 -24.11 -31.61 -28.40
N GLU D 258 -25.31 -32.11 -28.11
CA GLU D 258 -26.31 -31.27 -27.45
C GLU D 258 -25.85 -30.84 -26.07
N LEU D 259 -25.24 -31.75 -25.31
CA LEU D 259 -24.77 -31.41 -23.97
C LEU D 259 -23.60 -30.44 -24.01
N ALA D 260 -22.82 -30.46 -25.08
CA ALA D 260 -21.64 -29.61 -25.20
C ALA D 260 -21.96 -28.21 -25.74
N GLY D 261 -23.22 -27.93 -26.06
CA GLY D 261 -23.59 -26.64 -26.58
C GLY D 261 -23.26 -26.41 -28.04
N VAL D 262 -22.96 -27.47 -28.79
CA VAL D 262 -22.64 -27.31 -30.20
C VAL D 262 -23.91 -27.00 -30.97
N VAL D 263 -23.85 -25.97 -31.81
CA VAL D 263 -25.04 -25.57 -32.59
C VAL D 263 -25.37 -26.68 -33.59
N PRO D 264 -26.65 -27.02 -33.79
CA PRO D 264 -26.99 -28.02 -34.81
C PRO D 264 -26.56 -27.55 -36.20
N HIS D 265 -26.22 -28.52 -37.05
CA HIS D 265 -25.73 -28.20 -38.38
C HIS D 265 -26.78 -27.46 -39.21
N ASP D 266 -28.07 -27.77 -39.00
CA ASP D 266 -29.11 -27.08 -39.74
C ASP D 266 -29.10 -25.59 -39.44
N ILE D 267 -28.92 -25.22 -38.17
CA ILE D 267 -28.87 -23.81 -37.80
C ILE D 267 -27.67 -23.13 -38.43
N LEU D 268 -26.53 -23.81 -38.45
CA LEU D 268 -25.33 -23.24 -39.07
C LEU D 268 -25.54 -23.03 -40.56
N ILE D 269 -26.18 -23.99 -41.23
CA ILE D 269 -26.47 -23.85 -42.66
C ILE D 269 -27.43 -22.69 -42.89
N GLU D 270 -28.41 -22.52 -42.01
CA GLU D 270 -29.33 -21.39 -42.12
C GLU D 270 -28.58 -20.06 -41.99
N ILE D 271 -27.66 -19.98 -41.02
CA ILE D 271 -26.88 -18.77 -40.85
C ILE D 271 -26.03 -18.50 -42.09
N VAL D 272 -25.42 -19.55 -42.65
CA VAL D 272 -24.60 -19.39 -43.83
C VAL D 272 -25.44 -18.89 -45.00
N GLU D 273 -26.64 -19.45 -45.17
CA GLU D 273 -27.52 -19.01 -46.25
C GLU D 273 -27.93 -17.55 -46.06
N LYS D 274 -28.27 -17.16 -44.84
CA LYS D 274 -28.63 -15.76 -44.60
C LYS D 274 -27.46 -14.83 -44.89
N VAL D 275 -26.24 -15.25 -44.52
CA VAL D 275 -25.06 -14.45 -44.84
C VAL D 275 -24.89 -14.34 -46.34
N LYS D 276 -25.06 -15.44 -47.07
CA LYS D 276 -24.93 -15.42 -48.52
C LYS D 276 -25.98 -14.52 -49.15
N SER D 277 -27.16 -14.39 -48.52
CA SER D 277 -28.18 -13.50 -49.05
C SER D 277 -27.69 -12.06 -49.10
N GLY D 278 -26.99 -11.61 -48.07
CA GLY D 278 -26.38 -10.29 -48.05
C GLY D 278 -27.28 -9.16 -47.61
N ASP D 279 -28.50 -9.46 -47.14
CA ASP D 279 -29.42 -8.42 -46.69
C ASP D 279 -29.19 -8.13 -45.22
N PHE D 280 -28.98 -6.86 -44.88
CA PHE D 280 -28.72 -6.49 -43.50
C PHE D 280 -29.91 -6.77 -42.60
N ASP D 281 -31.11 -6.42 -43.04
CA ASP D 281 -32.29 -6.58 -42.19
C ASP D 281 -32.57 -8.05 -41.90
N GLU D 282 -32.47 -8.92 -42.91
CA GLU D 282 -32.72 -10.34 -42.69
C GLU D 282 -31.68 -10.92 -41.74
N ILE D 283 -30.41 -10.56 -41.91
CA ILE D 283 -29.36 -11.05 -41.02
C ILE D 283 -29.62 -10.58 -39.59
N LYS D 284 -30.00 -9.31 -39.43
CA LYS D 284 -30.27 -8.78 -38.09
C LYS D 284 -31.43 -9.52 -37.43
N LYS D 285 -32.52 -9.73 -38.18
CA LYS D 285 -33.67 -10.43 -37.61
C LYS D 285 -33.31 -11.86 -37.24
N TYR D 286 -32.59 -12.56 -38.11
CA TYR D 286 -32.21 -13.94 -37.81
C TYR D 286 -31.29 -14.01 -36.60
N VAL D 287 -30.35 -13.07 -36.49
CA VAL D 287 -29.45 -13.07 -35.34
C VAL D 287 -30.21 -12.77 -34.06
N ASN D 288 -31.19 -11.87 -34.13
CA ASN D 288 -32.01 -11.60 -32.95
C ASN D 288 -32.77 -12.84 -32.51
N THR D 289 -33.34 -13.57 -33.46
CA THR D 289 -34.01 -14.82 -33.10
C THR D 289 -33.02 -15.85 -32.56
N PHE D 290 -31.83 -15.92 -33.16
CA PHE D 290 -30.85 -16.93 -32.79
C PHE D 290 -30.32 -16.71 -31.37
N MET D 291 -30.09 -15.45 -30.99
CA MET D 291 -29.52 -15.16 -29.69
C MET D 291 -30.46 -15.56 -28.54
N LYS D 292 -31.74 -15.76 -28.82
CA LYS D 292 -32.67 -16.18 -27.78
C LYS D 292 -32.52 -17.64 -27.38
N SER D 293 -31.78 -18.43 -28.16
CA SER D 293 -31.55 -19.83 -27.83
C SER D 293 -30.41 -20.02 -26.83
N GLY D 294 -29.61 -18.99 -26.58
CA GLY D 294 -28.54 -19.07 -25.60
C GLY D 294 -27.23 -19.63 -26.10
N TRP D 295 -27.09 -19.86 -27.41
CA TRP D 295 -25.84 -20.38 -27.92
C TRP D 295 -24.70 -19.43 -27.60
N SER D 296 -23.56 -19.99 -27.18
CA SER D 296 -22.39 -19.18 -26.88
C SER D 296 -21.76 -18.69 -28.17
N ALA D 297 -21.27 -17.44 -28.13
CA ALA D 297 -20.67 -16.84 -29.32
C ALA D 297 -19.41 -17.59 -29.74
N ALA D 298 -18.62 -18.07 -28.78
CA ALA D 298 -17.37 -18.73 -29.11
C ALA D 298 -17.63 -20.00 -29.93
N SER D 299 -18.63 -20.79 -29.54
CA SER D 299 -18.94 -22.00 -30.28
C SER D 299 -19.40 -21.67 -31.70
N VAL D 300 -20.23 -20.65 -31.85
CA VAL D 300 -20.70 -20.25 -33.18
C VAL D 300 -19.52 -19.82 -34.04
N VAL D 301 -18.62 -19.01 -33.48
CA VAL D 301 -17.47 -18.54 -34.25
C VAL D 301 -16.59 -19.71 -34.67
N ASN D 302 -16.35 -20.64 -33.74
CA ASN D 302 -15.52 -21.80 -34.07
C ASN D 302 -16.16 -22.65 -35.17
N GLN D 303 -17.46 -22.88 -35.08
CA GLN D 303 -18.14 -23.68 -36.11
C GLN D 303 -18.12 -22.96 -37.46
N LEU D 304 -18.33 -21.65 -37.46
CA LEU D 304 -18.26 -20.90 -38.71
C LEU D 304 -16.87 -20.95 -39.32
N HIS D 305 -15.84 -20.84 -38.48
CA HIS D 305 -14.48 -20.94 -38.97
C HIS D 305 -14.23 -22.31 -39.60
N GLU D 306 -14.66 -23.37 -38.93
CA GLU D 306 -14.49 -24.71 -39.48
C GLU D 306 -15.22 -24.87 -40.80
N TYR D 307 -16.45 -24.35 -40.88
CA TYR D 307 -17.23 -24.49 -42.10
C TYR D 307 -16.59 -23.73 -43.26
N TYR D 308 -16.11 -22.51 -43.02
CA TYR D 308 -15.65 -21.67 -44.12
C TYR D 308 -14.24 -22.02 -44.56
N ILE D 309 -13.33 -22.30 -43.61
CA ILE D 309 -11.95 -22.56 -43.98
C ILE D 309 -11.83 -23.87 -44.76
N THR D 310 -12.63 -24.87 -44.42
CA THR D 310 -12.55 -26.18 -45.05
C THR D 310 -13.51 -26.36 -46.22
N ASN D 311 -14.08 -25.27 -46.73
CA ASN D 311 -15.01 -25.33 -47.85
C ASN D 311 -14.25 -25.02 -49.14
N ASP D 312 -14.44 -25.85 -50.15
CA ASP D 312 -13.73 -25.70 -51.42
C ASP D 312 -14.37 -24.67 -52.33
N ASN D 313 -15.59 -24.22 -52.04
CA ASN D 313 -16.28 -23.25 -52.89
C ASN D 313 -16.02 -21.81 -52.44
N PHE D 314 -14.74 -21.47 -52.27
CA PHE D 314 -14.35 -20.13 -51.88
C PHE D 314 -12.92 -19.88 -52.35
N ASP D 315 -12.66 -18.65 -52.80
CA ASP D 315 -11.36 -18.32 -53.36
C ASP D 315 -10.35 -18.02 -52.25
N THR D 316 -9.08 -17.87 -52.66
CA THR D 316 -8.03 -17.59 -51.70
C THR D 316 -8.24 -16.25 -51.01
N ASN D 317 -8.67 -15.23 -51.77
CA ASN D 317 -8.86 -13.91 -51.18
C ASN D 317 -9.98 -13.92 -50.14
N PHE D 318 -11.07 -14.63 -50.43
CA PHE D 318 -12.18 -14.70 -49.50
C PHE D 318 -11.74 -15.33 -48.18
N LYS D 319 -11.00 -16.44 -48.26
CA LYS D 319 -10.53 -17.09 -47.05
C LYS D 319 -9.51 -16.22 -46.31
N ASN D 320 -8.65 -15.52 -47.06
CA ASN D 320 -7.69 -14.63 -46.43
C ASN D 320 -8.40 -13.56 -45.62
N GLN D 321 -9.49 -12.99 -46.16
CA GLN D 321 -10.21 -11.95 -45.43
C GLN D 321 -11.00 -12.55 -44.26
N ILE D 322 -11.64 -13.70 -44.47
CA ILE D 322 -12.49 -14.27 -43.43
C ILE D 322 -11.66 -14.74 -42.25
N SER D 323 -10.43 -15.22 -42.49
CA SER D 323 -9.58 -15.64 -41.38
C SER D 323 -9.29 -14.47 -40.46
N TRP D 324 -8.94 -13.31 -41.03
CA TRP D 324 -8.69 -12.13 -40.21
C TRP D 324 -9.96 -11.65 -39.51
N LEU D 325 -11.10 -11.70 -40.20
CA LEU D 325 -12.35 -11.31 -39.57
C LEU D 325 -12.65 -12.18 -38.36
N LEU D 326 -12.49 -13.50 -38.51
CA LEU D 326 -12.74 -14.41 -37.41
C LEU D 326 -11.74 -14.19 -36.27
N PHE D 327 -10.48 -13.94 -36.60
CA PHE D 327 -9.48 -13.66 -35.58
C PHE D 327 -9.85 -12.41 -34.78
N THR D 328 -10.27 -11.34 -35.48
CA THR D 328 -10.66 -10.11 -34.79
C THR D 328 -11.86 -10.36 -33.90
N THR D 329 -12.87 -11.08 -34.40
CA THR D 329 -14.05 -11.34 -33.59
C THR D 329 -13.71 -12.17 -32.36
N ASP D 330 -12.86 -13.18 -32.52
CA ASP D 330 -12.48 -14.01 -31.39
C ASP D 330 -11.70 -13.21 -30.36
N SER D 331 -10.78 -12.36 -30.82
CA SER D 331 -10.02 -11.53 -29.88
C SER D 331 -10.94 -10.58 -29.11
N ARG D 332 -11.92 -9.98 -29.81
CA ARG D 332 -12.85 -9.10 -29.13
C ARG D 332 -13.70 -9.87 -28.13
N LEU D 333 -14.16 -11.07 -28.50
CA LEU D 333 -14.97 -11.87 -27.58
C LEU D 333 -14.18 -12.28 -26.34
N ASN D 334 -12.89 -12.53 -26.51
CA ASN D 334 -12.05 -12.94 -25.37
C ASN D 334 -11.93 -11.85 -24.32
N ASN D 335 -12.31 -10.61 -24.63
CA ASN D 335 -12.24 -9.51 -23.69
C ASN D 335 -13.54 -9.31 -22.92
N GLY D 336 -14.51 -10.19 -23.09
CA GLY D 336 -15.76 -10.10 -22.34
C GLY D 336 -16.75 -9.10 -22.90
N THR D 337 -16.84 -8.98 -24.21
CA THR D 337 -17.75 -8.04 -24.86
C THR D 337 -19.14 -8.65 -25.00
N ASN D 338 -20.05 -7.88 -25.59
CA ASN D 338 -21.43 -8.32 -25.80
C ASN D 338 -21.50 -9.28 -26.98
N GLU D 339 -22.00 -10.49 -26.74
CA GLU D 339 -22.03 -11.51 -27.78
C GLU D 339 -22.91 -11.10 -28.96
N HIS D 340 -24.06 -10.51 -28.68
CA HIS D 340 -24.98 -10.13 -29.75
C HIS D 340 -24.32 -9.18 -30.74
N ILE D 341 -23.71 -8.10 -30.24
CA ILE D 341 -23.14 -7.09 -31.11
C ILE D 341 -21.99 -7.67 -31.92
N GLN D 342 -21.11 -8.43 -31.25
CA GLN D 342 -19.95 -8.99 -31.94
C GLN D 342 -20.39 -9.97 -33.03
N LEU D 343 -21.34 -10.84 -32.73
CA LEU D 343 -21.80 -11.80 -33.72
C LEU D 343 -22.47 -11.11 -34.90
N LEU D 344 -23.31 -10.11 -34.63
CA LEU D 344 -23.95 -9.38 -35.73
C LEU D 344 -22.92 -8.68 -36.59
N ASN D 345 -21.92 -8.05 -35.98
CA ASN D 345 -20.88 -7.38 -36.75
C ASN D 345 -20.12 -8.37 -37.61
N LEU D 346 -19.75 -9.53 -37.04
CA LEU D 346 -19.00 -10.53 -37.81
C LEU D 346 -19.82 -11.02 -39.00
N LEU D 347 -21.09 -11.33 -38.78
CA LEU D 347 -21.92 -11.84 -39.87
C LEU D 347 -22.11 -10.78 -40.95
N VAL D 348 -22.34 -9.53 -40.56
CA VAL D 348 -22.49 -8.46 -41.54
C VAL D 348 -21.22 -8.30 -42.35
N LYS D 349 -20.06 -8.32 -41.69
CA LYS D 349 -18.79 -8.17 -42.40
C LYS D 349 -18.56 -9.33 -43.36
N ILE D 350 -18.87 -10.55 -42.94
CA ILE D 350 -18.71 -11.70 -43.83
C ILE D 350 -19.62 -11.56 -45.04
N SER D 351 -20.86 -11.13 -44.83
CA SER D 351 -21.81 -11.04 -45.93
C SER D 351 -21.34 -10.04 -46.99
N GLN D 352 -20.51 -9.07 -46.61
CA GLN D 352 -20.05 -8.05 -47.53
C GLN D 352 -18.75 -8.41 -48.22
N LEU D 353 -18.20 -9.59 -47.96
CA LEU D 353 -16.95 -10.01 -48.60
C LEU D 353 -17.18 -10.29 -50.09
N SER E 2 -48.73 -9.40 -3.48
CA SER E 2 -47.47 -9.58 -4.19
C SER E 2 -47.69 -9.49 -5.70
N LEU E 3 -46.65 -9.10 -6.42
CA LEU E 3 -46.74 -9.00 -7.87
C LEU E 3 -46.93 -10.38 -8.48
N TRP E 4 -47.64 -10.42 -9.62
CA TRP E 4 -47.94 -11.69 -10.26
C TRP E 4 -46.68 -12.41 -10.72
N VAL E 5 -45.62 -11.66 -11.05
CA VAL E 5 -44.37 -12.28 -11.47
C VAL E 5 -43.80 -13.14 -10.34
N ASP E 6 -43.92 -12.68 -9.10
CA ASP E 6 -43.39 -13.40 -7.95
C ASP E 6 -44.40 -14.35 -7.32
N LYS E 7 -45.68 -14.01 -7.39
CA LYS E 7 -46.70 -14.82 -6.72
C LYS E 7 -46.93 -16.17 -7.40
N TYR E 8 -46.55 -16.30 -8.67
CA TYR E 8 -46.81 -17.52 -9.43
C TYR E 8 -45.53 -18.20 -9.90
N ARG E 9 -44.41 -17.90 -9.29
CA ARG E 9 -43.15 -18.54 -9.68
C ARG E 9 -43.16 -20.01 -9.23
N PRO E 10 -42.91 -20.96 -10.14
CA PRO E 10 -42.90 -22.36 -9.72
C PRO E 10 -41.80 -22.65 -8.72
N LYS E 11 -42.08 -23.58 -7.81
CA LYS E 11 -41.16 -23.91 -6.72
C LYS E 11 -40.64 -25.34 -6.80
N SER E 12 -40.84 -26.04 -7.92
CA SER E 12 -40.35 -27.39 -8.07
C SER E 12 -40.12 -27.67 -9.56
N LEU E 13 -39.32 -28.71 -9.82
CA LEU E 13 -39.03 -29.07 -11.21
C LEU E 13 -40.31 -29.49 -11.93
N ASN E 14 -41.20 -30.21 -11.24
CA ASN E 14 -42.46 -30.62 -11.86
C ASN E 14 -43.36 -29.44 -12.17
N ALA E 15 -43.11 -28.29 -11.57
CA ALA E 15 -43.92 -27.10 -11.81
C ALA E 15 -43.44 -26.25 -12.98
N LEU E 16 -42.30 -26.59 -13.57
CA LEU E 16 -41.81 -25.87 -14.73
C LEU E 16 -42.73 -26.09 -15.92
N SER E 17 -42.81 -25.08 -16.80
CA SER E 17 -43.76 -25.08 -17.89
C SER E 17 -43.15 -24.86 -19.27
N HIS E 18 -41.86 -24.58 -19.39
CA HIS E 18 -41.23 -24.41 -20.68
C HIS E 18 -39.86 -25.06 -20.69
N ASN E 19 -39.39 -25.41 -21.89
CA ASN E 19 -38.11 -26.10 -22.09
C ASN E 19 -38.09 -27.43 -21.34
N GLU E 20 -38.98 -28.33 -21.79
CA GLU E 20 -39.12 -29.62 -21.14
C GLU E 20 -37.83 -30.44 -21.19
N GLU E 21 -37.04 -30.29 -22.26
CA GLU E 21 -35.78 -31.03 -22.34
C GLU E 21 -34.84 -30.61 -21.23
N LEU E 22 -34.76 -29.31 -20.93
CA LEU E 22 -33.93 -28.84 -19.84
C LEU E 22 -34.43 -29.38 -18.51
N THR E 23 -35.76 -29.46 -18.35
CA THR E 23 -36.32 -30.04 -17.12
C THR E 23 -35.92 -31.50 -16.97
N ASN E 24 -35.97 -32.26 -18.06
CA ASN E 24 -35.56 -33.66 -18.01
C ASN E 24 -34.08 -33.78 -17.66
N PHE E 25 -33.25 -32.91 -18.25
CA PHE E 25 -31.82 -32.93 -17.94
C PHE E 25 -31.57 -32.62 -16.47
N LEU E 26 -32.29 -31.63 -15.93
CA LEU E 26 -32.14 -31.29 -14.52
C LEU E 26 -32.59 -32.43 -13.62
N LYS E 27 -33.68 -33.11 -13.99
CA LYS E 27 -34.11 -34.28 -13.22
C LYS E 27 -33.06 -35.37 -13.26
N SER E 28 -32.45 -35.60 -14.42
CA SER E 28 -31.39 -36.60 -14.52
C SER E 28 -30.21 -36.22 -13.62
N LEU E 29 -29.85 -34.94 -13.61
CA LEU E 29 -28.75 -34.49 -12.75
C LEU E 29 -29.09 -34.67 -11.28
N SER E 30 -30.33 -34.41 -10.90
CA SER E 30 -30.75 -34.52 -9.51
C SER E 30 -31.06 -35.95 -9.10
N ASP E 31 -31.10 -36.90 -10.03
CA ASP E 31 -31.41 -38.28 -9.67
C ASP E 31 -30.37 -38.84 -8.70
N GLN E 32 -29.09 -38.59 -8.96
CA GLN E 32 -27.99 -39.06 -8.12
C GLN E 32 -27.12 -37.86 -7.77
N PRO E 33 -27.55 -37.03 -6.82
CA PRO E 33 -26.85 -35.77 -6.56
C PRO E 33 -25.57 -35.90 -5.74
N ARG E 34 -25.25 -37.09 -5.25
CA ARG E 34 -24.06 -37.24 -4.41
C ARG E 34 -22.76 -36.93 -5.16
N ASP E 35 -22.77 -37.04 -6.48
CA ASP E 35 -21.59 -36.77 -7.30
C ASP E 35 -21.86 -35.65 -8.30
N LEU E 36 -22.77 -34.75 -7.97
CA LEU E 36 -23.10 -33.65 -8.86
C LEU E 36 -21.88 -32.74 -9.03
N PRO E 37 -21.43 -32.47 -10.25
CA PRO E 37 -20.31 -31.53 -10.43
C PRO E 37 -20.76 -30.09 -10.27
N HIS E 38 -19.78 -29.19 -10.31
CA HIS E 38 -20.08 -27.77 -10.28
C HIS E 38 -20.85 -27.36 -11.54
N LEU E 39 -21.87 -26.54 -11.36
CA LEU E 39 -22.79 -26.19 -12.43
C LEU E 39 -22.65 -24.72 -12.80
N LEU E 40 -22.76 -24.43 -14.10
CA LEU E 40 -22.75 -23.07 -14.62
C LEU E 40 -23.91 -22.93 -15.60
N LEU E 41 -24.98 -22.26 -15.19
CA LEU E 41 -26.15 -22.06 -16.03
C LEU E 41 -26.01 -20.72 -16.76
N TYR E 42 -25.94 -20.77 -18.08
CA TYR E 42 -25.83 -19.57 -18.89
C TYR E 42 -27.06 -19.44 -19.78
N GLY E 43 -27.60 -18.22 -19.86
CA GLY E 43 -28.74 -17.97 -20.70
C GLY E 43 -29.28 -16.55 -20.64
N PRO E 44 -30.19 -16.21 -21.54
CA PRO E 44 -30.71 -14.83 -21.58
C PRO E 44 -31.42 -14.46 -20.28
N ASN E 45 -31.40 -13.17 -19.98
CA ASN E 45 -31.99 -12.68 -18.74
C ASN E 45 -33.50 -12.90 -18.73
N GLY E 46 -34.03 -13.20 -17.55
CA GLY E 46 -35.46 -13.32 -17.38
C GLY E 46 -36.07 -14.58 -17.96
N THR E 47 -35.25 -15.58 -18.28
CA THR E 47 -35.77 -16.81 -18.86
C THR E 47 -36.17 -17.84 -17.80
N GLY E 48 -35.59 -17.77 -16.60
CA GLY E 48 -35.93 -18.71 -15.55
C GLY E 48 -34.73 -19.46 -15.01
N LYS E 49 -33.53 -18.89 -15.15
CA LYS E 49 -32.32 -19.57 -14.69
C LYS E 49 -32.32 -19.74 -13.17
N LYS E 50 -32.60 -18.66 -12.43
CA LYS E 50 -32.62 -18.75 -10.98
C LYS E 50 -33.75 -19.64 -10.50
N THR E 51 -34.91 -19.57 -11.17
CA THR E 51 -36.01 -20.46 -10.85
C THR E 51 -35.61 -21.91 -11.00
N ARG E 52 -34.90 -22.23 -12.09
CA ARG E 52 -34.49 -23.62 -12.32
C ARG E 52 -33.41 -24.05 -11.32
N CYS E 53 -32.51 -23.14 -10.95
CA CYS E 53 -31.52 -23.47 -9.93
C CYS E 53 -32.19 -23.78 -8.61
N MET E 54 -33.16 -22.96 -8.20
CA MET E 54 -33.88 -23.22 -6.96
C MET E 54 -34.66 -24.52 -7.04
N ALA E 55 -35.26 -24.80 -8.20
CA ALA E 55 -35.98 -26.07 -8.36
C ALA E 55 -35.03 -27.25 -8.26
N LEU E 56 -33.84 -27.15 -8.84
CA LEU E 56 -32.86 -28.22 -8.72
C LEU E 56 -32.45 -28.43 -7.27
N LEU E 57 -32.23 -27.35 -6.54
CA LEU E 57 -31.88 -27.48 -5.13
C LEU E 57 -33.01 -28.12 -4.34
N GLU E 58 -34.26 -27.72 -4.62
CA GLU E 58 -35.40 -28.34 -3.96
C GLU E 58 -35.53 -29.81 -4.31
N SER E 59 -35.11 -30.20 -5.51
CA SER E 59 -35.11 -31.61 -5.87
C SER E 59 -34.02 -32.36 -5.12
N ILE E 60 -32.87 -31.73 -4.91
CA ILE E 60 -31.78 -32.39 -4.19
C ILE E 60 -32.09 -32.43 -2.69
N PHE E 61 -32.24 -31.26 -2.08
CA PHE E 61 -32.62 -31.15 -0.69
C PHE E 61 -34.14 -31.10 -0.58
N GLY E 62 -34.66 -30.72 0.58
CA GLY E 62 -36.09 -30.62 0.78
C GLY E 62 -36.63 -29.26 0.40
N PRO E 63 -37.94 -29.06 0.61
CA PRO E 63 -38.54 -27.73 0.36
C PRO E 63 -37.90 -26.63 1.20
N GLY E 64 -37.24 -27.03 2.29
CA GLY E 64 -36.62 -26.07 3.19
C GLY E 64 -35.64 -25.13 2.51
N VAL E 65 -35.23 -25.45 1.28
CA VAL E 65 -34.35 -24.56 0.54
C VAL E 65 -34.99 -23.21 0.30
N TYR E 66 -36.33 -23.13 0.36
CA TYR E 66 -37.04 -21.88 0.16
C TYR E 66 -37.23 -21.08 1.43
N ARG E 67 -36.75 -21.59 2.57
CA ARG E 67 -36.80 -20.85 3.83
C ARG E 67 -35.52 -20.06 3.95
N LEU E 68 -35.52 -18.85 3.38
CA LEU E 68 -34.33 -18.04 3.26
C LEU E 68 -34.27 -16.99 4.36
N LYS E 69 -33.05 -16.55 4.67
CA LYS E 69 -32.83 -15.48 5.63
C LYS E 69 -31.61 -14.69 5.20
N ILE E 70 -31.60 -13.41 5.54
CA ILE E 70 -30.55 -12.48 5.14
C ILE E 70 -29.67 -12.17 6.35
N ASP E 71 -28.35 -12.25 6.15
CA ASP E 71 -27.39 -11.91 7.18
C ASP E 71 -26.35 -10.96 6.58
N VAL E 72 -25.62 -10.28 7.46
CA VAL E 72 -24.61 -9.32 7.06
C VAL E 72 -23.25 -9.78 7.60
N ARG E 73 -22.26 -9.82 6.72
CA ARG E 73 -20.93 -10.30 7.05
C ARG E 73 -19.92 -9.16 6.90
N GLN E 74 -19.01 -9.06 7.87
CA GLN E 74 -17.98 -8.04 7.89
C GLN E 74 -16.77 -8.48 7.07
N PHE E 75 -16.05 -7.50 6.53
CA PHE E 75 -14.79 -7.78 5.85
C PHE E 75 -13.87 -6.59 6.04
N VAL E 76 -12.57 -6.87 6.13
CA VAL E 76 -11.55 -5.85 6.33
C VAL E 76 -10.52 -5.98 5.20
N THR E 77 -10.18 -4.85 4.60
CA THR E 77 -9.20 -4.82 3.53
C THR E 77 -7.80 -4.58 4.08
N ALA E 78 -6.82 -4.52 3.19
CA ALA E 78 -5.43 -4.30 3.62
C ALA E 78 -5.27 -2.91 4.25
N SER E 79 -6.11 -1.96 3.86
CA SER E 79 -6.06 -0.61 4.41
C SER E 79 -6.97 -0.43 5.62
N ASN E 80 -7.56 -1.51 6.12
CA ASN E 80 -8.47 -1.52 7.27
C ASN E 80 -9.86 -1.01 6.90
N ARG E 81 -10.18 -0.90 5.61
CA ARG E 81 -11.51 -0.47 5.21
C ARG E 81 -12.54 -1.52 5.59
N LYS E 82 -13.68 -1.07 6.09
CA LYS E 82 -14.75 -1.95 6.53
C LYS E 82 -15.78 -2.11 5.42
N LEU E 83 -16.03 -3.35 5.03
CA LEU E 83 -16.98 -3.66 3.97
C LEU E 83 -18.04 -4.63 4.50
N GLU E 84 -19.26 -4.46 4.00
CA GLU E 84 -20.40 -5.28 4.38
C GLU E 84 -20.84 -6.11 3.18
N LEU E 85 -21.14 -7.39 3.42
CA LEU E 85 -21.67 -8.26 2.39
C LEU E 85 -22.97 -8.88 2.88
N ASN E 86 -24.04 -8.75 2.10
CA ASN E 86 -25.33 -9.34 2.44
C ASN E 86 -25.40 -10.74 1.84
N VAL E 87 -25.63 -11.73 2.69
CA VAL E 87 -25.66 -13.14 2.30
C VAL E 87 -27.05 -13.68 2.55
N VAL E 88 -27.65 -14.26 1.51
CA VAL E 88 -28.92 -14.96 1.62
C VAL E 88 -28.61 -16.44 1.83
N SER E 89 -29.13 -17.01 2.91
CA SER E 89 -28.78 -18.38 3.27
C SER E 89 -30.04 -19.15 3.66
N SER E 90 -29.97 -20.46 3.49
CA SER E 90 -30.99 -21.41 3.93
C SER E 90 -30.28 -22.48 4.73
N PRO E 91 -31.03 -23.40 5.35
CA PRO E 91 -30.37 -24.49 6.08
C PRO E 91 -29.54 -25.42 5.21
N TYR E 92 -29.55 -25.23 3.89
CA TYR E 92 -28.85 -26.13 2.97
C TYR E 92 -27.92 -25.44 1.98
N HIS E 93 -28.00 -24.13 1.82
CA HIS E 93 -27.19 -23.46 0.81
C HIS E 93 -27.01 -21.99 1.18
N LEU E 94 -26.02 -21.37 0.56
CA LEU E 94 -25.76 -19.94 0.70
C LEU E 94 -25.73 -19.29 -0.68
N GLU E 95 -26.32 -18.10 -0.78
CA GLU E 95 -26.32 -17.32 -2.02
C GLU E 95 -25.51 -16.05 -1.81
N ILE E 96 -24.62 -15.75 -2.75
CA ILE E 96 -23.75 -14.58 -2.64
C ILE E 96 -23.64 -13.90 -3.99
N THR E 97 -23.42 -12.59 -3.97
CA THR E 97 -23.16 -11.78 -5.15
C THR E 97 -21.90 -10.97 -4.87
N PRO E 98 -20.73 -11.57 -5.04
CA PRO E 98 -19.48 -10.85 -4.69
C PRO E 98 -19.29 -9.56 -5.44
N SER E 99 -19.87 -9.44 -6.64
CA SER E 99 -19.70 -8.22 -7.42
C SER E 99 -20.23 -6.99 -6.69
N ASP E 100 -21.07 -7.19 -5.68
CA ASP E 100 -21.55 -6.05 -4.89
C ASP E 100 -20.40 -5.28 -4.27
N MET E 101 -19.26 -5.94 -4.04
CA MET E 101 -18.09 -5.29 -3.46
C MET E 101 -17.08 -4.85 -4.53
N GLY E 102 -17.47 -4.89 -5.80
CA GLY E 102 -16.57 -4.41 -6.84
C GLY E 102 -15.25 -5.15 -6.81
N ASN E 103 -14.15 -4.38 -6.89
CA ASN E 103 -12.83 -4.98 -6.93
C ASN E 103 -12.52 -5.75 -5.66
N ASN E 104 -13.27 -5.53 -4.58
CA ASN E 104 -13.06 -6.28 -3.34
C ASN E 104 -13.69 -7.66 -3.37
N ASP E 105 -14.40 -8.02 -4.44
CA ASP E 105 -15.03 -9.33 -4.50
C ASP E 105 -14.04 -10.45 -4.24
N ARG E 106 -12.79 -10.29 -4.68
CA ARG E 106 -11.78 -11.30 -4.45
C ARG E 106 -11.72 -11.70 -2.99
N ILE E 107 -11.77 -10.72 -2.08
CA ILE E 107 -11.68 -11.02 -0.66
C ILE E 107 -12.78 -12.00 -0.27
N VAL E 108 -14.00 -11.74 -0.74
CA VAL E 108 -15.13 -12.62 -0.41
C VAL E 108 -14.82 -14.05 -0.86
N ILE E 109 -14.19 -14.19 -2.03
CA ILE E 109 -13.84 -15.53 -2.50
C ILE E 109 -12.74 -16.13 -1.63
N GLN E 110 -11.79 -15.31 -1.19
CA GLN E 110 -10.65 -15.82 -0.45
C GLN E 110 -10.90 -15.97 1.04
N GLU E 111 -11.98 -15.39 1.57
CA GLU E 111 -12.28 -15.44 2.99
C GLU E 111 -13.58 -16.15 3.29
N LEU E 112 -14.69 -15.75 2.67
CA LEU E 112 -15.99 -16.34 2.97
C LEU E 112 -16.10 -17.74 2.40
N LEU E 113 -16.00 -17.87 1.08
CA LEU E 113 -16.20 -19.17 0.43
C LEU E 113 -15.29 -20.23 1.03
N LYS E 114 -13.99 -19.91 1.13
CA LYS E 114 -13.04 -20.85 1.73
C LYS E 114 -13.51 -21.28 3.12
N GLU E 115 -13.94 -20.31 3.93
CA GLU E 115 -14.40 -20.64 5.28
C GLU E 115 -15.55 -21.63 5.24
N VAL E 116 -16.42 -21.53 4.24
CA VAL E 116 -17.51 -22.48 4.12
C VAL E 116 -16.98 -23.86 3.73
N ALA E 117 -15.97 -23.90 2.87
CA ALA E 117 -15.49 -25.16 2.33
C ALA E 117 -14.48 -25.87 3.22
N GLN E 118 -13.94 -25.20 4.23
CA GLN E 118 -12.90 -25.76 5.09
C GLN E 118 -13.43 -26.27 6.41
N MET E 119 -14.73 -26.24 6.65
CA MET E 119 -15.30 -26.62 7.93
C MET E 119 -16.59 -27.40 7.72
N GLU E 120 -16.92 -28.24 8.68
CA GLU E 120 -18.20 -28.91 8.72
C GLU E 120 -19.23 -28.04 9.43
N GLN E 121 -20.50 -28.45 9.34
CA GLN E 121 -21.60 -27.69 9.91
C GLN E 121 -22.43 -28.57 10.81
N VAL E 122 -23.06 -27.95 11.81
CA VAL E 122 -23.93 -28.64 12.74
C VAL E 122 -25.35 -28.63 12.18
N ASP E 123 -25.94 -29.81 12.06
CA ASP E 123 -27.31 -29.96 11.55
C ASP E 123 -28.10 -30.75 12.60
N PHE E 124 -28.90 -30.04 13.38
CA PHE E 124 -29.67 -30.65 14.46
C PHE E 124 -31.07 -31.05 14.02
N GLN E 125 -31.42 -30.85 12.75
CA GLN E 125 -32.70 -31.27 12.19
C GLN E 125 -32.45 -32.26 11.05
N ASP E 126 -33.13 -33.39 11.09
CA ASP E 126 -33.03 -34.47 10.11
C ASP E 126 -31.75 -35.28 10.25
N SER E 127 -30.89 -34.96 11.21
CA SER E 127 -29.66 -35.69 11.45
C SER E 127 -29.61 -36.14 12.90
N LYS E 128 -29.31 -37.43 13.11
CA LYS E 128 -29.29 -37.97 14.47
C LYS E 128 -28.06 -37.51 15.24
N ASP E 129 -26.91 -37.45 14.57
CA ASP E 129 -25.66 -37.10 15.24
C ASP E 129 -25.47 -35.61 15.43
N GLY E 130 -26.28 -34.78 14.78
CA GLY E 130 -26.14 -33.33 14.87
C GLY E 130 -25.16 -32.72 13.90
N LEU E 131 -24.45 -33.53 13.13
CA LEU E 131 -23.48 -33.04 12.14
C LEU E 131 -23.99 -33.36 10.74
N ALA E 132 -23.87 -32.40 9.84
CA ALA E 132 -24.35 -32.57 8.48
C ALA E 132 -23.55 -33.66 7.77
N HIS E 133 -24.26 -34.49 7.00
CA HIS E 133 -23.66 -35.56 6.22
C HIS E 133 -23.87 -35.31 4.73
N ARG E 134 -23.73 -34.05 4.31
CA ARG E 134 -23.96 -33.66 2.93
C ARG E 134 -23.07 -32.48 2.58
N TYR E 135 -22.82 -32.31 1.29
CA TYR E 135 -22.09 -31.15 0.82
C TYR E 135 -22.98 -29.92 0.83
N LYS E 136 -22.37 -28.76 1.02
CA LYS E 136 -23.08 -27.49 1.03
C LYS E 136 -22.99 -26.83 -0.33
N CYS E 137 -24.09 -26.20 -0.74
CA CYS E 137 -24.18 -25.54 -2.04
C CYS E 137 -24.03 -24.05 -1.89
N VAL E 138 -23.22 -23.45 -2.75
CA VAL E 138 -23.03 -22.00 -2.81
C VAL E 138 -23.43 -21.53 -4.19
N ILE E 139 -24.44 -20.67 -4.25
CA ILE E 139 -24.85 -20.02 -5.50
C ILE E 139 -24.14 -18.68 -5.60
N ILE E 140 -23.54 -18.43 -6.76
CA ILE E 140 -22.87 -17.17 -7.04
C ILE E 140 -23.66 -16.48 -8.13
N ASN E 141 -24.29 -15.35 -7.79
CA ASN E 141 -25.11 -14.62 -8.74
C ASN E 141 -24.26 -13.62 -9.50
N GLU E 142 -24.61 -13.42 -10.77
CA GLU E 142 -23.86 -12.53 -11.66
C GLU E 142 -22.39 -12.93 -11.69
N ALA E 143 -22.15 -14.23 -11.87
CA ALA E 143 -20.78 -14.72 -11.90
C ALA E 143 -19.97 -14.06 -13.01
N ASN E 144 -20.62 -13.61 -14.07
CA ASN E 144 -19.93 -12.91 -15.14
C ASN E 144 -19.44 -11.53 -14.72
N SER E 145 -19.90 -11.00 -13.59
CA SER E 145 -19.43 -9.72 -13.08
C SER E 145 -18.18 -9.85 -12.21
N LEU E 146 -17.75 -11.07 -11.90
CA LEU E 146 -16.59 -11.25 -11.06
C LEU E 146 -15.33 -10.78 -11.78
N THR E 147 -14.40 -10.20 -11.01
CA THR E 147 -13.12 -9.82 -11.56
C THR E 147 -12.26 -11.06 -11.82
N LYS E 148 -11.22 -10.88 -12.64
CA LYS E 148 -10.36 -12.01 -12.97
C LYS E 148 -9.66 -12.56 -11.75
N ASP E 149 -9.34 -11.69 -10.77
CA ASP E 149 -8.69 -12.16 -9.55
C ASP E 149 -9.60 -13.10 -8.76
N ALA E 150 -10.88 -12.73 -8.63
CA ALA E 150 -11.83 -13.59 -7.91
C ALA E 150 -12.01 -14.92 -8.62
N GLN E 151 -12.12 -14.89 -9.95
CA GLN E 151 -12.25 -16.13 -10.71
C GLN E 151 -11.01 -17.01 -10.53
N ALA E 152 -9.82 -16.40 -10.56
CA ALA E 152 -8.61 -17.16 -10.31
C ALA E 152 -8.61 -17.78 -8.92
N ALA E 153 -9.06 -17.03 -7.92
CA ALA E 153 -9.12 -17.55 -6.56
C ALA E 153 -10.09 -18.72 -6.46
N LEU E 154 -11.16 -18.71 -7.25
CA LEU E 154 -12.12 -19.81 -7.21
C LEU E 154 -11.52 -21.13 -7.67
N ARG E 155 -10.43 -21.10 -8.43
CA ARG E 155 -9.99 -22.28 -9.16
C ARG E 155 -9.63 -23.43 -8.21
N ARG E 156 -8.60 -23.25 -7.38
CA ARG E 156 -8.17 -24.34 -6.51
C ARG E 156 -9.20 -24.64 -5.43
N THR E 157 -9.99 -23.64 -5.03
CA THR E 157 -11.05 -23.89 -4.06
C THR E 157 -12.07 -24.85 -4.61
N MET E 158 -12.37 -24.76 -5.91
CA MET E 158 -13.35 -25.66 -6.51
C MET E 158 -12.87 -27.12 -6.47
N GLU E 159 -11.56 -27.34 -6.58
CA GLU E 159 -11.02 -28.70 -6.67
C GLU E 159 -10.68 -29.29 -5.31
N LYS E 160 -10.06 -28.50 -4.43
CA LYS E 160 -9.57 -29.05 -3.17
C LYS E 160 -10.72 -29.56 -2.30
N TYR E 161 -11.81 -28.82 -2.23
CA TYR E 161 -12.90 -29.09 -1.29
C TYR E 161 -14.18 -29.52 -2.00
N SER E 162 -14.04 -30.27 -3.10
CA SER E 162 -15.24 -30.74 -3.81
C SER E 162 -16.08 -31.66 -2.93
N LYS E 163 -15.45 -32.33 -1.96
CA LYS E 163 -16.19 -33.22 -1.08
C LYS E 163 -17.14 -32.46 -0.16
N ASN E 164 -16.84 -31.20 0.13
CA ASN E 164 -17.60 -30.42 1.09
C ASN E 164 -18.42 -29.30 0.48
N ILE E 165 -18.07 -28.82 -0.72
CA ILE E 165 -18.72 -27.67 -1.32
C ILE E 165 -18.97 -27.95 -2.80
N ARG E 166 -20.14 -27.52 -3.28
CA ARG E 166 -20.49 -27.56 -4.70
C ARG E 166 -21.01 -26.20 -5.11
N LEU E 167 -20.54 -25.69 -6.25
CA LEU E 167 -20.86 -24.35 -6.71
C LEU E 167 -21.86 -24.41 -7.86
N ILE E 168 -22.84 -23.51 -7.81
CA ILE E 168 -23.81 -23.32 -8.88
C ILE E 168 -23.80 -21.84 -9.24
N MET E 169 -23.28 -21.53 -10.43
CA MET E 169 -23.18 -20.15 -10.90
C MET E 169 -24.21 -19.92 -12.00
N VAL E 170 -24.65 -18.66 -12.11
CA VAL E 170 -25.65 -18.25 -13.08
C VAL E 170 -25.13 -17.03 -13.83
N CYS E 171 -25.31 -17.01 -15.15
CA CYS E 171 -24.81 -15.89 -15.94
C CYS E 171 -25.66 -15.71 -17.19
N ASP E 172 -25.65 -14.48 -17.70
CA ASP E 172 -26.30 -14.15 -18.96
C ASP E 172 -25.36 -14.26 -20.15
N SER E 173 -24.06 -14.49 -19.91
CA SER E 173 -23.09 -14.61 -20.99
C SER E 173 -21.81 -15.18 -20.40
N MET E 174 -21.24 -16.16 -21.11
CA MET E 174 -20.02 -16.82 -20.66
C MET E 174 -18.76 -16.15 -21.19
N SER E 175 -18.89 -15.10 -22.00
CA SER E 175 -17.71 -14.45 -22.54
C SER E 175 -16.79 -13.89 -21.46
N PRO E 176 -17.28 -13.26 -20.39
CA PRO E 176 -16.36 -12.74 -19.35
C PRO E 176 -15.77 -13.83 -18.46
N ILE E 177 -16.30 -15.05 -18.49
CA ILE E 177 -15.78 -16.13 -17.65
C ILE E 177 -14.46 -16.62 -18.23
N ILE E 178 -13.44 -16.74 -17.36
CA ILE E 178 -12.14 -17.22 -17.83
C ILE E 178 -12.21 -18.71 -18.18
N ALA E 179 -11.28 -19.13 -19.03
CA ALA E 179 -11.32 -20.51 -19.52
C ALA E 179 -11.20 -21.55 -18.41
N PRO E 180 -10.30 -21.42 -17.43
CA PRO E 180 -10.23 -22.45 -16.37
C PRO E 180 -11.55 -22.65 -15.63
N ILE E 181 -12.26 -21.57 -15.35
CA ILE E 181 -13.52 -21.68 -14.62
C ILE E 181 -14.56 -22.44 -15.44
N LYS E 182 -14.65 -22.12 -16.74
CA LYS E 182 -15.55 -22.87 -17.61
C LYS E 182 -15.15 -24.33 -17.67
N SER E 183 -13.84 -24.61 -17.72
CA SER E 183 -13.38 -25.98 -17.74
C SER E 183 -13.75 -26.72 -16.46
N ARG E 184 -13.83 -26.01 -15.34
CA ARG E 184 -14.14 -26.64 -14.06
C ARG E 184 -15.64 -26.85 -13.83
N CYS E 185 -16.49 -26.40 -14.75
CA CYS E 185 -17.93 -26.42 -14.53
C CYS E 185 -18.63 -27.24 -15.62
N LEU E 186 -19.79 -27.79 -15.24
CA LEU E 186 -20.72 -28.37 -16.20
C LEU E 186 -21.61 -27.26 -16.72
N LEU E 187 -21.54 -26.99 -18.02
CA LEU E 187 -22.24 -25.86 -18.63
C LEU E 187 -23.65 -26.28 -19.02
N ILE E 188 -24.63 -25.50 -18.60
CA ILE E 188 -26.04 -25.75 -18.89
C ILE E 188 -26.60 -24.54 -19.63
N ARG E 189 -27.01 -24.75 -20.88
CA ARG E 189 -27.66 -23.71 -21.65
C ARG E 189 -29.13 -23.60 -21.23
N CYS E 190 -29.60 -22.36 -21.09
CA CYS E 190 -30.98 -22.09 -20.68
C CYS E 190 -31.66 -21.26 -21.76
N PRO E 191 -32.27 -21.90 -22.76
CA PRO E 191 -32.92 -21.13 -23.83
C PRO E 191 -34.14 -20.37 -23.33
N ALA E 192 -34.44 -19.27 -24.01
CA ALA E 192 -35.62 -18.48 -23.68
C ALA E 192 -36.89 -19.24 -24.07
N PRO E 193 -37.98 -19.02 -23.34
CA PRO E 193 -39.24 -19.69 -23.70
C PRO E 193 -39.78 -19.23 -25.03
N SER E 194 -40.49 -20.12 -25.70
CA SER E 194 -41.09 -19.78 -26.99
C SER E 194 -42.28 -18.85 -26.77
N ASP E 195 -42.73 -18.23 -27.86
CA ASP E 195 -43.83 -17.28 -27.78
C ASP E 195 -45.10 -17.97 -27.27
N SER E 196 -45.37 -19.19 -27.76
CA SER E 196 -46.55 -19.92 -27.33
C SER E 196 -46.50 -20.24 -25.84
N GLU E 197 -45.32 -20.62 -25.34
CA GLU E 197 -45.19 -20.92 -23.92
C GLU E 197 -45.42 -19.68 -23.07
N ILE E 198 -44.88 -18.54 -23.50
CA ILE E 198 -45.11 -17.29 -22.79
C ILE E 198 -46.60 -16.97 -22.78
N SER E 199 -47.26 -17.14 -23.92
CA SER E 199 -48.69 -16.88 -24.00
C SER E 199 -49.47 -17.80 -23.07
N THR E 200 -49.07 -19.07 -22.98
CA THR E 200 -49.74 -20.01 -22.08
C THR E 200 -49.58 -19.57 -20.63
N ILE E 201 -48.36 -19.16 -20.24
CA ILE E 201 -48.15 -18.72 -18.87
C ILE E 201 -48.98 -17.47 -18.57
N LEU E 202 -49.00 -16.53 -19.51
CA LEU E 202 -49.78 -15.30 -19.32
C LEU E 202 -51.26 -15.62 -19.22
N SER E 203 -51.75 -16.55 -20.03
CA SER E 203 -53.16 -16.93 -19.97
C SER E 203 -53.50 -17.58 -18.63
N ASP E 204 -52.61 -18.43 -18.12
CA ASP E 204 -52.83 -19.02 -16.81
C ASP E 204 -52.89 -17.95 -15.73
N VAL E 205 -51.97 -16.98 -15.79
CA VAL E 205 -51.97 -15.91 -14.80
C VAL E 205 -53.25 -15.09 -14.89
N VAL E 206 -53.69 -14.79 -16.11
CA VAL E 206 -54.91 -14.01 -16.31
C VAL E 206 -56.11 -14.75 -15.74
N THR E 207 -56.21 -16.05 -16.02
CA THR E 207 -57.31 -16.84 -15.50
C THR E 207 -57.29 -16.86 -13.98
N ASN E 208 -56.11 -16.98 -13.39
CA ASN E 208 -56.02 -16.97 -11.93
C ASN E 208 -56.41 -15.62 -11.34
N GLU E 209 -56.11 -14.53 -12.06
CA GLU E 209 -56.36 -13.18 -11.55
C GLU E 209 -57.69 -12.61 -12.00
N ARG E 210 -58.49 -13.37 -12.75
CA ARG E 210 -59.81 -12.92 -13.18
C ARG E 210 -59.73 -11.59 -13.94
N ILE E 211 -58.79 -11.51 -14.88
CA ILE E 211 -58.63 -10.33 -15.71
C ILE E 211 -59.43 -10.52 -16.99
N GLN E 212 -60.27 -9.55 -17.32
CA GLN E 212 -61.10 -9.63 -18.51
C GLN E 212 -60.25 -9.39 -19.75
N LEU E 213 -60.28 -10.33 -20.69
CA LEU E 213 -59.47 -10.26 -21.90
C LEU E 213 -60.38 -10.41 -23.11
N GLU E 214 -60.34 -9.42 -24.01
CA GLU E 214 -61.18 -9.46 -25.20
C GLU E 214 -60.74 -10.60 -26.12
N THR E 215 -59.44 -10.68 -26.42
CA THR E 215 -58.89 -11.73 -27.27
C THR E 215 -57.56 -12.18 -26.70
N LYS E 216 -57.25 -13.46 -26.88
CA LYS E 216 -55.96 -13.99 -26.44
C LYS E 216 -54.80 -13.37 -27.20
N ASP E 217 -55.06 -12.82 -28.39
CA ASP E 217 -53.98 -12.22 -29.17
C ASP E 217 -53.26 -11.13 -28.38
N ILE E 218 -53.96 -10.47 -27.45
CA ILE E 218 -53.31 -9.46 -26.62
C ILE E 218 -52.09 -10.06 -25.93
N LEU E 219 -52.28 -11.22 -25.30
CA LEU E 219 -51.16 -11.92 -24.68
C LEU E 219 -50.05 -12.13 -25.70
N LYS E 220 -50.41 -12.61 -26.89
CA LYS E 220 -49.44 -12.79 -27.95
C LYS E 220 -48.70 -11.48 -28.23
N ARG E 221 -49.44 -10.37 -28.31
CA ARG E 221 -48.79 -9.08 -28.55
C ARG E 221 -47.81 -8.74 -27.44
N ILE E 222 -48.13 -9.13 -26.20
CA ILE E 222 -47.20 -8.91 -25.10
C ILE E 222 -45.98 -9.81 -25.27
N ALA E 223 -46.18 -11.04 -25.76
CA ALA E 223 -45.09 -11.99 -25.84
C ALA E 223 -43.99 -11.51 -26.79
N GLN E 224 -44.37 -11.01 -27.96
CA GLN E 224 -43.38 -10.50 -28.91
C GLN E 224 -42.66 -9.28 -28.35
N ALA E 225 -43.39 -8.38 -27.71
CA ALA E 225 -42.78 -7.17 -27.18
C ALA E 225 -41.73 -7.46 -26.12
N SER E 226 -41.80 -8.63 -25.48
CA SER E 226 -40.86 -8.99 -24.42
C SER E 226 -39.55 -9.54 -24.94
N ASN E 227 -39.48 -9.93 -26.21
CA ASN E 227 -38.26 -10.46 -26.82
C ASN E 227 -37.72 -11.65 -26.03
N GLY E 228 -38.63 -12.53 -25.58
CA GLY E 228 -38.24 -13.73 -24.89
C GLY E 228 -38.00 -13.58 -23.40
N ASN E 229 -38.16 -12.38 -22.85
CA ASN E 229 -37.97 -12.14 -21.42
C ASN E 229 -39.29 -12.38 -20.71
N LEU E 230 -39.35 -13.46 -19.93
CA LEU E 230 -40.60 -13.84 -19.27
C LEU E 230 -40.91 -12.90 -18.10
N ARG E 231 -39.90 -12.49 -17.34
CA ARG E 231 -40.12 -11.55 -16.26
C ARG E 231 -40.70 -10.24 -16.78
N VAL E 232 -40.10 -9.73 -17.86
CA VAL E 232 -40.62 -8.51 -18.49
C VAL E 232 -42.04 -8.73 -18.97
N SER E 233 -42.32 -9.91 -19.52
CA SER E 233 -43.67 -10.20 -20.02
C SER E 233 -44.69 -10.14 -18.88
N LEU E 234 -44.39 -10.79 -17.76
CA LEU E 234 -45.33 -10.79 -16.64
C LEU E 234 -45.51 -9.40 -16.05
N LEU E 235 -44.41 -8.66 -15.89
CA LEU E 235 -44.51 -7.31 -15.34
C LEU E 235 -45.30 -6.40 -16.27
N MET E 236 -45.08 -6.53 -17.58
CA MET E 236 -45.83 -5.72 -18.54
C MET E 236 -47.30 -6.08 -18.53
N LEU E 237 -47.62 -7.37 -18.39
CA LEU E 237 -49.02 -7.76 -18.28
C LEU E 237 -49.67 -7.12 -17.06
N GLU E 238 -48.97 -7.15 -15.92
CA GLU E 238 -49.52 -6.53 -14.72
C GLU E 238 -49.71 -5.04 -14.89
N SER E 239 -48.71 -4.37 -15.49
CA SER E 239 -48.82 -2.93 -15.71
C SER E 239 -49.98 -2.59 -16.64
N MET E 240 -50.15 -3.36 -17.72
CA MET E 240 -51.26 -3.12 -18.64
C MET E 240 -52.60 -3.33 -17.94
N ALA E 241 -52.71 -4.39 -17.13
CA ALA E 241 -53.96 -4.63 -16.41
C ALA E 241 -54.26 -3.50 -15.45
N LEU E 242 -53.25 -3.00 -14.73
CA LEU E 242 -53.48 -1.90 -13.80
C LEU E 242 -53.83 -0.60 -14.52
N ASN E 243 -53.34 -0.43 -15.74
CA ASN E 243 -53.58 0.80 -16.50
C ASN E 243 -54.91 0.79 -17.23
N ASN E 244 -55.68 -0.31 -17.16
CA ASN E 244 -56.97 -0.41 -17.83
C ASN E 244 -58.03 -0.99 -16.91
N GLU E 245 -57.91 -0.73 -15.60
CA GLU E 245 -58.89 -1.19 -14.61
C GLU E 245 -59.09 -2.70 -14.70
N LEU E 246 -57.99 -3.44 -14.82
CA LEU E 246 -58.01 -4.90 -14.86
C LEU E 246 -58.86 -5.42 -16.02
N ALA E 247 -59.01 -4.61 -17.07
CA ALA E 247 -59.77 -4.98 -18.25
C ALA E 247 -58.97 -4.59 -19.48
N LEU E 248 -58.40 -5.59 -20.16
CA LEU E 248 -57.54 -5.36 -21.31
C LEU E 248 -58.35 -5.51 -22.60
N LYS E 249 -58.03 -4.68 -23.58
CA LYS E 249 -58.69 -4.68 -24.87
C LYS E 249 -57.66 -4.86 -25.98
N SER E 250 -58.17 -5.10 -27.20
CA SER E 250 -57.29 -5.26 -28.35
C SER E 250 -56.50 -4.00 -28.64
N SER E 251 -56.98 -2.84 -28.20
CA SER E 251 -56.28 -1.57 -28.40
C SER E 251 -55.38 -1.20 -27.23
N SER E 252 -55.29 -2.05 -26.21
CA SER E 252 -54.45 -1.77 -25.05
C SER E 252 -53.01 -1.53 -25.50
N PRO E 253 -52.50 -0.31 -25.41
CA PRO E 253 -51.14 -0.05 -25.89
C PRO E 253 -50.10 -0.79 -25.08
N ILE E 254 -48.99 -1.12 -25.74
CA ILE E 254 -47.87 -1.77 -25.08
C ILE E 254 -47.07 -0.72 -24.33
N ILE E 255 -46.87 -0.94 -23.03
CA ILE E 255 -46.15 0.00 -22.18
C ILE E 255 -44.66 -0.29 -22.27
N LYS E 256 -43.85 0.76 -22.45
CA LYS E 256 -42.41 0.65 -22.45
C LYS E 256 -41.82 1.39 -21.26
N PRO E 257 -40.69 0.93 -20.72
CA PRO E 257 -40.10 1.62 -19.56
C PRO E 257 -39.54 2.98 -19.93
N ASP E 258 -39.36 3.81 -18.91
CA ASP E 258 -38.95 5.20 -19.13
C ASP E 258 -37.59 5.28 -19.81
N TRP E 259 -36.63 4.46 -19.36
CA TRP E 259 -35.28 4.54 -19.93
C TRP E 259 -35.28 4.15 -21.40
N ILE E 260 -36.11 3.18 -21.79
CA ILE E 260 -36.21 2.82 -23.20
C ILE E 260 -36.76 3.99 -24.01
N ILE E 261 -37.75 4.70 -23.46
CA ILE E 261 -38.30 5.85 -24.16
C ILE E 261 -37.24 6.93 -24.32
N VAL E 262 -36.44 7.16 -23.27
CA VAL E 262 -35.38 8.16 -23.35
C VAL E 262 -34.35 7.76 -24.40
N ILE E 263 -34.00 6.48 -24.47
CA ILE E 263 -33.04 6.02 -25.46
C ILE E 263 -33.59 6.18 -26.87
N HIS E 264 -34.87 5.90 -27.07
CA HIS E 264 -35.48 6.10 -28.38
C HIS E 264 -35.47 7.57 -28.76
N LYS E 265 -35.77 8.45 -27.81
CA LYS E 265 -35.71 9.89 -28.09
C LYS E 265 -34.29 10.32 -28.46
N LEU E 266 -33.29 9.76 -27.76
CA LEU E 266 -31.90 10.06 -28.11
C LEU E 266 -31.57 9.58 -29.51
N THR E 267 -32.06 8.40 -29.89
CA THR E 267 -31.84 7.90 -31.24
C THR E 267 -32.44 8.85 -32.27
N ARG E 268 -33.67 9.30 -32.02
CA ARG E 268 -34.31 10.24 -32.95
C ARG E 268 -33.52 11.54 -33.05
N LYS E 269 -33.05 12.05 -31.91
CA LYS E 269 -32.26 13.28 -31.92
C LYS E 269 -30.98 13.10 -32.71
N ILE E 270 -30.30 11.97 -32.51
CA ILE E 270 -29.04 11.73 -33.22
C ILE E 270 -29.30 11.65 -34.72
N VAL E 271 -30.35 10.95 -35.13
CA VAL E 271 -30.64 10.82 -36.56
C VAL E 271 -30.98 12.17 -37.15
N LYS E 272 -31.81 12.95 -36.47
CA LYS E 272 -32.28 14.21 -37.04
C LYS E 272 -31.16 15.25 -37.07
N GLU E 273 -30.43 15.39 -35.97
CA GLU E 273 -29.43 16.45 -35.83
C GLU E 273 -28.05 15.83 -35.65
N ARG E 274 -27.10 16.28 -36.47
CA ARG E 274 -25.73 15.77 -36.45
C ARG E 274 -24.80 16.98 -36.36
N SER E 275 -24.51 17.42 -35.14
CA SER E 275 -23.68 18.59 -34.93
C SER E 275 -23.07 18.53 -33.53
N VAL E 276 -22.18 19.48 -33.25
CA VAL E 276 -21.49 19.49 -31.96
C VAL E 276 -22.47 19.84 -30.84
N ASN E 277 -23.38 20.78 -31.08
CA ASN E 277 -24.38 21.11 -30.07
C ASN E 277 -25.28 19.91 -29.80
N SER E 278 -25.66 19.19 -30.86
CA SER E 278 -26.40 17.95 -30.66
C SER E 278 -25.60 16.96 -29.83
N LEU E 279 -24.28 16.93 -30.03
CA LEU E 279 -23.43 16.06 -29.24
C LEU E 279 -23.44 16.46 -27.77
N ILE E 280 -23.43 17.77 -27.49
CA ILE E 280 -23.47 18.24 -26.10
C ILE E 280 -24.80 17.84 -25.46
N GLU E 281 -25.91 18.01 -26.18
CA GLU E 281 -27.20 17.59 -25.66
C GLU E 281 -27.23 16.08 -25.41
N CYS E 282 -26.65 15.31 -26.33
CA CYS E 282 -26.58 13.87 -26.14
C CYS E 282 -25.75 13.51 -24.91
N ARG E 283 -24.67 14.27 -24.67
CA ARG E 283 -23.88 14.05 -23.46
C ARG E 283 -24.72 14.30 -22.22
N ALA E 284 -25.52 15.36 -22.22
CA ALA E 284 -26.39 15.63 -21.08
C ALA E 284 -27.37 14.47 -20.86
N VAL E 285 -27.97 13.98 -21.95
CA VAL E 285 -28.92 12.87 -21.83
C VAL E 285 -28.22 11.63 -21.30
N LEU E 286 -27.01 11.36 -21.78
CA LEU E 286 -26.26 10.19 -21.31
C LEU E 286 -25.94 10.31 -19.83
N TYR E 287 -25.53 11.50 -19.38
CA TYR E 287 -25.27 11.70 -17.96
C TYR E 287 -26.54 11.45 -17.15
N ASP E 288 -27.68 11.96 -17.61
CA ASP E 288 -28.93 11.74 -16.89
C ASP E 288 -29.26 10.25 -16.80
N LEU E 289 -29.07 9.52 -17.90
CA LEU E 289 -29.35 8.08 -17.89
C LEU E 289 -28.42 7.36 -16.94
N LEU E 290 -27.12 7.69 -16.97
CA LEU E 290 -26.16 6.98 -16.15
C LEU E 290 -26.34 7.28 -14.66
N ALA E 291 -26.75 8.49 -14.31
CA ALA E 291 -26.89 8.86 -12.91
C ALA E 291 -27.99 8.10 -12.19
N HIS E 292 -28.88 7.43 -12.92
CA HIS E 292 -30.03 6.74 -12.33
C HIS E 292 -29.91 5.22 -12.46
N CYS E 293 -28.68 4.70 -12.37
CA CYS E 293 -28.43 3.26 -12.30
C CYS E 293 -28.91 2.54 -13.55
N ILE E 294 -28.56 3.10 -14.71
CA ILE E 294 -28.76 2.45 -16.00
C ILE E 294 -27.39 2.02 -16.52
N PRO E 295 -27.08 0.71 -16.56
CA PRO E 295 -25.73 0.29 -16.95
C PRO E 295 -25.35 0.80 -18.34
N ALA E 296 -24.06 1.11 -18.49
CA ALA E 296 -23.58 1.67 -19.75
C ALA E 296 -23.71 0.67 -20.88
N ASN E 297 -23.42 -0.61 -20.62
CA ASN E 297 -23.52 -1.61 -21.68
C ASN E 297 -24.95 -1.73 -22.19
N ILE E 298 -25.93 -1.69 -21.28
CA ILE E 298 -27.33 -1.72 -21.69
C ILE E 298 -27.66 -0.52 -22.56
N ILE E 299 -27.17 0.67 -22.17
CA ILE E 299 -27.44 1.87 -22.95
C ILE E 299 -26.85 1.72 -24.35
N LEU E 300 -25.61 1.25 -24.45
CA LEU E 300 -24.98 1.09 -25.75
C LEU E 300 -25.74 0.09 -26.62
N LYS E 301 -26.12 -1.05 -26.04
CA LYS E 301 -26.84 -2.06 -26.81
C LYS E 301 -28.17 -1.51 -27.33
N GLU E 302 -28.96 -0.91 -26.44
CA GLU E 302 -30.27 -0.42 -26.85
C GLU E 302 -30.16 0.71 -27.87
N LEU E 303 -29.19 1.62 -27.67
CA LEU E 303 -29.00 2.69 -28.63
C LEU E 303 -28.60 2.14 -29.99
N THR E 304 -27.70 1.15 -30.01
CA THR E 304 -27.26 0.57 -31.28
C THR E 304 -28.44 -0.07 -32.01
N PHE E 305 -29.26 -0.84 -31.29
CA PHE E 305 -30.35 -1.53 -31.96
C PHE E 305 -31.45 -0.56 -32.39
N SER E 306 -31.71 0.47 -31.58
CA SER E 306 -32.67 1.50 -31.98
C SER E 306 -32.20 2.22 -33.23
N LEU E 307 -30.90 2.53 -33.32
CA LEU E 307 -30.36 3.14 -34.52
C LEU E 307 -30.50 2.22 -35.72
N LEU E 308 -30.20 0.93 -35.53
CA LEU E 308 -30.32 -0.03 -36.62
C LEU E 308 -31.77 -0.27 -37.03
N ASP E 309 -32.72 0.11 -36.19
CA ASP E 309 -34.13 -0.04 -36.51
C ASP E 309 -34.71 1.17 -37.25
N VAL E 310 -33.89 2.16 -37.56
CA VAL E 310 -34.37 3.36 -38.25
C VAL E 310 -34.53 3.05 -39.73
N GLU E 311 -35.71 3.36 -40.28
CA GLU E 311 -36.01 3.00 -41.65
C GLU E 311 -35.28 3.87 -42.66
N THR E 312 -34.92 5.10 -42.29
CA THR E 312 -34.33 6.04 -43.23
C THR E 312 -32.85 5.81 -43.46
N LEU E 313 -32.21 4.91 -42.71
CA LEU E 313 -30.80 4.63 -42.88
C LEU E 313 -30.59 3.56 -43.93
N ASN E 314 -29.47 3.66 -44.65
CA ASN E 314 -29.12 2.71 -45.69
C ASN E 314 -28.14 1.67 -45.13
N THR E 315 -27.76 0.72 -45.99
CA THR E 315 -26.95 -0.42 -45.54
C THR E 315 -25.57 0.04 -45.06
N THR E 316 -24.95 0.98 -45.77
CA THR E 316 -23.63 1.45 -45.36
C THR E 316 -23.67 2.08 -43.97
N ASN E 317 -24.69 2.89 -43.69
CA ASN E 317 -24.81 3.51 -42.38
C ASN E 317 -24.96 2.46 -41.29
N LYS E 318 -25.79 1.44 -41.53
CA LYS E 318 -25.98 0.40 -40.54
C LYS E 318 -24.71 -0.42 -40.30
N SER E 319 -23.98 -0.71 -41.38
CA SER E 319 -22.71 -1.43 -41.23
C SER E 319 -21.73 -0.62 -40.40
N SER E 320 -21.60 0.68 -40.69
CA SER E 320 -20.72 1.53 -39.91
C SER E 320 -21.16 1.58 -38.45
N ILE E 321 -22.47 1.68 -38.22
CA ILE E 321 -22.99 1.76 -36.85
C ILE E 321 -22.65 0.50 -36.08
N ILE E 322 -22.84 -0.67 -36.69
CA ILE E 322 -22.59 -1.92 -35.97
C ILE E 322 -21.09 -2.09 -35.72
N GLU E 323 -20.26 -1.68 -36.68
CA GLU E 323 -18.81 -1.77 -36.48
C GLU E 323 -18.38 -0.88 -35.31
N TYR E 324 -18.87 0.36 -35.29
CA TYR E 324 -18.55 1.27 -34.18
C TYR E 324 -19.07 0.72 -32.86
N SER E 325 -20.26 0.12 -32.87
CA SER E 325 -20.79 -0.47 -31.65
C SER E 325 -19.89 -1.57 -31.13
N SER E 326 -19.40 -2.43 -32.02
CA SER E 326 -18.47 -3.48 -31.59
C SER E 326 -17.21 -2.88 -30.98
N VAL E 327 -16.63 -1.89 -31.68
CA VAL E 327 -15.37 -1.30 -31.21
C VAL E 327 -15.57 -0.67 -29.83
N PHE E 328 -16.64 0.09 -29.66
CA PHE E 328 -16.83 0.79 -28.40
C PHE E 328 -17.37 -0.12 -27.29
N ASP E 329 -18.00 -1.23 -27.63
CA ASP E 329 -18.29 -2.25 -26.63
C ASP E 329 -16.99 -2.84 -26.08
N GLU E 330 -16.03 -3.12 -26.97
CA GLU E 330 -14.71 -3.55 -26.51
C GLU E 330 -14.08 -2.47 -25.63
N ARG E 331 -14.19 -1.20 -26.05
CA ARG E 331 -13.63 -0.11 -25.25
C ARG E 331 -14.25 -0.05 -23.86
N LEU E 332 -15.58 -0.20 -23.79
CA LEU E 332 -16.26 -0.18 -22.49
C LEU E 332 -15.79 -1.33 -21.62
N SER E 333 -15.61 -2.51 -22.21
CA SER E 333 -15.18 -3.65 -21.41
C SER E 333 -13.83 -3.42 -20.75
N LEU E 334 -12.99 -2.56 -21.33
CA LEU E 334 -11.62 -2.36 -20.86
C LEU E 334 -11.40 -1.00 -20.21
N GLY E 335 -12.47 -0.25 -19.91
CA GLY E 335 -12.34 1.12 -19.43
C GLY E 335 -13.05 1.35 -18.11
N ASN E 336 -12.86 2.56 -17.59
CA ASN E 336 -13.49 3.01 -16.34
C ASN E 336 -14.62 3.99 -16.59
N LYS E 337 -14.37 5.07 -17.30
CA LYS E 337 -15.36 6.13 -17.54
C LYS E 337 -16.21 5.71 -18.73
N ALA E 338 -17.44 5.27 -18.47
CA ALA E 338 -18.32 4.83 -19.54
C ALA E 338 -18.77 5.99 -20.41
N ILE E 339 -18.97 7.16 -19.83
CA ILE E 339 -19.47 8.30 -20.59
C ILE E 339 -18.50 8.64 -21.72
N PHE E 340 -17.20 8.48 -21.48
CA PHE E 340 -16.22 8.76 -22.52
C PHE E 340 -16.48 7.90 -23.75
N HIS E 341 -16.63 6.59 -23.54
CA HIS E 341 -16.82 5.67 -24.67
C HIS E 341 -18.18 5.88 -25.33
N LEU E 342 -19.22 6.15 -24.54
CA LEU E 342 -20.53 6.42 -25.12
C LEU E 342 -20.50 7.67 -26.00
N GLU E 343 -19.84 8.73 -25.52
CA GLU E 343 -19.72 9.94 -26.32
C GLU E 343 -18.91 9.70 -27.58
N GLY E 344 -17.83 8.92 -27.48
CA GLY E 344 -17.06 8.58 -28.66
C GLY E 344 -17.90 7.83 -29.69
N PHE E 345 -18.69 6.86 -29.23
CA PHE E 345 -19.55 6.11 -30.15
C PHE E 345 -20.57 7.03 -30.80
N ILE E 346 -21.19 7.92 -30.03
CA ILE E 346 -22.19 8.81 -30.59
C ILE E 346 -21.55 9.74 -31.62
N ALA E 347 -20.35 10.25 -31.33
CA ALA E 347 -19.67 11.12 -32.27
C ALA E 347 -19.33 10.38 -33.55
N LYS E 348 -18.85 9.15 -33.45
CA LYS E 348 -18.54 8.37 -34.65
C LYS E 348 -19.79 8.12 -35.48
N VAL E 349 -20.90 7.77 -34.82
CA VAL E 349 -22.15 7.55 -35.54
C VAL E 349 -22.59 8.83 -36.24
N MET E 350 -22.47 9.97 -35.54
CA MET E 350 -22.84 11.25 -36.14
C MET E 350 -22.00 11.54 -37.37
N CYS E 351 -20.70 11.27 -37.29
CA CYS E 351 -19.83 11.48 -38.44
C CYS E 351 -20.23 10.58 -39.61
N CYS E 352 -20.53 9.31 -39.33
CA CYS E 352 -20.87 8.38 -40.41
C CYS E 352 -22.15 8.79 -41.11
N LEU E 353 -23.16 9.23 -40.35
CA LEU E 353 -24.42 9.66 -40.95
C LEU E 353 -24.25 10.98 -41.69
N SER F 19 18.29 -39.44 23.76
CA SER F 19 18.40 -38.35 22.74
C SER F 19 19.86 -37.94 22.57
N MET F 20 20.17 -37.36 21.41
CA MET F 20 21.54 -36.95 21.12
C MET F 20 22.03 -35.94 22.14
N LEU F 21 21.28 -34.86 22.32
CA LEU F 21 21.62 -33.78 23.24
C LEU F 21 20.48 -33.57 24.22
N GLU F 22 20.81 -33.51 25.51
CA GLU F 22 19.84 -33.24 26.56
C GLU F 22 20.50 -32.33 27.59
N ALA F 23 20.00 -31.10 27.72
CA ALA F 23 20.53 -30.13 28.67
C ALA F 23 19.41 -29.60 29.54
N LYS F 24 19.58 -29.70 30.86
CA LYS F 24 18.53 -29.35 31.82
C LYS F 24 18.91 -28.09 32.59
N PHE F 25 18.01 -27.12 32.60
CA PHE F 25 18.09 -25.94 33.45
C PHE F 25 17.11 -26.13 34.60
N GLU F 26 17.62 -25.98 35.83
CA GLU F 26 16.76 -26.07 37.01
C GLU F 26 15.54 -25.16 36.87
N GLU F 27 15.76 -23.95 36.39
CA GLU F 27 14.69 -23.00 36.14
C GLU F 27 14.87 -22.39 34.77
N ALA F 28 13.76 -22.18 34.06
CA ALA F 28 13.82 -21.54 32.75
C ALA F 28 14.23 -20.08 32.84
N SER F 29 14.27 -19.51 34.05
CA SER F 29 14.60 -18.09 34.19
C SER F 29 16.01 -17.80 33.67
N LEU F 30 16.98 -18.65 33.99
CA LEU F 30 18.36 -18.37 33.62
C LEU F 30 18.52 -18.26 32.11
N PHE F 31 17.96 -19.23 31.37
CA PHE F 31 18.06 -19.19 29.91
C PHE F 31 17.32 -17.98 29.36
N LYS F 32 16.16 -17.64 29.93
CA LYS F 32 15.43 -16.48 29.47
C LYS F 32 16.22 -15.20 29.65
N ARG F 33 16.87 -15.04 30.80
CA ARG F 33 17.70 -13.86 31.02
C ARG F 33 18.90 -13.84 30.09
N ILE F 34 19.50 -14.99 29.84
CA ILE F 34 20.64 -15.05 28.93
C ILE F 34 20.21 -14.61 27.53
N ILE F 35 19.07 -15.11 27.06
CA ILE F 35 18.60 -14.75 25.72
C ILE F 35 18.22 -13.27 25.67
N ASP F 36 17.56 -12.77 26.71
CA ASP F 36 17.16 -11.37 26.74
C ASP F 36 18.35 -10.43 26.73
N GLY F 37 19.55 -10.92 27.05
CA GLY F 37 20.71 -10.05 27.10
C GLY F 37 21.19 -9.59 25.75
N PHE F 38 20.87 -10.31 24.68
CA PHE F 38 21.32 -9.93 23.35
C PHE F 38 20.25 -10.14 22.27
N LYS F 39 18.98 -10.22 22.65
CA LYS F 39 17.93 -10.43 21.66
C LYS F 39 17.64 -9.18 20.84
N ASP F 40 17.99 -8.00 21.34
CA ASP F 40 17.65 -6.74 20.68
C ASP F 40 18.69 -6.29 19.67
N CYS F 41 19.82 -6.98 19.55
CA CYS F 41 20.87 -6.59 18.62
C CYS F 41 21.03 -7.54 17.44
N VAL F 42 20.57 -8.80 17.56
CA VAL F 42 20.72 -9.78 16.50
C VAL F 42 19.42 -10.54 16.35
N GLN F 43 19.24 -11.15 15.18
CA GLN F 43 18.03 -11.88 14.84
C GLN F 43 18.25 -13.37 14.63
N LEU F 44 19.35 -13.76 13.99
CA LEU F 44 19.68 -15.15 13.74
C LEU F 44 20.87 -15.56 14.59
N VAL F 45 20.77 -16.72 15.23
CA VAL F 45 21.82 -17.22 16.10
C VAL F 45 22.13 -18.66 15.74
N ASN F 46 23.37 -19.07 16.00
CA ASN F 46 23.83 -20.43 15.76
C ASN F 46 24.44 -20.96 17.05
N PHE F 47 23.89 -22.06 17.55
CA PHE F 47 24.39 -22.73 18.75
C PHE F 47 25.14 -24.00 18.35
N GLN F 48 26.38 -24.13 18.80
CA GLN F 48 27.13 -25.37 18.67
C GLN F 48 27.25 -25.98 20.06
N CYS F 49 26.68 -27.16 20.23
CA CYS F 49 26.69 -27.87 21.50
C CYS F 49 27.67 -29.03 21.42
N LYS F 50 28.55 -29.13 22.42
CA LYS F 50 29.55 -30.18 22.49
C LYS F 50 29.59 -30.76 23.89
N GLU F 51 30.61 -31.55 24.20
CA GLU F 51 30.76 -32.11 25.53
C GLU F 51 31.20 -31.06 26.55
N ASP F 52 31.70 -29.91 26.10
CA ASP F 52 32.16 -28.86 26.99
C ASP F 52 31.10 -27.80 27.27
N GLY F 53 30.00 -27.80 26.54
CA GLY F 53 28.93 -26.83 26.74
C GLY F 53 28.41 -26.32 25.42
N ILE F 54 27.81 -25.14 25.46
CA ILE F 54 27.14 -24.55 24.31
C ILE F 54 27.83 -23.23 23.97
N ILE F 55 28.26 -23.08 22.73
CA ILE F 55 28.86 -21.85 22.24
C ILE F 55 27.99 -21.32 21.11
N ALA F 56 27.49 -20.10 21.26
CA ALA F 56 26.55 -19.51 20.32
C ALA F 56 27.13 -18.23 19.72
N GLN F 57 26.82 -17.98 18.46
CA GLN F 57 27.25 -16.75 17.81
C GLN F 57 26.10 -16.16 16.99
N ALA F 58 26.10 -14.83 16.91
CA ALA F 58 25.12 -14.10 16.12
C ALA F 58 25.73 -12.81 15.61
N VAL F 59 25.27 -12.37 14.45
CA VAL F 59 25.74 -11.14 13.81
C VAL F 59 24.54 -10.27 13.48
N ASP F 60 24.67 -8.97 13.71
CA ASP F 60 23.58 -8.05 13.43
C ASP F 60 23.45 -7.80 11.93
N ASP F 61 22.30 -7.22 11.55
CA ASP F 61 22.03 -7.00 10.14
C ASP F 61 23.05 -6.06 9.51
N SER F 62 23.44 -5.01 10.24
CA SER F 62 24.41 -4.06 9.71
C SER F 62 25.83 -4.61 9.67
N ARG F 63 26.06 -5.79 10.23
CA ARG F 63 27.40 -6.40 10.25
C ARG F 63 28.38 -5.54 11.03
N VAL F 64 27.91 -4.85 12.05
CA VAL F 64 28.75 -3.99 12.88
C VAL F 64 28.96 -4.55 14.27
N LEU F 65 28.09 -5.44 14.75
CA LEU F 65 28.20 -6.01 16.08
C LEU F 65 28.14 -7.53 15.98
N LEU F 66 28.95 -8.20 16.81
CA LEU F 66 28.98 -9.65 16.87
C LEU F 66 28.77 -10.07 18.33
N VAL F 67 27.85 -11.01 18.55
CA VAL F 67 27.54 -11.50 19.88
C VAL F 67 28.04 -12.94 19.98
N SER F 68 28.81 -13.23 21.03
CA SER F 68 29.36 -14.56 21.27
C SER F 68 29.04 -14.97 22.70
N LEU F 69 28.24 -16.02 22.85
CA LEU F 69 27.80 -16.51 24.14
C LEU F 69 28.45 -17.86 24.41
N GLU F 70 28.87 -18.08 25.66
CA GLU F 70 29.42 -19.36 26.07
C GLU F 70 28.76 -19.78 27.37
N ILE F 71 28.24 -21.00 27.40
CA ILE F 71 27.60 -21.57 28.59
C ILE F 71 28.27 -22.91 28.88
N GLY F 72 28.92 -23.02 30.02
CA GLY F 72 29.59 -24.25 30.40
C GLY F 72 28.65 -25.28 30.96
N VAL F 73 29.19 -26.49 31.14
CA VAL F 73 28.38 -27.59 31.65
C VAL F 73 27.94 -27.36 33.09
N GLU F 74 28.64 -26.51 33.83
CA GLU F 74 28.29 -26.27 35.23
C GLU F 74 26.96 -25.55 35.40
N ALA F 75 26.45 -24.91 34.35
CA ALA F 75 25.20 -24.17 34.45
C ALA F 75 23.98 -25.05 34.36
N PHE F 76 24.12 -26.30 33.91
CA PHE F 76 23.00 -27.21 33.75
C PHE F 76 22.97 -28.20 34.91
N GLN F 77 21.75 -28.54 35.34
CA GLN F 77 21.60 -29.60 36.33
C GLN F 77 22.10 -30.93 35.77
N GLU F 78 21.79 -31.21 34.51
CA GLU F 78 22.25 -32.42 33.83
C GLU F 78 22.48 -32.09 32.37
N TYR F 79 23.71 -32.28 31.90
CA TYR F 79 24.08 -31.99 30.52
C TYR F 79 24.68 -33.22 29.88
N ARG F 80 24.21 -33.57 28.68
CA ARG F 80 24.73 -34.72 27.95
C ARG F 80 24.69 -34.40 26.47
N CYS F 81 25.83 -34.55 25.81
CA CYS F 81 25.96 -34.28 24.38
C CYS F 81 26.97 -35.27 23.81
N ASP F 82 26.48 -36.33 23.17
CA ASP F 82 27.36 -37.39 22.70
C ASP F 82 28.27 -36.90 21.58
N HIS F 83 27.70 -36.22 20.59
CA HIS F 83 28.46 -35.69 19.47
C HIS F 83 28.11 -34.24 19.25
N PRO F 84 29.03 -33.44 18.71
CA PRO F 84 28.74 -32.02 18.48
C PRO F 84 27.55 -31.84 17.55
N VAL F 85 26.71 -30.85 17.85
CA VAL F 85 25.53 -30.58 17.05
C VAL F 85 25.38 -29.07 16.86
N THR F 86 25.01 -28.67 15.66
CA THR F 86 24.83 -27.27 15.31
C THR F 86 23.37 -27.00 15.02
N LEU F 87 22.82 -25.99 15.69
CA LEU F 87 21.42 -25.60 15.55
C LEU F 87 21.35 -24.12 15.21
N GLY F 88 20.83 -23.81 14.02
CA GLY F 88 20.60 -22.44 13.61
C GLY F 88 19.14 -22.07 13.83
N MET F 89 18.92 -20.99 14.57
CA MET F 89 17.59 -20.59 14.97
C MET F 89 17.43 -19.08 14.85
N ASP F 90 16.17 -18.65 14.92
CA ASP F 90 15.80 -17.25 14.86
C ASP F 90 15.36 -16.80 16.24
N LEU F 91 15.94 -15.70 16.73
CA LEU F 91 15.82 -15.36 18.14
C LEU F 91 14.41 -14.96 18.52
N THR F 92 13.69 -14.25 17.65
CA THR F 92 12.34 -13.81 17.99
C THR F 92 11.42 -15.01 18.21
N SER F 93 11.54 -16.03 17.36
CA SER F 93 10.74 -17.23 17.55
C SER F 93 11.10 -17.92 18.87
N LEU F 94 12.38 -17.96 19.21
CA LEU F 94 12.80 -18.57 20.47
C LEU F 94 12.20 -17.83 21.65
N SER F 95 12.23 -16.50 21.61
CA SER F 95 11.65 -15.71 22.69
C SER F 95 10.15 -15.92 22.78
N LYS F 96 9.46 -15.97 21.63
CA LYS F 96 8.03 -16.23 21.64
C LYS F 96 7.73 -17.58 22.27
N ILE F 97 8.52 -18.60 21.94
CA ILE F 97 8.30 -19.93 22.50
C ILE F 97 8.55 -19.90 24.01
N LEU F 98 9.64 -19.26 24.43
CA LEU F 98 9.97 -19.22 25.85
C LEU F 98 8.91 -18.50 26.66
N ARG F 99 8.28 -17.47 26.07
CA ARG F 99 7.24 -16.75 26.78
C ARG F 99 6.04 -17.64 27.12
N CYS F 100 5.90 -18.78 26.43
CA CYS F 100 4.79 -19.69 26.68
C CYS F 100 5.01 -20.57 27.91
N GLY F 101 6.24 -20.65 28.42
CA GLY F 101 6.56 -21.47 29.56
C GLY F 101 6.76 -20.63 30.81
N ASN F 102 6.39 -21.19 31.96
CA ASN F 102 6.54 -20.50 33.22
C ASN F 102 8.03 -20.41 33.60
N ASN F 103 8.34 -19.42 34.44
CA ASN F 103 9.71 -19.20 34.88
C ASN F 103 10.11 -20.10 36.04
N THR F 104 9.17 -20.82 36.65
CA THR F 104 9.45 -21.67 37.79
C THR F 104 9.51 -23.15 37.43
N ASP F 105 9.60 -23.47 36.14
CA ASP F 105 9.59 -24.85 35.68
C ASP F 105 10.95 -25.22 35.09
N THR F 106 11.35 -26.47 35.33
CA THR F 106 12.59 -26.98 34.76
C THR F 106 12.49 -26.97 33.23
N LEU F 107 13.57 -26.55 32.58
CA LEU F 107 13.60 -26.36 31.14
C LEU F 107 14.63 -27.33 30.53
N THR F 108 14.17 -28.26 29.71
CA THR F 108 15.03 -29.25 29.09
C THR F 108 15.12 -28.96 27.59
N LEU F 109 16.34 -28.79 27.08
CA LEU F 109 16.61 -28.67 25.66
C LEU F 109 17.02 -30.04 25.14
N ILE F 110 16.28 -30.54 24.15
CA ILE F 110 16.49 -31.88 23.60
C ILE F 110 16.69 -31.76 22.09
N ALA F 111 17.70 -32.48 21.59
CA ALA F 111 17.96 -32.53 20.16
C ALA F 111 18.42 -33.94 19.78
N ASP F 112 18.22 -34.28 18.52
CA ASP F 112 18.58 -35.57 17.97
C ASP F 112 19.70 -35.41 16.94
N ASN F 113 20.14 -36.54 16.39
CA ASN F 113 21.17 -36.51 15.36
C ASN F 113 20.64 -35.82 14.10
N THR F 114 21.53 -35.08 13.43
CA THR F 114 21.18 -34.27 12.26
C THR F 114 19.81 -33.65 12.45
N PRO F 115 19.60 -32.92 13.55
CA PRO F 115 18.25 -32.53 13.94
C PRO F 115 17.61 -31.56 12.96
N ASP F 116 16.30 -31.65 12.85
CA ASP F 116 15.50 -30.67 12.12
C ASP F 116 14.74 -29.72 13.05
N SER F 117 14.71 -30.01 14.35
CA SER F 117 14.03 -29.16 15.31
C SER F 117 14.67 -29.33 16.68
N ILE F 118 14.42 -28.36 17.55
CA ILE F 118 14.86 -28.39 18.93
C ILE F 118 13.63 -28.44 19.81
N ILE F 119 13.65 -29.31 20.82
CA ILE F 119 12.51 -29.52 21.70
C ILE F 119 12.80 -28.83 23.04
N LEU F 120 11.88 -27.97 23.45
CA LEU F 120 11.92 -27.32 24.76
C LEU F 120 10.83 -27.96 25.62
N LEU F 121 11.24 -28.53 26.74
CA LEU F 121 10.35 -29.22 27.67
C LEU F 121 10.28 -28.39 28.96
N PHE F 122 9.11 -27.84 29.23
CA PHE F 122 8.85 -27.15 30.49
C PHE F 122 8.11 -28.11 31.41
N GLU F 123 8.74 -28.45 32.52
CA GLU F 123 8.19 -29.41 33.47
C GLU F 123 8.05 -28.76 34.84
N ASP F 124 6.86 -28.88 35.42
CA ASP F 124 6.57 -28.36 36.75
C ASP F 124 6.45 -29.54 37.70
N THR F 125 7.46 -29.72 38.56
CA THR F 125 7.46 -30.85 39.48
C THR F 125 6.29 -30.79 40.47
N LYS F 126 5.76 -29.60 40.74
CA LYS F 126 4.64 -29.48 41.67
C LYS F 126 3.43 -30.23 41.17
N LYS F 127 3.18 -30.20 39.86
CA LYS F 127 2.03 -30.87 39.26
C LYS F 127 2.48 -31.80 38.15
N ASP F 128 1.54 -32.34 37.38
CA ASP F 128 1.82 -33.20 36.25
C ASP F 128 1.74 -32.44 34.93
N ARG F 129 2.12 -31.16 34.92
CA ARG F 129 2.04 -30.33 33.73
C ARG F 129 3.36 -30.40 32.97
N ILE F 130 3.31 -30.92 31.75
CA ILE F 130 4.46 -31.00 30.87
C ILE F 130 4.12 -30.29 29.57
N ALA F 131 4.96 -29.34 29.17
CA ALA F 131 4.76 -28.58 27.94
C ALA F 131 5.90 -28.86 26.98
N GLU F 132 5.59 -29.44 25.83
CA GLU F 132 6.55 -29.73 24.79
C GLU F 132 6.39 -28.71 23.67
N TYR F 133 7.49 -28.07 23.28
CA TYR F 133 7.48 -27.09 22.20
C TYR F 133 8.60 -27.43 21.22
N SER F 134 8.23 -27.68 19.96
CA SER F 134 9.19 -27.99 18.92
C SER F 134 9.41 -26.73 18.07
N LEU F 135 10.67 -26.32 17.94
CA LEU F 135 11.04 -25.17 17.14
C LEU F 135 11.89 -25.65 15.97
N LYS F 136 11.47 -25.30 14.75
CA LYS F 136 12.13 -25.79 13.55
C LYS F 136 13.42 -25.02 13.31
N LEU F 137 14.51 -25.75 13.08
CA LEU F 137 15.80 -25.15 12.84
C LEU F 137 15.91 -24.64 11.41
N MET F 138 16.86 -23.73 11.19
CA MET F 138 17.12 -23.14 9.89
C MET F 138 18.52 -23.51 9.44
N ASP F 139 18.68 -23.68 8.13
CA ASP F 139 19.96 -24.10 7.55
C ASP F 139 20.90 -22.90 7.53
N ILE F 140 21.91 -22.93 8.41
CA ILE F 140 22.89 -21.86 8.53
C ILE F 140 24.27 -22.51 8.60
N ASP F 141 25.04 -22.39 7.53
CA ASP F 141 26.41 -22.92 7.47
C ASP F 141 27.36 -21.75 7.69
N ALA F 142 27.93 -21.66 8.89
CA ALA F 142 28.84 -20.59 9.23
C ALA F 142 29.81 -21.08 10.29
N ASP F 143 30.92 -20.36 10.41
CA ASP F 143 31.97 -20.67 11.38
C ASP F 143 32.08 -19.55 12.41
N PHE F 144 32.48 -19.91 13.62
CA PHE F 144 32.61 -18.92 14.68
C PHE F 144 33.86 -18.05 14.50
N LEU F 145 34.91 -18.59 13.88
CA LEU F 145 36.18 -17.93 13.62
C LEU F 145 36.99 -17.67 14.89
N LYS F 146 36.45 -17.98 16.07
CA LYS F 146 37.15 -17.77 17.34
C LYS F 146 37.87 -16.43 17.36
N ILE F 147 37.09 -15.36 17.17
CA ILE F 147 37.62 -14.02 17.08
C ILE F 147 38.00 -13.55 18.49
N GLU F 148 39.30 -13.38 18.73
CA GLU F 148 39.78 -12.83 19.99
C GLU F 148 41.21 -12.39 19.78
N GLU F 149 41.46 -11.09 19.86
CA GLU F 149 42.80 -10.57 19.67
C GLU F 149 43.71 -10.99 20.81
N LEU F 150 44.98 -11.24 20.49
CA LEU F 150 45.90 -11.82 21.46
C LEU F 150 46.25 -10.82 22.56
N GLN F 151 46.88 -9.71 22.19
CA GLN F 151 47.39 -8.73 23.15
C GLN F 151 46.76 -7.38 22.83
N TYR F 152 45.64 -7.07 23.49
CA TYR F 152 44.97 -5.80 23.29
C TYR F 152 45.84 -4.65 23.79
N ASP F 153 45.65 -3.48 23.18
CA ASP F 153 46.40 -2.30 23.62
C ASP F 153 46.07 -1.93 25.05
N SER F 154 44.78 -1.95 25.40
CA SER F 154 44.35 -1.62 26.76
C SER F 154 43.22 -2.54 27.18
N THR F 155 43.16 -2.82 28.49
CA THR F 155 42.13 -3.66 29.06
C THR F 155 41.73 -3.08 30.41
N LEU F 156 40.44 -2.78 30.56
CA LEU F 156 39.91 -2.22 31.80
C LEU F 156 38.66 -2.99 32.20
N SER F 157 38.25 -2.79 33.45
CA SER F 157 37.03 -3.40 33.94
C SER F 157 36.45 -2.50 35.03
N LEU F 158 35.11 -2.44 35.07
CA LEU F 158 34.44 -1.54 36.01
C LEU F 158 33.01 -2.03 36.18
N PRO F 159 32.33 -1.58 37.24
CA PRO F 159 30.96 -2.05 37.48
C PRO F 159 30.06 -1.74 36.30
N SER F 160 29.17 -2.69 35.99
CA SER F 160 28.26 -2.52 34.87
C SER F 160 27.33 -1.32 35.07
N SER F 161 26.97 -1.03 36.32
CA SER F 161 26.08 0.09 36.59
C SER F 161 26.70 1.41 36.15
N GLU F 162 27.98 1.62 36.47
CA GLU F 162 28.64 2.86 36.07
C GLU F 162 28.70 2.99 34.55
N PHE F 163 29.06 1.91 33.86
CA PHE F 163 29.12 1.96 32.40
C PHE F 163 27.75 2.26 31.80
N SER F 164 26.71 1.61 32.32
CA SER F 164 25.36 1.85 31.82
C SER F 164 24.94 3.29 32.06
N LYS F 165 25.22 3.83 33.25
CA LYS F 165 24.86 5.21 33.54
C LYS F 165 25.59 6.17 32.59
N ILE F 166 26.89 5.95 32.39
CA ILE F 166 27.65 6.84 31.52
C ILE F 166 27.12 6.77 30.09
N VAL F 167 26.85 5.56 29.59
CA VAL F 167 26.36 5.42 28.23
C VAL F 167 25.00 6.10 28.08
N ARG F 168 24.11 5.90 29.04
CA ARG F 168 22.79 6.53 28.97
C ARG F 168 22.91 8.05 29.00
N ASP F 169 23.78 8.58 29.86
CA ASP F 169 23.93 10.02 29.95
C ASP F 169 24.50 10.60 28.66
N LEU F 170 25.51 9.95 28.08
CA LEU F 170 26.15 10.50 26.89
C LEU F 170 25.32 10.32 25.63
N SER F 171 24.54 9.25 25.55
CA SER F 171 23.71 9.02 24.36
C SER F 171 22.66 10.11 24.19
N GLN F 172 22.23 10.74 25.28
CA GLN F 172 21.24 11.80 25.19
C GLN F 172 21.79 13.03 24.47
N LEU F 173 23.10 13.17 24.38
CA LEU F 173 23.71 14.34 23.75
C LEU F 173 24.13 14.09 22.31
N SER F 174 24.54 12.87 21.96
CA SER F 174 25.02 12.58 20.62
C SER F 174 24.76 11.13 20.29
N ASP F 175 24.79 10.82 18.99
CA ASP F 175 24.65 9.45 18.50
C ASP F 175 26.00 8.73 18.42
N SER F 176 27.10 9.41 18.76
CA SER F 176 28.42 8.82 18.75
C SER F 176 29.11 9.08 20.07
N ILE F 177 29.85 8.09 20.57
CA ILE F 177 30.57 8.20 21.84
C ILE F 177 32.02 7.79 21.60
N ASN F 178 32.95 8.60 22.09
CA ASN F 178 34.37 8.36 21.95
C ASN F 178 34.95 7.91 23.29
N ILE F 179 35.71 6.83 23.27
CA ILE F 179 36.39 6.29 24.44
C ILE F 179 37.89 6.49 24.22
N MET F 180 38.53 7.19 25.15
CA MET F 180 39.96 7.45 25.11
C MET F 180 40.60 6.87 26.37
N ILE F 181 41.66 6.08 26.18
CA ILE F 181 42.37 5.43 27.27
C ILE F 181 43.79 5.98 27.28
N THR F 182 44.17 6.59 28.40
CA THR F 182 45.51 7.10 28.63
C THR F 182 45.96 6.64 30.01
N LYS F 183 47.23 6.88 30.32
CA LYS F 183 47.79 6.45 31.60
C LYS F 183 46.90 6.89 32.75
N GLU F 184 46.32 5.91 33.45
CA GLU F 184 45.48 6.17 34.61
C GLU F 184 44.37 7.16 34.29
N THR F 185 43.74 6.98 33.13
CA THR F 185 42.67 7.88 32.72
C THR F 185 41.80 7.19 31.67
N ILE F 186 40.50 7.17 31.91
CA ILE F 186 39.52 6.67 30.95
C ILE F 186 38.50 7.77 30.74
N LYS F 187 38.35 8.21 29.49
CA LYS F 187 37.53 9.36 29.15
C LYS F 187 36.44 8.95 28.16
N PHE F 188 35.20 9.24 28.51
CA PHE F 188 34.06 9.05 27.61
C PHE F 188 33.56 10.43 27.19
N VAL F 189 33.54 10.68 25.89
CA VAL F 189 33.22 11.99 25.34
C VAL F 189 32.08 11.86 24.35
N ALA F 190 31.19 12.85 24.34
CA ALA F 190 30.12 12.94 23.37
C ALA F 190 29.96 14.39 22.95
N ASP F 191 29.81 14.60 21.63
CA ASP F 191 29.62 15.94 21.07
C ASP F 191 28.37 15.93 20.22
N GLY F 192 27.44 16.84 20.50
CA GLY F 192 26.18 16.89 19.79
C GLY F 192 25.73 18.28 19.42
N ASP F 193 24.46 18.42 19.03
CA ASP F 193 23.94 19.71 18.60
C ASP F 193 23.73 20.65 19.78
N ILE F 194 23.16 20.14 20.88
CA ILE F 194 22.84 21.01 22.01
C ILE F 194 24.03 21.25 22.91
N GLY F 195 25.06 20.41 22.86
CA GLY F 195 26.20 20.58 23.73
C GLY F 195 27.11 19.36 23.67
N SER F 196 28.01 19.30 24.65
CA SER F 196 28.98 18.23 24.75
C SER F 196 29.08 17.75 26.19
N GLY F 197 29.54 16.52 26.35
CA GLY F 197 29.73 15.94 27.67
C GLY F 197 31.00 15.12 27.71
N SER F 198 31.64 15.12 28.88
CA SER F 198 32.88 14.39 29.10
C SER F 198 32.90 13.84 30.51
N VAL F 199 33.17 12.54 30.64
CA VAL F 199 33.28 11.87 31.92
C VAL F 199 34.67 11.25 32.00
N ILE F 200 35.40 11.58 33.06
CA ILE F 200 36.77 11.11 33.27
C ILE F 200 36.79 10.28 34.54
N ILE F 201 37.35 9.06 34.45
CA ILE F 201 37.46 8.17 35.59
C ILE F 201 38.89 7.68 35.69
N LYS F 202 39.39 7.59 36.92
CA LYS F 202 40.74 7.12 37.18
C LYS F 202 40.70 5.77 37.91
N PRO F 203 41.72 4.93 37.72
CA PRO F 203 41.72 3.64 38.44
C PRO F 203 41.72 3.85 39.94
N PHE F 204 40.98 2.99 40.64
CA PHE F 204 40.92 3.03 42.10
C PHE F 204 40.50 1.67 42.61
N VAL F 205 40.96 1.34 43.81
CA VAL F 205 40.67 0.06 44.45
C VAL F 205 40.26 0.32 45.89
N ASP F 206 39.19 -0.33 46.34
CA ASP F 206 38.71 -0.21 47.70
C ASP F 206 38.57 -1.61 48.29
N MET F 207 39.26 -1.86 49.41
CA MET F 207 39.18 -3.17 50.03
C MET F 207 37.84 -3.40 50.71
N GLU F 208 37.17 -2.32 51.15
CA GLU F 208 35.88 -2.47 51.81
C GLU F 208 34.85 -3.08 50.86
N HIS F 209 34.83 -2.62 49.61
CA HIS F 209 33.88 -3.12 48.60
C HIS F 209 34.62 -3.23 47.27
N PRO F 210 35.34 -4.33 47.05
CA PRO F 210 36.09 -4.46 45.79
C PRO F 210 35.19 -4.51 44.56
N GLU F 211 33.91 -4.85 44.71
CA GLU F 211 33.03 -4.91 43.55
C GLU F 211 32.85 -3.54 42.89
N THR F 212 33.06 -2.46 43.62
CA THR F 212 32.92 -1.12 43.10
C THR F 212 34.21 -0.57 42.51
N SER F 213 35.29 -1.33 42.56
CA SER F 213 36.57 -0.87 42.04
C SER F 213 36.61 -0.95 40.52
N ILE F 214 37.42 -0.09 39.92
CA ILE F 214 37.67 -0.09 38.48
C ILE F 214 39.16 -0.27 38.28
N LYS F 215 39.54 -1.20 37.40
CA LYS F 215 40.94 -1.50 37.15
C LYS F 215 41.26 -1.26 35.67
N LEU F 216 42.51 -0.88 35.42
CA LEU F 216 42.96 -0.54 34.08
C LEU F 216 44.39 -1.02 33.89
N GLU F 217 44.69 -1.54 32.70
CA GLU F 217 46.04 -1.90 32.31
C GLU F 217 46.24 -1.44 30.87
N MET F 218 47.22 -0.57 30.66
CA MET F 218 47.40 0.13 29.40
C MET F 218 48.82 -0.04 28.89
N ASP F 219 48.93 -0.45 27.62
CA ASP F 219 50.21 -0.58 26.94
C ASP F 219 50.49 0.60 26.02
N GLN F 220 49.51 0.97 25.19
CA GLN F 220 49.58 2.17 24.37
C GLN F 220 48.29 2.96 24.53
N PRO F 221 48.34 4.28 24.36
CA PRO F 221 47.10 5.07 24.41
C PRO F 221 46.17 4.70 23.28
N VAL F 222 44.87 4.78 23.55
CA VAL F 222 43.86 4.39 22.57
C VAL F 222 42.77 5.45 22.49
N ASP F 223 42.12 5.52 21.33
CA ASP F 223 41.04 6.48 21.12
C ASP F 223 40.15 5.92 20.02
N LEU F 224 38.91 5.56 20.37
CA LEU F 224 38.01 4.90 19.42
C LEU F 224 36.61 5.47 19.54
N THR F 225 35.95 5.66 18.40
CA THR F 225 34.59 6.17 18.33
C THR F 225 33.63 5.04 18.00
N PHE F 226 32.48 5.03 18.67
CA PHE F 226 31.46 3.99 18.49
C PHE F 226 30.10 4.64 18.37
N GLY F 227 29.16 3.89 17.82
CA GLY F 227 27.78 4.36 17.71
C GLY F 227 27.03 4.19 19.01
N ALA F 228 26.20 5.18 19.33
CA ALA F 228 25.49 5.19 20.61
C ALA F 228 24.46 4.07 20.69
N LYS F 229 23.77 3.78 19.58
CA LYS F 229 22.72 2.76 19.61
C LYS F 229 23.30 1.40 19.97
N TYR F 230 24.47 1.06 19.41
CA TYR F 230 25.07 -0.24 19.70
C TYR F 230 25.49 -0.34 21.17
N LEU F 231 26.05 0.73 21.72
CA LEU F 231 26.41 0.71 23.14
C LEU F 231 25.16 0.61 24.02
N LEU F 232 24.07 1.28 23.61
CA LEU F 232 22.82 1.17 24.36
C LEU F 232 22.30 -0.26 24.35
N ASP F 233 22.41 -0.93 23.22
CA ASP F 233 22.04 -2.35 23.17
C ASP F 233 22.97 -3.19 24.04
N ILE F 234 24.28 -2.89 24.02
CA ILE F 234 25.25 -3.70 24.74
C ILE F 234 25.02 -3.61 26.24
N ILE F 235 24.74 -2.41 26.76
CA ILE F 235 24.58 -2.23 28.19
C ILE F 235 23.43 -3.06 28.75
N LYS F 236 22.54 -3.57 27.89
CA LYS F 236 21.45 -4.41 28.38
C LYS F 236 21.96 -5.70 29.02
N GLY F 237 23.22 -6.06 28.77
CA GLY F 237 23.82 -7.23 29.39
C GLY F 237 24.26 -7.03 30.82
N SER F 238 24.13 -5.81 31.35
CA SER F 238 24.51 -5.56 32.73
C SER F 238 23.67 -6.37 33.71
N SER F 239 22.49 -6.82 33.30
CA SER F 239 21.65 -7.62 34.18
C SER F 239 22.22 -9.02 34.42
N LEU F 240 23.19 -9.44 33.60
CA LEU F 240 23.79 -10.76 33.77
C LEU F 240 25.05 -10.75 34.62
N SER F 241 25.66 -9.58 34.84
CA SER F 241 26.90 -9.51 35.60
C SER F 241 26.99 -8.14 36.27
N ASP F 242 27.60 -8.13 37.45
CA ASP F 242 27.77 -6.89 38.20
C ASP F 242 28.89 -6.03 37.65
N ARG F 243 29.86 -6.62 36.94
CA ARG F 243 30.97 -5.90 36.35
C ARG F 243 30.99 -6.14 34.84
N VAL F 244 31.73 -5.28 34.14
CA VAL F 244 31.92 -5.40 32.70
C VAL F 244 33.38 -5.12 32.39
N GLY F 245 33.95 -5.91 31.48
CA GLY F 245 35.32 -5.75 31.04
C GLY F 245 35.36 -5.24 29.60
N ILE F 246 36.14 -4.19 29.38
CA ILE F 246 36.28 -3.57 28.07
C ILE F 246 37.73 -3.71 27.64
N ARG F 247 37.93 -4.37 26.50
CA ARG F 247 39.25 -4.49 25.88
C ARG F 247 39.25 -3.69 24.60
N LEU F 248 40.21 -2.78 24.48
CA LEU F 248 40.28 -1.84 23.36
C LEU F 248 41.65 -1.94 22.69
N SER F 249 41.63 -1.89 21.36
CA SER F 249 42.85 -1.97 20.58
C SER F 249 42.61 -1.28 19.24
N SER F 250 43.63 -0.56 18.77
CA SER F 250 43.54 0.05 17.46
C SER F 250 43.58 -1.03 16.38
N GLU F 251 42.80 -0.81 15.31
CA GLU F 251 42.69 -1.72 14.18
C GLU F 251 41.96 -3.01 14.52
N ALA F 252 41.31 -3.07 15.68
CA ALA F 252 40.57 -4.25 16.09
C ALA F 252 39.26 -3.81 16.75
N PRO F 253 38.23 -4.65 16.69
CA PRO F 253 36.97 -4.30 17.35
C PRO F 253 37.09 -4.29 18.87
N ALA F 254 36.29 -3.45 19.50
CA ALA F 254 36.26 -3.39 20.96
C ALA F 254 35.47 -4.56 21.51
N LEU F 255 35.97 -5.14 22.60
CA LEU F 255 35.36 -6.32 23.21
C LEU F 255 34.77 -5.94 24.56
N PHE F 256 33.45 -6.12 24.70
CA PHE F 256 32.74 -5.89 25.96
C PHE F 256 32.28 -7.24 26.49
N GLN F 257 32.78 -7.63 27.66
CA GLN F 257 32.54 -8.95 28.22
C GLN F 257 31.79 -8.83 29.54
N PHE F 258 30.72 -9.61 29.67
CA PHE F 258 29.98 -9.79 30.91
C PHE F 258 30.15 -11.23 31.34
N ASP F 259 30.65 -11.44 32.56
CA ASP F 259 30.97 -12.77 33.04
C ASP F 259 29.77 -13.40 33.72
N LEU F 260 29.47 -14.65 33.37
CA LEU F 260 28.39 -15.40 33.96
C LEU F 260 28.93 -16.36 35.01
N LYS F 261 28.03 -17.13 35.62
CA LYS F 261 28.45 -18.06 36.67
C LYS F 261 29.42 -19.11 36.13
N SER F 262 29.13 -19.65 34.94
CA SER F 262 29.99 -20.65 34.32
C SER F 262 30.15 -20.40 32.83
N GLY F 263 30.09 -19.15 32.41
CA GLY F 263 30.21 -18.81 31.02
C GLY F 263 30.52 -17.34 30.83
N PHE F 264 30.16 -16.83 29.65
CA PHE F 264 30.41 -15.43 29.35
C PHE F 264 29.51 -14.97 28.21
N LEU F 265 29.34 -13.65 28.12
CA LEU F 265 28.66 -13.00 27.01
C LEU F 265 29.56 -11.90 26.49
N GLN F 266 29.93 -11.96 25.21
CA GLN F 266 30.88 -11.05 24.61
C GLN F 266 30.23 -10.31 23.45
N PHE F 267 30.49 -9.00 23.38
CA PHE F 267 30.07 -8.16 22.27
C PHE F 267 31.32 -7.60 21.61
N PHE F 268 31.52 -7.92 20.34
CA PHE F 268 32.58 -7.34 19.54
C PHE F 268 31.97 -6.25 18.66
N LEU F 269 32.37 -5.00 18.91
CA LEU F 269 31.80 -3.85 18.22
C LEU F 269 32.89 -3.20 17.37
N ALA F 270 32.60 -3.04 16.09
CA ALA F 270 33.55 -2.40 15.18
C ALA F 270 33.51 -0.89 15.39
N PRO F 271 34.65 -0.24 15.63
CA PRO F 271 34.66 1.22 15.77
C PRO F 271 34.41 1.91 14.43
N LYS F 272 33.95 3.15 14.52
CA LYS F 272 33.69 3.94 13.33
C LYS F 272 34.99 4.34 12.64
N PHE F 273 34.92 4.47 11.32
CA PHE F 273 36.06 4.97 10.56
C PHE F 273 36.38 6.40 10.98
N ASN F 274 37.68 6.68 11.12
CA ASN F 274 38.14 8.01 11.52
C ASN F 274 38.39 8.82 10.26
N ASP F 275 37.42 9.65 9.87
CA ASP F 275 37.55 10.48 8.69
C ASP F 275 36.48 11.57 8.68
N SER G 19 38.73 32.35 33.06
CA SER G 19 37.25 32.31 33.12
C SER G 19 36.71 33.42 34.01
N MET G 20 36.04 34.41 33.39
CA MET G 20 35.53 35.54 34.16
C MET G 20 34.49 35.07 35.17
N LEU G 21 33.57 34.21 34.76
CA LEU G 21 32.46 33.77 35.61
C LEU G 21 32.78 32.37 36.13
N GLU G 22 32.82 32.23 37.45
CA GLU G 22 33.03 30.95 38.11
C GLU G 22 32.18 30.94 39.37
N ALA G 23 31.10 30.15 39.37
CA ALA G 23 30.17 30.07 40.49
C ALA G 23 30.05 28.61 40.93
N LYS G 24 30.36 28.34 42.18
CA LYS G 24 30.37 26.97 42.71
C LYS G 24 29.21 26.77 43.67
N PHE G 25 28.33 25.83 43.35
CA PHE G 25 27.33 25.33 44.28
C PHE G 25 27.89 24.11 45.00
N GLU G 26 27.82 24.13 46.33
CA GLU G 26 28.35 23.02 47.12
C GLU G 26 27.73 21.70 46.69
N GLU G 27 26.41 21.68 46.50
CA GLU G 27 25.70 20.52 46.01
C GLU G 27 24.88 20.93 44.78
N ALA G 28 24.87 20.08 43.76
CA ALA G 28 24.09 20.35 42.56
C ALA G 28 22.59 20.31 42.82
N SER G 29 22.15 19.80 43.97
CA SER G 29 20.73 19.68 44.23
C SER G 29 20.04 21.04 44.23
N LEU G 30 20.68 22.06 44.82
CA LEU G 30 20.04 23.37 44.94
C LEU G 30 19.72 23.95 43.57
N PHE G 31 20.71 23.96 42.67
CA PHE G 31 20.48 24.51 41.33
C PHE G 31 19.44 23.69 40.59
N LYS G 32 19.47 22.37 40.75
CA LYS G 32 18.48 21.52 40.08
C LYS G 32 17.07 21.86 40.55
N ARG G 33 16.88 22.02 41.86
CA ARG G 33 15.57 22.39 42.37
C ARG G 33 15.15 23.77 41.86
N ILE G 34 16.08 24.71 41.82
CA ILE G 34 15.76 26.06 41.34
C ILE G 34 15.29 25.99 39.88
N ILE G 35 16.01 25.23 39.06
CA ILE G 35 15.64 25.11 37.65
C ILE G 35 14.28 24.42 37.52
N ASP G 36 14.08 23.33 38.25
CA ASP G 36 12.81 22.61 38.19
C ASP G 36 11.65 23.46 38.67
N GLY G 37 11.90 24.45 39.51
CA GLY G 37 10.82 25.29 40.00
C GLY G 37 10.08 26.00 38.88
N PHE G 38 10.79 26.43 37.85
CA PHE G 38 10.20 27.22 36.77
C PHE G 38 10.62 26.69 35.41
N LYS G 39 10.62 25.37 35.24
CA LYS G 39 10.93 24.76 33.95
C LYS G 39 9.69 24.28 33.20
N ASP G 40 8.55 24.18 33.86
CA ASP G 40 7.31 23.73 33.22
C ASP G 40 6.46 24.88 32.71
N CYS G 41 6.94 26.12 32.79
CA CYS G 41 6.19 27.28 32.35
C CYS G 41 6.92 28.14 31.33
N VAL G 42 8.24 28.00 31.20
CA VAL G 42 9.02 28.80 30.27
C VAL G 42 9.98 27.89 29.52
N GLN G 43 10.45 28.37 28.37
CA GLN G 43 11.37 27.64 27.51
C GLN G 43 12.76 28.25 27.45
N LEU G 44 12.85 29.57 27.41
CA LEU G 44 14.12 30.27 27.32
C LEU G 44 14.27 31.21 28.51
N VAL G 45 15.49 31.28 29.05
CA VAL G 45 15.80 32.13 30.19
C VAL G 45 17.04 32.95 29.87
N ASN G 46 17.05 34.21 30.32
CA ASN G 46 18.20 35.08 30.20
C ASN G 46 18.78 35.29 31.59
N PHE G 47 20.03 34.87 31.79
CA PHE G 47 20.75 35.04 33.04
C PHE G 47 21.73 36.19 32.91
N GLN G 48 21.64 37.16 33.80
CA GLN G 48 22.65 38.21 33.92
C GLN G 48 23.44 37.94 35.19
N CYS G 49 24.74 37.67 35.04
CA CYS G 49 25.63 37.39 36.15
C CYS G 49 26.54 38.59 36.34
N LYS G 50 26.49 39.19 37.53
CA LYS G 50 27.29 40.35 37.89
C LYS G 50 28.00 40.07 39.21
N GLU G 51 28.78 41.04 39.66
CA GLU G 51 29.55 40.85 40.89
C GLU G 51 28.66 40.56 42.08
N ASP G 52 27.39 40.93 42.02
CA ASP G 52 26.46 40.72 43.13
C ASP G 52 25.67 39.43 43.02
N GLY G 53 25.83 38.68 41.93
CA GLY G 53 25.12 37.41 41.79
C GLY G 53 24.41 37.25 40.47
N ILE G 54 23.37 36.42 40.43
CA ILE G 54 22.67 36.06 39.20
C ILE G 54 21.23 36.57 39.29
N ILE G 55 20.79 37.24 38.23
CA ILE G 55 19.39 37.62 38.07
C ILE G 55 18.92 37.07 36.73
N ALA G 56 17.88 36.24 36.77
CA ALA G 56 17.36 35.56 35.59
C ALA G 56 15.94 36.02 35.30
N GLN G 57 15.64 36.18 34.01
CA GLN G 57 14.30 36.58 33.58
C GLN G 57 13.83 35.66 32.46
N ALA G 58 12.53 35.39 32.45
CA ALA G 58 11.93 34.51 31.47
C ALA G 58 10.50 34.96 31.19
N VAL G 59 10.08 34.85 29.94
CA VAL G 59 8.72 35.15 29.53
C VAL G 59 8.18 33.94 28.78
N ASP G 60 6.97 33.50 29.14
CA ASP G 60 6.37 32.35 28.51
C ASP G 60 5.96 32.68 27.07
N ASP G 61 5.62 31.63 26.32
CA ASP G 61 5.21 31.82 24.93
C ASP G 61 3.96 32.67 24.83
N SER G 62 2.99 32.43 25.73
CA SER G 62 1.74 33.19 25.71
C SER G 62 1.93 34.64 26.13
N ARG G 63 3.11 35.00 26.65
CA ARG G 63 3.39 36.38 27.05
C ARG G 63 2.48 36.82 28.19
N VAL G 64 2.09 35.88 29.05
CA VAL G 64 1.20 36.15 30.16
C VAL G 64 1.92 36.01 31.50
N LEU G 65 2.83 35.04 31.61
CA LEU G 65 3.56 34.77 32.84
C LEU G 65 5.00 35.21 32.69
N LEU G 66 5.52 35.89 33.70
CA LEU G 66 6.89 36.39 33.71
C LEU G 66 7.59 35.87 34.96
N VAL G 67 8.69 35.14 34.76
CA VAL G 67 9.43 34.51 35.85
C VAL G 67 10.71 35.30 36.10
N SER G 68 10.94 35.67 37.36
CA SER G 68 12.15 36.36 37.76
C SER G 68 12.83 35.55 38.87
N LEU G 69 14.16 35.49 38.82
CA LEU G 69 14.92 34.73 39.80
C LEU G 69 16.11 35.56 40.26
N GLU G 70 16.36 35.57 41.56
CA GLU G 70 17.51 36.25 42.13
C GLU G 70 18.26 35.26 43.01
N ILE G 71 19.56 35.08 42.73
CA ILE G 71 20.44 34.26 43.55
C ILE G 71 21.64 35.12 43.92
N GLY G 72 21.80 35.40 45.23
CA GLY G 72 22.89 36.21 45.69
C GLY G 72 24.17 35.42 45.87
N VAL G 73 25.26 36.16 46.15
CA VAL G 73 26.56 35.53 46.33
C VAL G 73 26.63 34.66 47.59
N GLU G 74 25.62 34.73 48.45
CA GLU G 74 25.60 33.90 49.65
C GLU G 74 25.27 32.44 49.34
N ALA G 75 24.68 32.16 48.18
CA ALA G 75 24.25 30.82 47.82
C ALA G 75 25.36 30.00 47.17
N PHE G 76 26.52 30.59 46.91
CA PHE G 76 27.63 29.89 46.27
C PHE G 76 28.81 29.82 47.23
N GLN G 77 29.49 28.67 47.24
CA GLN G 77 30.71 28.54 48.03
C GLN G 77 31.78 29.51 47.55
N GLU G 78 31.95 29.62 46.25
CA GLU G 78 32.92 30.54 45.65
C GLU G 78 32.30 31.15 44.40
N TYR G 79 32.19 32.47 44.39
CA TYR G 79 31.61 33.20 43.27
C TYR G 79 32.59 34.27 42.80
N ARG G 80 32.92 34.25 41.52
CA ARG G 80 33.82 35.23 40.93
C ARG G 80 33.27 35.67 39.59
N CYS G 81 33.25 36.98 39.36
CA CYS G 81 32.69 37.54 38.12
C CYS G 81 33.45 38.83 37.81
N ASP G 82 34.44 38.74 36.93
CA ASP G 82 35.25 39.92 36.59
C ASP G 82 34.39 41.00 35.95
N HIS G 83 33.57 40.63 34.97
CA HIS G 83 32.72 41.58 34.28
C HIS G 83 31.33 40.97 34.10
N PRO G 84 30.30 41.79 34.02
CA PRO G 84 28.94 41.24 33.87
C PRO G 84 28.81 40.46 32.57
N VAL G 85 28.06 39.37 32.63
CA VAL G 85 27.86 38.51 31.47
C VAL G 85 26.38 38.18 31.34
N THR G 86 25.96 37.89 30.11
CA THR G 86 24.59 37.50 29.80
C THR G 86 24.60 36.15 29.10
N LEU G 87 23.68 35.28 29.49
CA LEU G 87 23.63 33.92 28.98
C LEU G 87 22.19 33.55 28.68
N GLY G 88 21.91 33.21 27.42
CA GLY G 88 20.60 32.73 27.01
C GLY G 88 20.59 31.21 26.98
N MET G 89 19.69 30.62 27.75
CA MET G 89 19.65 29.18 27.94
C MET G 89 18.28 28.63 27.62
N ASP G 90 18.27 27.51 26.90
CA ASP G 90 17.05 26.72 26.72
C ASP G 90 16.96 25.71 27.86
N LEU G 91 15.81 25.70 28.54
CA LEU G 91 15.68 24.93 29.77
C LEU G 91 15.58 23.43 29.53
N THR G 92 15.12 23.00 28.36
CA THR G 92 15.10 21.58 28.07
C THR G 92 16.52 21.01 28.10
N SER G 93 17.43 21.63 27.36
CA SER G 93 18.82 21.17 27.34
C SER G 93 19.46 21.29 28.72
N LEU G 94 19.18 22.39 29.42
CA LEU G 94 19.78 22.60 30.74
C LEU G 94 19.35 21.51 31.70
N SER G 95 18.05 21.19 31.73
CA SER G 95 17.57 20.11 32.58
C SER G 95 18.15 18.77 32.17
N LYS G 96 18.24 18.52 30.87
CA LYS G 96 18.82 17.27 30.39
C LYS G 96 20.25 17.11 30.88
N ILE G 97 21.04 18.19 30.81
CA ILE G 97 22.42 18.12 31.26
C ILE G 97 22.48 17.97 32.79
N LEU G 98 21.63 18.71 33.50
CA LEU G 98 21.64 18.64 34.96
C LEU G 98 21.28 17.25 35.46
N ARG G 99 20.44 16.53 34.71
CA ARG G 99 20.08 15.18 35.13
C ARG G 99 21.26 14.22 35.08
N CYS G 100 22.35 14.58 34.38
CA CYS G 100 23.51 13.71 34.27
C CYS G 100 24.45 13.81 35.46
N GLY G 101 24.22 14.74 36.38
CA GLY G 101 25.07 14.92 37.55
C GLY G 101 24.34 14.52 38.81
N ASN G 102 25.04 13.84 39.71
CA ASN G 102 24.45 13.42 40.96
C ASN G 102 24.25 14.62 41.88
N ASN G 103 23.30 14.48 42.81
CA ASN G 103 22.97 15.56 43.72
C ASN G 103 24.04 15.81 44.77
N THR G 104 24.97 14.88 44.97
CA THR G 104 25.98 14.99 46.02
C THR G 104 27.30 15.57 45.52
N ASP G 105 27.38 15.97 44.26
CA ASP G 105 28.58 16.53 43.70
C ASP G 105 28.53 18.05 43.76
N THR G 106 29.70 18.69 43.71
CA THR G 106 29.77 20.13 43.63
C THR G 106 29.65 20.55 42.16
N LEU G 107 28.84 21.56 41.91
CA LEU G 107 28.51 22.00 40.56
C LEU G 107 29.10 23.37 40.31
N THR G 108 30.04 23.46 39.38
CA THR G 108 30.68 24.71 39.01
C THR G 108 30.14 25.17 37.66
N LEU G 109 29.63 26.40 37.61
CA LEU G 109 29.24 27.06 36.38
C LEU G 109 30.38 27.96 35.96
N ILE G 110 30.89 27.76 34.75
CA ILE G 110 32.07 28.47 34.25
C ILE G 110 31.73 29.12 32.92
N ALA G 111 32.15 30.36 32.74
CA ALA G 111 32.00 31.08 31.48
C ALA G 111 33.16 32.04 31.31
N ASP G 112 33.67 32.14 30.09
CA ASP G 112 34.82 32.96 29.76
C ASP G 112 34.38 34.19 28.97
N ASN G 113 35.35 35.05 28.66
CA ASN G 113 35.06 36.25 27.89
C ASN G 113 34.65 35.89 26.47
N THR G 114 33.70 36.66 25.92
CA THR G 114 33.16 36.41 24.60
C THR G 114 32.60 34.99 24.56
N PRO G 115 31.58 34.69 25.37
CA PRO G 115 31.15 33.30 25.53
C PRO G 115 30.20 32.84 24.45
N ASP G 116 30.43 31.62 23.96
CA ASP G 116 29.49 30.93 23.09
C ASP G 116 28.81 29.76 23.79
N SER G 117 29.31 29.34 24.96
CA SER G 117 28.76 28.22 25.69
C SER G 117 29.13 28.37 27.15
N ILE G 118 28.44 27.61 28.00
CA ILE G 118 28.67 27.59 29.44
C ILE G 118 29.08 26.18 29.85
N ILE G 119 30.04 26.09 30.77
CA ILE G 119 30.57 24.82 31.23
C ILE G 119 29.95 24.49 32.58
N LEU G 120 29.41 23.28 32.70
CA LEU G 120 28.90 22.74 33.95
C LEU G 120 29.81 21.60 34.38
N LEU G 121 30.44 21.75 35.55
CA LEU G 121 31.41 20.79 36.07
C LEU G 121 30.85 20.16 37.33
N PHE G 122 30.51 18.88 37.27
CA PHE G 122 30.09 18.10 38.43
C PHE G 122 31.30 17.33 38.94
N GLU G 123 31.84 17.76 40.08
CA GLU G 123 33.02 17.11 40.65
C GLU G 123 32.67 16.47 41.98
N ASP G 124 33.14 15.24 42.16
CA ASP G 124 32.95 14.49 43.41
C ASP G 124 34.32 14.06 43.90
N THR G 125 34.72 14.55 45.07
CA THR G 125 36.00 14.20 45.65
C THR G 125 36.02 12.82 46.29
N LYS G 126 34.84 12.27 46.62
CA LYS G 126 34.80 10.94 47.22
C LYS G 126 35.38 9.89 46.28
N LYS G 127 35.02 9.95 45.00
CA LYS G 127 35.55 9.06 43.98
C LYS G 127 36.47 9.76 43.01
N ASP G 128 36.77 11.04 43.22
CA ASP G 128 37.63 11.81 42.32
C ASP G 128 37.10 11.74 40.88
N ARG G 129 35.80 11.92 40.74
CA ARG G 129 35.13 11.84 39.45
C ARG G 129 34.68 13.23 39.00
N ILE G 130 35.10 13.62 37.80
CA ILE G 130 34.78 14.92 37.23
C ILE G 130 34.02 14.70 35.93
N ALA G 131 32.81 15.25 35.85
CA ALA G 131 32.00 15.21 34.65
C ALA G 131 31.82 16.63 34.15
N GLU G 132 32.36 16.92 32.97
CA GLU G 132 32.30 18.24 32.38
C GLU G 132 31.36 18.24 31.19
N TYR G 133 30.41 19.17 31.18
CA TYR G 133 29.47 19.33 30.08
C TYR G 133 29.52 20.76 29.58
N SER G 134 29.28 20.92 28.28
CA SER G 134 29.26 22.23 27.64
C SER G 134 27.90 22.43 27.00
N LEU G 135 27.22 23.52 27.35
CA LEU G 135 25.90 23.84 26.83
C LEU G 135 26.01 25.09 25.97
N LYS G 136 25.57 24.98 24.72
CA LYS G 136 25.63 26.12 23.80
C LYS G 136 24.55 27.13 24.14
N LEU G 137 24.92 28.40 24.08
CA LEU G 137 24.03 29.48 24.46
C LEU G 137 23.15 29.90 23.29
N MET G 138 21.95 30.38 23.61
CA MET G 138 21.00 30.86 22.63
C MET G 138 21.06 32.39 22.55
N ASP G 139 20.80 32.92 21.35
CA ASP G 139 20.81 34.35 21.12
C ASP G 139 19.41 34.89 21.39
N ILE G 140 19.26 35.63 22.48
CA ILE G 140 17.98 36.23 22.87
C ILE G 140 18.13 37.74 22.79
N ASP G 141 17.32 38.37 21.93
CA ASP G 141 17.36 39.81 21.76
C ASP G 141 16.40 40.55 22.68
N ALA G 142 15.54 39.83 23.41
CA ALA G 142 14.60 40.48 24.31
C ALA G 142 15.35 41.19 25.44
N ASP G 143 14.91 42.40 25.75
CA ASP G 143 15.53 43.20 26.79
C ASP G 143 14.86 42.94 28.14
N PHE G 144 15.65 43.07 29.20
CA PHE G 144 15.15 42.85 30.56
C PHE G 144 14.03 43.83 30.88
N LEU G 145 12.81 43.32 31.05
CA LEU G 145 11.70 44.18 31.46
C LEU G 145 11.99 44.78 32.83
N LYS G 146 11.68 46.07 32.97
CA LYS G 146 11.97 46.81 34.19
C LYS G 146 10.89 46.49 35.22
N ILE G 147 11.23 45.67 36.20
CA ILE G 147 10.30 45.32 37.29
C ILE G 147 10.51 46.36 38.38
N GLU G 148 9.85 47.50 38.21
CA GLU G 148 9.94 48.58 39.19
C GLU G 148 8.97 48.34 40.34
N GLU G 149 9.37 48.78 41.52
CA GLU G 149 8.55 48.57 42.71
C GLU G 149 7.18 49.18 42.52
N LEU G 150 6.14 48.42 42.86
CA LEU G 150 4.75 48.85 42.74
C LEU G 150 4.08 48.77 44.11
N GLN G 151 3.27 49.78 44.42
CA GLN G 151 2.55 49.83 45.68
C GLN G 151 1.31 48.95 45.58
N TYR G 152 1.52 47.65 45.78
CA TYR G 152 0.43 46.69 45.68
C TYR G 152 -0.63 46.97 46.75
N ASP G 153 -1.90 46.89 46.34
CA ASP G 153 -2.99 47.19 47.26
C ASP G 153 -3.02 46.20 48.42
N SER G 154 -2.84 44.91 48.14
CA SER G 154 -2.92 43.87 49.14
C SER G 154 -1.62 43.07 49.16
N THR G 155 -1.16 42.73 50.37
CA THR G 155 0.07 41.98 50.59
C THR G 155 -0.23 40.82 51.53
N LEU G 156 -0.66 39.69 50.98
CA LEU G 156 -0.97 38.50 51.75
C LEU G 156 0.22 37.56 51.73
N SER G 157 0.23 36.62 52.67
CA SER G 157 1.26 35.60 52.73
C SER G 157 0.71 34.41 53.47
N LEU G 158 0.86 33.22 52.91
CA LEU G 158 0.27 32.03 53.52
C LEU G 158 1.11 30.83 53.15
N PRO G 159 1.00 29.73 53.91
CA PRO G 159 1.91 28.61 53.71
C PRO G 159 1.84 28.04 52.31
N SER G 160 3.00 27.60 51.81
CA SER G 160 3.05 27.09 50.44
C SER G 160 2.18 25.85 50.28
N SER G 161 2.21 24.95 51.27
CA SER G 161 1.42 23.72 51.17
C SER G 161 -0.08 24.03 51.08
N GLU G 162 -0.55 24.97 51.91
CA GLU G 162 -1.98 25.30 51.89
C GLU G 162 -2.37 25.90 50.55
N PHE G 163 -1.57 26.82 50.01
CA PHE G 163 -1.90 27.41 48.72
C PHE G 163 -1.90 26.36 47.63
N SER G 164 -0.91 25.46 47.63
CA SER G 164 -0.86 24.41 46.63
C SER G 164 -2.09 23.52 46.71
N LYS G 165 -2.47 23.13 47.93
CA LYS G 165 -3.64 22.28 48.09
C LYS G 165 -4.90 22.97 47.59
N ILE G 166 -5.09 24.24 47.96
CA ILE G 166 -6.29 24.96 47.55
C ILE G 166 -6.33 25.11 46.03
N VAL G 167 -5.21 25.49 45.42
CA VAL G 167 -5.19 25.69 43.98
C VAL G 167 -5.45 24.39 43.24
N ARG G 168 -4.82 23.29 43.69
CA ARG G 168 -5.01 22.01 43.03
C ARG G 168 -6.44 21.51 43.20
N ASP G 169 -7.06 21.75 44.35
CA ASP G 169 -8.43 21.32 44.54
C ASP G 169 -9.40 22.16 43.71
N LEU G 170 -9.14 23.46 43.58
CA LEU G 170 -10.04 24.32 42.83
C LEU G 170 -9.89 24.15 41.32
N SER G 171 -8.69 23.81 40.85
CA SER G 171 -8.48 23.67 39.40
C SER G 171 -9.30 22.53 38.83
N GLN G 172 -9.61 21.51 39.65
CA GLN G 172 -10.37 20.37 39.15
C GLN G 172 -11.80 20.74 38.76
N LEU G 173 -12.32 21.86 39.27
CA LEU G 173 -13.70 22.27 39.01
C LEU G 173 -13.81 23.30 37.90
N SER G 174 -12.91 24.29 37.86
CA SER G 174 -12.98 25.35 36.88
C SER G 174 -11.59 25.64 36.34
N ASP G 175 -11.56 26.22 35.14
CA ASP G 175 -10.31 26.61 34.50
C ASP G 175 -9.86 28.02 34.87
N SER G 176 -10.68 28.77 35.61
CA SER G 176 -10.34 30.11 36.06
C SER G 176 -10.64 30.24 37.53
N ILE G 177 -9.74 30.87 38.27
CA ILE G 177 -9.86 31.05 39.71
C ILE G 177 -9.88 32.54 40.01
N ASN G 178 -10.87 32.98 40.78
CA ASN G 178 -11.03 34.37 41.15
C ASN G 178 -10.62 34.55 42.60
N ILE G 179 -9.63 35.40 42.84
CA ILE G 179 -9.16 35.73 44.18
C ILE G 179 -9.74 37.08 44.57
N MET G 180 -10.48 37.10 45.68
CA MET G 180 -11.04 38.33 46.23
C MET G 180 -10.50 38.53 47.64
N ILE G 181 -9.97 39.73 47.89
CA ILE G 181 -9.43 40.12 49.17
C ILE G 181 -10.28 41.26 49.70
N THR G 182 -11.02 41.01 50.78
CA THR G 182 -11.79 42.02 51.48
C THR G 182 -11.47 41.92 52.97
N LYS G 183 -12.11 42.75 53.77
CA LYS G 183 -11.74 42.88 55.18
C LYS G 183 -11.80 41.53 55.89
N GLU G 184 -10.63 41.02 56.29
CA GLU G 184 -10.54 39.74 56.98
C GLU G 184 -11.26 38.65 56.19
N THR G 185 -11.08 38.65 54.87
CA THR G 185 -11.75 37.69 54.00
C THR G 185 -10.89 37.47 52.76
N ILE G 186 -10.54 36.22 52.52
CA ILE G 186 -9.76 35.82 51.36
C ILE G 186 -10.51 34.68 50.69
N LYS G 187 -11.14 34.97 49.54
CA LYS G 187 -12.00 34.01 48.86
C LYS G 187 -11.37 33.59 47.54
N PHE G 188 -11.33 32.28 47.29
CA PHE G 188 -10.83 31.71 46.04
C PHE G 188 -11.99 30.98 45.38
N VAL G 189 -12.73 31.68 44.54
CA VAL G 189 -13.88 31.11 43.86
C VAL G 189 -13.40 30.39 42.60
N ALA G 190 -14.03 29.26 42.30
CA ALA G 190 -13.72 28.46 41.12
C ALA G 190 -14.97 28.21 40.30
N ASP G 191 -15.71 29.29 40.04
CA ASP G 191 -16.93 29.19 39.23
C ASP G 191 -16.58 28.77 37.81
N GLY G 192 -17.12 27.64 37.40
CA GLY G 192 -16.86 27.13 36.07
C GLY G 192 -17.88 26.06 35.69
N ASP G 193 -17.43 25.12 34.86
CA ASP G 193 -18.34 24.06 34.39
C ASP G 193 -18.83 23.20 35.55
N ILE G 194 -17.93 22.81 36.45
CA ILE G 194 -18.31 21.94 37.58
C ILE G 194 -18.70 22.86 38.72
N GLY G 195 -19.97 23.29 38.70
CA GLY G 195 -20.50 24.10 39.77
C GLY G 195 -19.67 25.35 40.02
N SER G 196 -19.62 25.75 41.30
CA SER G 196 -18.82 26.91 41.71
C SER G 196 -18.46 26.70 43.18
N GLY G 197 -17.23 26.25 43.42
CA GLY G 197 -16.73 26.03 44.77
C GLY G 197 -15.85 27.17 45.23
N SER G 198 -15.82 27.37 46.54
CA SER G 198 -15.04 28.46 47.13
C SER G 198 -14.33 27.94 48.38
N VAL G 199 -13.19 28.58 48.69
CA VAL G 199 -12.42 28.31 49.90
C VAL G 199 -12.17 29.65 50.58
N ILE G 200 -12.53 29.75 51.86
CA ILE G 200 -12.42 31.00 52.61
C ILE G 200 -11.49 30.77 53.78
N ILE G 201 -10.52 31.67 53.94
CA ILE G 201 -9.57 31.64 55.04
C ILE G 201 -9.51 33.01 55.68
N LYS G 202 -9.22 33.03 56.98
CA LYS G 202 -9.15 34.27 57.74
C LYS G 202 -7.73 34.50 58.23
N PRO G 203 -7.35 35.77 58.48
CA PRO G 203 -6.03 36.01 59.07
C PRO G 203 -5.88 35.31 60.41
N PHE G 204 -4.97 34.34 60.47
CA PHE G 204 -4.79 33.50 61.65
C PHE G 204 -3.32 33.46 62.04
N VAL G 205 -3.06 33.47 63.34
CA VAL G 205 -1.72 33.46 63.88
C VAL G 205 -1.61 32.36 64.94
N ASP G 206 -0.53 31.59 64.87
CA ASP G 206 -0.27 30.52 65.84
C ASP G 206 1.15 30.67 66.36
N MET G 207 1.34 30.31 67.62
CA MET G 207 2.65 30.40 68.26
C MET G 207 3.40 29.07 68.29
N GLU G 208 2.69 27.95 68.45
CA GLU G 208 3.36 26.65 68.43
C GLU G 208 4.01 26.40 67.07
N HIS G 209 3.31 26.71 66.00
CA HIS G 209 3.81 26.56 64.62
C HIS G 209 3.51 27.83 63.85
N PRO G 210 4.32 28.88 64.02
CA PRO G 210 4.05 30.13 63.31
C PRO G 210 4.07 30.00 61.79
N GLU G 211 4.70 28.94 61.26
CA GLU G 211 4.74 28.75 59.82
C GLU G 211 3.36 28.59 59.21
N THR G 212 2.36 28.23 60.01
CA THR G 212 1.00 28.01 59.53
C THR G 212 0.10 29.22 59.82
N SER G 213 0.66 30.43 59.76
CA SER G 213 -0.09 31.65 60.02
C SER G 213 -0.42 32.34 58.70
N ILE G 214 -1.58 32.99 58.67
CA ILE G 214 -2.04 33.75 57.50
C ILE G 214 -2.21 35.20 57.91
N LYS G 215 -1.65 36.11 57.11
CA LYS G 215 -1.70 37.53 57.40
C LYS G 215 -2.30 38.28 56.22
N LEU G 216 -2.82 39.47 56.50
CA LEU G 216 -3.44 40.32 55.49
C LEU G 216 -3.10 41.77 55.81
N GLU G 217 -2.62 42.50 54.81
CA GLU G 217 -2.18 43.89 54.96
C GLU G 217 -2.74 44.74 53.82
N MET G 218 -4.04 44.67 53.63
CA MET G 218 -4.68 45.38 52.51
C MET G 218 -4.54 46.89 52.66
N ASP G 219 -4.69 47.58 51.54
CA ASP G 219 -4.97 49.00 51.49
C ASP G 219 -6.35 49.31 50.93
N GLN G 220 -6.76 48.58 49.89
CA GLN G 220 -8.08 48.69 49.29
C GLN G 220 -8.56 47.30 48.93
N PRO G 221 -9.87 47.09 48.81
CA PRO G 221 -10.37 45.77 48.41
C PRO G 221 -9.88 45.39 47.02
N VAL G 222 -9.68 44.09 46.82
CA VAL G 222 -9.08 43.59 45.59
C VAL G 222 -9.89 42.42 45.06
N ASP G 223 -9.90 42.25 43.73
CA ASP G 223 -10.62 41.15 43.10
C ASP G 223 -10.03 40.94 41.72
N LEU G 224 -9.33 39.82 41.51
CA LEU G 224 -8.70 39.51 40.24
C LEU G 224 -8.96 38.06 39.86
N THR G 225 -9.17 37.81 38.57
CA THR G 225 -9.37 36.47 38.03
C THR G 225 -8.15 36.04 37.23
N PHE G 226 -7.71 34.81 37.44
CA PHE G 226 -6.52 34.28 36.81
C PHE G 226 -6.82 32.90 36.21
N GLY G 227 -5.99 32.51 35.24
CA GLY G 227 -6.15 31.20 34.64
C GLY G 227 -5.67 30.08 35.53
N ALA G 228 -6.22 28.89 35.29
CA ALA G 228 -5.87 27.73 36.12
C ALA G 228 -4.49 27.21 35.79
N LYS G 229 -4.14 27.17 34.49
CA LYS G 229 -2.86 26.61 34.09
C LYS G 229 -1.70 27.41 34.68
N TYR G 230 -1.78 28.74 34.64
CA TYR G 230 -0.70 29.56 35.16
C TYR G 230 -0.51 29.35 36.66
N LEU G 231 -1.62 29.30 37.40
CA LEU G 231 -1.52 29.06 38.84
C LEU G 231 -0.97 27.67 39.14
N LEU G 232 -1.39 26.68 38.36
CA LEU G 232 -0.88 25.32 38.55
C LEU G 232 0.63 25.27 38.31
N ASP G 233 1.10 25.99 37.29
CA ASP G 233 2.55 26.05 37.06
C ASP G 233 3.26 26.79 38.19
N ILE G 234 2.67 27.87 38.68
CA ILE G 234 3.33 28.69 39.69
C ILE G 234 3.45 27.93 41.01
N ILE G 235 2.40 27.20 41.40
CA ILE G 235 2.37 26.55 42.70
C ILE G 235 3.33 25.35 42.72
N LYS G 236 3.96 25.05 41.58
CA LYS G 236 4.93 23.98 41.52
C LYS G 236 6.23 24.31 42.24
N GLY G 237 6.42 25.57 42.64
CA GLY G 237 7.61 25.99 43.35
C GLY G 237 7.51 25.90 44.86
N SER G 238 6.45 25.29 45.39
CA SER G 238 6.28 25.19 46.83
C SER G 238 7.42 24.42 47.50
N SER G 239 8.11 23.56 46.76
CA SER G 239 9.19 22.77 47.35
C SER G 239 10.36 23.63 47.79
N LEU G 240 10.51 24.83 47.25
CA LEU G 240 11.65 25.69 47.55
C LEU G 240 11.37 26.68 48.67
N SER G 241 10.14 26.76 49.17
CA SER G 241 9.82 27.71 50.22
C SER G 241 8.71 27.13 51.09
N ASP G 242 8.69 27.56 52.35
CA ASP G 242 7.67 27.14 53.29
C ASP G 242 6.42 28.02 53.23
N ARG G 243 6.56 29.26 52.78
CA ARG G 243 5.46 30.20 52.68
C ARG G 243 5.56 30.94 51.35
N VAL G 244 4.40 31.41 50.87
CA VAL G 244 4.30 32.13 49.61
C VAL G 244 3.69 33.50 49.88
N GLY G 245 4.30 34.54 49.32
CA GLY G 245 3.79 35.89 49.46
C GLY G 245 3.13 36.39 48.19
N ILE G 246 1.86 36.76 48.28
CA ILE G 246 1.07 37.19 47.13
C ILE G 246 0.79 38.68 47.28
N ARG G 247 1.24 39.46 46.31
CA ARG G 247 0.97 40.89 46.25
C ARG G 247 0.04 41.16 45.08
N LEU G 248 -1.06 41.87 45.35
CA LEU G 248 -2.10 42.12 44.37
C LEU G 248 -2.44 43.61 44.34
N SER G 249 -2.88 44.06 43.17
CA SER G 249 -3.30 45.44 42.97
C SER G 249 -4.57 45.43 42.12
N SER G 250 -5.30 46.55 42.18
CA SER G 250 -6.61 46.63 41.54
C SER G 250 -6.53 46.21 40.07
N GLU G 251 -5.60 46.80 39.32
CA GLU G 251 -5.40 46.47 37.91
C GLU G 251 -3.90 46.43 37.65
N ALA G 252 -3.32 45.24 37.80
CA ALA G 252 -1.90 45.02 37.56
C ALA G 252 -1.61 43.53 37.72
N PRO G 253 -0.47 43.07 37.21
CA PRO G 253 -0.11 41.65 37.39
C PRO G 253 0.08 41.32 38.86
N ALA G 254 -0.32 40.12 39.24
CA ALA G 254 -0.07 39.63 40.58
C ALA G 254 1.41 39.33 40.76
N LEU G 255 1.83 39.14 42.01
CA LEU G 255 3.21 38.83 42.34
C LEU G 255 3.22 37.68 43.34
N PHE G 256 3.69 36.51 42.91
CA PHE G 256 3.82 35.34 43.78
C PHE G 256 5.30 35.16 44.06
N GLN G 257 5.71 35.39 45.32
CA GLN G 257 7.11 35.37 45.72
C GLN G 257 7.38 34.18 46.62
N PHE G 258 8.42 33.41 46.27
CA PHE G 258 8.92 32.32 47.09
C PHE G 258 10.35 32.66 47.48
N ASP G 259 10.57 32.85 48.79
CA ASP G 259 11.91 33.14 49.28
C ASP G 259 12.79 31.90 49.22
N LEU G 260 14.10 32.11 49.30
CA LEU G 260 15.06 31.02 49.33
C LEU G 260 16.05 31.29 50.46
N LYS G 261 17.05 30.40 50.58
CA LYS G 261 18.10 30.61 51.57
C LYS G 261 18.80 31.94 51.31
N SER G 262 19.11 32.22 50.05
CA SER G 262 19.72 33.49 49.65
C SER G 262 19.18 33.84 48.26
N GLY G 263 18.07 34.58 48.22
CA GLY G 263 17.47 35.03 46.99
C GLY G 263 15.99 34.73 46.96
N PHE G 264 15.40 34.86 45.77
CA PHE G 264 13.96 34.74 45.64
C PHE G 264 13.58 34.26 44.24
N LEU G 265 12.35 33.77 44.13
CA LEU G 265 11.76 33.38 42.85
C LEU G 265 10.37 34.00 42.77
N GLN G 266 10.16 34.87 41.79
CA GLN G 266 8.92 35.62 41.64
C GLN G 266 8.23 35.24 40.34
N PHE G 267 6.91 35.10 40.42
CA PHE G 267 6.05 34.89 39.25
C PHE G 267 5.08 36.06 39.13
N PHE G 268 5.05 36.69 37.97
CA PHE G 268 4.13 37.77 37.66
C PHE G 268 3.11 37.26 36.65
N LEU G 269 1.85 37.20 37.06
CA LEU G 269 0.77 36.68 36.24
C LEU G 269 -0.19 37.80 35.88
N ALA G 270 -0.44 37.97 34.59
CA ALA G 270 -1.37 38.99 34.12
C ALA G 270 -2.80 38.52 34.37
N PRO G 271 -3.63 39.31 35.08
CA PRO G 271 -4.99 38.85 35.38
C PRO G 271 -5.86 38.80 34.13
N LYS G 272 -6.88 37.95 34.20
CA LYS G 272 -7.88 37.88 33.15
C LYS G 272 -8.72 39.15 33.13
N PHE G 273 -9.36 39.39 31.99
CA PHE G 273 -10.11 40.63 31.79
C PHE G 273 -11.39 40.60 32.60
N ASN G 274 -11.63 41.66 33.37
CA ASN G 274 -12.82 41.78 34.20
C ASN G 274 -12.99 40.56 35.10
N MET H 20 -45.39 -9.72 36.01
CA MET H 20 -45.79 -11.04 35.45
C MET H 20 -44.58 -11.95 35.34
N LEU H 21 -43.55 -11.48 34.65
CA LEU H 21 -42.29 -12.20 34.50
C LEU H 21 -41.18 -11.38 35.16
N GLU H 22 -40.45 -12.00 36.09
CA GLU H 22 -39.29 -11.35 36.66
C GLU H 22 -38.29 -12.39 37.15
N ALA H 23 -37.02 -11.97 37.18
CA ALA H 23 -35.91 -12.85 37.52
C ALA H 23 -34.94 -12.13 38.47
N LYS H 24 -35.48 -11.55 39.54
CA LYS H 24 -34.66 -10.86 40.54
C LYS H 24 -33.42 -11.67 40.87
N PHE H 25 -32.25 -11.11 40.57
CA PHE H 25 -30.99 -11.81 40.68
C PHE H 25 -30.37 -11.62 42.07
N GLU H 26 -29.58 -12.61 42.48
CA GLU H 26 -28.74 -12.44 43.67
C GLU H 26 -27.67 -11.38 43.42
N GLU H 27 -27.00 -11.45 42.27
CA GLU H 27 -26.02 -10.46 41.87
C GLU H 27 -26.10 -10.30 40.36
N ALA H 28 -26.34 -9.06 39.91
CA ALA H 28 -26.50 -8.81 38.49
C ALA H 28 -25.22 -9.05 37.70
N SER H 29 -24.06 -9.05 38.37
CA SER H 29 -22.80 -9.32 37.67
C SER H 29 -22.82 -10.69 37.02
N LEU H 30 -23.52 -11.66 37.63
CA LEU H 30 -23.63 -12.98 37.03
C LEU H 30 -24.28 -12.90 35.66
N PHE H 31 -25.37 -12.15 35.54
CA PHE H 31 -26.03 -12.00 34.25
C PHE H 31 -25.13 -11.28 33.25
N LYS H 32 -24.37 -10.28 33.72
CA LYS H 32 -23.45 -9.58 32.84
C LYS H 32 -22.41 -10.55 32.27
N ARG H 33 -21.83 -11.38 33.13
CA ARG H 33 -20.85 -12.36 32.65
C ARG H 33 -21.51 -13.36 31.71
N ILE H 34 -22.74 -13.79 32.01
CA ILE H 34 -23.43 -14.76 31.17
C ILE H 34 -23.63 -14.19 29.77
N ILE H 35 -24.06 -12.94 29.68
CA ILE H 35 -24.27 -12.32 28.37
C ILE H 35 -22.94 -12.10 27.67
N ASP H 36 -21.91 -11.71 28.42
CA ASP H 36 -20.60 -11.47 27.81
C ASP H 36 -19.98 -12.76 27.29
N GLY H 37 -20.33 -13.90 27.87
CA GLY H 37 -19.65 -15.14 27.54
C GLY H 37 -19.92 -15.65 26.13
N PHE H 38 -20.97 -15.15 25.47
CA PHE H 38 -21.29 -15.62 24.13
C PHE H 38 -21.71 -14.48 23.20
N LYS H 39 -21.38 -13.23 23.54
CA LYS H 39 -21.76 -12.12 22.67
C LYS H 39 -21.07 -12.20 21.33
N ASP H 40 -19.78 -12.60 21.32
CA ASP H 40 -19.05 -12.67 20.07
C ASP H 40 -19.62 -13.73 19.14
N CYS H 41 -19.96 -14.90 19.69
CA CYS H 41 -20.43 -16.00 18.85
C CYS H 41 -21.76 -15.65 18.17
N VAL H 42 -22.73 -15.17 18.95
CA VAL H 42 -24.04 -14.80 18.43
C VAL H 42 -24.42 -13.44 19.01
N GLN H 43 -25.33 -12.77 18.31
CA GLN H 43 -25.82 -11.46 18.72
C GLN H 43 -27.33 -11.39 18.86
N LEU H 44 -28.08 -12.13 18.05
CA LEU H 44 -29.54 -12.16 18.11
C LEU H 44 -29.96 -13.56 18.53
N VAL H 45 -30.32 -13.72 19.81
CA VAL H 45 -30.70 -15.00 20.38
C VAL H 45 -32.03 -14.84 21.10
N ASN H 46 -32.92 -15.81 20.90
CA ASN H 46 -34.23 -15.79 21.54
C ASN H 46 -34.17 -16.39 22.92
N PHE H 47 -34.63 -15.65 23.91
CA PHE H 47 -34.65 -16.08 25.31
C PHE H 47 -36.07 -16.47 25.69
N GLN H 48 -36.28 -17.74 26.00
CA GLN H 48 -37.56 -18.23 26.49
C GLN H 48 -37.54 -18.20 28.01
N CYS H 49 -38.40 -17.39 28.61
CA CYS H 49 -38.54 -17.29 30.05
C CYS H 49 -39.77 -18.09 30.47
N LYS H 50 -39.55 -19.14 31.26
CA LYS H 50 -40.58 -19.98 31.82
C LYS H 50 -40.40 -20.00 33.33
N GLU H 51 -41.42 -20.49 34.05
CA GLU H 51 -41.27 -20.63 35.50
C GLU H 51 -40.08 -21.49 35.85
N ASP H 52 -39.68 -22.39 34.95
CA ASP H 52 -38.48 -23.20 35.20
C ASP H 52 -37.21 -22.35 35.15
N GLY H 53 -37.14 -21.40 34.23
CA GLY H 53 -35.98 -20.54 34.13
C GLY H 53 -35.86 -19.95 32.74
N ILE H 54 -34.64 -19.54 32.40
CA ILE H 54 -34.32 -18.93 31.12
C ILE H 54 -33.63 -19.96 30.25
N ILE H 55 -34.10 -20.09 29.01
CA ILE H 55 -33.53 -21.03 28.04
C ILE H 55 -33.21 -20.27 26.76
N ALA H 56 -32.17 -20.71 26.06
CA ALA H 56 -31.82 -20.07 24.80
C ALA H 56 -31.03 -21.05 23.94
N GLN H 57 -31.29 -21.02 22.63
CA GLN H 57 -30.57 -21.86 21.68
C GLN H 57 -30.48 -21.09 20.37
N ALA H 58 -29.25 -20.74 19.97
CA ALA H 58 -29.02 -19.93 18.77
C ALA H 58 -27.93 -20.55 17.93
N VAL H 59 -28.20 -20.73 16.65
CA VAL H 59 -27.21 -21.21 15.68
C VAL H 59 -26.47 -20.02 15.10
N ASP H 60 -25.16 -20.15 14.95
CA ASP H 60 -24.36 -19.05 14.44
C ASP H 60 -24.68 -18.78 12.97
N ASP H 61 -24.19 -17.63 12.49
CA ASP H 61 -24.46 -17.24 11.10
C ASP H 61 -23.87 -18.24 10.11
N SER H 62 -22.72 -18.83 10.46
CA SER H 62 -22.07 -19.78 9.56
C SER H 62 -22.61 -21.20 9.68
N ARG H 63 -23.54 -21.45 10.60
CA ARG H 63 -24.13 -22.76 10.79
C ARG H 63 -23.08 -23.81 11.16
N VAL H 64 -22.00 -23.36 11.82
CA VAL H 64 -20.96 -24.26 12.30
C VAL H 64 -20.84 -24.25 13.82
N LEU H 65 -21.55 -23.37 14.51
CA LEU H 65 -21.49 -23.28 15.96
C LEU H 65 -22.89 -23.02 16.51
N LEU H 66 -23.21 -23.70 17.61
CA LEU H 66 -24.49 -23.55 18.28
C LEU H 66 -24.24 -23.17 19.73
N VAL H 67 -24.97 -22.16 20.23
CA VAL H 67 -24.85 -21.67 21.59
C VAL H 67 -26.14 -21.98 22.33
N SER H 68 -26.02 -22.65 23.47
CA SER H 68 -27.14 -22.99 24.32
C SER H 68 -26.93 -22.40 25.70
N LEU H 69 -28.00 -21.89 26.30
CA LEU H 69 -27.94 -21.21 27.58
C LEU H 69 -29.09 -21.68 28.44
N GLU H 70 -28.79 -22.07 29.69
CA GLU H 70 -29.79 -22.46 30.67
C GLU H 70 -29.49 -21.77 31.98
N ILE H 71 -30.50 -21.09 32.53
CA ILE H 71 -30.41 -20.45 33.84
C ILE H 71 -31.60 -20.93 34.65
N GLY H 72 -31.35 -21.79 35.63
CA GLY H 72 -32.44 -22.35 36.41
C GLY H 72 -33.05 -21.34 37.35
N VAL H 73 -34.26 -21.66 37.81
CA VAL H 73 -34.98 -20.78 38.72
C VAL H 73 -34.23 -20.64 40.04
N GLU H 74 -33.45 -21.65 40.42
CA GLU H 74 -32.77 -21.63 41.70
C GLU H 74 -31.75 -20.50 41.77
N ALA H 75 -31.04 -20.23 40.67
CA ALA H 75 -29.98 -19.23 40.71
C ALA H 75 -30.52 -17.85 41.06
N PHE H 76 -31.66 -17.48 40.49
CA PHE H 76 -32.23 -16.16 40.75
C PHE H 76 -32.67 -16.05 42.20
N GLN H 77 -32.50 -14.85 42.76
CA GLN H 77 -32.97 -14.60 44.13
C GLN H 77 -34.49 -14.78 44.22
N GLU H 78 -35.22 -14.28 43.23
CA GLU H 78 -36.68 -14.39 43.22
C GLU H 78 -37.13 -14.35 41.76
N TYR H 79 -37.52 -15.50 41.23
CA TYR H 79 -37.97 -15.62 39.85
C TYR H 79 -39.40 -16.13 39.83
N ARG H 80 -40.24 -15.51 39.00
CA ARG H 80 -41.56 -16.05 38.78
C ARG H 80 -42.08 -15.64 37.41
N CYS H 81 -42.93 -16.51 36.86
CA CYS H 81 -43.52 -16.36 35.54
C CYS H 81 -44.96 -16.84 35.59
N ASP H 82 -45.86 -16.10 34.96
CA ASP H 82 -47.26 -16.52 34.87
C ASP H 82 -47.59 -17.14 33.52
N HIS H 83 -46.81 -16.85 32.48
CA HIS H 83 -47.02 -17.40 31.15
C HIS H 83 -45.67 -17.35 30.43
N PRO H 84 -45.19 -18.47 29.88
CA PRO H 84 -43.87 -18.44 29.23
C PRO H 84 -43.84 -17.39 28.13
N VAL H 85 -42.75 -16.63 28.08
CA VAL H 85 -42.62 -15.51 27.16
C VAL H 85 -41.28 -15.63 26.43
N THR H 86 -41.32 -15.49 25.10
CA THR H 86 -40.12 -15.53 24.27
C THR H 86 -39.76 -14.10 23.87
N LEU H 87 -38.55 -13.67 24.23
CA LEU H 87 -38.06 -12.33 23.95
C LEU H 87 -36.89 -12.41 22.98
N GLY H 88 -36.99 -11.68 21.88
CA GLY H 88 -35.90 -11.60 20.92
C GLY H 88 -34.94 -10.48 21.26
N MET H 89 -34.59 -10.37 22.54
CA MET H 89 -33.73 -9.29 22.99
C MET H 89 -32.36 -9.37 22.34
N ASP H 90 -31.84 -8.22 21.93
CA ASP H 90 -30.52 -8.14 21.32
C ASP H 90 -29.44 -8.18 22.40
N LEU H 91 -28.34 -8.89 22.12
CA LEU H 91 -27.28 -9.04 23.09
C LEU H 91 -26.44 -7.78 23.25
N THR H 92 -26.21 -7.04 22.16
CA THR H 92 -25.42 -5.81 22.26
C THR H 92 -26.14 -4.78 23.10
N SER H 93 -27.45 -4.61 22.88
CA SER H 93 -28.21 -3.66 23.69
C SER H 93 -28.27 -4.09 25.14
N LEU H 94 -28.39 -5.40 25.39
CA LEU H 94 -28.37 -5.90 26.75
C LEU H 94 -27.04 -5.61 27.43
N SER H 95 -25.93 -5.79 26.70
CA SER H 95 -24.62 -5.46 27.25
C SER H 95 -24.53 -3.97 27.55
N LYS H 96 -25.07 -3.13 26.66
CA LYS H 96 -25.09 -1.69 26.92
C LYS H 96 -25.86 -1.39 28.20
N ILE H 97 -26.99 -2.06 28.41
CA ILE H 97 -27.78 -1.84 29.62
C ILE H 97 -27.00 -2.27 30.86
N LEU H 98 -26.36 -3.45 30.80
CA LEU H 98 -25.74 -4.01 31.99
C LEU H 98 -24.43 -3.32 32.35
N ARG H 99 -23.71 -2.79 31.36
CA ARG H 99 -22.42 -2.17 31.65
C ARG H 99 -22.59 -0.96 32.55
N CYS H 100 -23.64 -0.17 32.34
CA CYS H 100 -23.89 1.01 33.16
C CYS H 100 -24.31 0.66 34.58
N GLY H 101 -24.67 -0.60 34.85
CA GLY H 101 -25.12 -0.97 36.17
C GLY H 101 -24.00 -0.97 37.18
N ASN H 102 -24.39 -0.98 38.46
CA ASN H 102 -23.44 -0.98 39.55
C ASN H 102 -22.89 -2.38 39.80
N ASN H 103 -21.91 -2.45 40.72
CA ASN H 103 -21.22 -3.71 40.96
C ASN H 103 -22.12 -4.74 41.61
N THR H 104 -22.84 -4.35 42.68
CA THR H 104 -23.65 -5.27 43.48
C THR H 104 -25.11 -4.80 43.40
N ASP H 105 -25.94 -5.53 42.67
CA ASP H 105 -27.34 -5.18 42.50
C ASP H 105 -28.17 -6.46 42.48
N THR H 106 -29.45 -6.31 42.20
CA THR H 106 -30.42 -7.40 42.17
C THR H 106 -31.29 -7.32 40.92
N LEU H 107 -30.65 -7.28 39.76
CA LEU H 107 -31.30 -7.06 38.48
C LEU H 107 -32.63 -7.80 38.38
N THR H 108 -33.67 -7.06 38.00
CA THR H 108 -35.00 -7.60 37.76
C THR H 108 -35.39 -7.34 36.32
N LEU H 109 -36.21 -8.24 35.76
CA LEU H 109 -36.47 -8.26 34.32
C LEU H 109 -37.95 -8.03 34.01
N ILE H 110 -38.55 -6.99 34.59
CA ILE H 110 -40.00 -6.85 34.53
C ILE H 110 -40.44 -6.53 33.10
N ALA H 111 -41.62 -7.03 32.75
CA ALA H 111 -42.20 -6.82 31.42
C ALA H 111 -43.72 -6.70 31.57
N ASP H 112 -44.42 -6.67 30.44
CA ASP H 112 -45.88 -6.56 30.45
C ASP H 112 -46.51 -7.52 29.46
N ASN H 113 -47.82 -7.40 29.24
CA ASN H 113 -48.53 -8.35 28.39
C ASN H 113 -48.06 -8.28 26.94
N THR H 114 -47.83 -7.07 26.43
CA THR H 114 -47.41 -6.85 25.06
C THR H 114 -46.13 -6.01 25.08
N PRO H 115 -45.00 -6.61 25.44
CA PRO H 115 -43.77 -5.84 25.67
C PRO H 115 -43.02 -5.55 24.39
N ASP H 116 -42.99 -4.28 24.00
CA ASP H 116 -42.00 -3.81 23.04
C ASP H 116 -40.68 -3.46 23.72
N SER H 117 -40.66 -3.44 25.04
CA SER H 117 -39.44 -3.21 25.81
C SER H 117 -39.59 -3.89 27.17
N ILE H 118 -38.46 -4.21 27.77
CA ILE H 118 -38.39 -4.86 29.08
C ILE H 118 -37.63 -3.93 30.02
N ILE H 119 -38.20 -3.68 31.19
CA ILE H 119 -37.57 -2.79 32.16
C ILE H 119 -36.65 -3.61 33.05
N LEU H 120 -35.37 -3.26 33.03
CA LEU H 120 -34.34 -3.93 33.83
C LEU H 120 -34.09 -3.05 35.06
N LEU H 121 -34.53 -3.54 36.21
CA LEU H 121 -34.44 -2.81 37.46
C LEU H 121 -33.15 -3.22 38.17
N PHE H 122 -32.15 -2.32 38.16
CA PHE H 122 -30.87 -2.57 38.79
C PHE H 122 -30.93 -2.05 40.23
N GLU H 123 -31.55 -2.85 41.08
CA GLU H 123 -31.75 -2.47 42.47
C GLU H 123 -30.63 -3.01 43.35
N ASP H 124 -30.31 -2.25 44.39
CA ASP H 124 -29.27 -2.59 45.34
C ASP H 124 -29.84 -2.57 46.76
N THR H 125 -29.03 -3.04 47.71
CA THR H 125 -29.47 -3.02 49.11
C THR H 125 -29.78 -1.60 49.56
N LYS H 126 -28.93 -0.64 49.21
CA LYS H 126 -29.20 0.76 49.51
C LYS H 126 -30.29 1.29 48.60
N LYS H 127 -30.99 2.32 49.07
CA LYS H 127 -32.08 2.92 48.31
C LYS H 127 -31.60 3.98 47.32
N ASP H 128 -30.29 4.25 47.25
CA ASP H 128 -29.75 5.24 46.34
C ASP H 128 -28.98 4.65 45.18
N ARG H 129 -28.33 3.48 45.37
CA ARG H 129 -27.54 2.85 44.32
C ARG H 129 -28.48 2.05 43.43
N ILE H 130 -29.10 2.75 42.48
CA ILE H 130 -30.04 2.16 41.55
C ILE H 130 -29.66 2.59 40.14
N ALA H 131 -29.71 1.64 39.20
CA ALA H 131 -29.37 1.87 37.80
C ALA H 131 -30.42 1.26 36.89
N GLU H 132 -31.69 1.51 37.18
CA GLU H 132 -32.78 0.98 36.37
C GLU H 132 -32.73 1.57 34.97
N TYR H 133 -32.98 0.71 33.97
CA TYR H 133 -33.02 1.12 32.58
C TYR H 133 -34.13 0.35 31.87
N SER H 134 -34.29 0.64 30.57
CA SER H 134 -35.21 -0.07 29.71
C SER H 134 -34.46 -0.59 28.50
N LEU H 135 -34.91 -1.73 27.97
CA LEU H 135 -34.21 -2.41 26.89
C LEU H 135 -35.24 -2.84 25.85
N LYS H 136 -35.06 -2.37 24.62
CA LYS H 136 -35.99 -2.72 23.55
C LYS H 136 -35.89 -4.21 23.22
N LEU H 137 -37.01 -4.77 22.76
CA LEU H 137 -37.10 -6.17 22.39
C LEU H 137 -37.31 -6.30 20.88
N MET H 138 -36.55 -7.21 20.26
CA MET H 138 -36.63 -7.45 18.83
C MET H 138 -37.44 -8.71 18.55
N ASP H 139 -37.93 -8.82 17.32
CA ASP H 139 -38.75 -9.95 16.90
C ASP H 139 -37.90 -10.91 16.09
N ILE H 140 -37.26 -11.85 16.80
CA ILE H 140 -36.43 -12.87 16.18
C ILE H 140 -37.25 -14.13 15.99
N ASP H 141 -37.02 -14.82 14.88
CA ASP H 141 -37.71 -16.08 14.58
C ASP H 141 -36.93 -17.22 15.23
N ALA H 142 -37.65 -18.08 15.95
CA ALA H 142 -37.06 -19.20 16.67
C ALA H 142 -37.65 -20.51 16.16
N ASP H 143 -36.80 -21.51 15.97
CA ASP H 143 -37.21 -22.83 15.52
C ASP H 143 -37.11 -23.82 16.67
N PHE H 144 -37.63 -25.02 16.43
CA PHE H 144 -37.65 -26.08 17.45
C PHE H 144 -36.32 -26.85 17.41
N LEU H 145 -35.27 -26.18 17.86
CA LEU H 145 -33.96 -26.79 17.94
C LEU H 145 -33.99 -27.96 18.92
N LYS H 146 -33.42 -29.09 18.52
CA LYS H 146 -33.37 -30.29 19.34
C LYS H 146 -31.91 -30.62 19.64
N ILE H 147 -31.62 -30.86 20.92
CA ILE H 147 -30.26 -31.15 21.37
C ILE H 147 -30.23 -32.53 22.01
N GLU H 148 -31.04 -33.45 21.48
CA GLU H 148 -31.15 -34.80 22.03
C GLU H 148 -29.79 -35.34 22.43
N GLU H 149 -29.71 -35.83 23.67
CA GLU H 149 -28.44 -36.30 24.21
C GLU H 149 -27.89 -37.45 23.39
N LEU H 150 -26.56 -37.48 23.25
CA LEU H 150 -25.87 -38.51 22.49
C LEU H 150 -24.80 -39.15 23.36
N GLN H 151 -24.47 -40.40 23.05
CA GLN H 151 -23.47 -41.16 23.80
C GLN H 151 -22.08 -40.65 23.42
N TYR H 152 -21.70 -39.53 24.04
CA TYR H 152 -20.38 -38.96 23.79
C TYR H 152 -19.30 -39.95 24.17
N ASP H 153 -18.29 -40.10 23.31
CA ASP H 153 -17.29 -41.13 23.52
C ASP H 153 -16.46 -40.85 24.77
N SER H 154 -15.92 -39.64 24.90
CA SER H 154 -15.05 -39.35 26.03
C SER H 154 -15.30 -37.93 26.53
N THR H 155 -15.44 -37.78 27.84
CA THR H 155 -15.70 -36.48 28.44
C THR H 155 -14.70 -36.19 29.55
N LEU H 156 -14.48 -34.91 29.81
CA LEU H 156 -13.49 -34.47 30.77
C LEU H 156 -13.88 -33.11 31.30
N SER H 157 -13.26 -32.72 32.42
CA SER H 157 -13.50 -31.43 33.04
C SER H 157 -12.20 -30.95 33.67
N LEU H 158 -11.81 -29.72 33.36
CA LEU H 158 -10.57 -29.14 33.84
C LEU H 158 -10.78 -27.68 34.16
N PRO H 159 -9.94 -27.09 35.01
CA PRO H 159 -10.14 -25.69 35.38
C PRO H 159 -10.14 -24.78 34.17
N SER H 160 -11.00 -23.76 34.21
CA SER H 160 -11.13 -22.84 33.09
C SER H 160 -9.85 -22.04 32.86
N SER H 161 -9.14 -21.69 33.93
CA SER H 161 -7.90 -20.93 33.78
C SER H 161 -6.87 -21.74 33.00
N GLU H 162 -6.74 -23.03 33.29
CA GLU H 162 -5.80 -23.88 32.56
C GLU H 162 -6.17 -23.96 31.09
N PHE H 163 -7.45 -24.11 30.79
CA PHE H 163 -7.89 -24.17 29.40
C PHE H 163 -7.60 -22.86 28.68
N SER H 164 -7.85 -21.73 29.35
CA SER H 164 -7.56 -20.44 28.73
C SER H 164 -6.07 -20.29 28.46
N LYS H 165 -5.23 -20.68 29.42
CA LYS H 165 -3.80 -20.59 29.22
C LYS H 165 -3.35 -21.46 28.05
N ILE H 166 -3.85 -22.70 27.99
CA ILE H 166 -3.46 -23.61 26.91
C ILE H 166 -3.88 -23.04 25.57
N VAL H 167 -5.12 -22.56 25.47
CA VAL H 167 -5.63 -22.06 24.20
C VAL H 167 -4.84 -20.83 23.77
N ARG H 168 -4.58 -19.90 24.70
CA ARG H 168 -3.86 -18.70 24.35
C ARG H 168 -2.43 -19.01 23.91
N ASP H 169 -1.76 -19.94 24.60
CA ASP H 169 -0.41 -20.31 24.23
C ASP H 169 -0.37 -21.00 22.87
N LEU H 170 -1.33 -21.89 22.60
CA LEU H 170 -1.32 -22.65 21.35
C LEU H 170 -1.82 -21.84 20.17
N SER H 171 -2.60 -20.77 20.40
CA SER H 171 -3.08 -19.96 19.30
C SER H 171 -1.94 -19.22 18.61
N GLN H 172 -0.92 -18.82 19.37
CA GLN H 172 0.23 -18.13 18.78
C GLN H 172 0.94 -18.99 17.75
N LEU H 173 0.83 -20.31 17.84
CA LEU H 173 1.52 -21.21 16.93
C LEU H 173 0.72 -21.45 15.65
N SER H 174 -0.58 -21.74 15.77
CA SER H 174 -1.39 -22.08 14.62
C SER H 174 -2.84 -21.71 14.90
N ASP H 175 -3.64 -21.70 13.83
CA ASP H 175 -5.07 -21.39 13.93
C ASP H 175 -5.93 -22.65 14.09
N SER H 176 -5.31 -23.83 14.15
CA SER H 176 -6.04 -25.08 14.34
C SER H 176 -5.42 -25.83 15.51
N ILE H 177 -6.26 -26.41 16.36
CA ILE H 177 -5.83 -27.12 17.56
C ILE H 177 -6.44 -28.51 17.53
N ASN H 178 -5.61 -29.53 17.73
CA ASN H 178 -6.05 -30.91 17.75
C ASN H 178 -6.11 -31.42 19.18
N ILE H 179 -7.20 -32.10 19.50
CA ILE H 179 -7.41 -32.70 20.82
C ILE H 179 -7.55 -34.19 20.63
N MET H 180 -6.75 -34.96 21.38
CA MET H 180 -6.78 -36.41 21.35
C MET H 180 -6.98 -36.91 22.78
N ILE H 181 -7.91 -37.84 22.95
CA ILE H 181 -8.17 -38.46 24.25
C ILE H 181 -7.77 -39.92 24.14
N THR H 182 -6.74 -40.30 24.89
CA THR H 182 -6.21 -41.66 24.88
C THR H 182 -6.08 -42.12 26.32
N LYS H 183 -5.76 -43.40 26.52
CA LYS H 183 -5.66 -43.94 27.88
C LYS H 183 -4.77 -43.07 28.74
N GLU H 184 -5.33 -42.43 29.76
CA GLU H 184 -4.58 -41.57 30.67
C GLU H 184 -3.76 -40.53 29.90
N THR H 185 -4.39 -39.91 28.90
CA THR H 185 -3.70 -38.93 28.07
C THR H 185 -4.71 -37.96 27.46
N ILE H 186 -4.49 -36.68 27.70
CA ILE H 186 -5.28 -35.60 27.10
C ILE H 186 -4.30 -34.73 26.33
N LYS H 187 -4.17 -35.00 25.03
CA LYS H 187 -3.15 -34.37 24.20
C LYS H 187 -3.75 -33.19 23.45
N PHE H 188 -3.17 -32.00 23.66
CA PHE H 188 -3.48 -30.81 22.89
C PHE H 188 -2.28 -30.48 22.00
N VAL H 189 -2.52 -30.33 20.71
CA VAL H 189 -1.46 -30.13 19.72
C VAL H 189 -1.78 -28.90 18.89
N ALA H 190 -0.77 -28.04 18.71
CA ALA H 190 -0.88 -26.89 17.82
C ALA H 190 0.35 -26.88 16.93
N ASP H 191 0.18 -27.23 15.65
CA ASP H 191 1.27 -27.30 14.69
C ASP H 191 1.14 -26.11 13.75
N GLY H 192 2.21 -25.31 13.68
CA GLY H 192 2.20 -24.11 12.85
C GLY H 192 3.40 -24.01 11.93
N ASP H 193 3.63 -22.82 11.38
CA ASP H 193 4.73 -22.62 10.45
C ASP H 193 6.07 -22.57 11.18
N ILE H 194 6.11 -21.95 12.37
CA ILE H 194 7.36 -21.80 13.10
C ILE H 194 7.69 -23.02 13.96
N GLY H 195 6.71 -23.87 14.25
CA GLY H 195 6.95 -25.01 15.10
C GLY H 195 5.65 -25.58 15.62
N SER H 196 5.78 -26.47 16.60
CA SER H 196 4.64 -27.16 17.19
C SER H 196 4.70 -27.04 18.70
N GLY H 197 3.52 -27.14 19.32
CA GLY H 197 3.42 -27.06 20.77
C GLY H 197 2.42 -28.07 21.29
N SER H 198 2.70 -28.59 22.48
CA SER H 198 1.85 -29.57 23.13
C SER H 198 1.89 -29.34 24.64
N VAL H 199 0.73 -29.45 25.28
CA VAL H 199 0.58 -29.20 26.71
C VAL H 199 0.00 -30.43 27.40
N ILE H 200 0.42 -31.61 26.98
CA ILE H 200 -0.18 -32.88 27.41
C ILE H 200 -0.44 -32.86 28.91
N ILE H 201 -1.65 -33.26 29.30
CA ILE H 201 -2.06 -33.37 30.69
C ILE H 201 -2.58 -34.78 30.92
N LYS H 202 -2.52 -35.20 32.18
CA LYS H 202 -2.96 -36.51 32.61
C LYS H 202 -3.92 -36.37 33.77
N PRO H 203 -4.75 -37.39 34.04
CA PRO H 203 -5.67 -37.30 35.18
C PRO H 203 -4.96 -36.90 36.46
N PHE H 204 -5.36 -35.76 37.03
CA PHE H 204 -4.69 -35.17 38.17
C PHE H 204 -5.72 -34.92 39.27
N VAL H 205 -5.43 -35.41 40.47
CA VAL H 205 -6.31 -35.29 41.62
C VAL H 205 -5.53 -34.68 42.77
N ASP H 206 -6.10 -33.65 43.39
CA ASP H 206 -5.49 -32.98 44.53
C ASP H 206 -6.36 -33.19 45.75
N MET H 207 -5.77 -33.74 46.82
CA MET H 207 -6.50 -33.88 48.08
C MET H 207 -6.64 -32.54 48.79
N GLU H 208 -5.59 -31.73 48.79
CA GLU H 208 -5.65 -30.43 49.45
C GLU H 208 -6.65 -29.50 48.78
N HIS H 209 -6.67 -29.47 47.45
CA HIS H 209 -7.60 -28.63 46.69
C HIS H 209 -8.18 -29.45 45.55
N PRO H 210 -9.18 -30.29 45.83
CA PRO H 210 -9.81 -31.07 44.75
C PRO H 210 -10.51 -30.20 43.71
N GLU H 211 -10.81 -28.94 44.02
CA GLU H 211 -11.53 -28.10 43.08
C GLU H 211 -10.79 -27.96 41.75
N THR H 212 -9.45 -28.00 41.78
CA THR H 212 -8.64 -27.86 40.58
C THR H 212 -8.27 -29.21 39.96
N SER H 213 -8.78 -30.31 40.49
CA SER H 213 -8.45 -31.62 39.97
C SER H 213 -9.05 -31.82 38.59
N ILE H 214 -8.33 -32.57 37.75
CA ILE H 214 -8.77 -32.88 36.40
C ILE H 214 -9.58 -34.17 36.43
N LYS H 215 -10.79 -34.12 35.87
CA LYS H 215 -11.67 -35.29 35.78
C LYS H 215 -11.71 -35.78 34.34
N LEU H 216 -11.67 -37.10 34.17
CA LEU H 216 -11.68 -37.68 32.84
C LEU H 216 -12.38 -39.03 32.87
N GLU H 217 -13.42 -39.18 32.07
CA GLU H 217 -14.06 -40.47 31.83
C GLU H 217 -13.96 -40.78 30.35
N MET H 218 -13.22 -41.83 30.01
CA MET H 218 -12.87 -42.18 28.66
C MET H 218 -13.49 -43.53 28.30
N ASP H 219 -14.21 -43.58 27.17
CA ASP H 219 -14.82 -44.80 26.69
C ASP H 219 -14.20 -45.30 25.40
N GLN H 220 -14.13 -44.44 24.37
CA GLN H 220 -13.53 -44.79 23.11
C GLN H 220 -12.60 -43.66 22.65
N PRO H 221 -11.55 -43.98 21.89
CA PRO H 221 -10.61 -42.94 21.47
C PRO H 221 -11.29 -41.87 20.63
N VAL H 222 -10.85 -40.63 20.80
CA VAL H 222 -11.34 -39.50 20.03
C VAL H 222 -10.17 -38.63 19.62
N ASP H 223 -10.19 -38.15 18.38
CA ASP H 223 -9.22 -37.18 17.90
C ASP H 223 -9.97 -36.20 17.00
N LEU H 224 -9.89 -34.91 17.33
CA LEU H 224 -10.68 -33.90 16.62
C LEU H 224 -9.90 -32.59 16.52
N THR H 225 -10.01 -31.93 15.37
CA THR H 225 -9.34 -30.67 15.11
C THR H 225 -10.37 -29.55 15.10
N PHE H 226 -10.06 -28.45 15.79
CA PHE H 226 -10.97 -27.32 15.91
C PHE H 226 -10.25 -26.04 15.53
N GLY H 227 -11.04 -25.03 15.17
CA GLY H 227 -10.49 -23.74 14.81
C GLY H 227 -10.08 -22.94 16.04
N ALA H 228 -8.93 -22.27 15.95
CA ALA H 228 -8.41 -21.53 17.08
C ALA H 228 -9.32 -20.38 17.47
N LYS H 229 -9.91 -19.71 16.48
CA LYS H 229 -10.76 -18.56 16.78
C LYS H 229 -11.97 -18.97 17.60
N TYR H 230 -12.62 -20.07 17.24
CA TYR H 230 -13.80 -20.52 17.97
C TYR H 230 -13.45 -20.91 19.40
N LEU H 231 -12.32 -21.61 19.58
CA LEU H 231 -11.90 -22.00 20.93
C LEU H 231 -11.55 -20.77 21.75
N LEU H 232 -10.91 -19.78 21.14
CA LEU H 232 -10.61 -18.54 21.85
C LEU H 232 -11.90 -17.84 22.28
N ASP H 233 -12.88 -17.79 21.39
CA ASP H 233 -14.16 -17.19 21.76
C ASP H 233 -14.82 -17.96 22.90
N ILE H 234 -14.76 -19.29 22.86
CA ILE H 234 -15.37 -20.10 23.90
C ILE H 234 -14.71 -19.84 25.25
N ILE H 235 -13.38 -19.83 25.28
CA ILE H 235 -12.68 -19.60 26.54
C ILE H 235 -12.89 -18.17 27.03
N LYS H 236 -13.11 -17.23 26.11
CA LYS H 236 -13.36 -15.86 26.52
C LYS H 236 -14.56 -15.77 27.45
N GLY H 237 -15.51 -16.69 27.32
CA GLY H 237 -16.67 -16.72 28.18
C GLY H 237 -16.58 -17.76 29.27
N SER H 238 -15.37 -18.01 29.76
CA SER H 238 -15.13 -19.01 30.79
C SER H 238 -15.19 -18.45 32.20
N SER H 239 -15.42 -17.14 32.35
CA SER H 239 -15.53 -16.54 33.67
C SER H 239 -16.75 -17.03 34.44
N LEU H 240 -17.71 -17.66 33.76
CA LEU H 240 -18.92 -18.13 34.43
C LEU H 240 -18.59 -19.16 35.50
N SER H 241 -17.71 -20.11 35.19
CA SER H 241 -17.29 -21.13 36.14
C SER H 241 -15.78 -21.28 36.06
N ASP H 242 -15.17 -21.61 37.20
CA ASP H 242 -13.74 -21.88 37.23
C ASP H 242 -13.38 -23.19 36.56
N ARG H 243 -14.36 -23.96 36.12
CA ARG H 243 -14.11 -25.23 35.45
C ARG H 243 -14.89 -25.27 34.14
N VAL H 244 -14.34 -26.00 33.17
CA VAL H 244 -14.95 -26.19 31.87
C VAL H 244 -14.90 -27.67 31.53
N GLY H 245 -15.98 -28.18 30.95
CA GLY H 245 -16.08 -29.57 30.55
C GLY H 245 -16.09 -29.69 29.03
N ILE H 246 -15.42 -30.72 28.53
CA ILE H 246 -15.36 -31.00 27.10
C ILE H 246 -15.84 -32.43 26.89
N ARG H 247 -16.86 -32.59 26.05
CA ARG H 247 -17.37 -33.90 25.66
C ARG H 247 -17.12 -34.08 24.16
N LEU H 248 -16.45 -35.17 23.80
CA LEU H 248 -16.06 -35.45 22.42
C LEU H 248 -16.69 -36.76 21.97
N SER H 249 -17.35 -36.70 20.82
CA SER H 249 -17.91 -37.87 20.14
C SER H 249 -17.32 -37.95 18.75
N SER H 250 -16.98 -39.16 18.33
CA SER H 250 -16.29 -39.34 17.05
C SER H 250 -17.17 -38.93 15.87
N GLU H 251 -18.49 -39.08 15.99
CA GLU H 251 -19.40 -38.83 14.89
C GLU H 251 -20.30 -37.62 15.09
N ALA H 252 -20.15 -36.89 16.19
CA ALA H 252 -20.99 -35.76 16.51
C ALA H 252 -20.13 -34.57 16.93
N PRO H 253 -20.67 -33.35 16.84
CA PRO H 253 -19.88 -32.18 17.24
C PRO H 253 -19.52 -32.23 18.72
N ALA H 254 -18.35 -31.65 19.03
CA ALA H 254 -17.93 -31.57 20.41
C ALA H 254 -18.87 -30.68 21.21
N LEU H 255 -18.68 -30.69 22.54
CA LEU H 255 -19.52 -29.93 23.44
C LEU H 255 -18.65 -29.32 24.53
N PHE H 256 -18.65 -27.99 24.61
CA PHE H 256 -17.92 -27.26 25.65
C PHE H 256 -18.94 -26.66 26.61
N GLN H 257 -18.86 -27.05 27.88
CA GLN H 257 -19.86 -26.70 28.88
C GLN H 257 -19.23 -25.94 30.03
N PHE H 258 -19.92 -24.89 30.49
CA PHE H 258 -19.55 -24.14 31.68
C PHE H 258 -20.75 -24.15 32.61
N ASP H 259 -20.62 -24.79 33.76
CA ASP H 259 -21.74 -24.93 34.68
C ASP H 259 -22.08 -23.59 35.32
N LEU H 260 -23.38 -23.33 35.41
CA LEU H 260 -23.89 -22.13 36.07
C LEU H 260 -24.31 -22.47 37.49
N LYS H 261 -24.91 -21.50 38.19
CA LYS H 261 -25.40 -21.76 39.54
C LYS H 261 -26.50 -22.81 39.53
N SER H 262 -27.39 -22.76 38.52
CA SER H 262 -28.44 -23.75 38.40
C SER H 262 -28.66 -24.21 36.96
N GLY H 263 -27.83 -23.77 36.02
CA GLY H 263 -27.95 -24.19 34.63
C GLY H 263 -26.60 -24.45 33.99
N PHE H 264 -26.40 -23.97 32.77
CA PHE H 264 -25.11 -24.13 32.11
C PHE H 264 -25.10 -23.39 30.79
N LEU H 265 -23.90 -23.00 30.36
CA LEU H 265 -23.67 -22.41 29.05
C LEU H 265 -22.89 -23.42 28.20
N GLN H 266 -23.47 -23.83 27.09
CA GLN H 266 -22.91 -24.90 26.26
C GLN H 266 -22.68 -24.40 24.84
N PHE H 267 -21.65 -24.96 24.21
CA PHE H 267 -21.29 -24.63 22.84
C PHE H 267 -21.03 -25.91 22.06
N PHE H 268 -21.67 -26.04 20.91
CA PHE H 268 -21.42 -27.13 19.97
C PHE H 268 -20.62 -26.56 18.81
N LEU H 269 -19.44 -27.14 18.55
CA LEU H 269 -18.54 -26.67 17.51
C LEU H 269 -18.33 -27.78 16.49
N ALA H 270 -18.49 -27.46 15.22
CA ALA H 270 -18.32 -28.44 14.15
C ALA H 270 -16.84 -28.60 13.83
N PRO H 271 -16.28 -29.81 13.90
CA PRO H 271 -14.86 -29.97 13.63
C PRO H 271 -14.51 -29.68 12.18
N LYS H 272 -13.25 -29.30 11.97
CA LYS H 272 -12.77 -29.01 10.62
C LYS H 272 -12.90 -30.24 9.73
N PHE H 273 -13.30 -30.02 8.48
CA PHE H 273 -13.36 -31.12 7.51
C PHE H 273 -11.98 -31.71 7.32
N ASN H 274 -11.90 -33.05 7.38
CA ASN H 274 -10.63 -33.75 7.25
C ASN H 274 -10.39 -34.06 5.78
N ASP H 275 -9.69 -33.14 5.11
CA ASP H 275 -9.42 -33.32 3.69
C ASP H 275 -8.56 -34.55 3.43
N GLU H 276 -7.50 -34.73 4.24
CA GLU H 276 -6.61 -35.87 4.04
C GLU H 276 -7.27 -37.20 4.37
N GLU H 277 -8.34 -37.19 5.16
CA GLU H 277 -9.03 -38.43 5.52
C GLU H 277 -10.08 -38.78 4.47
PG AGS M . 4.54 35.21 2.19
S1G AGS M . 5.80 34.34 1.04
O2G AGS M . 5.16 35.31 3.74
O3G AGS M . 3.11 34.34 2.21
PB AGS M . 4.37 38.10 2.57
O1B AGS M . 3.73 37.84 3.92
O2B AGS M . 3.66 39.25 1.87
O3B AGS M . 4.24 36.74 1.64
PA AGS M . 6.45 39.78 3.58
O1A AGS M . 7.07 39.33 4.87
O2A AGS M . 5.28 40.68 3.89
O3A AGS M . 5.94 38.48 2.77
O5' AGS M . 7.59 40.62 2.69
C5' AGS M . 8.94 40.43 2.99
C4' AGS M . 9.75 41.54 2.42
O4' AGS M . 9.44 41.76 1.16
C3' AGS M . 9.41 42.94 3.25
O3' AGS M . 10.28 43.07 4.44
C2' AGS M . 9.64 43.86 2.45
O2' AGS M . 11.09 44.20 2.46
C1' AGS M . 9.25 43.25 1.01
N9 AGS M . 7.98 43.49 0.71
C8 AGS M . 6.91 42.72 0.56
N7 AGS M . 5.88 43.51 0.23
C5 AGS M . 6.32 44.77 0.18
C6 AGS M . 5.69 45.96 -0.10
N6 AGS M . 4.27 46.12 -0.43
N1 AGS M . 6.37 47.09 -0.08
C2 AGS M . 7.68 47.07 0.21
N3 AGS M . 8.30 45.91 0.49
C4 AGS M . 7.62 44.77 0.47
HOG2 AGS M . 5.07 34.55 4.13
H21 AGS M . 2.74 34.38 1.45
H5'1 AGS M . 9.23 39.59 2.61
H5'2 AGS M . 9.05 40.42 3.95
H4' AGS M . 10.70 41.34 2.50
H3' AGS M . 8.47 42.96 3.50
HO3' AGS M . 9.87 43.50 5.06
H2' AGS M . 9.11 44.64 2.65
HO2' AGS M . 11.29 44.66 1.78
H1' AGS M . 9.84 43.58 0.33
H8 AGS M . 6.89 41.80 0.66
HN61 AGS M . 4.05 46.47 -1.18
HN62 AGS M . 3.67 45.89 0.13
H2 AGS M . 8.17 47.87 0.22
MG MG N . 4.81 36.28 5.40
MG MG O . 25.20 17.06 -5.22
PG AGS P . 24.06 16.03 -8.12
S1G AGS P . 23.51 14.41 -9.00
O2G AGS P . 23.86 15.85 -6.48
O3G AGS P . 23.14 17.31 -8.68
PB AGS P . 26.36 17.80 -8.50
O1B AGS P . 25.69 18.65 -9.57
O2B AGS P . 26.23 18.48 -7.16
O3B AGS P . 25.65 16.31 -8.44
PA AGS P . 29.12 17.49 -7.79
O1A AGS P . 29.29 18.82 -7.11
O2A AGS P . 28.76 16.44 -6.76
O3A AGS P . 27.93 17.59 -8.88
O5' AGS P . 30.53 17.06 -8.55
C5' AGS P . 30.98 15.76 -8.44
C4' AGS P . 32.37 15.65 -8.97
O4' AGS P . 32.37 15.91 -10.25
C3' AGS P . 33.33 16.79 -8.22
O3' AGS P . 34.08 16.15 -7.10
C2' AGS P . 34.12 17.21 -9.07
O2' AGS P . 35.38 16.41 -9.03
C1' AGS P . 33.38 17.00 -10.49
N9 AGS P . 32.75 18.10 -10.89
C8 AGS P . 31.47 18.41 -11.02
N7 AGS P . 31.40 19.66 -11.48
C5 AGS P . 32.64 20.12 -11.62
C6 AGS P . 33.14 21.33 -12.05
N6 AGS P . 32.34 22.49 -12.48
N1 AGS P . 34.44 21.53 -12.10
C2 AGS P . 35.28 20.55 -11.72
N3 AGS P . 34.80 19.37 -11.32
C4 AGS P . 33.48 19.16 -11.26
HOG2 AGS P . 24.43 15.31 -6.18
H21 AGS P . 22.35 17.24 -8.39
H5'1 AGS P . 30.40 15.16 -8.94
H5'2 AGS P . 30.97 15.50 -7.50
H4' AGS P . 32.72 14.76 -8.80
H3' AGS P . 32.78 17.52 -7.88
HO3' AGS P . 33.53 15.88 -6.51
H2' AGS P . 34.31 18.15 -8.92
HO2' AGS P . 36.01 16.87 -9.38
H1' AGS P . 34.03 16.73 -11.16
H8 AGS P . 30.75 17.86 -10.85
HN61 AGS P . 31.73 22.81 -11.96
HN62 AGS P . 32.49 22.85 -13.25
H2 AGS P . 36.20 20.69 -11.76
MG MG Q . 21.84 -12.14 -10.76
PG AGS R . 19.95 -12.11 -13.51
S1G AGS R . 18.30 -12.75 -14.27
O2G AGS R . 19.73 -11.77 -11.90
O3G AGS R . 20.44 -10.73 -14.33
PB AGS R . 22.71 -13.03 -13.88
O1B AGS R . 22.94 -12.10 -15.06
O2B AGS R . 23.31 -12.42 -12.63
O3B AGS R . 21.09 -13.29 -13.66
PA AGS R . 24.01 -15.45 -13.06
O1A AGS R . 25.29 -14.87 -12.54
O2A AGS R . 23.04 -15.58 -11.93
O3A AGS R . 23.40 -14.48 -14.19
O5' AGS R . 24.30 -16.95 -13.74
C5' AGS R . 23.38 -17.97 -13.50
C4' AGS R . 23.96 -19.27 -13.94
O4' AGS R . 24.07 -19.29 -15.25
C3' AGS R . 25.49 -19.42 -13.31
O3' AGS R . 25.44 -20.27 -12.08
C2' AGS R . 26.19 -19.97 -14.17
O2' AGS R . 26.14 -21.45 -14.00
C1' AGS R . 25.51 -19.58 -15.58
N9 AGS R . 26.06 -18.48 -16.13
C8 AGS R . 25.59 -17.28 -16.41
N7 AGS R . 26.58 -16.58 -16.96
C5 AGS R . 27.66 -17.35 -17.02
C6 AGS R . 28.93 -17.12 -17.49
N6 AGS R . 29.44 -15.88 -18.09
N1 AGS R . 29.84 -18.08 -17.43
C2 AGS R . 29.51 -19.28 -16.91
N3 AGS R . 28.27 -19.50 -16.45
C4 AGS R . 27.34 -18.53 -16.51
HOG2 AGS R . 20.21 -12.28 -11.43
H21 AGS R . 19.83 -10.47 -14.86
H5'1 AGS R . 23.18 -18.01 -12.56
H5'2 AGS R . 22.56 -17.79 -13.99
H4' AGS R . 23.41 -20.00 -13.64
H3' AGS R . 25.86 -18.55 -13.09
HO3' AGS R . 25.42 -19.78 -11.39
H2' AGS R . 27.10 -19.66 -14.13
HO2' AGS R . 26.93 -21.76 -13.98
H1' AGS R . 25.57 -20.32 -16.19
H8 AGS R . 24.73 -16.98 -16.25
HN61 AGS R . 29.61 -15.85 -18.93
HN62 AGS R . 29.55 -15.18 -17.60
H2 AGS R . 30.15 -19.96 -16.87
MG MG S . -4.11 -26.57 -12.18
PG AGS T . -5.46 -25.68 -14.98
S1G AGS T . -6.97 -24.85 -15.83
O2G AGS T . -5.37 -25.17 -13.40
O3G AGS T . -4.05 -25.26 -15.78
PB AGS T . -4.44 -28.42 -15.05
O1B AGS T . -3.55 -28.19 -16.25
O2B AGS T . -3.62 -28.31 -13.78
O3B AGS T . -5.67 -27.31 -15.02
PA AGS T . -5.45 -30.81 -13.86
O1A AGS T . -4.19 -31.36 -13.29
O2A AGS T . -6.15 -29.97 -12.82
O3A AGS T . -5.13 -29.89 -15.15
O5' AGS T . -6.47 -32.05 -14.33
C5' AGS T . -7.82 -31.96 -14.02
C4' AGS T . -8.48 -33.28 -14.31
O4' AGS T . -8.51 -33.50 -15.60
C3' AGS T . -7.58 -34.50 -13.61
O3' AGS T . -8.14 -34.83 -12.28
C2' AGS T . -7.68 -35.47 -14.37
O2' AGS T . -8.91 -36.25 -14.04
C1' AGS T . -7.83 -34.82 -15.84
N9 AGS T . -6.66 -34.60 -16.44
C8 AGS T . -6.08 -33.50 -16.89
N7 AGS T . -4.90 -33.84 -17.43
C5 AGS T . -4.78 -35.16 -17.31
C6 AGS T . -3.77 -36.02 -17.69
N6 AGS T . -2.52 -35.65 -18.36
N1 AGS T . -3.88 -37.31 -17.47
C2 AGS T . -4.98 -37.79 -16.85
N3 AGS T . -5.96 -36.95 -16.48
C4 AGS T . -5.85 -35.64 -16.71
HOG2 AGS T . -6.06 -24.72 -13.21
H21 AGS T . -3.87 -24.44 -15.62
H5'1 AGS T . -8.24 -31.27 -14.57
H5'2 AGS T . -7.92 -31.74 -13.10
H4' AGS T . -9.38 -33.28 -13.95
H3' AGS T . -6.65 -34.23 -13.53
HO3' AGS T . -7.57 -34.67 -11.68
H2' AGS T . -6.89 -36.03 -14.32
HO2' AGS T . -8.76 -37.07 -14.20
H1' AGS T . -8.39 -35.39 -16.40
H8 AGS T . -6.42 -32.64 -16.83
HN61 AGS T . -1.82 -35.45 -17.91
HN62 AGS T . -2.48 -35.62 -19.23
H2 AGS T . -5.05 -38.70 -16.70
PB GDP U . -33.34 -15.25 -14.79
O1B GDP U . -33.03 -16.31 -15.83
O2B GDP U . -32.71 -15.64 -13.47
O3B GDP U . -32.76 -13.93 -15.23
O3A GDP U . -34.97 -15.11 -14.61
PA GDP U . -35.83 -15.79 -13.38
O1A GDP U . -35.27 -17.15 -13.05
O2A GDP U . -35.76 -14.91 -12.16
O5' GDP U . -37.40 -15.94 -13.87
C5' GDP U . -38.17 -14.78 -14.01
C4' GDP U . -39.64 -15.07 -13.78
O4' GDP U . -40.19 -16.01 -14.98
C3' GDP U . -39.85 -15.72 -12.66
O3' GDP U . -40.24 -14.76 -11.58
C2' GDP U . -41.01 -16.69 -12.95
O2' GDP U . -42.18 -16.15 -12.52
C1' GDP U . -41.03 -16.87 -14.47
N9 GDP U . -40.59 -18.23 -14.84
C8 GDP U . -39.35 -18.69 -15.04
N7 GDP U . -39.46 -20.00 -15.36
C5 GDP U . -40.75 -20.32 -15.35
C6 GDP U . -41.47 -21.64 -15.64
O6 GDP U . -40.86 -22.61 -15.92
N1 GDP U . -42.90 -21.70 -15.55
C2 GDP U . -43.66 -20.52 -15.21
N2 GDP U . -45.09 -20.59 -15.12
N3 GDP U . -42.96 -19.27 -14.94
C4 GDP U . -41.47 -19.21 -15.03
H5' GDP U . -38.06 -14.43 -14.90
H5'' GDP U . -37.87 -14.12 -13.37
H4' GDP U . -40.15 -14.24 -13.77
H3' GDP U . -39.06 -16.22 -12.39
HO3' GDP U . -39.55 -14.37 -11.29
H2' GDP U . -40.84 -17.54 -12.50
HO2' GDP U . -42.37 -16.46 -11.75
H1' GDP U . -41.93 -16.71 -14.81
H8 GDP U . -38.55 -18.21 -14.97
HN1 GDP U . -43.31 -22.44 -15.71
HN21 GDP U . -45.51 -21.32 -15.28
HN22 GDP U . -45.54 -19.88 -14.92
#